data_4QQW
#
_entry.id   4QQW
#
_cell.length_a   85.789
_cell.length_b   218.542
_cell.length_c   123.749
_cell.angle_alpha   90.000
_cell.angle_beta   105.000
_cell.angle_gamma   90.000
#
_symmetry.space_group_name_H-M   'P 1 21 1'
#
loop_
_entity.id
_entity.type
_entity.pdbx_description
1 polymer 'CRISPR-associated helicase, Cas3 family'
2 polymer "DNA (5'-D(P*AP*AP*AP*AP*AP*AP*AP*AP*AP*AP*AP*A)-3')"
3 non-polymer 'FE (III) ION'
4 water water
#
loop_
_entity_poly.entity_id
_entity_poly.type
_entity_poly.pdbx_seq_one_letter_code
_entity_poly.pdbx_strand_id
1 'polypeptide(L)'
;MGSSHHHHHHSSGLVPRGSHMPEHDSTDDKHGIPPLDLRFWAKERGLRGKTYPLVCHSLDAAAAALVLWNEYLSPGLRDT
IASSMETDEEHAGHCIAFWAGLHDIGKLTREFQQQIAIDLSAYPGEELSGEQRSHAAATGKWLPFALPSLGYPNGGLVTG
LVAQMLGGHHGTFHPHPSFQSRNPLAEFGFSSPHWEKQRHALLHAVFDATGRPTPPDMLDGPTASVVCGLVILADWLVSQ
EDFLLERLTSLPADGSASALRAHFETSLRRIPSLLDAAGLRPITVPPATFTESFPHLSKPNGLQASLAKHLPCLCTGPGL
VLITAPMGEGKTEAAYHVADLLGKATGRPGRFLALPTMATADQMHTRLKEYARYRVENTDLPRSSTLALLHSMAWLNPDY
APADLPGVSKVLSNLGHRDPFAATDWLMGRKRGLLAPWAVGTIDQALMAVLRAKHNALRLFGLAGKVVVVDEAHAVDPYM
QVLLEQLLRWLGTLDVPVVLLSATLHHSIANSLVKAYLEGARGRRWNRSEPQPVSEVSYPGWLHVDARIGKVTRSSDVDP
LPIATTPRKPLEVRLVDVPVKEGALNRSTVLAKELTPLVKQGGCAAIICTTVAEAQGVYDLLSQWFATLGEDAPDLYLLH
SRFPNRQRTEITATIVDLFGKEGAQSGRRPTRGAVLVATQVVEQSLDLDVDLMISDLAPVSLLLQRAGRCWRHEHLGIIN
RPQWAKQPELVVLTPEQNGDADRAPWFPRSWTSVYPLALLQRTYTLLRRRNGAPVQIPEDVQQLVDDVYDDDSLAEDLEA
DMERMGEELAQRGLARNAVIPDPDDAEDNLNGLTEFSFDVDEHVLATRFGAGSVRVLCYYVDTAGNRWLDPECTVEFPEQ
GTGREGRFTMADCRDLVARTIPVRMGPWASQLTEDNHPPEAWRESFYLRDLVLIPQRVTDEGAVLPTETGGREWLLDPCK
GLIF
;
A,C,E,G
2 'polydeoxyribonucleotide' (DA)(DA)(DA)(DA)(DA)(DA)(DA)(DA)(DA)(DA)(DA)(DA) B,D,F,H
#
loop_
_chem_comp.id
_chem_comp.type
_chem_comp.name
_chem_comp.formula
DA DNA linking 2'-DEOXYADENOSINE-5'-MONOPHOSPHATE 'C10 H14 N5 O6 P'
FE non-polymer 'FE (III) ION' 'Fe 3'
#
# COMPACT_ATOMS: atom_id res chain seq x y z
N PRO A 34 13.90 17.11 47.89
CA PRO A 34 15.31 16.71 48.13
C PRO A 34 16.29 17.68 47.45
N PRO A 35 17.16 18.35 48.23
CA PRO A 35 18.18 19.23 47.63
C PRO A 35 19.13 18.41 46.76
N LEU A 36 19.57 18.95 45.62
CA LEU A 36 20.31 18.11 44.67
C LEU A 36 21.78 18.00 45.00
N ASP A 37 22.36 16.86 44.63
CA ASP A 37 23.73 16.52 44.99
C ASP A 37 24.67 16.88 43.85
N LEU A 38 25.58 17.82 44.09
CA LEU A 38 26.52 18.27 43.05
C LEU A 38 27.65 17.27 42.74
N ARG A 39 27.70 16.16 43.48
CA ARG A 39 28.75 15.18 43.28
C ARG A 39 28.68 14.53 41.91
N PHE A 40 27.51 14.55 41.28
CA PHE A 40 27.32 13.87 40.00
C PHE A 40 27.83 14.70 38.84
N TRP A 41 28.71 14.09 38.05
CA TRP A 41 29.49 14.84 37.07
C TRP A 41 28.95 14.69 35.65
N ALA A 42 29.33 15.61 34.77
CA ALA A 42 29.05 15.51 33.34
C ALA A 42 30.32 15.54 32.47
N LYS A 43 31.40 16.08 33.01
CA LYS A 43 32.65 16.16 32.31
C LYS A 43 33.80 15.86 33.22
N GLU A 44 34.87 15.29 32.71
CA GLU A 44 36.08 15.14 33.50
C GLU A 44 37.20 15.52 32.59
N ARG A 45 37.31 14.84 31.46
CA ARG A 45 38.48 14.72 30.67
C ARG A 45 38.93 16.04 30.18
N GLY A 46 40.21 16.32 30.30
CA GLY A 46 40.76 17.58 29.87
C GLY A 46 40.66 18.70 30.87
N LEU A 47 40.21 18.39 32.07
CA LEU A 47 39.94 19.40 33.05
C LEU A 47 40.94 19.43 34.17
N ARG A 48 42.09 18.82 33.97
CA ARG A 48 43.17 18.89 34.94
C ARG A 48 42.83 18.32 36.29
N GLY A 49 42.07 17.25 36.31
CA GLY A 49 41.76 16.53 37.53
C GLY A 49 40.47 17.00 38.19
N LYS A 50 39.95 18.14 37.74
CA LYS A 50 38.69 18.61 38.29
C LYS A 50 37.53 17.96 37.53
N THR A 51 36.32 17.98 38.10
CA THR A 51 35.16 17.52 37.35
C THR A 51 34.06 18.57 37.36
N TYR A 52 33.25 18.60 36.31
CA TYR A 52 32.22 19.61 36.12
C TYR A 52 30.87 18.95 36.37
N PRO A 53 30.09 19.50 37.30
CA PRO A 53 28.88 18.78 37.74
C PRO A 53 27.79 18.70 36.68
N LEU A 54 27.11 17.56 36.64
CA LEU A 54 26.05 17.33 35.66
C LEU A 54 24.98 18.44 35.63
N VAL A 55 24.63 19.00 36.80
CA VAL A 55 23.71 20.15 36.84
C VAL A 55 24.23 21.32 36.01
N CYS A 56 25.53 21.61 36.15
CA CYS A 56 26.06 22.81 35.54
C CYS A 56 26.07 22.71 34.03
N HIS A 57 26.54 21.56 33.52
CA HIS A 57 26.52 21.26 32.09
C HIS A 57 25.09 21.34 31.56
N SER A 58 24.15 20.78 32.32
CA SER A 58 22.72 20.84 31.91
C SER A 58 22.19 22.29 31.70
N LEU A 59 22.41 23.15 32.69
CA LEU A 59 21.99 24.53 32.59
C LEU A 59 22.74 25.27 31.51
N ASP A 60 24.03 24.97 31.33
CA ASP A 60 24.79 25.56 30.24
C ASP A 60 24.08 25.27 28.93
N ALA A 61 23.74 24.00 28.73
CA ALA A 61 23.08 23.60 27.49
C ALA A 61 21.76 24.31 27.31
N ALA A 62 20.97 24.41 28.39
CA ALA A 62 19.68 25.12 28.38
C ALA A 62 19.90 26.56 27.93
N ALA A 63 20.79 27.24 28.63
CA ALA A 63 21.14 28.60 28.35
C ALA A 63 21.64 28.77 26.91
N ALA A 64 22.48 27.84 26.46
CA ALA A 64 23.01 27.90 25.09
C ALA A 64 21.90 27.78 24.04
N ALA A 65 20.88 26.98 24.35
CA ALA A 65 19.76 26.83 23.42
C ALA A 65 18.88 28.07 23.40
N LEU A 66 18.62 28.64 24.58
CA LEU A 66 17.88 29.89 24.67
C LEU A 66 18.58 30.97 23.83
N VAL A 67 19.87 31.17 24.05
CA VAL A 67 20.60 32.15 23.25
C VAL A 67 20.58 31.85 21.76
N LEU A 68 20.79 30.59 21.38
CA LEU A 68 20.77 30.19 19.97
C LEU A 68 19.42 30.51 19.36
N TRP A 69 18.37 30.19 20.11
CA TRP A 69 17.01 30.45 19.68
C TRP A 69 16.79 31.95 19.39
N ASN A 70 17.42 32.80 20.18
CA ASN A 70 17.18 34.24 20.09
C ASN A 70 18.13 35.00 19.17
N GLU A 71 19.38 34.55 19.10
CA GLU A 71 20.41 35.32 18.40
C GLU A 71 20.99 34.62 17.18
N TYR A 72 20.74 33.31 17.07
CA TYR A 72 21.28 32.52 15.97
C TYR A 72 20.22 32.11 14.92
N LEU A 73 19.11 31.55 15.37
CA LEU A 73 18.08 31.08 14.44
C LEU A 73 17.50 32.20 13.59
N SER A 74 17.31 31.92 12.30
CA SER A 74 16.53 32.78 11.42
C SER A 74 15.14 33.04 12.02
N PRO A 75 14.69 34.32 12.00
CA PRO A 75 13.34 34.73 12.45
C PRO A 75 12.24 33.81 11.92
N GLY A 76 12.32 33.43 10.64
CA GLY A 76 11.29 32.59 10.04
C GLY A 76 11.33 31.13 10.44
N LEU A 77 12.46 30.68 11.00
CA LEU A 77 12.59 29.33 11.54
C LEU A 77 11.99 29.26 12.94
N ARG A 78 12.17 30.32 13.72
CA ARG A 78 11.46 30.42 14.99
C ARG A 78 9.96 30.37 14.73
N ASP A 79 9.54 30.95 13.61
CA ASP A 79 8.12 31.00 13.27
C ASP A 79 7.58 29.63 12.82
N THR A 80 8.34 28.91 11.99
CA THR A 80 7.97 27.55 11.64
C THR A 80 7.93 26.60 12.87
N ILE A 81 8.95 26.68 13.72
CA ILE A 81 9.03 25.80 14.87
C ILE A 81 7.86 26.06 15.84
N ALA A 82 7.57 27.35 16.08
CA ALA A 82 6.48 27.71 17.02
C ALA A 82 5.09 27.37 16.48
N SER A 83 4.91 27.44 15.17
CA SER A 83 3.66 27.03 14.55
C SER A 83 3.39 25.54 14.75
N SER A 84 4.39 24.69 14.48
CA SER A 84 4.21 23.25 14.72
C SER A 84 3.74 23.00 16.14
N MET A 85 4.38 23.67 17.09
CA MET A 85 4.04 23.52 18.49
C MET A 85 2.75 24.32 18.87
N GLU A 86 2.20 25.01 17.88
CA GLU A 86 0.98 25.83 18.04
C GLU A 86 1.00 26.70 19.30
N THR A 87 2.10 27.43 19.49
CA THR A 87 2.27 28.33 20.63
C THR A 87 3.09 29.52 20.15
N ASP A 88 3.34 30.48 21.02
CA ASP A 88 4.09 31.66 20.64
C ASP A 88 5.61 31.41 20.71
N GLU A 89 6.38 32.27 20.04
CA GLU A 89 7.83 32.16 20.04
C GLU A 89 8.50 32.16 21.41
N GLU A 90 7.98 32.92 22.35
CA GLU A 90 8.63 33.03 23.65
C GLU A 90 8.44 31.74 24.43
N HIS A 91 7.26 31.15 24.32
CA HIS A 91 6.98 29.89 24.96
C HIS A 91 7.76 28.74 24.27
N ALA A 92 7.77 28.77 22.94
CA ALA A 92 8.52 27.77 22.16
C ALA A 92 9.96 27.70 22.64
N GLY A 93 10.59 28.87 22.74
CA GLY A 93 11.96 29.00 23.13
C GLY A 93 12.20 28.43 24.49
N HIS A 94 11.33 28.74 25.43
CA HIS A 94 11.55 28.26 26.78
C HIS A 94 11.39 26.74 26.84
N CYS A 95 10.42 26.21 26.12
CA CYS A 95 10.24 24.77 26.03
C CYS A 95 11.56 24.14 25.58
N ILE A 96 12.04 24.59 24.43
CA ILE A 96 13.30 24.15 23.87
C ILE A 96 14.52 24.25 24.83
N ALA A 97 14.64 25.36 25.55
CA ALA A 97 15.71 25.50 26.52
C ALA A 97 15.58 24.43 27.59
N PHE A 98 14.34 24.14 28.00
CA PHE A 98 14.07 23.09 28.97
C PHE A 98 14.56 21.74 28.44
N TRP A 99 14.16 21.40 27.21
CA TRP A 99 14.55 20.13 26.62
C TRP A 99 16.06 19.99 26.51
N ALA A 100 16.73 21.05 26.05
CA ALA A 100 18.17 20.98 25.85
C ALA A 100 18.91 20.77 27.17
N GLY A 101 18.38 21.30 28.27
CA GLY A 101 18.97 21.08 29.57
C GLY A 101 18.65 19.73 30.18
N LEU A 102 17.95 18.88 29.44
CA LEU A 102 17.66 17.51 29.88
C LEU A 102 18.41 16.43 29.07
N HIS A 103 19.15 16.85 28.03
CA HIS A 103 19.79 15.91 27.12
C HIS A 103 20.69 14.89 27.83
N ASP A 104 21.51 15.33 28.78
CA ASP A 104 22.41 14.41 29.47
C ASP A 104 21.82 13.83 30.76
N ILE A 105 20.50 13.85 30.92
CA ILE A 105 19.91 13.32 32.15
C ILE A 105 20.25 11.84 32.36
N GLY A 106 20.46 11.11 31.26
CA GLY A 106 20.82 9.70 31.32
C GLY A 106 22.20 9.39 31.89
N LYS A 107 23.05 10.40 32.09
CA LYS A 107 24.36 10.23 32.73
C LYS A 107 24.19 9.98 34.21
N LEU A 108 23.00 10.31 34.73
CA LEU A 108 22.75 10.21 36.18
C LEU A 108 22.35 8.79 36.54
N THR A 109 23.32 7.89 36.39
CA THR A 109 23.13 6.46 36.57
C THR A 109 24.45 5.92 37.03
N ARG A 110 24.42 4.81 37.74
CA ARG A 110 25.63 4.18 38.26
C ARG A 110 26.60 3.84 37.13
N GLU A 111 26.05 3.33 36.04
CA GLU A 111 26.88 2.89 34.95
C GLU A 111 27.73 3.99 34.37
N PHE A 112 27.18 5.18 34.18
CA PHE A 112 27.98 6.30 33.70
C PHE A 112 28.85 6.91 34.81
N GLN A 113 28.23 7.19 35.96
CA GLN A 113 28.91 7.89 37.05
C GLN A 113 30.16 7.19 37.59
N GLN A 114 30.20 5.87 37.50
CA GLN A 114 31.31 5.10 38.07
C GLN A 114 32.62 5.12 37.25
N GLN A 115 32.60 5.67 36.04
CA GLN A 115 33.79 5.68 35.22
C GLN A 115 34.96 6.44 35.85
N ILE A 116 34.68 7.36 36.77
CA ILE A 116 35.74 7.95 37.60
C ILE A 116 35.54 7.64 39.07
N ALA A 117 36.48 8.11 39.89
CA ALA A 117 36.38 8.02 41.33
C ALA A 117 35.21 8.84 41.82
N ILE A 118 34.34 8.24 42.61
CA ILE A 118 33.21 8.95 43.17
C ILE A 118 32.65 8.16 44.36
N ASP A 119 32.26 8.88 45.41
CA ASP A 119 31.70 8.29 46.62
C ASP A 119 30.20 8.12 46.47
N LEU A 120 29.77 6.90 46.16
CA LEU A 120 28.35 6.64 45.97
C LEU A 120 27.76 5.86 47.14
N SER A 121 28.48 5.87 48.27
CA SER A 121 28.01 5.21 49.48
C SER A 121 26.56 5.56 49.88
N ALA A 122 26.14 6.80 49.64
CA ALA A 122 24.80 7.22 50.01
C ALA A 122 23.74 6.86 48.98
N TYR A 123 24.12 6.13 47.94
CA TYR A 123 23.16 5.80 46.87
C TYR A 123 23.19 4.31 46.48
N PRO A 124 22.62 3.45 47.34
CA PRO A 124 22.59 2.01 47.06
C PRO A 124 21.62 1.67 45.94
N GLY A 125 21.70 0.45 45.42
CA GLY A 125 20.79 0.02 44.38
C GLY A 125 21.32 0.28 42.99
N GLU A 126 20.44 0.06 42.00
CA GLU A 126 20.78 0.06 40.58
C GLU A 126 22.20 -0.46 40.27
N GLU A 127 22.43 -1.71 40.63
CA GLU A 127 23.72 -2.34 40.37
C GLU A 127 23.88 -2.52 38.87
N LEU A 128 25.12 -2.43 38.40
CA LEU A 128 25.45 -2.59 36.99
C LEU A 128 24.72 -3.77 36.33
N SER A 129 23.97 -3.52 35.28
CA SER A 129 23.16 -4.54 34.66
C SER A 129 23.96 -5.40 33.65
N GLY A 130 25.04 -4.84 33.13
CA GLY A 130 25.88 -5.51 32.17
C GLY A 130 25.57 -5.03 30.77
N GLU A 131 24.47 -4.27 30.63
CA GLU A 131 24.00 -3.88 29.32
C GLU A 131 24.95 -2.96 28.55
N GLN A 132 25.75 -2.20 29.29
CA GLN A 132 26.58 -1.17 28.67
C GLN A 132 25.73 -0.30 27.74
N ARG A 133 24.80 0.43 28.34
CA ARG A 133 23.83 1.24 27.60
C ARG A 133 24.26 2.70 27.67
N SER A 134 24.24 3.36 26.51
CA SER A 134 24.73 4.73 26.38
C SER A 134 23.86 5.71 27.16
N HIS A 135 24.49 6.80 27.63
CA HIS A 135 23.78 7.78 28.41
C HIS A 135 22.65 8.41 27.60
N ALA A 136 22.82 8.54 26.29
CA ALA A 136 21.77 9.12 25.47
C ALA A 136 20.58 8.16 25.30
N ALA A 137 20.84 6.86 25.41
CA ALA A 137 19.75 5.89 25.32
C ALA A 137 18.98 5.84 26.65
N ALA A 138 19.70 6.02 27.75
CA ALA A 138 19.09 6.14 29.07
C ALA A 138 18.15 7.32 29.09
N THR A 139 18.61 8.47 28.61
CA THR A 139 17.79 9.68 28.53
C THR A 139 16.45 9.40 27.86
N GLY A 140 16.48 8.72 26.71
CA GLY A 140 15.23 8.46 26.00
C GLY A 140 14.34 7.39 26.64
N LYS A 141 14.94 6.62 27.55
CA LYS A 141 14.27 5.53 28.22
C LYS A 141 13.63 6.05 29.51
N TRP A 142 14.23 7.08 30.11
CA TRP A 142 13.74 7.68 31.36
C TRP A 142 12.65 8.74 31.18
N LEU A 143 12.96 9.79 30.40
CA LEU A 143 12.04 10.89 30.13
C LEU A 143 10.55 10.57 29.80
N PRO A 144 10.27 9.50 29.01
CA PRO A 144 8.84 9.26 28.73
C PRO A 144 8.01 9.00 29.98
N PHE A 145 8.67 8.60 31.06
CA PHE A 145 7.97 8.19 32.25
C PHE A 145 8.20 9.11 33.45
N ALA A 146 8.91 10.21 33.25
CA ALA A 146 9.15 11.18 34.32
C ALA A 146 8.55 12.54 33.92
N LEU A 147 8.56 12.80 32.63
CA LEU A 147 8.00 14.00 32.05
C LEU A 147 6.51 14.22 32.40
N PRO A 148 5.70 13.13 32.43
CA PRO A 148 4.33 13.37 32.89
C PRO A 148 4.18 14.02 34.27
N SER A 149 5.16 13.87 35.17
CA SER A 149 5.05 14.49 36.49
C SER A 149 5.07 16.03 36.43
N LEU A 150 5.36 16.59 35.25
CA LEU A 150 5.42 18.02 35.07
C LEU A 150 4.27 18.57 34.23
N GLY A 151 3.48 17.68 33.62
CA GLY A 151 2.32 18.11 32.84
C GLY A 151 2.15 17.40 31.51
N TYR A 152 3.20 16.75 31.03
CA TYR A 152 3.12 16.08 29.74
C TYR A 152 2.14 14.90 29.76
N PRO A 153 1.41 14.69 28.67
CA PRO A 153 0.50 13.55 28.58
C PRO A 153 1.25 12.21 28.62
N ASN A 154 0.95 11.40 29.63
CA ASN A 154 1.49 10.03 29.67
C ASN A 154 1.07 9.26 28.42
N GLY A 155 2.05 8.65 27.76
CA GLY A 155 1.81 7.95 26.50
C GLY A 155 1.64 8.88 25.30
N GLY A 156 1.74 10.19 25.52
CA GLY A 156 1.40 11.14 24.47
C GLY A 156 2.38 11.24 23.32
N LEU A 157 1.89 11.65 22.16
CA LEU A 157 2.77 11.90 21.02
C LEU A 157 3.88 12.92 21.34
N VAL A 158 3.52 14.07 21.92
CA VAL A 158 4.51 15.07 22.31
C VAL A 158 5.58 14.47 23.20
N THR A 159 5.16 13.79 24.26
CA THR A 159 6.10 13.25 25.23
C THR A 159 7.09 12.30 24.56
N GLY A 160 6.58 11.43 23.71
CA GLY A 160 7.40 10.44 23.01
C GLY A 160 8.47 11.06 22.14
N LEU A 161 8.07 12.01 21.29
CA LEU A 161 9.00 12.71 20.43
C LEU A 161 10.06 13.43 21.23
N VAL A 162 9.65 14.20 22.22
CA VAL A 162 10.64 14.95 22.99
C VAL A 162 11.70 14.02 23.56
N ALA A 163 11.27 12.90 24.12
CA ALA A 163 12.21 11.95 24.69
C ALA A 163 13.08 11.32 23.61
N GLN A 164 12.49 10.96 22.49
CA GLN A 164 13.24 10.31 21.42
C GLN A 164 14.26 11.25 20.80
N MET A 165 13.83 12.47 20.53
CA MET A 165 14.68 13.53 20.03
C MET A 165 15.92 13.73 20.93
N LEU A 166 15.70 13.91 22.24
CA LEU A 166 16.81 14.10 23.18
C LEU A 166 17.73 12.88 23.22
N GLY A 167 17.15 11.69 23.04
CA GLY A 167 17.91 10.47 22.99
C GLY A 167 18.76 10.43 21.73
N GLY A 168 18.42 11.26 20.77
CA GLY A 168 19.18 11.28 19.54
C GLY A 168 20.34 12.26 19.56
N HIS A 169 20.67 12.80 20.73
CA HIS A 169 21.63 13.92 20.78
C HIS A 169 23.10 13.62 20.44
N HIS A 170 23.45 12.36 20.22
CA HIS A 170 24.78 12.03 19.72
C HIS A 170 24.68 11.50 18.28
N GLY A 171 23.53 11.72 17.65
CA GLY A 171 23.44 11.52 16.22
C GLY A 171 22.74 10.26 15.79
N THR A 172 22.22 9.50 16.75
CA THR A 172 21.54 8.25 16.48
C THR A 172 20.22 8.20 17.23
N PHE A 173 19.12 8.04 16.51
CA PHE A 173 17.83 7.97 17.20
C PHE A 173 17.56 6.52 17.64
N HIS A 174 16.83 6.34 18.73
CA HIS A 174 16.45 4.98 19.16
C HIS A 174 14.93 4.80 19.12
N PRO A 175 14.47 3.55 19.01
CA PRO A 175 13.04 3.21 19.06
C PRO A 175 12.36 3.76 20.30
N HIS A 176 11.07 4.03 20.21
CA HIS A 176 10.30 4.30 21.42
C HIS A 176 10.44 3.09 22.34
N PRO A 177 10.56 3.34 23.65
CA PRO A 177 10.59 2.28 24.65
C PRO A 177 9.34 1.43 24.62
N SER A 178 9.48 0.12 24.40
CA SER A 178 8.37 -0.81 24.53
C SER A 178 8.53 -1.61 25.81
N PHE A 179 7.42 -1.82 26.52
CA PHE A 179 7.44 -2.48 27.82
C PHE A 179 6.15 -3.27 28.07
N GLN A 180 6.19 -4.22 29.00
CA GLN A 180 5.07 -5.15 29.24
C GLN A 180 4.49 -5.04 30.64
N SER A 181 5.16 -4.32 31.53
CA SER A 181 4.68 -4.24 32.91
C SER A 181 3.95 -2.93 33.14
N ARG A 182 3.50 -2.69 34.37
CA ARG A 182 2.95 -1.38 34.70
C ARG A 182 3.97 -0.55 35.49
N ASN A 183 5.24 -0.88 35.35
CA ASN A 183 6.28 -0.12 36.04
C ASN A 183 7.48 0.08 35.11
N PRO A 184 7.29 0.84 34.03
CA PRO A 184 8.27 1.01 32.96
C PRO A 184 9.61 1.47 33.50
N LEU A 185 9.59 2.42 34.44
CA LEU A 185 10.81 2.90 35.08
C LEU A 185 11.66 1.74 35.58
N ALA A 186 11.04 0.85 36.35
CA ALA A 186 11.75 -0.28 36.90
C ALA A 186 12.17 -1.25 35.80
N GLU A 187 11.28 -1.48 34.85
CA GLU A 187 11.55 -2.45 33.79
C GLU A 187 12.82 -2.05 33.03
N PHE A 188 13.11 -0.75 32.96
CA PHE A 188 14.31 -0.21 32.28
C PHE A 188 15.52 0.08 33.18
N GLY A 189 15.49 -0.41 34.42
CA GLY A 189 16.65 -0.33 35.28
C GLY A 189 16.65 0.78 36.31
N PHE A 190 15.66 1.67 36.25
CA PHE A 190 15.62 2.78 37.20
C PHE A 190 14.87 2.38 38.48
N SER A 191 15.47 1.51 39.26
CA SER A 191 14.78 0.85 40.35
C SER A 191 15.15 1.37 41.73
N SER A 192 16.19 2.19 41.83
CA SER A 192 16.59 2.68 43.15
C SER A 192 15.83 3.96 43.49
N PRO A 193 15.09 3.96 44.62
CA PRO A 193 14.42 5.19 45.02
C PRO A 193 15.44 6.30 45.30
N HIS A 194 16.61 5.93 45.79
CA HIS A 194 17.70 6.88 46.01
C HIS A 194 18.18 7.57 44.73
N TRP A 195 18.48 6.79 43.69
CA TRP A 195 18.93 7.35 42.41
C TRP A 195 17.82 8.11 41.72
N GLU A 196 16.59 7.73 42.04
CA GLU A 196 15.41 8.31 41.40
C GLU A 196 15.09 9.74 41.90
N LYS A 197 15.38 10.03 43.17
CA LYS A 197 15.10 11.35 43.73
C LYS A 197 16.03 12.35 43.10
N GLN A 198 17.27 11.94 42.93
CA GLN A 198 18.26 12.80 42.29
C GLN A 198 17.97 13.05 40.80
N ARG A 199 17.58 12.01 40.06
CA ARG A 199 17.10 12.23 38.71
C ARG A 199 15.90 13.20 38.68
N HIS A 200 15.00 13.08 39.64
CA HIS A 200 13.88 14.02 39.72
C HIS A 200 14.28 15.42 40.17
N ALA A 201 15.24 15.54 41.08
CA ALA A 201 15.72 16.86 41.53
C ALA A 201 16.29 17.66 40.36
N LEU A 202 17.04 16.94 39.54
CA LEU A 202 17.67 17.52 38.39
C LEU A 202 16.64 17.92 37.35
N LEU A 203 15.64 17.07 37.13
CA LEU A 203 14.54 17.38 36.24
C LEU A 203 13.87 18.69 36.65
N HIS A 204 13.58 18.82 37.95
CA HIS A 204 12.87 20.01 38.42
C HIS A 204 13.80 21.23 38.44
N ALA A 205 15.08 21.01 38.71
CA ALA A 205 16.03 22.12 38.66
C ALA A 205 16.07 22.82 37.29
N VAL A 206 16.35 22.10 36.20
CA VAL A 206 16.37 22.78 34.90
C VAL A 206 14.99 23.34 34.50
N PHE A 207 13.92 22.61 34.84
CA PHE A 207 12.55 23.09 34.61
C PHE A 207 12.35 24.48 35.25
N ASP A 208 12.75 24.58 36.52
CA ASP A 208 12.67 25.83 37.26
C ASP A 208 13.51 26.94 36.64
N ALA A 209 14.75 26.63 36.27
CA ALA A 209 15.64 27.65 35.72
C ALA A 209 15.21 28.14 34.35
N THR A 210 14.45 27.32 33.64
CA THR A 210 13.98 27.67 32.32
C THR A 210 12.56 28.22 32.32
N GLY A 211 12.11 28.68 33.48
CA GLY A 211 10.82 29.32 33.62
C GLY A 211 9.57 28.43 33.63
N ARG A 212 9.74 27.17 34.01
CA ARG A 212 8.64 26.21 34.10
C ARG A 212 7.64 26.21 32.92
N PRO A 213 8.14 26.25 31.66
CA PRO A 213 7.21 26.38 30.54
C PRO A 213 6.21 25.23 30.54
N THR A 214 4.99 25.46 30.04
CA THR A 214 3.99 24.40 29.99
C THR A 214 4.23 23.53 28.77
N PRO A 215 3.85 22.25 28.83
CA PRO A 215 4.09 21.40 27.66
C PRO A 215 3.33 21.90 26.47
N PRO A 216 3.93 21.84 25.28
CA PRO A 216 3.21 22.24 24.07
C PRO A 216 2.15 21.19 23.74
N ASP A 217 1.06 21.65 23.11
CA ASP A 217 -0.05 20.80 22.69
C ASP A 217 0.33 19.86 21.56
N MET A 218 1.31 20.27 20.78
CA MET A 218 1.56 19.63 19.51
C MET A 218 3.06 19.63 19.24
N LEU A 219 3.54 18.58 18.58
CA LEU A 219 4.92 18.52 18.13
C LEU A 219 5.02 17.42 17.10
N ASP A 220 5.85 17.61 16.07
CA ASP A 220 5.92 16.63 15.01
C ASP A 220 7.36 16.31 14.60
N GLY A 221 7.51 15.14 13.97
CA GLY A 221 8.81 14.63 13.62
C GLY A 221 9.78 15.62 13.00
N PRO A 222 9.45 16.13 11.79
CA PRO A 222 10.42 16.99 11.10
C PRO A 222 10.79 18.23 11.91
N THR A 223 9.84 18.83 12.61
CA THR A 223 10.18 19.88 13.56
C THR A 223 11.17 19.38 14.63
N ALA A 224 10.80 18.29 15.30
CA ALA A 224 11.61 17.70 16.37
C ALA A 224 13.02 17.34 15.91
N SER A 225 13.15 16.92 14.65
CA SER A 225 14.43 16.58 14.09
C SER A 225 15.32 17.83 13.95
N VAL A 226 14.72 18.95 13.58
CA VAL A 226 15.41 20.24 13.55
C VAL A 226 15.82 20.74 14.95
N VAL A 227 14.91 20.63 15.92
CA VAL A 227 15.22 21.02 17.30
C VAL A 227 16.35 20.17 17.88
N CYS A 228 16.45 18.91 17.45
CA CYS A 228 17.53 18.03 17.87
C CYS A 228 18.87 18.61 17.40
N GLY A 229 18.92 19.07 16.16
CA GLY A 229 20.14 19.66 15.64
C GLY A 229 20.49 20.83 16.54
N LEU A 230 19.46 21.58 16.92
CA LEU A 230 19.64 22.71 17.80
C LEU A 230 20.18 22.26 19.15
N VAL A 231 19.58 21.23 19.75
CA VAL A 231 20.12 20.75 21.02
C VAL A 231 21.56 20.27 20.85
N ILE A 232 21.90 19.73 19.67
CA ILE A 232 23.26 19.24 19.47
C ILE A 232 24.22 20.42 19.50
N LEU A 233 23.92 21.44 18.70
CA LEU A 233 24.78 22.62 18.63
C LEU A 233 24.94 23.28 20.02
N ALA A 234 23.87 23.35 20.79
CA ALA A 234 24.02 23.70 22.21
C ALA A 234 25.01 22.84 23.03
N ASP A 235 24.90 21.49 22.99
CA ASP A 235 25.88 20.61 23.66
C ASP A 235 27.31 20.96 23.22
N TRP A 236 27.51 21.05 21.92
CA TRP A 236 28.84 21.25 21.34
C TRP A 236 29.49 22.53 21.80
N LEU A 237 28.75 23.63 21.70
CA LEU A 237 29.25 24.95 22.06
C LEU A 237 29.76 25.01 23.50
N VAL A 238 28.98 24.50 24.46
CA VAL A 238 29.37 24.57 25.88
C VAL A 238 30.20 23.38 26.35
N SER A 239 30.85 22.70 25.40
CA SER A 239 31.64 21.51 25.71
C SER A 239 33.11 21.74 25.38
N GLN A 240 33.39 22.91 24.82
CA GLN A 240 34.74 23.38 24.50
C GLN A 240 35.53 23.59 25.76
N GLU A 241 36.74 23.03 25.80
CA GLU A 241 37.56 22.99 27.01
C GLU A 241 37.82 24.36 27.64
N ASP A 242 38.06 25.38 26.82
CA ASP A 242 38.23 26.75 27.32
C ASP A 242 37.01 27.26 28.09
N PHE A 243 35.82 27.09 27.53
CA PHE A 243 34.60 27.40 28.23
C PHE A 243 34.51 26.65 29.60
N LEU A 244 34.87 25.38 29.62
CA LEU A 244 34.69 24.57 30.81
C LEU A 244 35.69 24.93 31.90
N LEU A 245 36.93 25.16 31.48
CA LEU A 245 38.00 25.56 32.39
C LEU A 245 37.66 26.90 33.05
N GLU A 246 36.94 27.75 32.32
CA GLU A 246 36.51 29.02 32.91
C GLU A 246 35.39 28.82 33.93
N ARG A 247 34.34 28.10 33.57
CA ARG A 247 33.19 27.87 34.46
C ARG A 247 33.60 27.15 35.74
N LEU A 248 34.73 26.43 35.68
CA LEU A 248 35.20 25.65 36.82
C LEU A 248 35.70 26.55 37.97
N THR A 249 35.98 27.81 37.64
CA THR A 249 36.40 28.80 38.63
C THR A 249 35.21 29.24 39.50
N SER A 250 34.01 29.22 38.96
CA SER A 250 32.84 29.74 39.66
C SER A 250 31.67 28.76 39.76
N LEU A 251 31.91 27.56 40.26
CA LEU A 251 30.84 26.59 40.44
C LEU A 251 29.89 27.10 41.52
N PRO A 252 28.61 26.75 41.43
CA PRO A 252 27.66 27.12 42.50
C PRO A 252 28.07 26.45 43.82
N ALA A 253 27.65 27.05 44.94
CA ALA A 253 28.07 26.60 46.27
C ALA A 253 27.33 25.34 46.70
N ASP A 254 26.03 25.31 46.42
CA ASP A 254 25.18 24.19 46.75
C ASP A 254 24.20 23.95 45.62
N GLY A 255 23.28 23.01 45.82
CA GLY A 255 22.27 22.71 44.81
C GLY A 255 21.00 23.52 45.00
N SER A 256 21.09 24.61 45.76
CA SER A 256 19.93 25.45 46.06
C SER A 256 19.36 26.05 44.79
N ALA A 257 18.07 26.37 44.80
CA ALA A 257 17.47 27.05 43.67
C ALA A 257 18.24 28.31 43.27
N SER A 258 18.62 29.15 44.25
CA SER A 258 19.24 30.44 43.92
C SER A 258 20.64 30.29 43.31
N ALA A 259 21.48 29.44 43.90
CA ALA A 259 22.79 29.12 43.32
C ALA A 259 22.68 28.60 41.87
N LEU A 260 21.67 27.76 41.62
CA LEU A 260 21.42 27.23 40.28
C LEU A 260 20.82 28.27 39.33
N ARG A 261 19.98 29.16 39.85
CA ARG A 261 19.42 30.24 39.06
C ARG A 261 20.56 31.12 38.60
N ALA A 262 21.51 31.34 39.50
CA ALA A 262 22.66 32.20 39.23
C ALA A 262 23.56 31.60 38.16
N HIS A 263 23.82 30.29 38.27
CA HIS A 263 24.70 29.61 37.33
C HIS A 263 24.15 29.72 35.93
N PHE A 264 22.82 29.59 35.83
CA PHE A 264 22.12 29.64 34.55
C PHE A 264 22.30 31.02 33.96
N GLU A 265 22.08 32.04 34.79
CA GLU A 265 22.16 33.41 34.32
C GLU A 265 23.58 33.78 33.87
N THR A 266 24.58 33.37 34.66
CA THR A 266 25.99 33.57 34.30
C THR A 266 26.35 32.92 32.97
N SER A 267 25.84 31.70 32.75
CA SER A 267 26.02 31.03 31.47
C SER A 267 25.31 31.77 30.34
N LEU A 268 24.13 32.32 30.60
CA LEU A 268 23.44 33.12 29.58
C LEU A 268 24.35 34.25 29.08
N ARG A 269 24.99 34.91 30.03
CA ARG A 269 25.84 36.05 29.78
C ARG A 269 26.97 35.70 28.83
N ARG A 270 27.49 34.48 28.94
CA ARG A 270 28.70 34.07 28.19
C ARG A 270 28.44 33.49 26.80
N ILE A 271 27.24 33.00 26.56
CA ILE A 271 26.98 32.36 25.27
C ILE A 271 27.14 33.23 24.00
N PRO A 272 26.77 34.52 24.04
CA PRO A 272 26.99 35.29 22.81
C PRO A 272 28.47 35.37 22.36
N SER A 273 29.42 35.36 23.30
CA SER A 273 30.84 35.30 22.90
C SER A 273 31.15 33.97 22.18
N LEU A 274 30.55 32.88 22.65
CA LEU A 274 30.66 31.60 21.95
C LEU A 274 30.20 31.71 20.47
N LEU A 275 29.11 32.45 20.20
CA LEU A 275 28.64 32.64 18.81
C LEU A 275 29.63 33.43 18.00
N ASP A 276 30.14 34.51 18.57
CA ASP A 276 31.14 35.33 17.87
C ASP A 276 32.42 34.56 17.56
N ALA A 277 32.96 33.85 18.56
CA ALA A 277 34.17 33.06 18.35
C ALA A 277 34.01 31.95 17.29
N ALA A 278 32.83 31.33 17.19
CA ALA A 278 32.67 30.23 16.25
C ALA A 278 32.31 30.69 14.85
N GLY A 279 32.06 31.98 14.70
CA GLY A 279 31.77 32.55 13.39
C GLY A 279 30.33 32.50 12.99
N LEU A 280 29.44 32.34 13.97
CA LEU A 280 28.05 31.94 13.67
C LEU A 280 27.00 33.06 13.53
N ARG A 281 27.40 34.33 13.57
CA ARG A 281 26.43 35.43 13.56
C ARG A 281 25.74 35.59 12.21
N PRO A 282 24.44 35.91 12.23
CA PRO A 282 23.72 36.02 10.94
C PRO A 282 24.29 37.11 10.05
N ILE A 283 24.21 36.90 8.75
CA ILE A 283 24.58 37.90 7.78
C ILE A 283 23.28 38.33 7.11
N THR A 284 22.92 39.61 7.29
CA THR A 284 21.73 40.15 6.67
C THR A 284 22.02 41.24 5.66
N VAL A 285 21.38 41.09 4.52
CA VAL A 285 21.57 41.95 3.39
C VAL A 285 20.27 42.76 3.15
N PRO A 286 20.39 44.10 3.05
CA PRO A 286 19.24 45.03 2.98
C PRO A 286 18.46 44.78 1.71
N PRO A 287 17.12 44.90 1.75
CA PRO A 287 16.41 44.78 0.47
C PRO A 287 16.91 45.81 -0.54
N ALA A 288 16.93 45.42 -1.82
CA ALA A 288 17.32 46.30 -2.90
C ALA A 288 16.66 45.87 -4.20
N THR A 289 16.79 46.70 -5.22
CA THR A 289 16.27 46.39 -6.54
C THR A 289 17.37 45.66 -7.26
N PHE A 290 17.06 45.18 -8.47
CA PHE A 290 18.08 44.41 -9.18
C PHE A 290 19.31 45.22 -9.55
N THR A 291 19.08 46.46 -10.00
CA THR A 291 20.21 47.31 -10.42
C THR A 291 21.01 47.81 -9.21
N GLU A 292 20.30 48.07 -8.11
CA GLU A 292 20.97 48.44 -6.85
C GLU A 292 21.93 47.35 -6.38
N SER A 293 21.56 46.10 -6.66
CA SER A 293 22.32 44.92 -6.23
C SER A 293 23.49 44.61 -7.16
N PHE A 294 23.40 45.05 -8.40
CA PHE A 294 24.51 44.89 -9.34
C PHE A 294 24.78 46.21 -10.06
N PRO A 295 25.38 47.16 -9.33
CA PRO A 295 25.61 48.51 -9.85
C PRO A 295 26.64 48.56 -10.98
N HIS A 296 27.46 47.53 -11.12
CA HIS A 296 28.39 47.46 -12.24
C HIS A 296 27.82 46.69 -13.41
N LEU A 297 26.55 46.29 -13.26
CA LEU A 297 25.83 45.69 -14.38
C LEU A 297 25.10 46.80 -15.12
N SER A 298 25.67 47.16 -16.27
CA SER A 298 25.15 48.24 -17.09
C SER A 298 23.79 47.89 -17.67
N LYS A 299 23.76 46.86 -18.52
CA LYS A 299 22.51 46.40 -19.11
C LYS A 299 21.97 45.17 -18.39
N PRO A 300 20.89 45.34 -17.61
CA PRO A 300 20.16 44.17 -17.13
C PRO A 300 19.56 43.38 -18.29
N ASN A 301 19.62 42.07 -18.17
CA ASN A 301 19.27 41.11 -19.22
C ASN A 301 17.76 40.84 -19.38
N GLY A 302 17.41 40.19 -20.50
CA GLY A 302 16.07 39.71 -20.72
C GLY A 302 15.55 38.89 -19.54
N LEU A 303 16.24 37.77 -19.27
CA LEU A 303 16.00 36.96 -18.08
C LEU A 303 15.86 37.81 -16.81
N GLN A 304 16.89 38.61 -16.55
CA GLN A 304 16.96 39.41 -15.33
C GLN A 304 15.82 40.42 -15.22
N ALA A 305 15.52 41.12 -16.32
CA ALA A 305 14.42 42.08 -16.30
C ALA A 305 13.10 41.35 -16.01
N SER A 306 12.89 40.21 -16.66
CA SER A 306 11.71 39.38 -16.42
C SER A 306 11.52 38.95 -14.96
N LEU A 307 12.57 38.39 -14.36
CA LEU A 307 12.49 37.88 -13.00
C LEU A 307 12.27 38.99 -12.00
N ALA A 308 13.09 40.02 -12.06
CA ALA A 308 13.02 41.12 -11.10
C ALA A 308 11.68 41.85 -11.20
N LYS A 309 11.12 41.92 -12.41
CA LYS A 309 9.81 42.54 -12.64
C LYS A 309 8.61 41.74 -12.14
N HIS A 310 8.63 40.42 -12.30
CA HIS A 310 7.43 39.61 -12.09
C HIS A 310 7.37 38.82 -10.79
N LEU A 311 8.55 38.55 -10.22
CA LEU A 311 8.66 37.71 -9.03
C LEU A 311 8.28 38.36 -7.69
N PRO A 312 8.63 39.65 -7.46
CA PRO A 312 8.31 40.22 -6.14
C PRO A 312 6.84 40.07 -5.70
N CYS A 313 5.91 40.17 -6.64
CA CYS A 313 4.50 39.96 -6.35
C CYS A 313 4.21 38.50 -5.97
N LEU A 314 4.96 37.58 -6.58
CA LEU A 314 4.76 36.16 -6.40
C LEU A 314 5.35 35.63 -5.09
N CYS A 315 6.46 36.23 -4.68
CA CYS A 315 7.23 35.79 -3.52
C CYS A 315 6.65 36.34 -2.22
N THR A 316 5.52 35.77 -1.82
CA THR A 316 4.78 36.21 -0.64
C THR A 316 5.08 35.31 0.58
N GLY A 317 5.86 34.26 0.37
CA GLY A 317 6.17 33.26 1.38
C GLY A 317 6.95 32.09 0.78
N PRO A 318 7.03 30.95 1.51
CA PRO A 318 7.84 29.80 1.07
C PRO A 318 7.47 29.28 -0.32
N GLY A 319 8.47 28.91 -1.12
CA GLY A 319 8.21 28.50 -2.48
C GLY A 319 9.47 28.16 -3.25
N LEU A 320 9.30 27.66 -4.46
CA LEU A 320 10.42 27.22 -5.30
C LEU A 320 10.46 28.00 -6.61
N VAL A 321 11.65 28.44 -7.01
CA VAL A 321 11.78 29.04 -8.33
C VAL A 321 12.69 28.18 -9.17
N LEU A 322 12.20 27.78 -10.33
CA LEU A 322 13.05 27.08 -11.28
C LEU A 322 13.38 28.02 -12.44
N ILE A 323 14.65 28.09 -12.78
CA ILE A 323 15.13 28.92 -13.87
C ILE A 323 15.94 28.06 -14.81
N THR A 324 15.51 27.99 -16.05
CA THR A 324 16.25 27.21 -17.01
C THR A 324 16.64 28.13 -18.14
N ALA A 325 17.94 28.28 -18.34
CA ALA A 325 18.43 29.20 -19.34
C ALA A 325 19.84 28.76 -19.76
N PRO A 326 20.31 29.26 -20.91
CA PRO A 326 21.66 28.94 -21.41
C PRO A 326 22.76 29.55 -20.55
N MET A 327 24.01 29.36 -20.96
CA MET A 327 25.14 30.05 -20.36
C MET A 327 25.25 31.46 -20.91
N GLY A 328 25.94 32.32 -20.16
CA GLY A 328 26.14 33.70 -20.53
C GLY A 328 24.87 34.52 -20.44
N GLU A 329 23.88 34.02 -19.71
CA GLU A 329 22.66 34.78 -19.50
C GLU A 329 22.55 35.30 -18.05
N GLY A 330 23.66 35.27 -17.32
CA GLY A 330 23.68 35.72 -15.95
C GLY A 330 22.58 35.11 -15.08
N LYS A 331 22.58 33.77 -14.99
CA LYS A 331 21.71 33.07 -14.05
C LYS A 331 22.24 33.34 -12.64
N THR A 332 23.55 33.47 -12.51
CA THR A 332 24.15 33.76 -11.21
C THR A 332 23.53 34.99 -10.55
N GLU A 333 23.60 36.15 -11.21
CA GLU A 333 23.03 37.37 -10.67
C GLU A 333 21.52 37.26 -10.50
N ALA A 334 20.86 36.57 -11.43
CA ALA A 334 19.43 36.34 -11.30
C ALA A 334 19.13 35.63 -10.00
N ALA A 335 19.82 34.52 -9.75
CA ALA A 335 19.63 33.71 -8.52
C ALA A 335 19.86 34.46 -7.21
N TYR A 336 20.91 35.28 -7.14
CA TYR A 336 21.19 36.06 -5.93
C TYR A 336 19.97 36.92 -5.66
N HIS A 337 19.47 37.59 -6.70
CA HIS A 337 18.34 38.47 -6.53
C HIS A 337 17.08 37.71 -6.09
N VAL A 338 16.75 36.60 -6.76
CA VAL A 338 15.61 35.78 -6.34
C VAL A 338 15.81 35.22 -4.91
N ALA A 339 17.03 34.80 -4.59
CA ALA A 339 17.30 34.33 -3.25
C ALA A 339 17.00 35.39 -2.18
N ASP A 340 17.40 36.65 -2.44
CA ASP A 340 17.10 37.72 -1.49
C ASP A 340 15.58 37.95 -1.35
N LEU A 341 14.85 37.88 -2.45
CA LEU A 341 13.39 37.98 -2.43
C LEU A 341 12.73 36.90 -1.57
N LEU A 342 13.06 35.64 -1.86
CA LEU A 342 12.58 34.49 -1.10
C LEU A 342 13.07 34.60 0.34
N GLY A 343 14.30 35.08 0.49
CA GLY A 343 14.87 35.35 1.82
C GLY A 343 14.00 36.25 2.69
N LYS A 344 13.68 37.43 2.18
CA LYS A 344 12.90 38.39 2.95
C LYS A 344 11.52 37.85 3.26
N ALA A 345 10.91 37.18 2.29
CA ALA A 345 9.56 36.67 2.44
C ALA A 345 9.45 35.60 3.50
N THR A 346 10.54 34.90 3.79
CA THR A 346 10.45 33.76 4.71
C THR A 346 11.19 34.01 6.00
N GLY A 347 11.75 35.21 6.15
CA GLY A 347 12.53 35.54 7.33
C GLY A 347 13.72 34.61 7.47
N ARG A 348 14.34 34.29 6.33
CA ARG A 348 15.53 33.46 6.29
C ARG A 348 16.68 34.18 5.62
N PRO A 349 17.58 34.75 6.43
CA PRO A 349 18.78 35.47 5.96
C PRO A 349 19.95 34.59 5.54
N GLY A 350 20.00 33.33 5.96
CA GLY A 350 21.08 32.45 5.58
C GLY A 350 21.02 32.03 4.12
N ARG A 351 22.14 31.57 3.58
CA ARG A 351 22.21 31.12 2.19
C ARG A 351 23.03 29.83 2.17
N PHE A 352 22.68 28.90 1.26
CA PHE A 352 23.56 27.80 0.88
C PHE A 352 23.48 27.61 -0.62
N LEU A 353 24.61 27.76 -1.32
CA LEU A 353 24.62 27.57 -2.76
C LEU A 353 25.28 26.25 -3.11
N ALA A 354 24.53 25.36 -3.74
CA ALA A 354 25.05 24.02 -4.07
C ALA A 354 25.63 23.94 -5.49
N LEU A 355 26.85 23.43 -5.59
CA LEU A 355 27.48 23.37 -6.90
C LEU A 355 27.83 21.94 -7.29
N PRO A 356 27.89 21.68 -8.59
CA PRO A 356 28.14 20.32 -9.07
C PRO A 356 29.53 19.84 -8.74
N THR A 357 30.50 20.75 -8.61
CA THR A 357 31.88 20.35 -8.35
C THR A 357 32.57 21.17 -7.29
N MET A 358 33.71 20.66 -6.84
CA MET A 358 34.59 21.37 -5.95
C MET A 358 35.17 22.63 -6.62
N ALA A 359 35.56 22.51 -7.88
CA ALA A 359 36.12 23.65 -8.60
C ALA A 359 35.12 24.78 -8.74
N THR A 360 33.89 24.45 -9.13
CA THR A 360 32.84 25.45 -9.32
C THR A 360 32.40 26.03 -7.98
N ALA A 361 32.40 25.21 -6.95
CA ALA A 361 32.12 25.72 -5.62
C ALA A 361 33.22 26.71 -5.19
N ASP A 362 34.47 26.42 -5.53
CA ASP A 362 35.57 27.35 -5.23
C ASP A 362 35.33 28.71 -5.92
N GLN A 363 35.00 28.66 -7.22
CA GLN A 363 34.70 29.89 -7.98
C GLN A 363 33.56 30.71 -7.37
N MET A 364 32.46 30.04 -7.03
CA MET A 364 31.27 30.72 -6.56
C MET A 364 31.45 31.26 -5.14
N HIS A 365 32.31 30.62 -4.36
CA HIS A 365 32.54 31.07 -3.00
C HIS A 365 33.22 32.44 -3.05
N THR A 366 34.12 32.62 -4.02
CA THR A 366 34.77 33.90 -4.23
C THR A 366 33.75 34.95 -4.67
N ARG A 367 33.01 34.63 -5.74
CA ARG A 367 31.92 35.48 -6.23
C ARG A 367 30.95 35.89 -5.13
N LEU A 368 30.56 34.95 -4.30
CA LEU A 368 29.57 35.23 -3.29
C LEU A 368 30.14 36.15 -2.21
N LYS A 369 31.45 36.08 -2.01
CA LYS A 369 32.12 36.87 -0.99
C LYS A 369 32.10 38.34 -1.37
N GLU A 370 32.58 38.64 -2.58
CA GLU A 370 32.57 40.02 -3.05
C GLU A 370 31.16 40.58 -3.12
N TYR A 371 30.20 39.78 -3.57
CA TYR A 371 28.82 40.22 -3.53
C TYR A 371 28.44 40.64 -2.10
N ALA A 372 28.75 39.79 -1.13
CA ALA A 372 28.43 40.06 0.28
C ALA A 372 29.14 41.30 0.82
N ARG A 373 30.39 41.49 0.42
CA ARG A 373 31.14 42.69 0.80
C ARG A 373 30.41 43.96 0.39
N TYR A 374 30.08 44.05 -0.90
CA TYR A 374 29.40 45.22 -1.44
C TYR A 374 28.02 45.42 -0.84
N ARG A 375 27.33 44.32 -0.59
CA ARG A 375 25.94 44.39 -0.25
C ARG A 375 25.65 44.68 1.18
N VAL A 376 26.34 44.01 2.08
CA VAL A 376 26.10 44.27 3.50
C VAL A 376 26.58 45.69 3.81
N GLU A 377 25.95 46.33 4.80
CA GLU A 377 26.24 47.72 5.12
C GLU A 377 27.72 47.94 5.39
N ASN A 378 28.40 48.57 4.43
CA ASN A 378 29.87 48.75 4.44
C ASN A 378 30.40 49.42 5.71
N THR A 379 29.52 50.14 6.40
CA THR A 379 29.79 50.70 7.73
C THR A 379 29.92 49.58 8.77
N ASP A 380 28.93 48.68 8.77
CA ASP A 380 28.87 47.58 9.74
C ASP A 380 29.22 46.21 9.14
N LEU A 381 30.50 45.99 8.88
CA LEU A 381 30.98 44.69 8.41
C LEU A 381 30.83 43.61 9.47
N PRO A 382 30.37 42.42 9.06
CA PRO A 382 30.31 41.26 9.96
C PRO A 382 31.67 40.59 10.09
N ARG A 383 32.36 40.85 11.20
CA ARG A 383 33.69 40.33 11.39
C ARG A 383 33.64 39.02 12.14
N SER A 384 32.46 38.65 12.60
CA SER A 384 32.31 37.40 13.30
C SER A 384 31.15 36.56 12.68
N SER A 385 31.10 36.56 11.34
CA SER A 385 30.15 35.80 10.57
C SER A 385 30.88 35.16 9.40
N THR A 386 31.18 33.85 9.45
CA THR A 386 31.95 33.26 8.34
C THR A 386 31.11 32.80 7.14
N LEU A 387 31.65 33.00 5.94
CA LEU A 387 31.04 32.51 4.73
C LEU A 387 31.81 31.26 4.34
N ALA A 388 31.25 30.10 4.68
CA ALA A 388 31.99 28.84 4.63
C ALA A 388 32.06 28.22 3.24
N LEU A 389 33.12 27.47 2.99
CA LEU A 389 33.27 26.67 1.78
C LEU A 389 33.23 25.19 2.15
N LEU A 390 32.25 24.50 1.60
CA LEU A 390 31.91 23.16 2.07
C LEU A 390 32.19 22.12 1.01
N HIS A 391 33.40 21.55 1.06
CA HIS A 391 33.69 20.31 0.33
C HIS A 391 34.88 19.60 0.94
N SER A 392 35.11 18.36 0.51
CA SER A 392 36.13 17.49 1.10
C SER A 392 37.58 17.94 0.87
N MET A 393 37.82 18.83 -0.09
CA MET A 393 39.17 19.36 -0.33
C MET A 393 39.39 20.82 0.12
N ALA A 394 38.55 21.34 1.03
CA ALA A 394 38.65 22.74 1.40
C ALA A 394 39.80 23.03 2.38
N TRP A 395 40.09 22.08 3.26
CA TRP A 395 41.19 22.21 4.23
C TRP A 395 42.51 22.54 3.54
N LEU A 396 42.69 22.07 2.32
CA LEU A 396 43.96 22.22 1.63
C LEU A 396 43.96 23.44 0.72
N ASN A 397 42.91 24.23 0.84
CA ASN A 397 42.82 25.52 0.16
C ASN A 397 43.38 26.63 1.06
N PRO A 398 44.51 27.21 0.65
CA PRO A 398 45.32 28.17 1.40
C PRO A 398 44.64 29.54 1.52
N ASP A 399 43.84 29.90 0.51
CA ASP A 399 42.95 31.03 0.59
C ASP A 399 41.94 30.89 1.71
N TYR A 400 41.15 29.81 1.66
CA TYR A 400 40.04 29.61 2.59
C TYR A 400 40.48 29.18 3.99
N ALA A 401 41.28 28.12 4.06
CA ALA A 401 41.59 27.52 5.34
C ALA A 401 42.40 28.46 6.24
N PRO A 402 42.05 28.52 7.53
CA PRO A 402 42.84 29.32 8.47
C PRO A 402 44.25 28.74 8.59
N ALA A 403 45.21 29.52 9.09
CA ALA A 403 46.59 29.01 9.21
C ALA A 403 46.87 28.48 10.61
N VAL A 411 38.61 29.02 21.76
CA VAL A 411 39.26 30.15 22.42
C VAL A 411 38.52 31.46 22.08
N LEU A 412 38.81 32.52 22.81
CA LEU A 412 38.27 33.84 22.53
C LEU A 412 39.34 34.64 21.81
N SER A 413 40.32 33.92 21.25
CA SER A 413 41.48 34.54 20.59
C SER A 413 41.07 35.33 19.33
N ASN A 414 41.59 36.56 19.24
CA ASN A 414 41.27 37.52 18.18
C ASN A 414 39.77 37.76 17.91
N LEU A 415 39.01 37.92 19.01
CA LEU A 415 37.57 38.16 18.95
C LEU A 415 37.25 39.53 18.35
N GLY A 416 36.36 39.56 17.37
CA GLY A 416 36.04 40.80 16.69
C GLY A 416 37.19 41.40 15.91
N HIS A 417 38.26 40.65 15.67
CA HIS A 417 39.37 41.17 14.87
C HIS A 417 39.60 40.44 13.56
N ARG A 418 38.87 39.35 13.34
CA ARG A 418 39.02 38.57 12.10
C ARG A 418 38.55 39.42 10.92
N ASP A 419 38.98 39.04 9.73
CA ASP A 419 38.46 39.64 8.51
C ASP A 419 37.00 39.21 8.34
N PRO A 420 36.16 40.12 7.85
CA PRO A 420 34.75 39.71 7.70
C PRO A 420 34.59 38.56 6.69
N PHE A 421 33.71 37.62 7.02
CA PHE A 421 33.44 36.41 6.23
C PHE A 421 34.52 35.33 6.32
N ALA A 422 35.57 35.57 7.07
CA ALA A 422 36.68 34.63 7.14
C ALA A 422 36.36 33.32 7.86
N ALA A 423 36.96 32.24 7.38
CA ALA A 423 36.78 30.93 7.96
C ALA A 423 37.31 30.89 9.39
N THR A 424 36.48 30.32 10.24
CA THR A 424 36.76 30.21 11.65
C THR A 424 37.32 28.79 11.87
N ASP A 425 38.05 28.56 12.94
CA ASP A 425 38.56 27.22 13.19
C ASP A 425 37.41 26.29 13.56
N TRP A 426 36.53 26.78 14.42
CA TRP A 426 35.37 26.01 14.85
C TRP A 426 34.60 25.44 13.65
N LEU A 427 34.44 26.24 12.61
CA LEU A 427 33.70 25.84 11.43
C LEU A 427 34.49 24.97 10.44
N MET A 428 35.73 24.66 10.79
CA MET A 428 36.49 23.70 10.01
C MET A 428 35.99 22.31 10.37
N GLY A 429 35.63 22.15 11.63
CA GLY A 429 35.27 20.85 12.17
C GLY A 429 34.17 20.04 11.49
N ARG A 430 34.35 18.72 11.56
CA ARG A 430 33.22 17.80 11.68
C ARG A 430 32.11 17.97 10.65
N LYS A 431 30.92 18.12 11.20
CA LYS A 431 29.72 18.23 10.41
C LYS A 431 29.07 19.53 10.84
N ARG A 432 29.90 20.57 10.87
CA ARG A 432 29.52 21.90 11.35
C ARG A 432 29.29 22.85 10.20
N GLY A 433 29.89 22.55 9.06
CA GLY A 433 29.84 23.40 7.88
C GLY A 433 28.53 24.06 7.54
N LEU A 434 27.45 23.30 7.59
CA LEU A 434 26.15 23.86 7.23
C LEU A 434 25.56 24.77 8.31
N LEU A 435 26.26 24.95 9.43
CA LEU A 435 25.82 25.84 10.50
C LEU A 435 26.33 27.26 10.23
N ALA A 436 27.31 27.40 9.34
CA ALA A 436 27.75 28.71 8.89
C ALA A 436 26.53 29.46 8.40
N PRO A 437 26.46 30.77 8.64
CA PRO A 437 25.32 31.59 8.22
C PRO A 437 25.15 31.63 6.70
N TRP A 438 26.22 31.88 5.96
CA TRP A 438 26.22 31.70 4.50
C TRP A 438 27.22 30.60 4.20
N ALA A 439 26.95 29.81 3.16
CA ALA A 439 27.87 28.74 2.76
C ALA A 439 27.77 28.39 1.29
N VAL A 440 28.90 28.11 0.63
CA VAL A 440 28.85 27.48 -0.69
C VAL A 440 29.66 26.18 -0.73
N GLY A 441 29.13 25.19 -1.44
CA GLY A 441 29.73 23.87 -1.41
C GLY A 441 29.20 22.94 -2.48
N THR A 442 29.56 21.67 -2.38
CA THR A 442 29.00 20.68 -3.29
C THR A 442 27.53 20.41 -2.95
N ILE A 443 26.77 20.07 -3.98
CA ILE A 443 25.42 19.60 -3.78
C ILE A 443 25.42 18.38 -2.84
N ASP A 444 26.52 17.63 -2.87
CA ASP A 444 26.70 16.48 -2.02
C ASP A 444 26.54 16.80 -0.55
N GLN A 445 26.97 18.01 -0.15
CA GLN A 445 26.90 18.41 1.24
C GLN A 445 25.44 18.63 1.62
N ALA A 446 24.63 19.08 0.68
CA ALA A 446 23.20 19.18 0.95
C ALA A 446 22.52 17.77 0.94
N LEU A 447 22.88 16.93 -0.02
CA LEU A 447 22.30 15.59 -0.10
C LEU A 447 22.55 14.73 1.14
N MET A 448 23.66 14.96 1.83
CA MET A 448 23.97 14.17 3.03
C MET A 448 22.95 14.35 4.16
N ALA A 449 22.16 15.41 4.09
CA ALA A 449 21.14 15.63 5.12
C ALA A 449 20.01 14.59 5.08
N VAL A 450 19.78 14.00 3.91
CA VAL A 450 18.64 13.12 3.74
C VAL A 450 19.06 11.69 3.49
N LEU A 451 20.32 11.42 3.75
CA LEU A 451 20.88 10.07 3.76
C LEU A 451 20.79 9.52 5.18
N ARG A 452 20.50 8.23 5.33
CA ARG A 452 20.45 7.60 6.65
C ARG A 452 21.84 7.56 7.27
N ALA A 453 22.13 8.53 8.12
CA ALA A 453 23.49 8.63 8.67
C ALA A 453 23.52 9.46 9.93
N LYS A 454 24.42 9.12 10.85
CA LYS A 454 24.63 9.90 12.07
C LYS A 454 24.73 11.42 11.83
N HIS A 455 24.02 12.17 12.67
CA HIS A 455 24.04 13.64 12.73
C HIS A 455 23.41 14.28 11.53
N ASN A 456 22.58 13.55 10.79
CA ASN A 456 21.90 14.17 9.68
C ASN A 456 20.89 15.22 10.13
N ALA A 457 20.43 15.14 11.39
CA ALA A 457 19.63 16.24 11.98
C ALA A 457 20.40 17.56 12.10
N LEU A 458 21.69 17.48 12.43
CA LEU A 458 22.53 18.66 12.40
C LEU A 458 22.45 19.34 11.03
N ARG A 459 22.60 18.59 9.95
CA ARG A 459 22.62 19.22 8.62
C ARG A 459 21.23 19.71 8.21
N LEU A 460 20.20 18.97 8.61
CA LEU A 460 18.83 19.44 8.41
C LEU A 460 18.67 20.81 9.07
N PHE A 461 19.03 20.88 10.37
CA PHE A 461 18.96 22.12 11.15
C PHE A 461 19.72 23.31 10.52
N GLY A 462 20.94 23.07 10.05
CA GLY A 462 21.75 24.09 9.42
C GLY A 462 21.12 24.60 8.15
N LEU A 463 20.37 23.75 7.49
CA LEU A 463 19.75 24.09 6.22
C LEU A 463 18.42 24.81 6.47
N ALA A 464 17.80 24.51 7.60
CA ALA A 464 16.44 24.92 7.88
C ALA A 464 16.23 26.44 7.93
N GLY A 465 17.30 27.18 8.19
CA GLY A 465 17.22 28.61 8.37
C GLY A 465 17.72 29.37 7.17
N LYS A 466 17.97 28.64 6.08
CA LYS A 466 18.56 29.26 4.90
C LYS A 466 17.59 29.28 3.72
N VAL A 467 17.97 30.01 2.68
CA VAL A 467 17.42 29.85 1.37
C VAL A 467 18.44 28.96 0.67
N VAL A 468 17.98 27.93 -0.04
CA VAL A 468 18.95 27.06 -0.71
C VAL A 468 18.84 27.13 -2.23
N VAL A 469 20.00 27.23 -2.85
CA VAL A 469 20.09 27.45 -4.29
C VAL A 469 20.94 26.35 -4.87
N VAL A 470 20.36 25.54 -5.75
CA VAL A 470 21.15 24.50 -6.37
C VAL A 470 21.38 24.80 -7.83
N ASP A 471 22.65 24.79 -8.21
CA ASP A 471 23.02 25.14 -9.56
C ASP A 471 23.22 23.89 -10.38
N GLU A 472 23.08 24.02 -11.70
CA GLU A 472 23.34 22.92 -12.62
C GLU A 472 22.46 21.70 -12.33
N ALA A 473 21.17 21.92 -12.12
CA ALA A 473 20.24 20.83 -11.83
C ALA A 473 20.20 19.73 -12.92
N HIS A 474 20.40 20.10 -14.17
CA HIS A 474 20.36 19.13 -15.26
C HIS A 474 21.49 18.12 -15.21
N ALA A 475 22.36 18.24 -14.21
CA ALA A 475 23.56 17.41 -14.13
C ALA A 475 23.45 16.32 -13.07
N VAL A 476 22.39 16.36 -12.28
CA VAL A 476 22.16 15.28 -11.33
C VAL A 476 21.51 14.09 -12.04
N ASP A 477 22.11 12.91 -11.87
CA ASP A 477 21.70 11.64 -12.52
C ASP A 477 20.56 10.96 -11.76
N PRO A 478 20.01 9.84 -12.27
CA PRO A 478 18.86 9.28 -11.56
C PRO A 478 19.04 9.00 -10.06
N TYR A 479 20.17 8.45 -9.65
CA TYR A 479 20.44 8.23 -8.23
C TYR A 479 20.46 9.55 -7.45
N MET A 480 21.26 10.51 -7.88
CA MET A 480 21.33 11.80 -7.19
C MET A 480 19.97 12.48 -7.16
N GLN A 481 19.24 12.31 -8.26
CA GLN A 481 17.90 12.84 -8.42
C GLN A 481 16.90 12.36 -7.36
N VAL A 482 16.93 11.08 -6.99
CA VAL A 482 16.05 10.60 -5.92
C VAL A 482 16.45 11.27 -4.60
N LEU A 483 17.75 11.45 -4.39
CA LEU A 483 18.23 12.20 -3.21
C LEU A 483 17.80 13.67 -3.20
N LEU A 484 17.91 14.33 -4.35
CA LEU A 484 17.50 15.73 -4.47
C LEU A 484 16.01 15.80 -4.22
N GLU A 485 15.27 14.77 -4.66
CA GLU A 485 13.84 14.72 -4.40
C GLU A 485 13.49 14.57 -2.93
N GLN A 486 14.21 13.75 -2.19
CA GLN A 486 13.91 13.66 -0.75
C GLN A 486 14.32 14.93 -0.01
N LEU A 487 15.41 15.55 -0.46
CA LEU A 487 15.80 16.84 0.10
C LEU A 487 14.70 17.89 -0.11
N LEU A 488 14.25 18.05 -1.36
CA LEU A 488 13.20 19.00 -1.68
C LEU A 488 11.95 18.74 -0.84
N ARG A 489 11.68 17.48 -0.57
CA ARG A 489 10.50 17.12 0.18
C ARG A 489 10.64 17.64 1.60
N TRP A 490 11.83 17.50 2.18
CA TRP A 490 12.07 17.91 3.57
C TRP A 490 12.16 19.42 3.77
N LEU A 491 12.76 20.11 2.79
CA LEU A 491 12.79 21.58 2.80
C LEU A 491 11.37 22.16 2.75
N GLY A 492 10.58 21.62 1.83
CA GLY A 492 9.19 21.98 1.69
C GLY A 492 8.46 21.96 3.01
N THR A 493 8.59 20.90 3.80
CA THR A 493 7.78 20.85 5.04
C THR A 493 8.36 21.76 6.13
N LEU A 494 9.60 22.19 5.93
CA LEU A 494 10.31 23.02 6.90
C LEU A 494 10.24 24.49 6.45
N ASP A 495 9.43 24.75 5.43
CA ASP A 495 9.24 26.09 4.90
C ASP A 495 10.52 26.74 4.44
N VAL A 496 11.41 25.99 3.82
CA VAL A 496 12.58 26.63 3.24
C VAL A 496 12.48 26.74 1.74
N PRO A 497 12.61 27.98 1.24
CA PRO A 497 12.51 28.34 -0.18
C PRO A 497 13.71 27.85 -0.93
N VAL A 498 13.51 27.58 -2.22
CA VAL A 498 14.52 26.88 -3.02
C VAL A 498 14.55 27.52 -4.37
N VAL A 499 15.76 27.77 -4.89
CA VAL A 499 15.95 28.20 -6.26
C VAL A 499 16.71 27.10 -6.98
N LEU A 500 16.17 26.66 -8.12
CA LEU A 500 16.79 25.61 -8.91
C LEU A 500 17.27 26.23 -10.20
N LEU A 501 18.55 26.13 -10.46
CA LEU A 501 19.08 26.67 -11.69
C LEU A 501 19.42 25.50 -12.59
N SER A 502 19.14 25.66 -13.87
CA SER A 502 19.49 24.62 -14.80
C SER A 502 19.80 25.16 -16.16
N ALA A 503 20.58 24.40 -16.92
CA ALA A 503 20.59 24.52 -18.36
C ALA A 503 19.38 23.65 -18.76
N THR A 504 19.28 23.33 -20.04
CA THR A 504 18.07 22.71 -20.54
C THR A 504 17.82 21.41 -19.74
N LEU A 505 16.59 21.25 -19.26
CA LEU A 505 16.22 20.19 -18.32
C LEU A 505 15.00 19.46 -18.86
N HIS A 506 15.05 18.13 -18.88
CA HIS A 506 13.92 17.32 -19.34
C HIS A 506 12.65 17.56 -18.50
N HIS A 507 11.48 17.66 -19.12
CA HIS A 507 10.27 18.02 -18.38
C HIS A 507 9.88 17.05 -17.25
N SER A 508 10.21 15.77 -17.42
CA SER A 508 9.92 14.77 -16.40
C SER A 508 10.68 15.02 -15.12
N ILE A 509 11.96 15.32 -15.25
CA ILE A 509 12.80 15.71 -14.12
C ILE A 509 12.28 16.97 -13.43
N ALA A 510 11.98 18.01 -14.22
CA ALA A 510 11.46 19.25 -13.67
C ALA A 510 10.21 18.94 -12.89
N ASN A 511 9.34 18.13 -13.48
CA ASN A 511 8.12 17.73 -12.82
C ASN A 511 8.39 17.00 -11.48
N SER A 512 9.29 16.04 -11.50
CA SER A 512 9.63 15.31 -10.30
C SER A 512 10.06 16.25 -9.18
N LEU A 513 11.01 17.13 -9.49
CA LEU A 513 11.53 18.06 -8.49
C LEU A 513 10.46 18.98 -7.92
N VAL A 514 9.61 19.59 -8.76
CA VAL A 514 8.58 20.45 -8.18
C VAL A 514 7.50 19.66 -7.43
N LYS A 515 7.16 18.49 -7.94
CA LYS A 515 6.23 17.60 -7.26
C LYS A 515 6.71 17.25 -5.83
N ALA A 516 7.99 16.90 -5.69
CA ALA A 516 8.54 16.61 -4.38
C ALA A 516 8.46 17.81 -3.39
N TYR A 517 8.78 19.01 -3.87
CA TYR A 517 8.73 20.18 -3.03
C TYR A 517 7.31 20.35 -2.53
N LEU A 518 6.36 20.28 -3.47
CA LEU A 518 4.94 20.43 -3.17
C LEU A 518 4.47 19.35 -2.20
N GLU A 519 4.92 18.14 -2.41
CA GLU A 519 4.57 17.04 -1.52
C GLU A 519 4.90 17.37 -0.08
N GLY A 520 6.10 17.91 0.13
CA GLY A 520 6.50 18.35 1.46
C GLY A 520 5.69 19.52 2.00
N ALA A 521 5.48 20.53 1.17
CA ALA A 521 4.69 21.70 1.58
C ALA A 521 3.29 21.29 2.04
N ARG A 522 2.66 20.35 1.34
CA ARG A 522 1.24 20.08 1.59
C ARG A 522 0.99 18.93 2.55
N GLY A 523 2.06 18.26 2.96
CA GLY A 523 1.94 17.21 3.95
C GLY A 523 1.53 15.83 3.44
N ARG A 524 1.26 15.70 2.14
CA ARG A 524 0.93 14.39 1.57
C ARG A 524 1.40 14.23 0.12
N ARG A 525 1.58 12.98 -0.31
CA ARG A 525 2.13 12.67 -1.62
C ARG A 525 1.12 12.72 -2.77
N TRP A 526 1.65 12.71 -3.99
CA TRP A 526 0.83 12.78 -5.20
C TRP A 526 -0.03 11.53 -5.38
N ASN A 527 -1.21 11.69 -5.98
CA ASN A 527 -2.06 10.54 -6.29
C ASN A 527 -1.85 10.11 -7.72
N ARG A 528 -2.32 8.91 -8.06
CA ARG A 528 -2.11 8.41 -9.42
C ARG A 528 -3.09 9.09 -10.37
N SER A 529 -4.13 9.70 -9.80
CA SER A 529 -5.14 10.37 -10.60
C SER A 529 -4.95 11.89 -10.64
N GLU A 530 -4.16 12.41 -9.72
CA GLU A 530 -3.85 13.85 -9.65
C GLU A 530 -3.01 14.33 -10.84
N PRO A 531 -3.41 15.45 -11.46
CA PRO A 531 -2.71 16.02 -12.62
C PRO A 531 -1.31 16.57 -12.27
N GLN A 532 -0.34 16.29 -13.13
CA GLN A 532 1.05 16.74 -12.92
C GLN A 532 1.18 18.27 -12.88
N PRO A 533 2.10 18.77 -12.02
CA PRO A 533 2.32 20.21 -11.87
C PRO A 533 3.10 20.88 -13.01
N VAL A 534 3.93 20.13 -13.73
CA VAL A 534 4.71 20.70 -14.81
C VAL A 534 4.69 19.76 -16.00
N SER A 535 3.99 20.14 -17.07
CA SER A 535 3.88 19.23 -18.20
C SER A 535 4.80 19.67 -19.33
N GLU A 536 5.20 20.94 -19.28
CA GLU A 536 6.12 21.49 -20.27
C GLU A 536 7.06 22.43 -19.57
N VAL A 537 8.32 22.46 -20.02
CA VAL A 537 9.24 23.51 -19.62
C VAL A 537 9.76 24.21 -20.87
N SER A 538 10.05 25.50 -20.77
CA SER A 538 10.55 26.23 -21.92
C SER A 538 11.98 26.70 -21.66
N TYR A 539 12.77 26.83 -22.73
CA TYR A 539 14.18 27.17 -22.65
C TYR A 539 14.50 28.29 -23.63
N PRO A 540 14.79 29.50 -23.12
CA PRO A 540 14.82 29.85 -21.70
C PRO A 540 13.42 29.98 -21.13
N GLY A 541 13.34 29.96 -19.81
CA GLY A 541 12.07 30.15 -19.12
C GLY A 541 12.35 30.12 -17.64
N TRP A 542 11.35 30.43 -16.84
CA TRP A 542 11.42 30.21 -15.41
C TRP A 542 10.04 29.87 -14.90
N LEU A 543 9.95 29.52 -13.63
CA LEU A 543 8.69 29.03 -13.08
C LEU A 543 8.69 29.32 -11.58
N HIS A 544 7.51 29.51 -10.99
CA HIS A 544 7.43 29.77 -9.56
C HIS A 544 6.35 28.90 -8.95
N VAL A 545 6.64 28.37 -7.78
CA VAL A 545 5.75 27.44 -7.12
C VAL A 545 5.41 27.99 -5.75
N ASP A 546 4.13 28.22 -5.50
CA ASP A 546 3.74 28.67 -4.19
C ASP A 546 3.44 27.50 -3.24
N ALA A 547 4.21 27.38 -2.17
CA ALA A 547 4.05 26.28 -1.23
C ALA A 547 2.66 26.23 -0.59
N ARG A 548 2.14 27.39 -0.22
CA ARG A 548 0.86 27.50 0.47
C ARG A 548 -0.29 26.96 -0.36
N ILE A 549 -0.56 27.59 -1.50
CA ILE A 549 -1.70 27.20 -2.32
C ILE A 549 -1.36 26.16 -3.42
N GLY A 550 -0.07 25.88 -3.61
CA GLY A 550 0.31 24.90 -4.60
C GLY A 550 0.21 25.36 -6.04
N LYS A 551 0.10 26.65 -6.30
CA LYS A 551 -0.03 27.14 -7.68
C LYS A 551 1.30 27.34 -8.43
N VAL A 552 1.42 26.70 -9.59
CA VAL A 552 2.61 26.86 -10.45
C VAL A 552 2.42 27.93 -11.53
N THR A 553 3.15 29.03 -11.42
CA THR A 553 3.09 30.11 -12.39
C THR A 553 4.28 30.09 -13.32
N ARG A 554 4.06 29.85 -14.61
CA ARG A 554 5.17 29.89 -15.57
C ARG A 554 5.43 31.33 -16.02
N SER A 555 6.60 31.59 -16.60
CA SER A 555 6.88 32.93 -17.07
C SER A 555 5.91 33.32 -18.20
N SER A 556 5.53 32.36 -19.02
CA SER A 556 4.63 32.56 -20.13
C SER A 556 3.28 33.03 -19.66
N ASP A 557 2.90 32.60 -18.48
CA ASP A 557 1.67 33.04 -17.88
C ASP A 557 1.60 34.53 -17.56
N VAL A 558 2.72 35.12 -17.17
CA VAL A 558 2.72 36.53 -16.84
C VAL A 558 3.22 37.49 -17.92
N ASP A 559 3.93 36.96 -18.90
CA ASP A 559 4.16 37.70 -20.12
C ASP A 559 4.12 36.80 -21.32
N PRO A 560 3.19 37.13 -22.32
CA PRO A 560 3.16 36.17 -23.42
C PRO A 560 4.49 36.16 -24.10
N LEU A 561 5.11 37.32 -24.18
CA LEU A 561 6.32 37.46 -24.95
C LEU A 561 7.47 36.61 -24.48
N PRO A 562 8.24 36.06 -25.50
CA PRO A 562 9.35 35.23 -25.03
C PRO A 562 10.50 36.03 -24.45
N ILE A 563 11.28 35.42 -23.60
CA ILE A 563 12.38 36.09 -22.98
C ILE A 563 13.51 36.15 -23.97
N ALA A 564 14.05 37.35 -24.12
CA ALA A 564 15.12 37.61 -25.06
C ALA A 564 16.49 37.21 -24.51
N THR A 565 17.27 36.49 -25.32
CA THR A 565 18.61 36.10 -24.93
C THR A 565 19.62 36.64 -25.92
N THR A 566 20.90 36.27 -25.76
CA THR A 566 21.93 36.64 -26.72
C THR A 566 21.67 35.96 -28.07
N PRO A 567 21.56 36.75 -29.15
CA PRO A 567 21.34 36.15 -30.47
C PRO A 567 22.58 35.41 -30.94
N ARG A 568 22.39 34.19 -31.41
CA ARG A 568 23.48 33.40 -31.98
C ARG A 568 23.11 32.73 -33.28
N LYS A 569 24.10 32.56 -34.14
CA LYS A 569 23.90 31.79 -35.35
C LYS A 569 23.44 30.41 -34.94
N PRO A 570 22.55 29.82 -35.74
CA PRO A 570 22.22 28.41 -35.56
C PRO A 570 23.48 27.54 -35.61
N LEU A 571 23.50 26.48 -34.79
CA LEU A 571 24.60 25.52 -34.75
C LEU A 571 24.45 24.44 -35.84
N GLU A 572 25.47 24.30 -36.68
CA GLU A 572 25.48 23.26 -37.69
C GLU A 572 25.94 21.96 -37.06
N VAL A 573 25.14 20.90 -37.19
CA VAL A 573 25.56 19.58 -36.72
C VAL A 573 25.66 18.59 -37.88
N ARG A 574 26.80 17.93 -37.99
CA ARG A 574 27.06 17.05 -39.13
C ARG A 574 27.54 15.67 -38.69
N LEU A 575 26.79 14.63 -39.06
CA LEU A 575 27.21 13.28 -38.75
C LEU A 575 28.21 12.79 -39.79
N VAL A 576 29.37 12.36 -39.32
CA VAL A 576 30.41 11.81 -40.18
C VAL A 576 30.65 10.37 -39.80
N ASP A 577 30.40 9.44 -40.71
CA ASP A 577 30.74 8.03 -40.47
C ASP A 577 32.24 7.88 -40.30
N VAL A 578 32.65 6.93 -39.47
CA VAL A 578 34.07 6.69 -39.20
C VAL A 578 34.31 5.19 -39.23
N PRO A 579 35.38 4.78 -39.94
CA PRO A 579 35.71 3.36 -40.07
C PRO A 579 36.10 2.75 -38.74
N VAL A 580 36.00 1.43 -38.67
CA VAL A 580 36.16 0.70 -37.42
C VAL A 580 37.24 -0.36 -37.54
N LYS A 581 38.32 -0.22 -36.76
CA LYS A 581 39.36 -1.24 -36.73
C LYS A 581 39.39 -1.89 -35.36
N GLU A 582 39.08 -3.19 -35.34
CA GLU A 582 39.09 -3.99 -34.12
C GLU A 582 38.16 -3.44 -33.04
N GLY A 583 36.98 -3.05 -33.46
CA GLY A 583 35.96 -2.57 -32.53
C GLY A 583 36.13 -1.14 -32.08
N ALA A 584 37.13 -0.45 -32.63
CA ALA A 584 37.39 0.95 -32.27
C ALA A 584 37.33 1.85 -33.48
N LEU A 585 37.41 3.15 -33.27
CA LEU A 585 37.35 4.10 -34.38
C LEU A 585 38.73 4.43 -34.91
N ASN A 586 38.83 4.48 -36.23
CA ASN A 586 40.04 4.95 -36.91
C ASN A 586 39.85 6.39 -37.35
N ARG A 587 40.05 7.32 -36.42
CA ARG A 587 39.75 8.73 -36.65
C ARG A 587 40.72 9.38 -37.62
N SER A 588 41.59 8.58 -38.23
CA SER A 588 42.74 9.10 -38.96
C SER A 588 42.34 9.97 -40.14
N THR A 589 41.62 9.37 -41.07
CA THR A 589 41.17 10.05 -42.28
C THR A 589 40.39 11.32 -41.95
N VAL A 590 39.46 11.19 -41.02
CA VAL A 590 38.56 12.28 -40.69
C VAL A 590 39.27 13.45 -40.02
N LEU A 591 40.17 13.15 -39.09
CA LEU A 591 40.89 14.20 -38.37
C LEU A 591 41.77 14.99 -39.32
N ALA A 592 42.38 14.27 -40.26
CA ALA A 592 43.22 14.88 -41.28
C ALA A 592 42.40 15.87 -42.11
N LYS A 593 41.25 15.41 -42.59
CA LYS A 593 40.39 16.24 -43.43
C LYS A 593 39.86 17.47 -42.69
N GLU A 594 39.23 17.27 -41.55
CA GLU A 594 38.57 18.36 -40.84
C GLU A 594 39.53 19.37 -40.18
N LEU A 595 40.76 18.94 -39.90
CA LEU A 595 41.72 19.84 -39.25
C LEU A 595 42.69 20.55 -40.23
N THR A 596 42.77 20.04 -41.46
CA THR A 596 43.63 20.64 -42.48
C THR A 596 43.46 22.16 -42.65
N PRO A 597 42.20 22.65 -42.74
CA PRO A 597 42.04 24.11 -42.78
C PRO A 597 42.66 24.84 -41.57
N LEU A 598 42.73 24.19 -40.41
CA LEU A 598 43.33 24.84 -39.23
C LEU A 598 44.84 25.00 -39.39
N VAL A 599 45.49 24.02 -40.01
CA VAL A 599 46.93 24.06 -40.20
C VAL A 599 47.32 25.18 -41.16
N LYS A 600 46.41 25.54 -42.06
CA LYS A 600 46.66 26.58 -43.05
C LYS A 600 46.39 27.97 -42.47
N GLN A 601 45.18 28.18 -41.97
CA GLN A 601 44.74 29.52 -41.60
C GLN A 601 44.68 29.79 -40.08
N GLY A 602 44.95 28.78 -39.27
CA GLY A 602 44.88 28.95 -37.82
C GLY A 602 43.51 28.60 -37.26
N GLY A 603 43.24 29.02 -36.02
CA GLY A 603 41.96 28.76 -35.37
C GLY A 603 42.03 27.75 -34.24
N CYS A 604 41.01 27.75 -33.39
CA CYS A 604 40.95 26.84 -32.25
C CYS A 604 39.98 25.70 -32.50
N ALA A 605 40.38 24.48 -32.16
CA ALA A 605 39.52 23.31 -32.34
C ALA A 605 39.66 22.29 -31.20
N ALA A 606 38.56 21.59 -30.90
CA ALA A 606 38.53 20.64 -29.80
C ALA A 606 38.03 19.29 -30.27
N ILE A 607 38.71 18.23 -29.87
CA ILE A 607 38.30 16.87 -30.20
C ILE A 607 37.90 16.17 -28.91
N ILE A 608 36.62 15.82 -28.77
CA ILE A 608 36.17 15.19 -27.54
C ILE A 608 35.98 13.70 -27.74
N CYS A 609 36.59 12.91 -26.86
CA CYS A 609 36.51 11.46 -26.98
C CYS A 609 35.82 10.82 -25.78
N THR A 610 35.24 9.64 -26.00
CA THR A 610 34.40 8.98 -25.01
C THR A 610 35.18 8.36 -23.84
N THR A 611 36.42 7.95 -24.06
CA THR A 611 37.24 7.37 -22.99
C THR A 611 38.63 8.00 -22.90
N VAL A 612 39.37 7.68 -21.85
CA VAL A 612 40.73 8.20 -21.71
C VAL A 612 41.70 7.63 -22.76
N ALA A 613 41.72 6.32 -22.93
CA ALA A 613 42.62 5.74 -23.93
C ALA A 613 42.36 6.32 -25.31
N GLU A 614 41.09 6.59 -25.62
CA GLU A 614 40.79 7.15 -26.92
C GLU A 614 41.37 8.54 -27.08
N ALA A 615 41.33 9.33 -26.03
CA ALA A 615 41.90 10.67 -26.08
C ALA A 615 43.43 10.57 -26.11
N GLN A 616 43.96 9.60 -25.37
CA GLN A 616 45.38 9.39 -25.32
C GLN A 616 45.88 9.04 -26.72
N GLY A 617 45.14 8.21 -27.43
CA GLY A 617 45.52 7.83 -28.79
C GLY A 617 45.47 8.98 -29.78
N VAL A 618 44.37 9.71 -29.77
CA VAL A 618 44.16 10.83 -30.67
C VAL A 618 45.26 11.89 -30.53
N TYR A 619 45.70 12.14 -29.31
CA TYR A 619 46.83 13.05 -29.05
C TYR A 619 48.15 12.53 -29.66
N ASP A 620 48.40 11.23 -29.55
CA ASP A 620 49.54 10.61 -30.22
C ASP A 620 49.47 10.76 -31.74
N LEU A 621 48.27 10.69 -32.30
CA LEU A 621 48.07 10.73 -33.74
C LEU A 621 48.39 12.11 -34.30
N LEU A 622 47.87 13.13 -33.64
CA LEU A 622 48.12 14.51 -34.02
C LEU A 622 49.52 14.94 -33.58
N SER A 623 50.10 14.20 -32.64
CA SER A 623 51.45 14.50 -32.19
C SER A 623 52.38 14.23 -33.35
N GLN A 624 52.27 13.02 -33.90
CA GLN A 624 53.11 12.58 -35.01
C GLN A 624 52.87 13.41 -36.27
N TRP A 625 51.62 13.66 -36.59
CA TRP A 625 51.29 14.48 -37.74
C TRP A 625 51.93 15.87 -37.64
N PHE A 626 51.72 16.54 -36.51
CA PHE A 626 52.24 17.90 -36.31
C PHE A 626 53.76 17.96 -36.24
N ALA A 627 54.40 16.80 -36.15
CA ALA A 627 55.85 16.75 -36.10
C ALA A 627 56.42 17.21 -37.44
N THR A 628 55.58 17.14 -38.47
CA THR A 628 55.99 17.50 -39.83
C THR A 628 55.97 19.03 -40.11
N LEU A 629 56.11 19.86 -39.07
CA LEU A 629 56.27 21.32 -39.21
C LEU A 629 56.76 21.96 -37.91
N ALA A 633 52.99 25.33 -34.52
CA ALA A 633 52.33 25.25 -35.82
C ALA A 633 51.82 23.84 -36.11
N PRO A 634 50.66 23.47 -35.52
CA PRO A 634 49.90 24.19 -34.49
C PRO A 634 50.01 23.57 -33.09
N ASP A 635 49.58 24.32 -32.08
CA ASP A 635 49.68 23.88 -30.69
C ASP A 635 48.76 22.69 -30.39
N LEU A 636 49.25 21.76 -29.57
CA LEU A 636 48.45 20.61 -29.14
C LEU A 636 48.28 20.59 -27.62
N TYR A 637 47.08 20.26 -27.16
CA TYR A 637 46.83 20.12 -25.73
C TYR A 637 46.02 18.86 -25.42
N LEU A 638 46.19 18.29 -24.22
CA LEU A 638 45.43 17.11 -23.80
C LEU A 638 44.92 17.18 -22.36
N LEU A 639 43.61 17.05 -22.17
CA LEU A 639 43.04 17.08 -20.82
C LEU A 639 42.03 15.96 -20.51
N HIS A 640 42.34 15.17 -19.51
CA HIS A 640 41.40 14.19 -18.99
C HIS A 640 41.55 14.11 -17.47
N SER A 641 40.89 13.16 -16.81
CA SER A 641 40.93 13.15 -15.34
C SER A 641 42.20 12.51 -14.78
N ARG A 642 42.95 11.79 -15.62
CA ARG A 642 44.06 11.00 -15.12
C ARG A 642 45.39 11.74 -15.13
N PHE A 643 45.39 12.98 -14.67
CA PHE A 643 46.62 13.74 -14.45
C PHE A 643 46.78 14.02 -12.94
N PRO A 644 48.03 14.18 -12.47
CA PRO A 644 48.26 14.68 -11.10
C PRO A 644 47.52 16.00 -10.88
N ASN A 645 47.02 16.23 -9.66
CA ASN A 645 46.24 17.44 -9.38
C ASN A 645 46.87 18.74 -9.82
N ARG A 646 48.15 18.96 -9.46
CA ARG A 646 48.85 20.17 -9.87
C ARG A 646 48.95 20.31 -11.40
N GLN A 647 49.22 19.21 -12.09
CA GLN A 647 49.39 19.29 -13.53
C GLN A 647 48.07 19.52 -14.27
N ARG A 648 46.96 19.08 -13.67
CA ARG A 648 45.67 19.27 -14.31
C ARG A 648 45.22 20.72 -14.11
N THR A 649 45.45 21.24 -12.90
CA THR A 649 45.18 22.65 -12.66
C THR A 649 46.03 23.49 -13.61
N GLU A 650 47.26 23.04 -13.88
CA GLU A 650 48.11 23.73 -14.84
C GLU A 650 47.53 23.71 -16.24
N ILE A 651 47.22 22.51 -16.73
CA ILE A 651 46.71 22.34 -18.10
C ILE A 651 45.38 23.08 -18.34
N THR A 652 44.49 23.01 -17.35
CA THR A 652 43.23 23.74 -17.36
C THR A 652 43.44 25.25 -17.45
N ALA A 653 44.37 25.75 -16.66
CA ALA A 653 44.64 27.18 -16.60
C ALA A 653 45.16 27.75 -17.93
N THR A 654 46.17 27.11 -18.53
CA THR A 654 46.67 27.60 -19.81
C THR A 654 45.65 27.39 -20.91
N ILE A 655 44.69 26.50 -20.65
CA ILE A 655 43.66 26.21 -21.65
C ILE A 655 42.51 27.22 -21.62
N VAL A 656 41.95 27.50 -20.45
CA VAL A 656 40.91 28.55 -20.38
C VAL A 656 41.55 29.90 -20.67
N ASP A 657 42.87 29.99 -20.44
CA ASP A 657 43.61 31.18 -20.79
C ASP A 657 43.60 31.45 -22.29
N LEU A 658 44.11 30.50 -23.08
CA LEU A 658 44.17 30.68 -24.52
C LEU A 658 42.81 30.75 -25.22
N PHE A 659 41.89 29.88 -24.83
CA PHE A 659 40.64 29.72 -25.57
C PHE A 659 39.50 30.50 -24.96
N GLY A 660 39.73 31.05 -23.77
CA GLY A 660 38.65 31.63 -23.00
C GLY A 660 38.39 33.10 -23.26
N LYS A 661 37.55 33.67 -22.41
CA LYS A 661 37.13 35.05 -22.57
C LYS A 661 38.31 35.99 -22.31
N GLU A 662 38.92 35.87 -21.12
CA GLU A 662 40.06 36.72 -20.75
C GLU A 662 41.26 36.63 -21.70
N GLY A 663 41.39 35.53 -22.43
CA GLY A 663 42.47 35.41 -23.39
C GLY A 663 42.13 36.10 -24.68
N ALA A 664 40.85 36.07 -25.05
CA ALA A 664 40.40 36.76 -26.25
C ALA A 664 40.43 38.27 -26.03
N GLN A 665 40.12 38.68 -24.79
CA GLN A 665 40.13 40.10 -24.42
C GLN A 665 41.54 40.67 -24.21
N SER A 666 42.50 39.80 -23.95
CA SER A 666 43.90 40.21 -23.75
C SER A 666 44.73 40.06 -25.00
N GLY A 667 44.10 39.70 -26.10
CA GLY A 667 44.81 39.44 -27.34
C GLY A 667 45.73 38.24 -27.28
N ARG A 668 45.50 37.36 -26.31
CA ARG A 668 46.33 36.17 -26.15
C ARG A 668 45.86 34.98 -26.99
N ARG A 669 44.70 35.10 -27.63
CA ARG A 669 44.15 33.97 -28.38
C ARG A 669 45.02 33.64 -29.59
N PRO A 670 45.59 32.42 -29.63
CA PRO A 670 46.50 31.97 -30.68
C PRO A 670 45.97 32.10 -32.11
N THR A 671 46.87 32.10 -33.10
CA THR A 671 46.53 32.17 -34.51
C THR A 671 47.01 30.94 -35.26
N ALA A 674 46.10 25.80 -32.81
CA ALA A 674 45.78 25.33 -31.46
C ALA A 674 44.63 24.29 -31.42
N VAL A 675 44.98 23.07 -30.99
CA VAL A 675 44.03 21.94 -30.93
C VAL A 675 43.93 21.31 -29.54
N LEU A 676 42.72 21.28 -28.98
CA LEU A 676 42.48 20.65 -27.68
C LEU A 676 41.97 19.22 -27.82
N VAL A 677 42.63 18.26 -27.19
CA VAL A 677 42.07 16.92 -27.09
C VAL A 677 41.61 16.68 -25.65
N ALA A 678 40.39 16.20 -25.49
CA ALA A 678 39.82 16.04 -24.16
C ALA A 678 38.78 14.94 -24.01
N THR A 679 38.49 14.63 -22.76
CA THR A 679 37.40 13.75 -22.43
C THR A 679 36.24 14.62 -21.99
N GLN A 680 35.25 14.04 -21.32
CA GLN A 680 34.07 14.77 -20.88
C GLN A 680 34.36 15.78 -19.77
N VAL A 681 35.64 16.03 -19.51
CA VAL A 681 36.05 17.11 -18.63
C VAL A 681 35.55 18.45 -19.18
N VAL A 682 35.44 18.51 -20.50
CA VAL A 682 34.95 19.69 -21.23
C VAL A 682 33.53 20.05 -20.84
N GLU A 683 32.81 19.07 -20.33
CA GLU A 683 31.45 19.21 -19.90
C GLU A 683 31.19 20.08 -18.69
N GLN A 684 32.14 20.15 -17.77
CA GLN A 684 31.97 21.01 -16.61
C GLN A 684 32.97 22.14 -16.54
N SER A 685 32.48 23.34 -16.28
CA SER A 685 33.34 24.41 -15.84
C SER A 685 34.57 24.69 -16.70
N LEU A 686 34.39 24.90 -17.99
CA LEU A 686 35.47 25.44 -18.78
C LEU A 686 35.01 26.60 -19.60
N ASP A 687 35.60 27.77 -19.38
CA ASP A 687 35.50 28.89 -20.30
C ASP A 687 36.32 28.56 -21.55
N LEU A 688 35.68 28.00 -22.57
CA LEU A 688 36.32 27.82 -23.86
C LEU A 688 35.47 28.34 -24.99
N ASP A 689 36.13 28.86 -26.02
CA ASP A 689 35.47 29.23 -27.25
C ASP A 689 36.28 28.61 -28.35
N VAL A 690 35.70 27.64 -29.03
CA VAL A 690 36.38 26.95 -30.12
C VAL A 690 35.68 27.24 -31.44
N ASP A 691 36.41 27.15 -32.53
CA ASP A 691 35.87 27.53 -33.83
C ASP A 691 35.23 26.32 -34.47
N LEU A 692 35.79 25.15 -34.16
CA LEU A 692 35.25 23.85 -34.56
C LEU A 692 35.28 22.87 -33.38
N MET A 693 34.25 22.03 -33.25
CA MET A 693 34.28 20.93 -32.28
C MET A 693 34.02 19.57 -32.91
N ILE A 694 34.86 18.61 -32.55
CA ILE A 694 34.69 17.24 -33.01
C ILE A 694 34.41 16.36 -31.80
N SER A 695 33.22 15.76 -31.74
CA SER A 695 32.83 14.92 -30.60
C SER A 695 32.41 13.53 -31.03
N ASP A 696 32.71 12.53 -30.21
CA ASP A 696 32.08 11.22 -30.40
C ASP A 696 30.59 11.38 -30.16
N LEU A 697 29.81 10.42 -30.63
CA LEU A 697 28.39 10.43 -30.33
C LEU A 697 28.20 10.34 -28.80
N ALA A 698 27.16 10.99 -28.29
CA ALA A 698 26.77 10.95 -26.90
C ALA A 698 25.26 11.31 -26.81
N PRO A 699 24.63 11.09 -25.65
CA PRO A 699 23.23 11.53 -25.50
C PRO A 699 23.07 12.99 -25.91
N VAL A 700 22.03 13.38 -26.66
CA VAL A 700 22.01 14.77 -27.16
C VAL A 700 22.21 15.81 -26.06
N SER A 701 21.74 15.49 -24.86
CA SER A 701 21.83 16.43 -23.77
C SER A 701 23.28 16.85 -23.59
N LEU A 702 24.17 15.87 -23.55
CA LEU A 702 25.60 16.10 -23.38
C LEU A 702 26.26 16.65 -24.65
N LEU A 703 25.79 16.21 -25.81
CA LEU A 703 26.29 16.68 -27.09
C LEU A 703 25.99 18.17 -27.29
N LEU A 704 24.85 18.63 -26.74
CA LEU A 704 24.46 20.05 -26.83
C LEU A 704 25.24 20.87 -25.81
N GLN A 705 25.54 20.24 -24.68
CA GLN A 705 26.31 20.87 -23.62
C GLN A 705 27.72 21.08 -24.11
N ARG A 706 28.31 20.01 -24.66
CA ARG A 706 29.61 20.08 -25.34
C ARG A 706 29.64 21.26 -26.31
N ALA A 707 28.69 21.28 -27.24
CA ALA A 707 28.64 22.30 -28.29
C ALA A 707 28.40 23.72 -27.78
N GLY A 708 28.24 23.88 -26.48
CA GLY A 708 28.13 25.20 -25.88
C GLY A 708 29.47 25.93 -25.95
N ARG A 709 30.52 25.18 -26.27
CA ARG A 709 31.83 25.74 -26.42
C ARG A 709 32.01 26.37 -27.81
N CYS A 710 31.23 25.90 -28.79
CA CYS A 710 31.31 26.46 -30.15
C CYS A 710 30.86 27.93 -30.20
N TRP A 711 31.84 28.81 -30.45
CA TRP A 711 31.59 30.24 -30.57
C TRP A 711 30.90 30.80 -29.33
N ARG A 712 31.35 30.37 -28.15
CA ARG A 712 30.72 30.78 -26.88
C ARG A 712 30.65 32.29 -26.74
N HIS A 713 31.71 32.95 -27.20
CA HIS A 713 31.82 34.40 -27.05
C HIS A 713 31.84 35.11 -28.40
N GLU A 714 30.79 34.93 -29.20
CA GLU A 714 30.75 35.57 -30.50
C GLU A 714 30.15 36.96 -30.44
N HIS A 715 29.22 37.16 -29.53
CA HIS A 715 28.56 38.44 -29.44
C HIS A 715 29.61 39.47 -29.18
N LEU A 716 30.60 39.14 -28.38
CA LEU A 716 31.65 40.09 -28.12
C LEU A 716 32.48 40.07 -29.36
N GLY A 717 32.39 41.13 -30.12
CA GLY A 717 33.09 41.16 -31.37
C GLY A 717 34.48 41.60 -31.06
N ILE A 718 35.20 40.78 -30.29
CA ILE A 718 36.63 40.95 -30.14
C ILE A 718 37.34 39.75 -30.72
N ILE A 719 36.62 38.94 -31.46
CA ILE A 719 37.11 37.63 -31.80
C ILE A 719 37.20 37.35 -33.30
N ASN A 720 38.35 36.84 -33.71
CA ASN A 720 38.68 36.68 -35.10
C ASN A 720 38.48 35.27 -35.48
N ARG A 721 37.69 35.04 -36.51
CA ARG A 721 37.42 33.69 -36.92
C ARG A 721 37.96 33.51 -38.31
N PRO A 722 38.80 32.40 -38.45
CA PRO A 722 39.46 32.34 -39.75
C PRO A 722 38.47 32.07 -40.83
N GLN A 723 38.87 32.22 -42.08
CA GLN A 723 37.94 32.17 -43.17
C GLN A 723 37.22 30.85 -43.23
N TRP A 724 37.91 29.76 -42.99
CA TRP A 724 37.28 28.44 -43.10
C TRP A 724 36.18 28.22 -42.06
N ALA A 725 36.20 29.02 -41.00
CA ALA A 725 35.18 28.98 -39.96
C ALA A 725 33.94 29.76 -40.38
N LYS A 726 33.21 29.23 -41.34
CA LYS A 726 32.00 29.88 -41.88
C LYS A 726 30.91 29.96 -40.82
N GLN A 727 30.63 28.82 -40.19
CA GLN A 727 29.56 28.71 -39.22
C GLN A 727 30.05 28.10 -37.91
N PRO A 728 29.32 28.34 -36.80
CA PRO A 728 29.54 27.50 -35.62
C PRO A 728 29.10 26.06 -35.94
N GLU A 729 30.01 25.11 -35.80
CA GLU A 729 29.75 23.76 -36.31
C GLU A 729 30.23 22.65 -35.36
N LEU A 730 29.39 21.64 -35.20
CA LEU A 730 29.72 20.45 -34.41
C LEU A 730 29.81 19.23 -35.32
N VAL A 731 30.97 18.60 -35.35
CA VAL A 731 31.12 17.34 -36.07
C VAL A 731 30.95 16.15 -35.13
N VAL A 732 29.85 15.43 -35.29
CA VAL A 732 29.59 14.25 -34.47
C VAL A 732 30.10 13.00 -35.16
N LEU A 733 31.04 12.31 -34.52
CA LEU A 733 31.62 11.09 -35.07
C LEU A 733 30.74 9.88 -34.77
N THR A 734 30.73 8.91 -35.67
CA THR A 734 29.90 7.75 -35.51
C THR A 734 30.40 6.58 -36.37
N PRO A 735 30.31 5.34 -35.86
CA PRO A 735 30.85 4.20 -36.61
C PRO A 735 30.02 3.93 -37.85
N GLU A 736 30.69 3.54 -38.93
CA GLU A 736 29.98 3.13 -40.13
C GLU A 736 29.44 1.73 -39.89
N GLN A 737 28.18 1.52 -40.24
CA GLN A 737 27.45 0.30 -39.86
C GLN A 737 27.55 -0.82 -40.90
N ASN A 738 27.42 -2.06 -40.44
CA ASN A 738 27.44 -3.20 -41.36
C ASN A 738 26.39 -4.25 -41.03
N ARG A 743 19.83 -4.02 -37.99
CA ARG A 743 19.41 -2.73 -38.53
C ARG A 743 19.42 -1.59 -37.50
N ALA A 744 19.55 -1.92 -36.22
CA ALA A 744 19.72 -0.91 -35.16
C ALA A 744 21.20 -0.67 -34.88
N PRO A 745 21.64 0.61 -34.93
CA PRO A 745 23.04 1.01 -35.00
C PRO A 745 23.90 0.34 -33.94
N TRP A 746 25.14 0.04 -34.32
CA TRP A 746 26.10 -0.60 -33.45
C TRP A 746 27.10 0.45 -32.99
N PHE A 747 27.59 0.31 -31.77
CA PHE A 747 28.60 1.23 -31.27
C PHE A 747 29.67 0.47 -30.53
N PRO A 748 30.90 1.00 -30.54
CA PRO A 748 32.06 0.42 -29.84
C PRO A 748 31.70 0.02 -28.42
N ARG A 749 32.25 -1.07 -27.91
CA ARG A 749 31.98 -1.48 -26.54
C ARG A 749 32.45 -0.44 -25.51
N SER A 750 33.55 0.26 -25.79
CA SER A 750 34.06 1.26 -24.86
C SER A 750 33.05 2.39 -24.65
N TRP A 751 32.34 2.75 -25.72
CA TRP A 751 31.28 3.74 -25.62
C TRP A 751 30.12 3.21 -24.78
N THR A 752 29.67 1.98 -25.06
CA THR A 752 28.51 1.41 -24.35
C THR A 752 28.80 1.07 -22.90
N SER A 753 30.05 1.17 -22.49
CA SER A 753 30.40 1.05 -21.08
C SER A 753 30.16 2.36 -20.33
N VAL A 754 30.14 3.48 -21.03
CA VAL A 754 29.91 4.75 -20.34
C VAL A 754 28.50 5.28 -20.51
N TYR A 755 27.92 5.08 -21.70
CA TYR A 755 26.55 5.48 -21.98
C TYR A 755 25.73 4.26 -22.41
N PRO A 756 24.44 4.22 -22.01
CA PRO A 756 23.51 3.14 -22.41
C PRO A 756 23.35 3.07 -23.93
N LEU A 757 23.62 1.92 -24.52
CA LEU A 757 23.46 1.72 -25.96
C LEU A 757 22.18 2.33 -26.51
N ALA A 758 21.04 2.01 -25.92
CA ALA A 758 19.77 2.56 -26.39
C ALA A 758 19.85 4.08 -26.50
N LEU A 759 20.33 4.75 -25.46
CA LEU A 759 20.52 6.22 -25.52
C LEU A 759 21.37 6.68 -26.70
N LEU A 760 22.50 6.04 -26.94
CA LEU A 760 23.30 6.31 -28.16
C LEU A 760 22.49 6.11 -29.45
N GLN A 761 21.90 4.92 -29.59
CA GLN A 761 20.98 4.59 -30.68
C GLN A 761 19.87 5.62 -30.88
N ARG A 762 19.29 6.08 -29.79
CA ARG A 762 18.20 7.03 -29.84
C ARG A 762 18.67 8.38 -30.36
N THR A 763 19.87 8.76 -29.98
CA THR A 763 20.41 10.04 -30.36
C THR A 763 20.80 10.03 -31.83
N TYR A 764 21.49 8.96 -32.23
CA TYR A 764 21.87 8.76 -33.62
C TYR A 764 20.67 8.87 -34.57
N THR A 765 19.64 8.11 -34.25
CA THR A 765 18.42 8.13 -35.00
C THR A 765 17.82 9.54 -35.02
N LEU A 766 17.71 10.15 -33.85
CA LEU A 766 17.18 11.52 -33.74
C LEU A 766 17.85 12.49 -34.71
N LEU A 767 19.17 12.43 -34.78
CA LEU A 767 19.98 13.40 -35.52
C LEU A 767 19.97 13.14 -37.03
N ARG A 768 20.04 11.87 -37.40
CA ARG A 768 19.88 11.41 -38.78
C ARG A 768 18.57 11.96 -39.34
N ARG A 769 17.48 11.72 -38.61
CA ARG A 769 16.15 12.20 -38.98
C ARG A 769 16.14 13.68 -39.38
N ARG A 770 17.08 14.46 -38.84
CA ARG A 770 17.15 15.89 -39.10
C ARG A 770 17.77 16.28 -40.44
N ASN A 771 18.31 15.30 -41.16
CA ASN A 771 18.86 15.52 -42.50
C ASN A 771 19.76 16.75 -42.68
N GLY A 772 20.71 16.92 -41.78
CA GLY A 772 21.70 17.98 -41.91
C GLY A 772 21.24 19.33 -41.37
N ALA A 773 19.94 19.48 -41.17
CA ALA A 773 19.41 20.72 -40.61
C ALA A 773 20.11 21.09 -39.31
N PRO A 774 20.56 22.35 -39.24
CA PRO A 774 21.25 22.97 -38.09
C PRO A 774 20.29 23.19 -36.95
N VAL A 775 20.82 23.39 -35.74
CA VAL A 775 19.98 23.52 -34.57
C VAL A 775 19.82 24.96 -34.17
N GLN A 776 18.60 25.47 -34.21
CA GLN A 776 18.35 26.83 -33.73
C GLN A 776 18.56 26.91 -32.23
N ILE A 777 19.44 27.80 -31.79
CA ILE A 777 19.65 27.96 -30.36
C ILE A 777 19.12 29.30 -29.84
N PRO A 778 18.26 29.24 -28.82
CA PRO A 778 17.87 28.06 -28.05
C PRO A 778 16.56 27.45 -28.52
N GLU A 779 16.16 27.76 -29.74
CA GLU A 779 14.81 27.46 -30.22
C GLU A 779 14.45 25.97 -30.30
N ASP A 780 15.33 25.16 -30.88
CA ASP A 780 15.11 23.72 -31.00
C ASP A 780 15.73 22.89 -29.87
N VAL A 781 16.27 23.53 -28.84
CA VAL A 781 17.07 22.79 -27.87
C VAL A 781 16.26 21.87 -26.98
N GLN A 782 15.27 22.45 -26.32
CA GLN A 782 14.41 21.72 -25.39
C GLN A 782 13.72 20.56 -26.06
N GLN A 783 13.30 20.78 -27.31
CA GLN A 783 12.63 19.74 -28.09
C GLN A 783 13.49 18.49 -28.15
N LEU A 784 14.77 18.68 -28.44
CA LEU A 784 15.71 17.58 -28.66
C LEU A 784 15.97 16.83 -27.37
N VAL A 785 16.21 17.59 -26.30
CA VAL A 785 16.31 17.07 -24.95
C VAL A 785 15.11 16.20 -24.55
N ASP A 786 13.90 16.74 -24.73
CA ASP A 786 12.66 16.03 -24.43
C ASP A 786 12.43 14.76 -25.28
N ASP A 787 12.54 14.90 -26.60
CA ASP A 787 12.14 13.82 -27.52
C ASP A 787 13.07 12.62 -27.52
N VAL A 788 14.35 12.81 -27.17
CA VAL A 788 15.30 11.70 -27.21
C VAL A 788 14.90 10.62 -26.20
N TYR A 789 14.17 11.04 -25.17
CA TYR A 789 13.55 10.10 -24.24
C TYR A 789 12.07 9.81 -24.56
N ASP A 790 11.29 10.82 -24.95
CA ASP A 790 9.83 10.67 -25.12
C ASP A 790 9.40 9.91 -26.39
N ASP A 791 10.20 10.00 -27.44
CA ASP A 791 9.85 9.43 -28.72
C ASP A 791 10.33 7.98 -28.84
N ASP A 792 9.39 7.03 -28.76
CA ASP A 792 9.71 5.60 -28.78
C ASP A 792 10.12 5.04 -30.14
N SER A 793 9.84 5.77 -31.21
CA SER A 793 10.26 5.30 -32.52
C SER A 793 11.75 5.50 -32.75
N LEU A 794 12.44 6.14 -31.81
CA LEU A 794 13.88 6.38 -31.96
C LEU A 794 14.67 5.18 -31.46
N ALA A 795 13.99 4.24 -30.82
CA ALA A 795 14.65 3.05 -30.28
C ALA A 795 14.22 1.79 -31.00
N GLU A 796 15.00 1.37 -32.00
CA GLU A 796 14.65 0.18 -32.79
C GLU A 796 15.10 -1.13 -32.15
N ASP A 797 16.06 -1.05 -31.23
CA ASP A 797 16.56 -2.22 -30.51
C ASP A 797 15.83 -2.35 -29.16
N LEU A 798 14.75 -3.12 -29.13
CA LEU A 798 13.90 -3.19 -27.94
C LEU A 798 14.60 -3.75 -26.70
N GLU A 799 15.51 -4.69 -26.89
CA GLU A 799 16.25 -5.32 -25.79
C GLU A 799 17.15 -4.32 -25.04
N ALA A 800 17.87 -3.51 -25.81
CA ALA A 800 18.74 -2.46 -25.28
C ALA A 800 17.97 -1.36 -24.56
N ASP A 801 16.83 -0.99 -25.11
CA ASP A 801 15.99 0.02 -24.48
C ASP A 801 15.44 -0.48 -23.17
N MET A 802 15.13 -1.77 -23.14
CA MET A 802 14.70 -2.41 -21.92
C MET A 802 15.82 -2.47 -20.89
N GLU A 803 17.05 -2.69 -21.34
CA GLU A 803 18.15 -2.77 -20.39
C GLU A 803 18.43 -1.40 -19.85
N ARG A 804 18.25 -0.37 -20.68
CA ARG A 804 18.42 0.98 -20.20
C ARG A 804 17.41 1.34 -19.09
N MET A 805 16.14 1.03 -19.26
CA MET A 805 15.17 1.40 -18.24
C MET A 805 15.34 0.62 -16.95
N GLY A 806 15.79 -0.62 -17.06
CA GLY A 806 16.04 -1.44 -15.89
C GLY A 806 17.24 -0.93 -15.12
N GLU A 807 18.24 -0.45 -15.84
CA GLU A 807 19.42 0.15 -15.21
C GLU A 807 19.05 1.38 -14.41
N GLU A 808 18.14 2.18 -14.95
CA GLU A 808 17.69 3.39 -14.28
C GLU A 808 16.87 3.02 -13.04
N LEU A 809 16.11 1.93 -13.16
CA LEU A 809 15.35 1.39 -12.05
C LEU A 809 16.27 0.93 -10.94
N ALA A 810 17.44 0.45 -11.33
CA ALA A 810 18.40 -0.01 -10.34
C ALA A 810 18.88 1.21 -9.58
N GLN A 811 19.18 2.27 -10.32
CA GLN A 811 19.68 3.51 -9.73
C GLN A 811 18.67 4.18 -8.80
N ARG A 812 17.44 4.36 -9.24
CA ARG A 812 16.43 4.97 -8.38
C ARG A 812 16.18 4.15 -7.11
N GLY A 813 16.09 2.83 -7.26
CA GLY A 813 15.84 1.95 -6.13
C GLY A 813 16.97 1.90 -5.12
N LEU A 814 18.21 1.94 -5.57
CA LEU A 814 19.31 1.93 -4.61
C LEU A 814 19.29 3.22 -3.79
N ALA A 815 19.04 4.35 -4.45
CA ALA A 815 18.81 5.61 -3.79
C ALA A 815 17.64 5.56 -2.79
N ARG A 816 16.51 5.00 -3.22
CA ARG A 816 15.35 4.92 -2.33
C ARG A 816 15.65 4.17 -1.02
N ASN A 817 16.60 3.22 -1.05
CA ASN A 817 17.02 2.52 0.15
C ASN A 817 17.90 3.39 1.04
N ALA A 818 18.70 4.23 0.39
CA ALA A 818 19.68 5.05 1.08
C ALA A 818 19.08 6.21 1.90
N VAL A 819 18.08 6.91 1.36
CA VAL A 819 17.57 8.12 1.99
C VAL A 819 16.73 7.89 3.22
N ILE A 820 16.51 8.95 3.98
CA ILE A 820 15.67 8.94 5.17
C ILE A 820 14.21 8.81 4.71
N PRO A 821 13.28 8.55 5.64
CA PRO A 821 11.83 8.49 5.31
C PRO A 821 11.23 9.80 4.79
N ASP A 822 10.19 9.72 3.95
CA ASP A 822 9.37 10.89 3.62
C ASP A 822 8.89 11.56 4.92
N PRO A 823 8.78 12.89 4.93
CA PRO A 823 8.40 13.59 6.16
C PRO A 823 7.13 13.06 6.77
N ASP A 824 6.17 12.63 5.95
CA ASP A 824 4.92 12.12 6.50
C ASP A 824 5.09 10.78 7.21
N ASP A 825 6.04 9.95 6.77
CA ASP A 825 6.37 8.70 7.47
C ASP A 825 7.14 8.90 8.78
N ALA A 826 7.71 10.09 8.95
CA ALA A 826 8.49 10.37 10.16
C ALA A 826 7.73 11.22 11.15
N GLU A 827 6.42 11.32 10.96
CA GLU A 827 5.57 12.19 11.77
C GLU A 827 5.65 12.01 13.28
N ASP A 828 5.62 10.77 13.75
CA ASP A 828 5.59 10.49 15.17
C ASP A 828 6.78 9.64 15.60
N ASN A 829 7.79 9.57 14.76
CA ASN A 829 8.85 8.62 14.97
C ASN A 829 10.12 8.98 14.21
N LEU A 830 11.20 9.25 14.93
CA LEU A 830 12.42 9.75 14.32
C LEU A 830 13.39 8.65 14.01
N ASN A 831 13.03 7.41 14.33
CA ASN A 831 14.01 6.34 14.35
C ASN A 831 14.59 5.93 12.99
N GLY A 832 13.82 6.06 11.92
CA GLY A 832 14.25 5.70 10.57
C GLY A 832 15.14 6.76 9.95
N LEU A 833 15.34 7.86 10.67
CA LEU A 833 16.25 8.88 10.19
C LEU A 833 17.68 8.37 10.25
N THR A 834 17.98 7.60 11.29
CA THR A 834 19.34 7.13 11.47
C THR A 834 19.42 5.61 11.55
N GLU A 835 18.43 4.92 10.98
CA GLU A 835 18.44 3.46 11.03
C GLU A 835 19.05 2.80 9.80
N PHE A 836 20.05 1.96 10.02
CA PHE A 836 20.56 1.08 8.98
C PHE A 836 21.24 -0.13 9.63
N SER A 837 21.26 -1.27 8.94
CA SER A 837 21.87 -2.49 9.48
C SER A 837 22.81 -3.20 8.50
N PHE A 838 23.23 -4.42 8.88
CA PHE A 838 24.22 -5.26 8.18
C PHE A 838 25.66 -4.84 8.45
N HIS A 843 30.12 0.50 6.44
CA HIS A 843 29.82 1.07 5.12
C HIS A 843 29.02 2.38 5.18
N VAL A 844 29.62 3.46 4.67
CA VAL A 844 28.97 4.77 4.58
C VAL A 844 28.15 4.91 3.29
N LEU A 845 26.91 5.42 3.40
CA LEU A 845 26.02 5.57 2.23
C LEU A 845 26.48 6.69 1.29
N ALA A 846 26.40 6.47 -0.02
CA ALA A 846 26.98 7.40 -1.02
C ALA A 846 26.02 8.52 -1.49
N THR A 847 26.56 9.68 -1.85
CA THR A 847 25.78 10.72 -2.51
C THR A 847 25.81 10.52 -4.02
N ARG A 848 26.78 9.76 -4.51
CA ARG A 848 26.80 9.38 -5.94
C ARG A 848 26.85 7.87 -6.23
N PHE A 849 26.06 7.46 -7.22
CA PHE A 849 26.00 6.08 -7.73
C PHE A 849 27.29 5.63 -8.37
N GLY A 850 27.57 4.34 -8.25
CA GLY A 850 28.69 3.75 -8.97
C GLY A 850 29.87 3.46 -8.07
N ALA A 851 30.95 3.00 -8.66
CA ALA A 851 32.02 2.42 -7.86
C ALA A 851 32.93 3.46 -7.23
N GLY A 852 32.97 4.65 -7.81
CA GLY A 852 33.75 5.71 -7.21
C GLY A 852 35.21 5.74 -7.61
N SER A 853 36.01 6.55 -6.93
CA SER A 853 37.40 6.69 -7.28
C SER A 853 38.25 6.67 -6.04
N VAL A 854 39.52 6.34 -6.23
CA VAL A 854 40.49 6.46 -5.16
C VAL A 854 41.66 7.25 -5.70
N ARG A 855 42.31 8.00 -4.83
CA ARG A 855 43.46 8.75 -5.27
C ARG A 855 44.67 7.84 -5.20
N VAL A 856 45.50 7.88 -6.23
CA VAL A 856 46.75 7.13 -6.26
C VAL A 856 47.97 8.06 -6.26
N LEU A 857 49.09 7.58 -5.72
CA LEU A 857 50.37 8.30 -5.73
C LEU A 857 51.50 7.47 -6.32
N CYS A 858 51.98 7.87 -7.49
CA CYS A 858 53.12 7.22 -8.14
C CYS A 858 54.44 7.55 -7.48
N TYR A 859 55.20 6.52 -7.12
CA TYR A 859 56.57 6.73 -6.70
C TYR A 859 57.52 6.04 -7.65
N TYR A 860 58.79 6.36 -7.57
CA TYR A 860 59.74 5.84 -8.53
C TYR A 860 60.85 5.04 -7.87
N VAL A 861 61.22 3.91 -8.46
CA VAL A 861 62.32 3.10 -7.95
C VAL A 861 63.46 2.88 -8.95
N ASP A 862 64.68 3.13 -8.46
CA ASP A 862 65.93 2.81 -9.14
C ASP A 862 66.36 1.40 -8.78
N THR A 863 67.43 0.92 -9.41
CA THR A 863 67.89 -0.41 -9.12
C THR A 863 68.71 -0.41 -7.85
N ALA A 864 68.03 -0.25 -6.74
CA ALA A 864 68.59 -0.54 -5.45
C ALA A 864 67.59 -1.37 -4.68
N GLY A 865 66.35 -0.88 -4.57
CA GLY A 865 65.92 0.39 -5.13
C GLY A 865 65.50 1.41 -4.10
N ASN A 866 66.11 2.57 -4.18
CA ASN A 866 65.67 3.69 -3.39
C ASN A 866 64.40 4.20 -4.04
N ARG A 867 63.56 4.91 -3.30
CA ARG A 867 62.30 5.40 -3.84
C ARG A 867 62.22 6.91 -3.87
N TRP A 868 61.82 7.45 -5.00
CA TRP A 868 61.74 8.89 -5.18
C TRP A 868 60.36 9.30 -5.68
N LEU A 869 60.07 10.58 -5.55
CA LEU A 869 58.82 11.17 -5.98
C LEU A 869 58.87 11.60 -7.44
N ASP A 870 60.06 11.80 -7.98
CA ASP A 870 60.18 12.23 -9.39
C ASP A 870 60.86 11.16 -10.25
N PRO A 871 60.75 11.27 -11.58
CA PRO A 871 61.39 10.26 -12.46
C PRO A 871 62.90 10.44 -12.52
N GLU A 872 63.38 11.56 -12.00
CA GLU A 872 64.80 11.88 -11.99
C GLU A 872 65.48 11.28 -10.75
N CYS A 873 64.66 10.87 -9.79
CA CYS A 873 65.13 10.27 -8.53
C CYS A 873 66.00 11.20 -7.71
N THR A 874 65.59 12.47 -7.64
CA THR A 874 66.28 13.46 -6.81
C THR A 874 65.50 13.75 -5.52
N VAL A 875 64.17 13.84 -5.63
CA VAL A 875 63.32 14.06 -4.47
C VAL A 875 62.96 12.74 -3.80
N GLU A 876 63.42 12.58 -2.55
CA GLU A 876 63.23 11.34 -1.81
C GLU A 876 61.77 11.13 -1.41
N PHE A 877 61.37 9.85 -1.33
CA PHE A 877 60.06 9.46 -0.83
C PHE A 877 60.00 9.62 0.68
N PRO A 878 59.18 10.56 1.17
CA PRO A 878 59.03 10.86 2.60
C PRO A 878 58.42 9.74 3.45
N GLU A 879 59.24 9.07 4.27
CA GLU A 879 58.73 8.10 5.23
C GLU A 879 58.13 8.86 6.38
N GLN A 880 58.77 9.98 6.68
CA GLN A 880 58.31 10.92 7.69
C GLN A 880 58.12 12.24 6.99
N GLY A 881 57.33 13.11 7.61
CA GLY A 881 57.16 14.45 7.07
C GLY A 881 57.93 15.43 7.93
N THR A 882 58.34 16.54 7.33
CA THR A 882 59.05 17.57 8.08
C THR A 882 58.12 18.45 8.92
N GLY A 883 57.79 17.94 10.10
CA GLY A 883 57.19 18.70 11.18
C GLY A 883 57.83 18.15 12.44
N ARG A 884 57.74 18.89 13.55
CA ARG A 884 58.34 18.45 14.81
C ARG A 884 57.82 17.06 15.20
N GLU A 885 58.76 16.17 15.47
CA GLU A 885 58.47 14.76 15.80
C GLU A 885 57.99 13.95 14.58
N GLY A 886 58.53 14.27 13.41
CA GLY A 886 58.24 13.53 12.18
C GLY A 886 56.78 13.54 11.73
N ARG A 887 56.00 14.49 12.26
CA ARG A 887 54.58 14.56 11.96
C ARG A 887 54.32 15.42 10.74
N PHE A 888 53.31 15.05 9.97
CA PHE A 888 52.97 15.76 8.75
C PHE A 888 52.17 17.03 9.03
N THR A 889 52.57 18.10 8.37
CA THR A 889 51.89 19.38 8.50
C THR A 889 50.77 19.44 7.45
N MET A 890 49.99 20.53 7.45
CA MET A 890 49.00 20.74 6.40
C MET A 890 49.71 21.05 5.08
N ALA A 891 50.89 21.67 5.19
CA ALA A 891 51.72 22.01 4.04
C ALA A 891 52.28 20.76 3.38
N ASP A 892 52.65 19.78 4.20
CA ASP A 892 53.10 18.47 3.70
C ASP A 892 51.99 17.78 2.91
N CYS A 893 50.84 17.60 3.58
CA CYS A 893 49.66 17.04 2.96
C CYS A 893 49.26 17.80 1.70
N ARG A 894 49.54 19.11 1.67
CA ARG A 894 49.21 19.90 0.49
C ARG A 894 50.12 19.55 -0.68
N ASP A 895 51.42 19.43 -0.43
CA ASP A 895 52.36 19.18 -1.52
C ASP A 895 52.32 17.75 -1.98
N LEU A 896 51.85 16.88 -1.10
CA LEU A 896 51.68 15.49 -1.44
C LEU A 896 50.40 15.27 -2.29
N VAL A 897 49.25 15.68 -1.75
CA VAL A 897 47.96 15.61 -2.46
C VAL A 897 47.98 16.36 -3.82
N ALA A 898 49.00 17.15 -4.05
CA ALA A 898 49.13 17.88 -5.30
C ALA A 898 49.64 16.96 -6.39
N ARG A 899 50.19 15.84 -5.99
CA ARG A 899 50.80 14.90 -6.92
C ARG A 899 49.87 13.70 -7.17
N THR A 900 48.77 13.63 -6.42
CA THR A 900 47.88 12.48 -6.53
C THR A 900 46.97 12.55 -7.74
N ILE A 901 46.45 11.37 -8.13
CA ILE A 901 45.61 11.24 -9.31
C ILE A 901 44.42 10.35 -8.97
N PRO A 902 43.21 10.79 -9.35
CA PRO A 902 42.01 9.97 -9.15
C PRO A 902 41.95 8.84 -10.18
N VAL A 903 41.77 7.62 -9.68
CA VAL A 903 41.64 6.48 -10.58
C VAL A 903 40.30 5.80 -10.32
N ARG A 904 39.61 5.43 -11.39
CA ARG A 904 38.35 4.73 -11.27
C ARG A 904 38.53 3.36 -10.63
N MET A 905 37.65 3.04 -9.70
CA MET A 905 37.69 1.77 -9.01
C MET A 905 37.48 0.61 -9.98
N GLY A 906 38.06 -0.53 -9.67
CA GLY A 906 37.93 -1.69 -10.52
C GLY A 906 38.58 -2.90 -9.89
N PRO A 907 38.69 -4.00 -10.65
CA PRO A 907 39.26 -5.25 -10.16
C PRO A 907 40.66 -5.06 -9.61
N TRP A 908 41.43 -4.14 -10.20
CA TRP A 908 42.82 -3.89 -9.79
C TRP A 908 42.99 -3.63 -8.28
N ALA A 909 41.98 -3.04 -7.65
CA ALA A 909 42.03 -2.66 -6.24
C ALA A 909 41.84 -3.84 -5.29
N SER A 910 41.38 -4.97 -5.82
CA SER A 910 41.25 -6.18 -5.02
C SER A 910 42.56 -7.00 -5.04
N GLN A 911 43.49 -6.57 -5.89
CA GLN A 911 44.75 -7.27 -6.08
C GLN A 911 45.96 -6.43 -5.69
N LEU A 912 45.89 -5.77 -4.54
CA LEU A 912 46.99 -4.92 -4.11
C LEU A 912 47.90 -5.67 -3.15
N THR A 913 49.13 -5.18 -3.02
CA THR A 913 50.09 -5.81 -2.14
C THR A 913 50.62 -4.83 -1.08
N GLU A 914 51.67 -5.23 -0.38
CA GLU A 914 52.20 -4.44 0.73
C GLU A 914 52.84 -3.15 0.26
N ASP A 915 53.42 -3.17 -0.94
CA ASP A 915 54.14 -2.02 -1.48
C ASP A 915 53.20 -1.08 -2.23
N ASN A 916 51.89 -1.29 -2.09
CA ASN A 916 50.91 -0.35 -2.61
C ASN A 916 50.33 0.49 -1.47
N HIS A 917 50.61 0.07 -0.25
CA HIS A 917 50.11 0.77 0.91
C HIS A 917 51.18 1.66 1.55
N PRO A 918 50.78 2.88 1.94
CA PRO A 918 51.67 3.88 2.53
C PRO A 918 52.32 3.37 3.82
N PRO A 919 53.45 3.97 4.21
CA PRO A 919 54.16 3.61 5.44
C PRO A 919 53.32 3.78 6.70
N GLU A 920 53.85 3.31 7.83
CA GLU A 920 53.20 3.44 9.13
C GLU A 920 52.84 4.89 9.46
N ALA A 921 53.72 5.83 9.08
CA ALA A 921 53.57 7.23 9.47
C ALA A 921 52.36 7.92 8.82
N TRP A 922 52.07 7.54 7.58
CA TRP A 922 50.97 8.12 6.84
C TRP A 922 49.61 7.68 7.36
N ARG A 923 49.59 6.62 8.17
CA ARG A 923 48.35 6.13 8.75
C ARG A 923 47.80 7.12 9.78
N GLU A 924 48.66 8.00 10.26
CA GLU A 924 48.28 9.05 11.19
C GLU A 924 47.36 10.09 10.55
N SER A 925 47.79 10.57 9.38
CA SER A 925 47.12 11.67 8.69
C SER A 925 45.86 11.23 7.94
N PHE A 926 44.72 11.82 8.32
CA PHE A 926 43.41 11.60 7.67
C PHE A 926 43.56 11.75 6.16
N TYR A 927 44.38 12.70 5.76
CA TYR A 927 44.51 13.10 4.38
C TYR A 927 45.35 12.15 3.53
N LEU A 928 46.23 11.41 4.18
CA LEU A 928 47.20 10.55 3.49
C LEU A 928 46.91 9.08 3.68
N ARG A 929 46.16 8.78 4.73
CA ARG A 929 45.82 7.42 5.13
C ARG A 929 45.37 6.52 3.95
N ASP A 930 44.28 6.90 3.29
CA ASP A 930 43.69 6.08 2.25
C ASP A 930 44.32 6.24 0.84
N LEU A 931 45.58 6.65 0.76
CA LEU A 931 46.20 6.74 -0.55
C LEU A 931 46.73 5.37 -1.04
N VAL A 932 46.79 5.21 -2.36
CA VAL A 932 47.32 3.97 -2.94
C VAL A 932 48.60 4.26 -3.73
N LEU A 933 49.68 3.58 -3.38
CA LEU A 933 50.94 3.84 -4.03
C LEU A 933 51.10 2.99 -5.29
N ILE A 934 51.54 3.63 -6.37
CA ILE A 934 51.77 2.98 -7.64
C ILE A 934 53.26 3.10 -8.00
N PRO A 935 54.03 2.02 -7.80
CA PRO A 935 55.47 2.01 -8.09
C PRO A 935 55.76 2.18 -9.58
N GLN A 936 56.85 2.88 -9.89
CA GLN A 936 57.29 3.07 -11.27
C GLN A 936 58.78 2.77 -11.39
N ARG A 937 59.14 1.70 -12.08
CA ARG A 937 60.54 1.35 -12.24
C ARG A 937 61.27 2.34 -13.15
N VAL A 938 62.45 2.76 -12.73
CA VAL A 938 63.29 3.57 -13.60
C VAL A 938 64.65 2.90 -13.78
N THR A 939 65.07 2.75 -15.04
CA THR A 939 66.33 2.08 -15.34
C THR A 939 67.51 2.96 -14.96
N ASP A 940 68.69 2.34 -14.84
CA ASP A 940 69.92 3.07 -14.52
C ASP A 940 70.23 4.11 -15.62
N GLU A 941 69.85 3.79 -16.86
CA GLU A 941 69.97 4.74 -17.97
C GLU A 941 69.05 5.94 -17.78
N GLY A 942 67.95 5.75 -17.04
CA GLY A 942 67.06 6.84 -16.70
C GLY A 942 65.72 6.84 -17.39
N ALA A 943 65.29 5.66 -17.84
CA ALA A 943 63.99 5.52 -18.49
C ALA A 943 62.97 4.92 -17.53
N VAL A 944 61.73 5.41 -17.60
CA VAL A 944 60.67 4.92 -16.73
C VAL A 944 59.88 3.83 -17.43
N LEU A 945 59.83 2.66 -16.80
CA LEU A 945 59.19 1.49 -17.39
C LEU A 945 57.75 1.26 -16.87
N PRO A 946 56.84 0.83 -17.75
CA PRO A 946 55.55 0.28 -17.35
C PRO A 946 55.73 -0.73 -16.22
N THR A 947 54.96 -0.61 -15.14
CA THR A 947 55.19 -1.41 -13.93
C THR A 947 53.89 -2.05 -13.39
N GLU A 948 53.95 -3.33 -13.07
CA GLU A 948 52.76 -4.07 -12.61
C GLU A 948 52.20 -3.62 -11.27
N THR A 949 50.88 -3.49 -11.24
CA THR A 949 50.13 -3.33 -10.00
C THR A 949 48.72 -3.88 -10.22
N GLY A 950 48.29 -4.77 -9.33
CA GLY A 950 46.92 -5.26 -9.33
C GLY A 950 46.45 -6.04 -10.55
N GLY A 951 47.38 -6.60 -11.31
CA GLY A 951 47.03 -7.43 -12.45
C GLY A 951 47.05 -6.72 -13.79
N ARG A 952 47.64 -5.52 -13.82
CA ARG A 952 47.89 -4.83 -15.07
C ARG A 952 49.10 -3.90 -14.93
N GLU A 953 49.52 -3.29 -16.04
CA GLU A 953 50.67 -2.39 -16.02
C GLU A 953 50.28 -0.90 -16.08
N TRP A 954 51.02 -0.07 -15.33
CA TRP A 954 50.74 1.36 -15.19
C TRP A 954 51.92 2.17 -15.68
N LEU A 955 51.66 3.28 -16.38
CA LEU A 955 52.75 4.14 -16.81
C LEU A 955 52.37 5.61 -16.72
N LEU A 956 52.99 6.34 -15.81
CA LEU A 956 52.71 7.78 -15.73
C LEU A 956 53.53 8.60 -16.74
N ASP A 957 52.88 8.92 -17.87
CA ASP A 957 53.49 9.73 -18.93
C ASP A 957 53.35 11.21 -18.64
N PRO A 958 54.44 11.97 -18.86
CA PRO A 958 54.42 13.42 -18.61
C PRO A 958 53.48 14.19 -19.54
N CYS A 959 53.19 13.65 -20.70
CA CYS A 959 52.32 14.35 -21.65
C CYS A 959 50.89 13.79 -21.69
N LYS A 960 50.75 12.52 -21.36
CA LYS A 960 49.46 11.86 -21.49
C LYS A 960 48.86 11.44 -20.16
N GLY A 961 49.57 11.69 -19.06
CA GLY A 961 49.10 11.26 -17.75
C GLY A 961 49.09 9.75 -17.60
N LEU A 962 48.32 9.25 -16.63
CA LEU A 962 48.36 7.83 -16.26
C LEU A 962 47.86 6.87 -17.35
N ILE A 963 48.67 5.85 -17.66
CA ILE A 963 48.29 4.86 -18.67
C ILE A 963 48.18 3.47 -18.05
N PHE A 964 47.07 2.77 -18.35
CA PHE A 964 46.91 1.37 -17.93
C PHE A 964 45.88 0.61 -18.77
N PRO C 34 20.03 -21.90 -22.17
CA PRO C 34 21.42 -21.43 -22.34
C PRO C 34 22.43 -22.42 -21.74
N PRO C 35 23.51 -22.75 -22.48
CA PRO C 35 24.57 -23.55 -21.88
C PRO C 35 25.28 -22.77 -20.79
N LEU C 36 25.49 -23.41 -19.65
CA LEU C 36 26.05 -22.72 -18.51
C LEU C 36 27.56 -22.58 -18.57
N ASP C 37 28.04 -21.38 -18.26
CA ASP C 37 29.43 -21.02 -18.41
C ASP C 37 30.19 -21.25 -17.10
N LEU C 38 31.14 -22.18 -17.14
CA LEU C 38 31.87 -22.59 -15.95
C LEU C 38 32.87 -21.53 -15.46
N ARG C 39 33.05 -20.46 -16.23
CA ARG C 39 34.02 -19.44 -15.88
C ARG C 39 33.68 -18.73 -14.55
N PHE C 40 32.42 -18.86 -14.11
CA PHE C 40 31.98 -18.25 -12.86
C PHE C 40 32.40 -19.06 -11.64
N TRP C 41 33.11 -18.42 -10.73
CA TRP C 41 33.80 -19.15 -9.65
C TRP C 41 33.11 -18.98 -8.30
N ALA C 42 33.47 -19.80 -7.32
CA ALA C 42 32.91 -19.72 -5.98
C ALA C 42 33.98 -19.67 -4.89
N LYS C 43 35.09 -20.35 -5.12
CA LYS C 43 36.20 -20.43 -4.20
C LYS C 43 37.44 -20.13 -4.95
N GLU C 44 38.33 -19.34 -4.39
CA GLU C 44 39.65 -19.19 -4.96
C GLU C 44 40.78 -19.30 -3.95
N ARG C 45 40.48 -18.97 -2.71
CA ARG C 45 41.48 -18.79 -1.70
C ARG C 45 42.05 -20.07 -1.15
N GLY C 46 43.36 -20.19 -1.18
CA GLY C 46 44.02 -21.38 -0.70
C GLY C 46 44.04 -22.50 -1.68
N LEU C 47 43.74 -22.21 -2.93
CA LEU C 47 43.62 -23.23 -3.94
C LEU C 47 44.78 -23.29 -4.88
N ARG C 48 45.84 -22.58 -4.53
CA ARG C 48 47.13 -22.65 -5.24
C ARG C 48 47.09 -22.00 -6.60
N GLY C 49 46.14 -21.09 -6.81
CA GLY C 49 46.06 -20.36 -8.05
C GLY C 49 44.91 -20.75 -8.93
N LYS C 50 44.30 -21.90 -8.63
CA LYS C 50 43.16 -22.38 -9.39
C LYS C 50 41.86 -21.82 -8.82
N THR C 51 40.80 -21.82 -9.63
CA THR C 51 39.49 -21.44 -9.13
C THR C 51 38.53 -22.62 -9.23
N TYR C 52 37.67 -22.77 -8.23
CA TYR C 52 36.61 -23.78 -8.21
C TYR C 52 35.31 -23.19 -8.70
N PRO C 53 34.71 -23.78 -9.75
CA PRO C 53 33.45 -23.23 -10.30
C PRO C 53 32.25 -23.10 -9.35
N LEU C 54 31.46 -22.05 -9.54
CA LEU C 54 30.26 -21.83 -8.75
C LEU C 54 29.28 -23.01 -8.83
N VAL C 55 29.07 -23.55 -10.04
CA VAL C 55 28.25 -24.77 -10.22
C VAL C 55 28.70 -25.92 -9.34
N CYS C 56 30.01 -26.15 -9.33
CA CYS C 56 30.56 -27.31 -8.67
C CYS C 56 30.32 -27.17 -7.18
N HIS C 57 30.60 -25.98 -6.64
CA HIS C 57 30.31 -25.72 -5.24
C HIS C 57 28.81 -25.84 -4.89
N SER C 58 27.94 -25.35 -5.77
CA SER C 58 26.49 -25.45 -5.52
C SER C 58 26.04 -26.92 -5.43
N LEU C 59 26.43 -27.70 -6.44
CA LEU C 59 26.15 -29.13 -6.49
C LEU C 59 26.70 -29.87 -5.29
N ASP C 60 27.95 -29.58 -4.91
CA ASP C 60 28.56 -30.14 -3.69
C ASP C 60 27.73 -29.83 -2.44
N ALA C 61 27.17 -28.61 -2.39
CA ALA C 61 26.37 -28.27 -1.24
C ALA C 61 25.04 -29.01 -1.26
N ALA C 62 24.46 -29.19 -2.45
CA ALA C 62 23.21 -29.96 -2.59
C ALA C 62 23.44 -31.43 -2.22
N ALA C 63 24.56 -31.99 -2.70
CA ALA C 63 24.89 -33.39 -2.35
C ALA C 63 25.09 -33.53 -0.86
N ALA C 64 25.71 -32.53 -0.23
CA ALA C 64 26.01 -32.70 1.18
C ALA C 64 24.76 -32.61 2.03
N ALA C 65 23.80 -31.77 1.64
CA ALA C 65 22.55 -31.67 2.41
C ALA C 65 21.69 -32.93 2.24
N LEU C 66 21.63 -33.46 1.02
CA LEU C 66 20.95 -34.72 0.75
C LEU C 66 21.47 -35.81 1.69
N VAL C 67 22.78 -35.99 1.72
CA VAL C 67 23.39 -37.01 2.59
C VAL C 67 23.18 -36.70 4.07
N LEU C 68 23.24 -35.43 4.44
CA LEU C 68 22.99 -35.01 5.81
C LEU C 68 21.57 -35.42 6.22
N TRP C 69 20.65 -35.23 5.29
CA TRP C 69 19.25 -35.54 5.51
C TRP C 69 19.07 -37.04 5.86
N ASN C 70 19.71 -37.92 5.08
CA ASN C 70 19.56 -39.36 5.27
C ASN C 70 20.44 -39.96 6.37
N GLU C 71 21.63 -39.38 6.58
CA GLU C 71 22.65 -40.02 7.40
C GLU C 71 23.01 -39.31 8.70
N TYR C 72 22.71 -38.03 8.83
CA TYR C 72 23.05 -37.31 10.06
C TYR C 72 21.82 -36.94 10.89
N LEU C 73 20.75 -36.47 10.25
CA LEU C 73 19.59 -35.99 10.99
C LEU C 73 18.85 -37.09 11.74
N SER C 74 18.44 -36.78 12.97
CA SER C 74 17.57 -37.64 13.75
C SER C 74 16.35 -38.04 12.93
N PRO C 75 15.86 -39.27 13.15
CA PRO C 75 14.62 -39.65 12.45
C PRO C 75 13.45 -38.84 12.98
N GLY C 76 13.47 -38.52 14.28
CA GLY C 76 12.46 -37.65 14.83
C GLY C 76 12.44 -36.29 14.15
N LEU C 77 13.62 -35.82 13.76
CA LEU C 77 13.76 -34.51 13.16
C LEU C 77 13.30 -34.46 11.69
N ARG C 78 13.64 -35.49 10.91
CA ARG C 78 13.13 -35.61 9.52
C ARG C 78 11.60 -35.59 9.55
N ASP C 79 11.02 -36.36 10.48
CA ASP C 79 9.58 -36.42 10.65
C ASP C 79 9.00 -35.04 11.00
N THR C 80 9.61 -34.36 11.97
CA THR C 80 9.14 -33.04 12.39
C THR C 80 9.17 -32.03 11.23
N ILE C 81 10.28 -31.95 10.50
CA ILE C 81 10.42 -31.03 9.36
C ILE C 81 9.40 -31.30 8.23
N ALA C 82 9.32 -32.56 7.79
CA ALA C 82 8.37 -32.97 6.75
C ALA C 82 6.89 -32.78 7.14
N SER C 83 6.59 -32.85 8.43
CA SER C 83 5.23 -32.59 8.91
C SER C 83 4.87 -31.12 8.76
N SER C 84 5.84 -30.25 9.01
CA SER C 84 5.66 -28.81 8.83
C SER C 84 5.54 -28.44 7.37
N MET C 85 6.28 -29.12 6.52
CA MET C 85 6.20 -28.88 5.09
C MET C 85 5.00 -29.60 4.46
N GLU C 86 4.34 -30.42 5.27
CA GLU C 86 3.18 -31.18 4.84
C GLU C 86 3.49 -32.04 3.61
N THR C 87 4.48 -32.91 3.74
CA THR C 87 4.83 -33.86 2.69
C THR C 87 5.61 -35.04 3.26
N ASP C 88 6.09 -35.88 2.36
CA ASP C 88 6.84 -37.06 2.78
C ASP C 88 8.34 -36.73 2.92
N GLU C 89 9.02 -37.44 3.82
CA GLU C 89 10.44 -37.27 4.05
C GLU C 89 11.30 -37.32 2.79
N GLU C 90 10.97 -38.19 1.85
CA GLU C 90 11.74 -38.26 0.62
C GLU C 90 11.67 -36.93 -0.12
N HIS C 91 10.46 -36.39 -0.22
CA HIS C 91 10.25 -35.14 -0.92
C HIS C 91 10.89 -33.94 -0.18
N ALA C 92 10.67 -33.87 1.13
CA ALA C 92 11.29 -32.86 1.96
C ALA C 92 12.82 -32.85 1.79
N GLY C 93 13.43 -34.02 1.79
CA GLY C 93 14.87 -34.11 1.64
C GLY C 93 15.36 -33.63 0.27
N HIS C 94 14.53 -33.73 -0.75
CA HIS C 94 14.95 -33.28 -2.07
C HIS C 94 14.76 -31.77 -2.22
N CYS C 95 13.76 -31.22 -1.54
CA CYS C 95 13.55 -29.78 -1.53
C CYS C 95 14.73 -29.12 -0.82
N ILE C 96 15.07 -29.67 0.34
CA ILE C 96 16.17 -29.15 1.13
C ILE C 96 17.46 -29.23 0.34
N ALA C 97 17.66 -30.34 -0.36
CA ALA C 97 18.83 -30.48 -1.22
C ALA C 97 18.88 -29.39 -2.29
N PHE C 98 17.74 -29.19 -2.95
CA PHE C 98 17.57 -28.11 -3.93
C PHE C 98 17.97 -26.75 -3.33
N TRP C 99 17.41 -26.43 -2.17
CA TRP C 99 17.68 -25.17 -1.52
C TRP C 99 19.16 -24.97 -1.19
N ALA C 100 19.80 -25.99 -0.62
CA ALA C 100 21.21 -25.88 -0.24
C ALA C 100 22.09 -25.61 -1.46
N GLY C 101 21.73 -26.19 -2.60
CA GLY C 101 22.46 -25.94 -3.82
C GLY C 101 22.30 -24.53 -4.37
N LEU C 102 21.28 -23.81 -3.91
CA LEU C 102 21.06 -22.44 -4.35
C LEU C 102 21.75 -21.37 -3.46
N HIS C 103 22.29 -21.77 -2.31
CA HIS C 103 22.77 -20.80 -1.34
C HIS C 103 23.71 -19.73 -1.86
N ASP C 104 24.64 -20.09 -2.73
CA ASP C 104 25.61 -19.10 -3.22
C ASP C 104 25.27 -18.56 -4.60
N ILE C 105 23.99 -18.56 -4.95
CA ILE C 105 23.62 -18.09 -6.27
C ILE C 105 23.93 -16.58 -6.42
N GLY C 106 23.79 -15.83 -5.35
CA GLY C 106 24.19 -14.43 -5.33
C GLY C 106 25.68 -14.12 -5.55
N LYS C 107 26.50 -15.15 -5.76
CA LYS C 107 27.89 -14.92 -6.12
C LYS C 107 28.02 -14.63 -7.62
N LEU C 108 26.93 -14.84 -8.36
CA LEU C 108 26.97 -14.69 -9.80
C LEU C 108 26.56 -13.27 -10.19
N THR C 109 27.41 -12.32 -9.78
CA THR C 109 27.19 -10.89 -9.99
C THR C 109 28.53 -10.29 -10.31
N ARG C 110 28.55 -9.15 -10.99
CA ARG C 110 29.83 -8.50 -11.27
C ARG C 110 30.63 -8.18 -10.00
N GLU C 111 29.95 -7.69 -8.98
CA GLU C 111 30.63 -7.26 -7.77
C GLU C 111 31.41 -8.40 -7.13
N PHE C 112 30.79 -9.58 -6.98
CA PHE C 112 31.54 -10.70 -6.39
C PHE C 112 32.59 -11.25 -7.34
N GLN C 113 32.21 -11.55 -8.58
CA GLN C 113 33.07 -12.26 -9.52
C GLN C 113 34.33 -11.50 -9.90
N GLN C 114 34.35 -10.19 -9.64
CA GLN C 114 35.44 -9.37 -10.14
C GLN C 114 36.61 -9.27 -9.20
N GLN C 115 36.44 -9.79 -7.98
CA GLN C 115 37.51 -9.79 -6.98
C GLN C 115 38.80 -10.47 -7.43
N ILE C 116 38.73 -11.32 -8.45
CA ILE C 116 39.94 -11.85 -9.06
C ILE C 116 39.88 -11.61 -10.57
N ALA C 117 40.94 -12.02 -11.27
CA ALA C 117 40.98 -11.92 -12.74
C ALA C 117 39.93 -12.83 -13.35
N ILE C 118 39.17 -12.28 -14.28
CA ILE C 118 38.19 -13.07 -15.01
C ILE C 118 37.84 -12.30 -16.26
N ASP C 119 37.79 -12.99 -17.40
CA ASP C 119 37.37 -12.35 -18.61
C ASP C 119 35.85 -12.30 -18.59
N LEU C 120 35.29 -11.10 -18.61
CA LEU C 120 33.84 -10.94 -18.63
C LEU C 120 33.41 -10.16 -19.84
N SER C 121 34.23 -10.23 -20.88
CA SER C 121 33.96 -9.51 -22.11
C SER C 121 32.63 -9.88 -22.74
N ALA C 122 32.16 -11.10 -22.50
CA ALA C 122 30.90 -11.53 -23.09
C ALA C 122 29.72 -11.19 -22.20
N TYR C 123 29.99 -10.60 -21.04
CA TYR C 123 28.89 -10.25 -20.15
C TYR C 123 28.81 -8.75 -19.80
N PRO C 124 28.48 -7.89 -20.78
CA PRO C 124 28.33 -6.47 -20.48
C PRO C 124 27.06 -6.17 -19.66
N GLY C 125 27.07 -5.06 -18.92
CA GLY C 125 25.92 -4.69 -18.12
C GLY C 125 26.13 -4.96 -16.63
N GLU C 126 25.14 -4.59 -15.82
CA GLU C 126 25.27 -4.63 -14.36
C GLU C 126 26.61 -4.09 -13.87
N GLU C 127 26.91 -2.85 -14.25
CA GLU C 127 28.10 -2.16 -13.73
C GLU C 127 28.03 -2.07 -12.22
N LEU C 128 29.18 -1.94 -11.57
CA LEU C 128 29.22 -1.77 -10.11
C LEU C 128 28.34 -0.63 -9.62
N SER C 129 27.53 -0.89 -8.60
CA SER C 129 26.64 0.12 -8.07
C SER C 129 27.34 0.94 -6.99
N GLY C 130 28.33 0.35 -6.34
CA GLY C 130 28.96 0.95 -5.18
C GLY C 130 28.28 0.57 -3.87
N GLU C 131 27.29 -0.32 -3.95
CA GLU C 131 26.54 -0.74 -2.75
C GLU C 131 27.35 -1.62 -1.80
N GLN C 132 28.28 -2.40 -2.34
CA GLN C 132 29.08 -3.33 -1.56
C GLN C 132 28.23 -4.35 -0.82
N ARG C 133 27.33 -4.99 -1.56
CA ARG C 133 26.35 -5.88 -0.95
C ARG C 133 26.83 -7.34 -0.95
N SER C 134 26.69 -7.98 0.21
CA SER C 134 27.11 -9.36 0.44
C SER C 134 26.40 -10.34 -0.50
N HIS C 135 27.06 -11.46 -0.82
CA HIS C 135 26.44 -12.45 -1.73
C HIS C 135 25.23 -13.12 -1.12
N ALA C 136 25.24 -13.32 0.20
CA ALA C 136 24.06 -13.82 0.92
C ALA C 136 22.85 -12.92 0.67
N ALA C 137 23.05 -11.62 0.80
CA ALA C 137 21.99 -10.65 0.60
C ALA C 137 21.47 -10.69 -0.84
N ALA C 138 22.39 -10.78 -1.80
CA ALA C 138 22.00 -10.94 -3.21
C ALA C 138 21.13 -12.18 -3.37
N THR C 139 21.58 -13.32 -2.84
CA THR C 139 20.79 -14.56 -2.91
C THR C 139 19.37 -14.33 -2.41
N GLY C 140 19.24 -13.71 -1.24
CA GLY C 140 17.92 -13.48 -0.66
C GLY C 140 17.09 -12.43 -1.40
N LYS C 141 17.76 -11.68 -2.27
CA LYS C 141 17.12 -10.62 -3.04
C LYS C 141 16.75 -11.11 -4.45
N TRP C 142 17.50 -12.10 -4.96
CA TRP C 142 17.24 -12.62 -6.32
C TRP C 142 16.22 -13.79 -6.34
N LEU C 143 16.35 -14.70 -5.39
CA LEU C 143 15.49 -15.87 -5.31
C LEU C 143 13.97 -15.61 -5.24
N PRO C 144 13.53 -14.51 -4.60
CA PRO C 144 12.06 -14.44 -4.58
C PRO C 144 11.42 -14.15 -5.94
N PHE C 145 12.23 -13.73 -6.90
CA PHE C 145 11.69 -13.33 -8.18
C PHE C 145 12.05 -14.34 -9.26
N ALA C 146 12.79 -15.37 -8.88
CA ALA C 146 13.21 -16.39 -9.83
C ALA C 146 12.48 -17.71 -9.56
N LEU C 147 12.24 -18.00 -8.31
CA LEU C 147 11.73 -19.28 -7.84
C LEU C 147 10.36 -19.61 -8.38
N PRO C 148 9.56 -18.51 -8.67
CA PRO C 148 8.24 -18.84 -9.22
C PRO C 148 8.24 -19.49 -10.60
N SER C 149 9.34 -19.41 -11.29
CA SER C 149 9.53 -20.07 -12.54
C SER C 149 9.34 -21.55 -12.37
N LEU C 150 9.63 -22.04 -11.19
CA LEU C 150 9.62 -23.44 -10.92
C LEU C 150 8.38 -23.95 -10.21
N GLY C 151 7.37 -23.12 -10.04
CA GLY C 151 6.13 -23.55 -9.41
C GLY C 151 5.90 -22.88 -8.07
N TYR C 152 6.82 -22.01 -7.69
CA TYR C 152 6.72 -21.40 -6.38
C TYR C 152 5.72 -20.26 -6.42
N PRO C 153 4.87 -20.16 -5.38
CA PRO C 153 3.85 -19.11 -5.38
C PRO C 153 4.49 -17.76 -5.37
N ASN C 154 4.14 -16.91 -6.33
CA ASN C 154 4.66 -15.55 -6.30
C ASN C 154 4.09 -14.80 -5.10
N GLY C 155 4.98 -14.27 -4.28
CA GLY C 155 4.60 -13.52 -3.09
C GLY C 155 4.29 -14.43 -1.92
N GLY C 156 4.43 -15.73 -2.12
CA GLY C 156 4.04 -16.71 -1.12
C GLY C 156 4.86 -16.77 0.15
N LEU C 157 4.24 -17.18 1.25
CA LEU C 157 4.93 -17.36 2.52
C LEU C 157 6.06 -18.36 2.35
N VAL C 158 5.82 -19.46 1.64
CA VAL C 158 6.86 -20.45 1.42
C VAL C 158 8.02 -19.88 0.62
N THR C 159 7.71 -19.22 -0.49
CA THR C 159 8.74 -18.60 -1.33
C THR C 159 9.59 -17.57 -0.58
N GLY C 160 8.96 -16.77 0.26
CA GLY C 160 9.65 -15.77 1.04
C GLY C 160 10.60 -16.41 2.03
N LEU C 161 10.12 -17.39 2.79
CA LEU C 161 10.96 -18.03 3.79
C LEU C 161 12.17 -18.74 3.15
N VAL C 162 11.95 -19.38 2.02
CA VAL C 162 13.07 -20.07 1.37
C VAL C 162 14.17 -19.07 1.01
N ALA C 163 13.79 -17.94 0.41
CA ALA C 163 14.78 -16.90 0.05
C ALA C 163 15.45 -16.24 1.28
N GLN C 164 14.66 -16.00 2.31
CA GLN C 164 15.17 -15.41 3.52
C GLN C 164 16.16 -16.35 4.19
N MET C 165 15.79 -17.62 4.27
CA MET C 165 16.64 -18.61 4.92
C MET C 165 17.99 -18.80 4.19
N LEU C 166 17.97 -18.91 2.86
CA LEU C 166 19.23 -19.01 2.12
C LEU C 166 20.10 -17.72 2.19
N GLY C 167 19.47 -16.56 2.13
CA GLY C 167 20.19 -15.32 2.32
C GLY C 167 20.76 -15.23 3.73
N GLY C 168 20.30 -16.12 4.60
CA GLY C 168 20.82 -16.18 5.95
C GLY C 168 21.98 -17.17 6.11
N HIS C 169 22.51 -17.69 5.02
CA HIS C 169 23.48 -18.77 5.12
C HIS C 169 24.83 -18.39 5.73
N HIS C 170 24.99 -17.13 6.15
CA HIS C 170 26.21 -16.68 6.84
C HIS C 170 25.92 -16.12 8.21
N GLY C 171 24.77 -16.50 8.77
CA GLY C 171 24.53 -16.22 10.17
C GLY C 171 23.65 -15.02 10.44
N THR C 172 23.31 -14.30 9.38
CA THR C 172 22.50 -13.10 9.53
C THR C 172 21.28 -13.13 8.63
N PHE C 173 20.09 -13.03 9.21
CA PHE C 173 18.92 -12.87 8.38
C PHE C 173 18.72 -11.39 7.97
N HIS C 174 18.06 -11.21 6.84
CA HIS C 174 17.76 -9.91 6.27
C HIS C 174 16.24 -9.76 6.15
N PRO C 175 15.73 -8.51 6.13
CA PRO C 175 14.28 -8.30 5.96
C PRO C 175 13.81 -8.81 4.60
N HIS C 176 12.53 -9.11 4.45
CA HIS C 176 12.02 -9.49 3.14
C HIS C 176 12.23 -8.32 2.17
N PRO C 177 12.54 -8.62 0.90
CA PRO C 177 12.72 -7.51 -0.05
C PRO C 177 11.49 -6.60 -0.15
N SER C 178 11.69 -5.28 -0.16
CA SER C 178 10.61 -4.33 -0.41
C SER C 178 10.89 -3.48 -1.66
N PHE C 179 9.87 -3.31 -2.49
CA PHE C 179 10.07 -2.67 -3.78
C PHE C 179 8.80 -1.94 -4.25
N GLN C 180 8.96 -1.02 -5.20
CA GLN C 180 7.87 -0.13 -5.62
C GLN C 180 7.43 -0.34 -7.08
N SER C 181 8.24 -1.02 -7.87
CA SER C 181 7.94 -1.16 -9.28
C SER C 181 7.34 -2.51 -9.60
N ARG C 182 7.23 -2.80 -10.89
CA ARG C 182 6.69 -4.08 -11.32
C ARG C 182 7.80 -4.91 -11.90
N ASN C 183 9.03 -4.44 -11.70
CA ASN C 183 10.24 -5.15 -12.12
C ASN C 183 11.27 -5.16 -11.01
N PRO C 184 10.99 -5.91 -9.93
CA PRO C 184 11.80 -5.98 -8.70
C PRO C 184 13.24 -6.42 -8.97
N LEU C 185 13.38 -7.46 -9.79
CA LEU C 185 14.66 -7.92 -10.29
C LEU C 185 15.59 -6.76 -10.71
N ALA C 186 15.09 -5.87 -11.58
CA ALA C 186 15.95 -4.78 -12.06
C ALA C 186 16.06 -3.66 -11.00
N GLU C 187 15.03 -3.52 -10.19
CA GLU C 187 15.02 -2.54 -9.11
C GLU C 187 16.12 -2.86 -8.08
N PHE C 188 16.55 -4.11 -8.04
CA PHE C 188 17.58 -4.57 -7.12
C PHE C 188 18.89 -4.84 -7.83
N GLY C 189 19.07 -4.29 -9.02
CA GLY C 189 20.36 -4.35 -9.70
C GLY C 189 20.60 -5.56 -10.60
N PHE C 190 19.58 -6.39 -10.78
CA PHE C 190 19.73 -7.53 -11.68
C PHE C 190 19.14 -7.16 -13.04
N SER C 191 19.88 -6.33 -13.77
CA SER C 191 19.35 -5.68 -14.97
C SER C 191 19.91 -6.16 -16.32
N SER C 192 20.92 -7.02 -16.32
CA SER C 192 21.49 -7.51 -17.57
C SER C 192 20.97 -8.87 -18.04
N PRO C 193 20.39 -8.93 -19.25
CA PRO C 193 19.96 -10.23 -19.79
C PRO C 193 21.09 -11.26 -19.84
N HIS C 194 22.33 -10.84 -20.09
CA HIS C 194 23.43 -11.80 -20.13
C HIS C 194 23.69 -12.44 -18.78
N TRP C 195 23.67 -11.64 -17.73
CA TRP C 195 23.93 -12.17 -16.39
C TRP C 195 22.71 -12.95 -15.88
N GLU C 196 21.54 -12.51 -16.29
CA GLU C 196 20.31 -13.17 -15.87
C GLU C 196 20.22 -14.59 -16.43
N LYS C 197 20.47 -14.74 -17.73
CA LYS C 197 20.49 -16.05 -18.35
C LYS C 197 21.41 -16.99 -17.59
N GLN C 198 22.61 -16.52 -17.26
CA GLN C 198 23.53 -17.33 -16.50
C GLN C 198 23.04 -17.75 -15.10
N ARG C 199 22.36 -16.84 -14.40
CA ARG C 199 21.78 -17.16 -13.10
C ARG C 199 20.64 -18.19 -13.24
N HIS C 200 19.84 -18.07 -14.30
CA HIS C 200 18.78 -19.04 -14.54
C HIS C 200 19.35 -20.41 -14.91
N ALA C 201 20.44 -20.41 -15.69
CA ALA C 201 21.16 -21.64 -16.02
C ALA C 201 21.52 -22.37 -14.74
N LEU C 202 22.07 -21.65 -13.77
CA LEU C 202 22.48 -22.24 -12.52
C LEU C 202 21.26 -22.68 -11.68
N LEU C 203 20.18 -21.91 -11.71
CA LEU C 203 18.98 -22.25 -10.95
C LEU C 203 18.43 -23.58 -11.44
N HIS C 204 18.45 -23.76 -12.76
CA HIS C 204 17.91 -24.96 -13.38
C HIS C 204 18.83 -26.15 -13.16
N ALA C 205 20.14 -25.91 -13.32
CA ALA C 205 21.15 -26.93 -13.08
C ALA C 205 20.99 -27.65 -11.74
N VAL C 206 20.81 -26.93 -10.64
CA VAL C 206 20.70 -27.65 -9.38
C VAL C 206 19.28 -28.21 -9.17
N PHE C 207 18.30 -27.56 -9.78
CA PHE C 207 16.95 -28.12 -9.84
C PHE C 207 16.95 -29.52 -10.50
N ASP C 208 17.54 -29.63 -11.69
CA ASP C 208 17.63 -30.91 -12.37
C ASP C 208 18.34 -31.94 -11.51
N ALA C 209 19.51 -31.56 -10.97
CA ALA C 209 20.36 -32.49 -10.28
C ALA C 209 19.70 -33.05 -9.02
N THR C 210 18.71 -32.36 -8.49
CA THR C 210 18.08 -32.82 -7.25
C THR C 210 16.68 -33.40 -7.51
N GLY C 211 16.38 -33.59 -8.79
CA GLY C 211 15.21 -34.34 -9.21
C GLY C 211 13.98 -33.49 -9.38
N ARG C 212 14.19 -32.22 -9.73
CA ARG C 212 13.11 -31.24 -9.85
C ARG C 212 11.99 -31.36 -8.84
N PRO C 213 12.30 -31.28 -7.53
CA PRO C 213 11.23 -31.38 -6.55
C PRO C 213 10.21 -30.28 -6.76
N THR C 214 8.95 -30.57 -6.48
CA THR C 214 7.91 -29.57 -6.55
C THR C 214 7.99 -28.83 -5.22
N PRO C 215 7.38 -27.63 -5.16
CA PRO C 215 7.48 -26.89 -3.90
C PRO C 215 6.60 -27.48 -2.83
N PRO C 216 7.01 -27.40 -1.55
CA PRO C 216 6.12 -27.81 -0.46
C PRO C 216 4.96 -26.86 -0.35
N ASP C 217 3.86 -27.31 0.24
CA ASP C 217 2.67 -26.48 0.34
C ASP C 217 2.70 -25.59 1.57
N MET C 218 3.44 -26.02 2.58
CA MET C 218 3.60 -25.21 3.77
C MET C 218 5.05 -25.17 4.23
N LEU C 219 5.39 -24.11 4.95
CA LEU C 219 6.68 -23.99 5.60
C LEU C 219 6.51 -22.92 6.67
N ASP C 220 7.02 -23.17 7.86
CA ASP C 220 6.97 -22.16 8.91
C ASP C 220 8.36 -21.70 9.30
N GLY C 221 8.40 -20.60 10.05
CA GLY C 221 9.63 -19.97 10.45
C GLY C 221 10.59 -20.87 11.19
N PRO C 222 10.20 -21.40 12.37
CA PRO C 222 11.07 -22.23 13.21
C PRO C 222 11.64 -23.42 12.45
N THR C 223 10.83 -23.99 11.56
CA THR C 223 11.30 -25.04 10.68
C THR C 223 12.39 -24.51 9.75
N ALA C 224 12.17 -23.35 9.15
CA ALA C 224 13.18 -22.74 8.30
C ALA C 224 14.49 -22.42 9.06
N SER C 225 14.39 -22.02 10.32
CA SER C 225 15.57 -21.65 11.06
C SER C 225 16.45 -22.87 11.21
N VAL C 226 15.78 -24.00 11.40
CA VAL C 226 16.45 -25.26 11.60
C VAL C 226 17.05 -25.73 10.28
N VAL C 227 16.31 -25.55 9.18
CA VAL C 227 16.81 -25.90 7.86
C VAL C 227 17.95 -24.98 7.41
N CYS C 228 17.96 -23.76 7.96
CA CYS C 228 19.04 -22.82 7.73
C CYS C 228 20.36 -23.38 8.27
N GLY C 229 20.33 -23.86 9.50
CA GLY C 229 21.49 -24.55 10.07
C GLY C 229 21.97 -25.73 9.22
N LEU C 230 21.04 -26.53 8.71
CA LEU C 230 21.41 -27.67 7.89
C LEU C 230 22.17 -27.19 6.65
N VAL C 231 21.70 -26.10 6.03
CA VAL C 231 22.36 -25.57 4.84
C VAL C 231 23.74 -25.04 5.21
N ILE C 232 23.82 -24.36 6.35
CA ILE C 232 25.12 -23.89 6.80
C ILE C 232 26.06 -25.06 7.00
N LEU C 233 25.62 -26.10 7.70
CA LEU C 233 26.52 -27.24 7.96
C LEU C 233 26.98 -27.85 6.65
N ALA C 234 26.09 -27.91 5.66
CA ALA C 234 26.45 -28.41 4.35
C ALA C 234 27.54 -27.58 3.70
N ASP C 235 27.36 -26.26 3.68
CA ASP C 235 28.36 -25.33 3.13
C ASP C 235 29.73 -25.50 3.82
N TRP C 236 29.72 -25.62 5.13
CA TRP C 236 30.96 -25.76 5.88
C TRP C 236 31.70 -26.99 5.41
N LEU C 237 31.00 -28.13 5.40
CA LEU C 237 31.62 -29.41 5.09
C LEU C 237 32.30 -29.37 3.73
N VAL C 238 31.58 -28.94 2.71
CA VAL C 238 32.13 -28.97 1.35
C VAL C 238 33.02 -27.78 1.02
N SER C 239 33.47 -27.06 2.05
CA SER C 239 34.36 -25.91 1.88
C SER C 239 35.78 -26.14 2.42
N GLN C 240 36.02 -27.32 2.99
CA GLN C 240 37.33 -27.66 3.51
C GLN C 240 38.29 -27.85 2.35
N GLU C 241 39.50 -27.32 2.50
CA GLU C 241 40.45 -27.29 1.39
C GLU C 241 40.87 -28.67 0.86
N ASP C 242 40.89 -29.67 1.72
CA ASP C 242 41.21 -31.02 1.29
C ASP C 242 40.16 -31.53 0.30
N PHE C 243 38.89 -31.39 0.68
CA PHE C 243 37.81 -31.73 -0.20
C PHE C 243 37.94 -31.04 -1.56
N LEU C 244 38.19 -29.73 -1.52
CA LEU C 244 38.25 -28.92 -2.73
C LEU C 244 39.42 -29.26 -3.63
N LEU C 245 40.58 -29.46 -3.03
CA LEU C 245 41.77 -29.75 -3.80
C LEU C 245 41.55 -31.08 -4.48
N GLU C 246 40.88 -31.98 -3.79
CA GLU C 246 40.51 -33.25 -4.39
C GLU C 246 39.52 -33.06 -5.57
N ARG C 247 38.46 -32.26 -5.41
CA ARG C 247 37.50 -32.08 -6.52
C ARG C 247 38.14 -31.37 -7.69
N LEU C 248 39.21 -30.64 -7.40
CA LEU C 248 39.89 -29.80 -8.36
C LEU C 248 40.60 -30.62 -9.45
N THR C 249 40.89 -31.88 -9.14
CA THR C 249 41.55 -32.78 -10.11
C THR C 249 40.58 -33.38 -11.13
N SER C 250 39.28 -33.22 -10.90
CA SER C 250 38.26 -33.73 -11.81
C SER C 250 37.12 -32.74 -12.03
N LEU C 251 37.40 -31.63 -12.69
CA LEU C 251 36.36 -30.66 -12.97
C LEU C 251 35.56 -31.10 -14.17
N PRO C 252 34.28 -30.71 -14.24
CA PRO C 252 33.43 -31.03 -15.39
C PRO C 252 34.03 -30.55 -16.70
N ALA C 253 33.84 -31.33 -17.75
CA ALA C 253 34.45 -31.03 -19.06
C ALA C 253 33.68 -29.98 -19.81
N ASP C 254 32.44 -29.73 -19.38
CA ASP C 254 31.60 -28.64 -19.87
C ASP C 254 30.47 -28.45 -18.88
N GLY C 255 29.48 -27.64 -19.24
CA GLY C 255 28.35 -27.37 -18.36
C GLY C 255 27.11 -28.19 -18.67
N SER C 256 27.31 -29.27 -19.42
CA SER C 256 26.23 -30.14 -19.87
C SER C 256 25.55 -30.87 -18.72
N ALA C 257 24.27 -31.14 -18.88
CA ALA C 257 23.51 -31.85 -17.87
C ALA C 257 24.21 -33.13 -17.39
N SER C 258 24.67 -33.96 -18.32
CA SER C 258 25.37 -35.19 -17.92
C SER C 258 26.69 -34.91 -17.16
N ALA C 259 27.50 -33.98 -17.66
CA ALA C 259 28.70 -33.54 -16.93
C ALA C 259 28.39 -33.07 -15.51
N LEU C 260 27.29 -32.33 -15.36
CA LEU C 260 26.96 -31.77 -14.08
C LEU C 260 26.34 -32.81 -13.16
N ARG C 261 25.64 -33.78 -13.76
CA ARG C 261 25.10 -34.93 -13.03
C ARG C 261 26.23 -35.81 -12.47
N ALA C 262 27.22 -36.08 -13.32
CA ALA C 262 28.38 -36.88 -12.96
C ALA C 262 29.05 -36.28 -11.73
N HIS C 263 29.28 -34.96 -11.79
CA HIS C 263 29.86 -34.21 -10.67
C HIS C 263 29.06 -34.34 -9.38
N PHE C 264 27.75 -34.12 -9.47
CA PHE C 264 26.86 -34.25 -8.33
C PHE C 264 26.93 -35.66 -7.74
N GLU C 265 26.89 -36.69 -8.59
CA GLU C 265 26.95 -38.08 -8.10
C GLU C 265 28.28 -38.40 -7.47
N THR C 266 29.37 -38.02 -8.15
CA THR C 266 30.72 -38.04 -7.57
C THR C 266 30.77 -37.35 -6.20
N SER C 267 30.14 -36.18 -6.10
CA SER C 267 30.13 -35.47 -4.84
C SER C 267 29.29 -36.17 -3.78
N LEU C 268 28.14 -36.72 -4.17
CA LEU C 268 27.34 -37.61 -3.30
C LEU C 268 28.17 -38.71 -2.65
N ARG C 269 29.11 -39.24 -3.42
CA ARG C 269 29.95 -40.36 -2.96
C ARG C 269 30.94 -40.00 -1.86
N ARG C 270 31.37 -38.74 -1.82
CA ARG C 270 32.44 -38.34 -0.90
C ARG C 270 31.93 -37.83 0.44
N ILE C 271 30.70 -37.37 0.49
CA ILE C 271 30.16 -36.78 1.72
C ILE C 271 30.14 -37.73 2.93
N PRO C 272 29.86 -39.02 2.73
CA PRO C 272 29.86 -39.86 3.94
C PRO C 272 31.20 -39.91 4.72
N SER C 273 32.33 -39.90 4.03
CA SER C 273 33.63 -39.84 4.68
C SER C 273 33.85 -38.50 5.36
N LEU C 274 33.29 -37.45 4.77
CA LEU C 274 33.32 -36.13 5.36
C LEU C 274 32.74 -36.18 6.77
N LEU C 275 31.62 -36.92 6.93
CA LEU C 275 30.93 -37.03 8.23
C LEU C 275 31.71 -37.82 9.26
N ASP C 276 32.30 -38.94 8.85
CA ASP C 276 33.20 -39.69 9.72
C ASP C 276 34.35 -38.82 10.25
N ALA C 277 35.12 -38.26 9.33
CA ALA C 277 36.25 -37.42 9.66
C ALA C 277 35.93 -36.26 10.62
N ALA C 278 34.67 -35.80 10.62
CA ALA C 278 34.28 -34.69 11.51
C ALA C 278 33.66 -35.16 12.83
N GLY C 279 33.45 -36.46 12.97
CA GLY C 279 32.93 -37.02 14.21
C GLY C 279 31.44 -36.93 14.37
N LEU C 280 30.72 -36.90 13.26
CA LEU C 280 29.30 -36.55 13.26
C LEU C 280 28.32 -37.71 13.23
N ARG C 281 28.84 -38.94 13.17
CA ARG C 281 27.99 -40.12 13.12
C ARG C 281 27.20 -40.26 14.40
N PRO C 282 25.93 -40.66 14.28
CA PRO C 282 24.99 -40.71 15.41
C PRO C 282 25.44 -41.71 16.46
N ILE C 283 25.06 -41.46 17.70
CA ILE C 283 25.35 -42.42 18.75
C ILE C 283 24.04 -43.03 19.22
N THR C 284 23.87 -44.34 18.98
CA THR C 284 22.60 -44.99 19.30
C THR C 284 22.74 -45.97 20.45
N VAL C 285 21.78 -45.92 21.35
CA VAL C 285 21.75 -46.76 22.53
C VAL C 285 20.49 -47.66 22.55
N PRO C 286 20.69 -48.97 22.73
CA PRO C 286 19.60 -49.95 22.70
C PRO C 286 18.67 -49.70 23.85
N PRO C 287 17.40 -50.10 23.69
CA PRO C 287 16.44 -49.95 24.79
C PRO C 287 16.82 -50.90 25.93
N ALA C 288 16.53 -50.49 27.15
CA ALA C 288 16.87 -51.29 28.31
C ALA C 288 16.09 -50.80 29.50
N THR C 289 15.96 -51.67 30.50
CA THR C 289 15.33 -51.30 31.75
C THR C 289 16.35 -50.53 32.56
N PHE C 290 15.92 -49.99 33.68
CA PHE C 290 16.83 -49.26 34.55
C PHE C 290 17.98 -50.12 35.02
N THR C 291 17.70 -51.37 35.38
CA THR C 291 18.73 -52.23 35.96
C THR C 291 19.67 -52.74 34.89
N GLU C 292 19.14 -53.00 33.70
CA GLU C 292 19.98 -53.37 32.56
C GLU C 292 20.94 -52.24 32.17
N SER C 293 20.58 -51.01 32.56
CA SER C 293 21.37 -49.80 32.22
C SER C 293 22.48 -49.52 33.23
N PHE C 294 22.19 -49.76 34.50
CA PHE C 294 23.15 -49.54 35.56
C PHE C 294 23.34 -50.81 36.38
N PRO C 295 24.06 -51.78 35.81
CA PRO C 295 24.26 -53.09 36.44
C PRO C 295 25.00 -53.02 37.79
N HIS C 296 25.97 -52.11 37.89
CA HIS C 296 26.67 -51.90 39.15
C HIS C 296 25.74 -51.32 40.23
N LEU C 297 24.64 -50.70 39.81
CA LEU C 297 23.70 -50.13 40.76
C LEU C 297 23.02 -51.26 41.50
N SER C 298 23.53 -51.54 42.69
CA SER C 298 23.05 -52.63 43.53
C SER C 298 21.53 -52.59 43.65
N LYS C 299 21.03 -51.60 44.38
CA LYS C 299 19.60 -51.44 44.54
C LYS C 299 19.11 -50.08 44.05
N PRO C 300 18.28 -50.09 42.99
CA PRO C 300 17.62 -48.88 42.53
C PRO C 300 16.85 -48.14 43.61
N ASN C 301 16.66 -46.85 43.39
CA ASN C 301 16.21 -45.90 44.40
C ASN C 301 14.70 -45.76 44.49
N GLY C 302 14.21 -45.24 45.62
CA GLY C 302 12.79 -44.98 45.80
C GLY C 302 12.27 -44.08 44.69
N LEU C 303 13.10 -43.12 44.32
CA LEU C 303 12.85 -42.18 43.23
C LEU C 303 13.01 -42.89 41.88
N GLN C 304 14.16 -43.53 41.71
CA GLN C 304 14.43 -44.27 40.49
C GLN C 304 13.34 -45.31 40.20
N ALA C 305 12.86 -46.01 41.23
CA ALA C 305 11.82 -47.01 41.02
C ALA C 305 10.52 -46.35 40.55
N SER C 306 10.17 -45.23 41.17
CA SER C 306 8.99 -44.48 40.80
C SER C 306 8.98 -44.10 39.31
N LEU C 307 10.11 -43.60 38.83
CA LEU C 307 10.21 -43.17 37.43
C LEU C 307 10.18 -44.34 36.43
N ALA C 308 11.01 -45.35 36.67
CA ALA C 308 11.18 -46.45 35.72
C ALA C 308 9.92 -47.30 35.58
N LYS C 309 9.12 -47.29 36.63
CA LYS C 309 7.86 -48.01 36.65
C LYS C 309 6.73 -47.26 35.94
N HIS C 310 6.55 -45.99 36.28
CA HIS C 310 5.39 -45.23 35.77
C HIS C 310 5.61 -44.38 34.51
N LEU C 311 6.86 -44.16 34.11
CA LEU C 311 7.11 -43.29 32.95
C LEU C 311 6.90 -43.92 31.57
N PRO C 312 7.42 -45.15 31.34
CA PRO C 312 7.36 -45.69 29.97
C PRO C 312 6.00 -45.56 29.29
N CYS C 313 4.93 -45.65 30.09
CA CYS C 313 3.55 -45.50 29.60
C CYS C 313 3.20 -44.06 29.24
N LEU C 314 3.71 -43.10 30.00
CA LEU C 314 3.49 -41.69 29.72
C LEU C 314 4.29 -41.23 28.49
N CYS C 315 5.46 -41.83 28.26
CA CYS C 315 6.37 -41.34 27.21
C CYS C 315 5.99 -41.88 25.84
N THR C 316 4.85 -41.41 25.35
CA THR C 316 4.32 -41.82 24.05
C THR C 316 4.88 -40.96 22.89
N GLY C 317 5.44 -39.81 23.23
CA GLY C 317 6.07 -38.92 22.25
C GLY C 317 6.69 -37.72 22.94
N PRO C 318 6.73 -36.55 22.25
CA PRO C 318 7.32 -35.30 22.75
C PRO C 318 6.71 -34.90 24.07
N GLY C 319 7.58 -34.60 25.04
CA GLY C 319 7.14 -34.22 26.36
C GLY C 319 8.29 -33.72 27.22
N LEU C 320 7.95 -33.15 28.36
CA LEU C 320 8.91 -32.64 29.30
C LEU C 320 8.73 -33.38 30.62
N VAL C 321 9.85 -33.72 31.27
CA VAL C 321 9.81 -34.36 32.57
C VAL C 321 10.55 -33.49 33.57
N LEU C 322 9.91 -33.16 34.68
CA LEU C 322 10.50 -32.30 35.68
C LEU C 322 10.72 -33.09 36.97
N ILE C 323 11.98 -33.20 37.39
CA ILE C 323 12.32 -33.98 38.57
C ILE C 323 12.94 -33.10 39.65
N THR C 324 12.32 -33.10 40.83
CA THR C 324 12.77 -32.26 41.90
C THR C 324 13.04 -33.16 43.13
N ALA C 325 14.31 -33.31 43.50
CA ALA C 325 14.72 -34.23 44.57
C ALA C 325 16.07 -33.84 45.16
N PRO C 326 16.34 -34.20 46.44
CA PRO C 326 17.60 -33.87 47.10
C PRO C 326 18.84 -34.45 46.43
N MET C 327 19.99 -34.01 46.92
CA MET C 327 21.29 -34.51 46.49
C MET C 327 21.42 -35.95 46.96
N GLY C 328 22.15 -36.76 46.21
CA GLY C 328 22.40 -38.14 46.63
C GLY C 328 21.24 -39.06 46.35
N GLU C 329 20.21 -38.53 45.71
CA GLU C 329 19.08 -39.37 45.37
C GLU C 329 19.20 -39.92 43.95
N GLY C 330 20.41 -39.84 43.39
CA GLY C 330 20.66 -40.40 42.08
C GLY C 330 19.86 -39.84 40.91
N LYS C 331 19.75 -38.52 40.84
CA LYS C 331 19.06 -37.87 39.73
C LYS C 331 19.77 -38.11 38.40
N THR C 332 21.08 -38.21 38.46
CA THR C 332 21.90 -38.37 37.25
C THR C 332 21.51 -39.62 36.49
N GLU C 333 21.60 -40.78 37.15
CA GLU C 333 21.25 -42.07 36.55
C GLU C 333 19.79 -42.07 36.09
N ALA C 334 18.91 -41.54 36.94
CA ALA C 334 17.51 -41.33 36.61
C ALA C 334 17.36 -40.53 35.31
N ALA C 335 18.01 -39.38 35.25
CA ALA C 335 17.98 -38.52 34.07
C ALA C 335 18.37 -39.27 32.81
N TYR C 336 19.43 -40.07 32.89
CA TYR C 336 19.88 -40.85 31.74
C TYR C 336 18.78 -41.78 31.27
N HIS C 337 18.08 -42.37 32.23
CA HIS C 337 17.05 -43.34 31.86
C HIS C 337 15.84 -42.65 31.20
N VAL C 338 15.31 -41.60 31.83
CA VAL C 338 14.25 -40.80 31.22
C VAL C 338 14.62 -40.23 29.86
N ALA C 339 15.88 -39.81 29.69
CA ALA C 339 16.35 -39.36 28.37
C ALA C 339 16.29 -40.48 27.33
N ASP C 340 16.64 -41.70 27.73
CA ASP C 340 16.51 -42.87 26.85
C ASP C 340 15.06 -43.14 26.41
N LEU C 341 14.13 -42.95 27.32
CA LEU C 341 12.72 -43.18 27.03
C LEU C 341 12.16 -42.17 26.03
N LEU C 342 12.33 -40.90 26.36
CA LEU C 342 11.95 -39.78 25.52
C LEU C 342 12.69 -39.87 24.18
N GLY C 343 13.92 -40.38 24.22
CA GLY C 343 14.68 -40.58 23.01
C GLY C 343 14.02 -41.49 22.01
N LYS C 344 13.63 -42.71 22.42
CA LYS C 344 12.96 -43.67 21.53
C LYS C 344 11.59 -43.13 21.10
N ALA C 345 10.86 -42.59 22.07
CA ALA C 345 9.54 -42.01 21.80
C ALA C 345 9.53 -40.92 20.72
N THR C 346 10.63 -40.17 20.59
CA THR C 346 10.69 -39.05 19.65
C THR C 346 11.66 -39.22 18.49
N GLY C 347 12.24 -40.41 18.31
CA GLY C 347 13.16 -40.59 17.20
C GLY C 347 14.42 -39.71 17.25
N ARG C 348 14.86 -39.42 18.47
CA ARG C 348 16.01 -38.55 18.70
C ARG C 348 17.07 -39.22 19.59
N PRO C 349 18.08 -39.82 18.94
CA PRO C 349 19.14 -40.47 19.68
C PRO C 349 20.21 -39.50 20.17
N GLY C 350 20.09 -38.22 19.80
CA GLY C 350 21.06 -37.22 20.23
C GLY C 350 20.83 -36.80 21.66
N ARG C 351 21.87 -36.21 22.28
CA ARG C 351 21.81 -35.75 23.68
C ARG C 351 22.52 -34.42 23.87
N PHE C 352 21.92 -33.53 24.67
CA PHE C 352 22.69 -32.42 25.23
C PHE C 352 22.43 -32.31 26.71
N LEU C 353 23.48 -32.42 27.51
CA LEU C 353 23.34 -32.23 28.96
C LEU C 353 23.86 -30.84 29.34
N ALA C 354 22.98 -30.01 29.89
CA ALA C 354 23.31 -28.64 30.24
C ALA C 354 23.61 -28.50 31.72
N LEU C 355 24.83 -28.13 32.06
CA LEU C 355 25.17 -27.95 33.47
C LEU C 355 25.43 -26.50 33.89
N PRO C 356 25.33 -26.19 35.19
CA PRO C 356 25.40 -24.77 35.60
C PRO C 356 26.80 -24.16 35.60
N THR C 357 27.84 -24.98 35.54
CA THR C 357 29.22 -24.50 35.60
C THR C 357 30.13 -25.38 34.76
N MET C 358 31.31 -24.85 34.40
CA MET C 358 32.27 -25.58 33.57
C MET C 358 32.78 -26.85 34.23
N ALA C 359 32.95 -26.81 35.55
CA ALA C 359 33.49 -27.94 36.29
C ALA C 359 32.48 -29.08 36.43
N THR C 360 31.23 -28.73 36.73
CA THR C 360 30.18 -29.74 36.80
C THR C 360 29.96 -30.39 35.44
N ALA C 361 30.07 -29.60 34.37
CA ALA C 361 30.05 -30.17 33.03
C ALA C 361 31.21 -31.12 32.83
N ASP C 362 32.41 -30.75 33.29
CA ASP C 362 33.59 -31.61 33.15
C ASP C 362 33.34 -32.98 33.82
N GLN C 363 32.81 -32.97 35.04
CA GLN C 363 32.46 -34.21 35.75
C GLN C 363 31.39 -35.00 35.00
N MET C 364 30.36 -34.32 34.52
CA MET C 364 29.26 -35.01 33.84
C MET C 364 29.67 -35.57 32.48
N HIS C 365 30.64 -34.95 31.81
CA HIS C 365 31.21 -35.44 30.54
C HIS C 365 31.92 -36.78 30.73
N THR C 366 32.63 -36.91 31.84
CA THR C 366 33.27 -38.17 32.20
C THR C 366 32.22 -39.28 32.41
N ARG C 367 31.31 -39.04 33.37
CA ARG C 367 30.21 -39.95 33.69
C ARG C 367 29.46 -40.45 32.47
N LEU C 368 29.25 -39.57 31.49
CA LEU C 368 28.50 -39.92 30.32
C LEU C 368 29.34 -40.70 29.31
N LYS C 369 30.63 -40.40 29.21
CA LYS C 369 31.51 -41.10 28.26
C LYS C 369 31.62 -42.57 28.66
N GLU C 370 31.48 -42.84 29.96
CA GLU C 370 31.56 -44.21 30.39
C GLU C 370 30.23 -44.93 30.22
N TYR C 371 29.14 -44.25 30.54
CA TYR C 371 27.81 -44.75 30.27
C TYR C 371 27.69 -45.18 28.82
N ALA C 372 28.24 -44.36 27.93
CA ALA C 372 28.22 -44.67 26.51
C ALA C 372 29.07 -45.87 26.17
N ARG C 373 30.16 -46.04 26.90
CA ARG C 373 31.05 -47.17 26.61
C ARG C 373 30.32 -48.48 26.88
N TYR C 374 29.61 -48.50 28.02
CA TYR C 374 28.87 -49.68 28.43
C TYR C 374 27.67 -49.95 27.53
N ARG C 375 26.92 -48.89 27.23
CA ARG C 375 25.62 -49.03 26.59
C ARG C 375 25.61 -49.19 25.06
N VAL C 376 26.59 -48.63 24.37
CA VAL C 376 26.59 -48.70 22.90
C VAL C 376 27.01 -50.11 22.46
N GLU C 377 26.52 -50.54 21.29
CA GLU C 377 26.88 -51.84 20.72
C GLU C 377 28.27 -51.83 20.10
N ASN C 378 28.95 -52.98 20.16
CA ASN C 378 30.35 -53.10 19.78
C ASN C 378 30.73 -52.63 18.37
N THR C 379 30.15 -53.28 17.36
CA THR C 379 30.46 -52.98 15.96
C THR C 379 31.95 -53.13 15.64
N ARG C 383 36.43 -44.09 16.82
CA ARG C 383 35.77 -43.39 15.72
C ARG C 383 34.39 -43.97 15.47
N SER C 384 33.44 -43.16 15.00
CA SER C 384 33.65 -41.75 14.68
C SER C 384 32.44 -40.92 15.06
N SER C 385 32.20 -40.84 16.36
CA SER C 385 31.07 -40.13 16.93
C SER C 385 31.51 -39.40 18.19
N THR C 386 31.90 -38.13 18.10
CA THR C 386 32.48 -37.53 19.28
C THR C 386 31.40 -37.19 20.30
N LEU C 387 31.76 -37.31 21.57
CA LEU C 387 30.93 -36.86 22.67
C LEU C 387 31.61 -35.58 23.19
N ALA C 388 31.06 -34.44 22.76
CA ALA C 388 31.72 -33.15 22.92
C ALA C 388 31.53 -32.54 24.29
N LEU C 389 32.54 -31.81 24.72
CA LEU C 389 32.51 -31.03 25.95
C LEU C 389 32.41 -29.59 25.52
N LEU C 390 31.31 -28.95 25.90
CA LEU C 390 30.96 -27.64 25.35
C LEU C 390 30.95 -26.53 26.41
N HIS C 391 32.09 -25.85 26.57
CA HIS C 391 32.16 -24.59 27.31
C HIS C 391 33.41 -23.83 26.87
N SER C 392 33.56 -22.59 27.34
CA SER C 392 34.62 -21.70 26.86
C SER C 392 36.05 -22.11 27.24
N MET C 393 36.18 -23.16 28.04
CA MET C 393 37.48 -23.60 28.52
C MET C 393 37.82 -25.01 28.07
N ALA C 394 36.93 -25.62 27.30
CA ALA C 394 37.11 -27.00 26.83
C ALA C 394 38.40 -27.18 26.03
N TRP C 395 38.79 -26.14 25.29
CA TRP C 395 40.00 -26.18 24.46
C TRP C 395 41.25 -26.37 25.30
N LEU C 396 41.17 -26.01 26.58
CA LEU C 396 42.35 -26.00 27.44
C LEU C 396 42.45 -27.25 28.27
N ASN C 397 41.43 -28.10 28.19
CA ASN C 397 41.35 -29.36 28.94
C ASN C 397 42.06 -30.50 28.19
N PRO C 398 43.21 -30.95 28.73
CA PRO C 398 44.14 -31.90 28.08
C PRO C 398 43.51 -33.29 27.87
N ASP C 399 42.56 -33.65 28.73
CA ASP C 399 41.81 -34.91 28.60
C ASP C 399 40.70 -34.79 27.60
N TYR C 400 40.46 -33.60 27.07
CA TYR C 400 39.42 -33.45 26.04
C TYR C 400 39.99 -33.09 24.70
N ALA C 401 40.74 -32.00 24.64
CA ALA C 401 41.25 -31.46 23.36
C ALA C 401 42.23 -32.41 22.65
N PRO C 402 42.17 -32.46 21.32
CA PRO C 402 43.10 -33.30 20.55
C PRO C 402 44.49 -32.65 20.46
N ALA C 403 45.48 -33.39 19.97
CA ALA C 403 46.83 -32.82 19.82
C ALA C 403 46.93 -32.07 18.49
N ASP C 419 40.44 -43.11 20.65
CA ASP C 419 39.26 -43.82 21.10
C ASP C 419 37.99 -43.44 20.35
N PRO C 420 36.88 -44.24 20.64
CA PRO C 420 35.67 -43.87 19.89
C PRO C 420 34.94 -42.50 20.07
N PHE C 421 34.76 -41.98 21.28
CA PHE C 421 33.94 -40.78 21.44
C PHE C 421 34.77 -39.54 21.59
N ALA C 422 35.99 -39.62 21.15
CA ALA C 422 37.02 -38.59 21.34
C ALA C 422 36.74 -37.34 20.49
N ALA C 423 37.12 -36.17 21.01
CA ALA C 423 36.94 -34.95 20.27
C ALA C 423 37.71 -35.01 18.97
N THR C 424 37.16 -34.37 17.96
CA THR C 424 37.68 -34.44 16.61
C THR C 424 38.22 -33.02 16.35
N ASP C 425 39.13 -32.85 15.39
CA ASP C 425 39.61 -31.50 15.10
C ASP C 425 38.45 -30.60 14.67
N TRP C 426 37.65 -31.11 13.75
CA TRP C 426 36.53 -30.38 13.17
C TRP C 426 35.58 -29.84 14.22
N LEU C 427 35.20 -30.66 15.19
CA LEU C 427 34.22 -30.25 16.19
C LEU C 427 34.76 -29.26 17.20
N MET C 428 36.08 -29.06 17.19
CA MET C 428 36.69 -28.08 18.10
C MET C 428 36.41 -26.64 17.62
N GLY C 429 36.09 -26.53 16.33
CA GLY C 429 35.82 -25.24 15.72
C GLY C 429 34.66 -24.45 16.28
N ARG C 430 34.77 -23.13 16.14
CA ARG C 430 33.65 -22.21 15.93
C ARG C 430 32.44 -22.36 16.81
N LYS C 431 31.31 -22.56 16.14
CA LYS C 431 30.05 -22.74 16.82
C LYS C 431 29.54 -24.11 16.39
N ARG C 432 30.44 -25.08 16.40
CA ARG C 432 30.15 -26.38 15.87
C ARG C 432 29.74 -27.40 16.95
N GLY C 433 30.03 -27.06 18.20
CA GLY C 433 29.84 -27.98 19.32
C GLY C 433 28.53 -28.73 19.42
N LEU C 434 27.40 -28.02 19.31
CA LEU C 434 26.09 -28.65 19.48
C LEU C 434 25.71 -29.53 18.29
N LEU C 435 26.58 -29.61 17.30
CA LEU C 435 26.32 -30.54 16.19
C LEU C 435 26.84 -31.94 16.51
N ALA C 436 27.51 -32.08 17.63
CA ALA C 436 27.96 -33.40 18.10
C ALA C 436 26.76 -34.25 18.49
N PRO C 437 26.75 -35.52 18.10
CA PRO C 437 25.61 -36.41 18.37
C PRO C 437 25.26 -36.47 19.84
N TRP C 438 26.28 -36.55 20.69
CA TRP C 438 26.10 -36.35 22.14
C TRP C 438 27.04 -35.25 22.63
N ALA C 439 26.52 -34.33 23.44
CA ALA C 439 27.37 -33.27 23.96
C ALA C 439 26.96 -32.90 25.36
N VAL C 440 27.94 -32.57 26.21
CA VAL C 440 27.59 -32.00 27.50
C VAL C 440 28.30 -30.68 27.68
N GLY C 441 27.72 -29.79 28.50
CA GLY C 441 28.29 -28.47 28.68
C GLY C 441 27.50 -27.58 29.61
N THR C 442 27.78 -26.28 29.53
CA THR C 442 27.11 -25.30 30.36
C THR C 442 25.74 -25.04 29.78
N ILE C 443 24.79 -24.72 30.64
CA ILE C 443 23.49 -24.29 30.18
C ILE C 443 23.59 -23.11 29.22
N ASP C 444 24.61 -22.26 29.40
CA ASP C 444 24.83 -21.09 28.54
C ASP C 444 24.99 -21.45 27.07
N GLN C 445 25.62 -22.59 26.80
CA GLN C 445 25.80 -23.02 25.42
C GLN C 445 24.44 -23.23 24.76
N ALA C 446 23.44 -23.61 25.55
CA ALA C 446 22.10 -23.83 25.00
C ALA C 446 21.32 -22.52 24.88
N LEU C 447 21.32 -21.73 25.95
CA LEU C 447 20.71 -20.40 25.99
C LEU C 447 21.16 -19.49 24.84
N MET C 448 22.38 -19.70 24.34
CA MET C 448 22.91 -18.93 23.22
C MET C 448 22.12 -19.19 21.95
N ALA C 449 21.33 -20.25 21.95
CA ALA C 449 20.51 -20.53 20.78
C ALA C 449 19.28 -19.60 20.69
N VAL C 450 18.93 -18.93 21.78
CA VAL C 450 17.76 -18.05 21.76
C VAL C 450 18.08 -16.59 22.00
N LEU C 451 19.36 -16.28 21.96
CA LEU C 451 19.84 -14.90 22.03
C LEU C 451 19.92 -14.41 20.60
N ARG C 452 19.56 -13.16 20.36
CA ARG C 452 19.74 -12.57 19.02
C ARG C 452 21.23 -12.40 18.71
N ALA C 453 21.78 -13.26 17.85
CA ALA C 453 23.20 -13.23 17.54
C ALA C 453 23.49 -14.11 16.34
N LYS C 454 24.63 -13.91 15.69
CA LYS C 454 24.92 -14.63 14.45
C LYS C 454 24.98 -16.15 14.63
N HIS C 455 24.55 -16.87 13.59
CA HIS C 455 24.53 -18.34 13.61
C HIS C 455 23.73 -19.04 14.73
N ASN C 456 22.77 -18.35 15.34
CA ASN C 456 21.96 -19.00 16.34
C ASN C 456 21.07 -20.04 15.67
N ALA C 457 20.92 -19.90 14.36
CA ALA C 457 20.20 -20.90 13.59
C ALA C 457 20.95 -22.23 13.72
N LEU C 458 22.28 -22.19 13.59
CA LEU C 458 23.09 -23.39 13.77
C LEU C 458 22.87 -24.06 15.11
N ARG C 459 22.70 -23.28 16.17
CA ARG C 459 22.54 -23.90 17.50
C ARG C 459 21.15 -24.52 17.68
N LEU C 460 20.14 -23.88 17.12
CA LEU C 460 18.79 -24.44 17.09
C LEU C 460 18.79 -25.79 16.36
N PHE C 461 19.43 -25.84 15.20
CA PHE C 461 19.54 -27.06 14.43
C PHE C 461 20.22 -28.20 15.24
N GLY C 462 21.40 -27.94 15.79
CA GLY C 462 22.07 -28.95 16.58
C GLY C 462 21.22 -29.45 17.75
N LEU C 463 20.38 -28.57 18.30
CA LEU C 463 19.59 -28.91 19.46
C LEU C 463 18.39 -29.76 19.01
N ALA C 464 17.93 -29.50 17.79
CA ALA C 464 16.68 -30.06 17.25
C ALA C 464 16.60 -31.62 17.14
N GLY C 465 17.73 -32.30 17.02
CA GLY C 465 17.68 -33.75 16.91
C GLY C 465 18.09 -34.41 18.21
N LYS C 466 17.93 -33.73 19.33
CA LYS C 466 18.42 -34.23 20.59
C LYS C 466 17.33 -34.24 21.64
N VAL C 467 17.61 -34.95 22.73
CA VAL C 467 16.83 -34.87 23.94
C VAL C 467 17.65 -33.93 24.81
N VAL C 468 17.07 -32.84 25.28
CA VAL C 468 17.90 -31.96 26.06
C VAL C 468 17.58 -32.02 27.57
N VAL C 469 18.65 -32.15 28.35
CA VAL C 469 18.55 -32.35 29.77
C VAL C 469 19.18 -31.16 30.45
N VAL C 470 18.42 -30.44 31.27
CA VAL C 470 19.06 -29.36 32.03
C VAL C 470 19.09 -29.64 33.54
N ASP C 471 20.29 -29.67 34.10
CA ASP C 471 20.42 -29.97 35.52
C ASP C 471 20.39 -28.68 36.36
N GLU C 472 20.14 -28.83 37.66
CA GLU C 472 20.18 -27.72 38.61
C GLU C 472 19.35 -26.52 38.17
N ALA C 473 18.11 -26.79 37.76
CA ALA C 473 17.23 -25.74 37.25
C ALA C 473 16.92 -24.66 38.30
N HIS C 474 17.06 -25.01 39.58
CA HIS C 474 16.82 -24.08 40.68
C HIS C 474 17.93 -23.01 40.77
N ALA C 475 18.94 -23.14 39.93
CA ALA C 475 20.11 -22.28 39.97
C ALA C 475 20.07 -21.19 38.88
N VAL C 476 18.98 -21.14 38.13
CA VAL C 476 18.80 -20.11 37.11
C VAL C 476 18.04 -18.90 37.70
N ASP C 477 18.67 -17.72 37.68
CA ASP C 477 18.12 -16.49 38.29
C ASP C 477 17.05 -15.85 37.34
N PRO C 478 16.34 -14.80 37.79
CA PRO C 478 15.26 -14.33 36.90
C PRO C 478 15.68 -14.03 35.45
N TYR C 479 16.83 -13.41 35.25
CA TYR C 479 17.31 -13.13 33.89
C TYR C 479 17.48 -14.42 33.09
N MET C 480 18.19 -15.38 33.65
CA MET C 480 18.42 -16.67 32.99
C MET C 480 17.12 -17.44 32.79
N GLN C 481 16.23 -17.30 33.77
CA GLN C 481 14.96 -17.98 33.70
C GLN C 481 14.15 -17.57 32.45
N VAL C 482 14.19 -16.27 32.11
CA VAL C 482 13.53 -15.77 30.91
C VAL C 482 14.13 -16.40 29.64
N LEU C 483 15.46 -16.47 29.55
CA LEU C 483 16.10 -17.18 28.43
C LEU C 483 15.74 -18.67 28.37
N LEU C 484 15.73 -19.34 29.53
CA LEU C 484 15.38 -20.75 29.57
C LEU C 484 13.90 -20.93 29.15
N GLU C 485 13.02 -19.99 29.52
CA GLU C 485 11.65 -20.06 29.06
C GLU C 485 11.61 -19.99 27.55
N GLN C 486 12.39 -19.07 26.99
CA GLN C 486 12.39 -18.93 25.55
C GLN C 486 13.02 -20.13 24.85
N LEU C 487 13.98 -20.79 25.49
CA LEU C 487 14.52 -22.03 24.90
C LEU C 487 13.49 -23.17 24.95
N LEU C 488 12.90 -23.37 26.12
CA LEU C 488 11.84 -24.35 26.31
C LEU C 488 10.69 -24.20 25.31
N ARG C 489 10.31 -22.95 25.10
CA ARG C 489 9.20 -22.62 24.22
C ARG C 489 9.55 -22.99 22.78
N TRP C 490 10.79 -22.73 22.36
CA TRP C 490 11.25 -23.11 21.02
C TRP C 490 11.53 -24.63 20.85
N LEU C 491 11.97 -25.29 21.91
CA LEU C 491 12.17 -26.74 21.86
C LEU C 491 10.79 -27.42 21.71
N GLY C 492 9.86 -26.98 22.57
CA GLY C 492 8.47 -27.31 22.42
C GLY C 492 7.90 -27.31 21.00
N THR C 493 8.29 -26.35 20.17
CA THR C 493 7.69 -26.29 18.83
C THR C 493 8.43 -27.16 17.80
N LEU C 494 9.62 -27.62 18.15
CA LEU C 494 10.43 -28.45 17.28
C LEU C 494 10.38 -29.92 17.72
N ASP C 495 9.44 -30.24 18.61
CA ASP C 495 9.26 -31.61 19.08
C ASP C 495 10.48 -32.17 19.78
N VAL C 496 11.17 -31.35 20.56
CA VAL C 496 12.26 -31.93 21.32
C VAL C 496 11.85 -32.12 22.76
N PRO C 497 12.08 -33.35 23.27
CA PRO C 497 11.78 -33.73 24.65
C PRO C 497 12.84 -33.16 25.60
N VAL C 498 12.39 -32.86 26.80
CA VAL C 498 13.20 -32.12 27.74
C VAL C 498 13.08 -32.76 29.11
N VAL C 499 14.22 -32.98 29.75
CA VAL C 499 14.25 -33.39 31.14
C VAL C 499 14.78 -32.22 31.99
N LEU C 500 13.95 -31.72 32.90
CA LEU C 500 14.39 -30.70 33.85
C LEU C 500 14.72 -31.31 35.20
N LEU C 501 15.98 -31.22 35.62
CA LEU C 501 16.37 -31.69 36.95
C LEU C 501 16.49 -30.49 37.88
N SER C 502 16.29 -30.73 39.18
CA SER C 502 16.35 -29.64 40.14
C SER C 502 16.41 -30.11 41.60
N ALA C 503 16.92 -29.28 42.50
CA ALA C 503 16.73 -29.48 43.92
C ALA C 503 15.47 -28.67 44.13
N THR C 504 15.17 -28.30 45.36
CA THR C 504 13.84 -27.76 45.60
C THR C 504 13.68 -26.55 44.67
N LEU C 505 12.47 -26.39 44.14
CA LEU C 505 12.18 -25.38 43.14
C LEU C 505 10.88 -24.65 43.50
N HIS C 506 10.89 -23.32 43.54
CA HIS C 506 9.68 -22.55 43.81
C HIS C 506 8.56 -22.87 42.80
N HIS C 507 7.33 -23.01 43.28
CA HIS C 507 6.25 -23.49 42.41
C HIS C 507 6.11 -22.60 41.18
N SER C 508 6.17 -21.29 41.41
CA SER C 508 6.04 -20.27 40.36
C SER C 508 6.99 -20.52 39.21
N ILE C 509 8.25 -20.77 39.54
CA ILE C 509 9.27 -21.03 38.55
C ILE C 509 8.97 -22.31 37.79
N ALA C 510 8.70 -23.39 38.51
CA ALA C 510 8.27 -24.65 37.89
C ALA C 510 7.17 -24.42 36.88
N ASN C 511 6.17 -23.65 37.30
CA ASN C 511 5.01 -23.27 36.48
C ASN C 511 5.38 -22.56 35.18
N SER C 512 6.23 -21.53 35.29
CA SER C 512 6.72 -20.76 34.14
C SER C 512 7.38 -21.61 33.07
N LEU C 513 8.19 -22.55 33.51
CA LEU C 513 8.99 -23.34 32.60
C LEU C 513 8.17 -24.39 31.90
N VAL C 514 7.24 -25.03 32.61
CA VAL C 514 6.43 -26.02 31.91
C VAL C 514 5.42 -25.28 31.04
N LYS C 515 4.97 -24.11 31.51
CA LYS C 515 4.08 -23.26 30.72
C LYS C 515 4.76 -22.93 29.40
N ALA C 516 6.00 -22.47 29.49
CA ALA C 516 6.83 -22.21 28.33
C ALA C 516 6.83 -23.38 27.35
N TYR C 517 7.12 -24.57 27.85
CA TYR C 517 7.13 -25.75 26.99
C TYR C 517 5.77 -25.97 26.31
N LEU C 518 4.69 -25.88 27.06
CA LEU C 518 3.36 -26.01 26.47
C LEU C 518 3.05 -24.92 25.43
N GLU C 519 3.39 -23.67 25.76
CA GLU C 519 3.24 -22.54 24.81
C GLU C 519 3.83 -22.88 23.45
N GLY C 520 5.10 -23.31 23.44
CA GLY C 520 5.71 -23.72 22.19
C GLY C 520 5.07 -24.96 21.54
N ALA C 521 4.68 -25.91 22.37
CA ALA C 521 4.15 -27.15 21.83
C ALA C 521 2.79 -26.93 21.17
N ARG C 522 1.98 -26.05 21.74
CA ARG C 522 0.63 -25.80 21.23
C ARG C 522 0.58 -24.61 20.29
N GLY C 523 1.70 -23.94 20.08
CA GLY C 523 1.76 -22.83 19.14
C GLY C 523 1.07 -21.53 19.50
N ARG C 524 0.78 -21.33 20.79
CA ARG C 524 0.27 -20.05 21.26
C ARG C 524 0.55 -19.85 22.75
N ARG C 525 0.70 -18.60 23.16
CA ARG C 525 1.03 -18.24 24.54
C ARG C 525 -0.15 -18.42 25.47
N TRP C 526 0.03 -18.08 26.75
CA TRP C 526 -1.01 -18.29 27.74
C TRP C 526 -1.88 -17.05 27.92
N ASN C 527 -3.18 -17.26 28.16
CA ASN C 527 -4.09 -16.15 28.43
C ASN C 527 -4.25 -15.98 29.93
N ARG C 528 -4.62 -14.77 30.36
CA ARG C 528 -4.73 -14.46 31.79
C ARG C 528 -5.81 -15.27 32.49
N SER C 529 -6.76 -15.81 31.73
CA SER C 529 -7.89 -16.51 32.31
C SER C 529 -7.61 -17.99 32.45
N GLU C 530 -6.67 -18.49 31.65
CA GLU C 530 -6.39 -19.92 31.59
C GLU C 530 -5.74 -20.40 32.89
N PRO C 531 -6.25 -21.51 33.45
CA PRO C 531 -5.79 -22.03 34.74
C PRO C 531 -4.34 -22.52 34.67
N GLN C 532 -3.53 -22.25 35.70
CA GLN C 532 -2.10 -22.60 35.68
C GLN C 532 -1.85 -24.10 35.67
N PRO C 533 -0.84 -24.55 34.90
CA PRO C 533 -0.51 -25.97 34.80
C PRO C 533 0.19 -26.55 36.03
N VAL C 534 0.77 -25.71 36.88
CA VAL C 534 1.52 -26.18 38.05
C VAL C 534 1.30 -25.25 39.23
N SER C 535 0.41 -25.62 40.14
CA SER C 535 0.11 -24.76 41.30
C SER C 535 0.88 -25.18 42.57
N GLU C 536 1.38 -26.41 42.56
CA GLU C 536 2.09 -27.01 43.69
C GLU C 536 3.13 -27.96 43.13
N VAL C 537 4.34 -27.91 43.68
CA VAL C 537 5.30 -28.99 43.44
C VAL C 537 5.60 -29.60 44.78
N SER C 538 6.03 -30.85 44.76
CA SER C 538 6.38 -31.51 45.98
C SER C 538 7.84 -31.92 45.88
N TYR C 539 8.48 -32.00 47.04
CA TYR C 539 9.89 -32.27 47.11
C TYR C 539 10.12 -33.39 48.13
N PRO C 540 10.57 -34.56 47.68
CA PRO C 540 10.80 -34.91 46.28
C PRO C 540 9.51 -35.06 45.53
N GLY C 541 9.62 -35.36 44.25
CA GLY C 541 8.46 -35.57 43.41
C GLY C 541 8.90 -35.40 41.98
N TRP C 542 8.07 -35.84 41.05
CA TRP C 542 8.30 -35.56 39.66
C TRP C 542 6.98 -35.32 38.97
N LEU C 543 7.03 -35.18 37.66
CA LEU C 543 5.94 -34.62 36.89
C LEU C 543 6.22 -34.88 35.43
N HIS C 544 5.17 -35.04 34.64
CA HIS C 544 5.33 -35.29 33.22
C HIS C 544 4.32 -34.48 32.43
N VAL C 545 4.79 -33.86 31.36
CA VAL C 545 4.00 -32.97 30.51
C VAL C 545 3.93 -33.55 29.11
N ASP C 546 2.72 -33.74 28.58
CA ASP C 546 2.56 -34.25 27.23
C ASP C 546 2.37 -33.12 26.19
N ALA C 547 3.20 -33.15 25.13
CA ALA C 547 3.17 -32.10 24.13
C ALA C 547 1.89 -32.15 23.29
N ARG C 548 1.41 -33.37 23.03
CA ARG C 548 0.26 -33.59 22.14
C ARG C 548 -1.04 -32.94 22.66
N ILE C 549 -1.43 -33.24 23.89
CA ILE C 549 -2.71 -32.76 24.43
C ILE C 549 -2.56 -31.78 25.61
N GLY C 550 -1.34 -31.63 26.11
CA GLY C 550 -1.08 -30.64 27.14
C GLY C 550 -1.35 -31.09 28.56
N LYS C 551 -1.37 -32.40 28.80
CA LYS C 551 -1.76 -32.91 30.10
C LYS C 551 -0.59 -33.02 31.08
N VAL C 552 -0.74 -32.40 32.25
CA VAL C 552 0.29 -32.51 33.27
C VAL C 552 -0.01 -33.65 34.25
N THR C 553 0.85 -34.67 34.27
CA THR C 553 0.68 -35.79 35.20
C THR C 553 1.66 -35.74 36.35
N ARG C 554 1.17 -35.42 37.54
CA ARG C 554 2.01 -35.44 38.74
C ARG C 554 2.32 -36.86 39.15
N SER C 555 3.32 -37.04 40.02
CA SER C 555 3.70 -38.38 40.45
C SER C 555 2.63 -38.94 41.39
N SER C 556 2.02 -38.06 42.17
CA SER C 556 0.91 -38.40 43.06
C SER C 556 -0.23 -39.08 42.32
N ASP C 557 -0.44 -38.65 41.08
CA ASP C 557 -1.54 -39.08 40.23
C ASP C 557 -1.37 -40.50 39.68
N VAL C 558 -0.17 -41.07 39.78
CA VAL C 558 0.08 -42.39 39.18
C VAL C 558 0.79 -43.35 40.13
N ASP C 559 1.43 -42.82 41.15
CA ASP C 559 2.14 -43.68 42.07
C ASP C 559 1.70 -43.42 43.47
N PRO C 560 1.04 -44.42 44.00
CA PRO C 560 0.44 -44.46 45.34
C PRO C 560 1.46 -44.39 46.42
N LEU C 561 2.59 -45.00 46.18
CA LEU C 561 3.58 -45.20 47.22
C LEU C 561 4.42 -43.98 47.34
N PRO C 562 4.54 -43.44 48.64
CA PRO C 562 5.32 -42.19 48.69
C PRO C 562 6.80 -42.35 48.46
N ILE C 563 7.44 -41.40 47.79
CA ILE C 563 8.83 -41.56 47.43
C ILE C 563 9.73 -41.43 48.61
N ALA C 564 10.57 -42.42 48.79
CA ALA C 564 11.40 -42.53 49.98
C ALA C 564 12.84 -42.16 49.65
N THR C 565 13.39 -41.21 50.41
CA THR C 565 14.77 -40.79 50.21
C THR C 565 15.67 -41.18 51.38
N THR C 566 16.91 -40.69 51.34
CA THR C 566 17.85 -40.97 52.40
C THR C 566 17.28 -40.38 53.69
N PRO C 567 17.20 -41.22 54.73
CA PRO C 567 16.70 -40.73 56.02
C PRO C 567 17.75 -39.88 56.71
N ARG C 568 17.34 -38.75 57.28
CA ARG C 568 18.31 -37.89 57.93
C ARG C 568 17.76 -37.13 59.14
N LYS C 569 18.59 -37.01 60.17
CA LYS C 569 18.23 -36.28 61.37
C LYS C 569 17.84 -34.85 61.01
N PRO C 570 16.85 -34.30 61.72
CA PRO C 570 16.43 -32.92 61.49
C PRO C 570 17.57 -31.94 61.76
N LEU C 571 17.60 -30.87 60.96
CA LEU C 571 18.66 -29.88 61.03
C LEU C 571 18.33 -28.80 62.06
N GLU C 572 19.16 -28.61 63.07
CA GLU C 572 18.91 -27.55 64.04
C GLU C 572 19.39 -26.24 63.42
N VAL C 573 18.60 -25.18 63.53
CA VAL C 573 19.04 -23.87 63.03
C VAL C 573 18.93 -22.81 64.09
N ARG C 574 20.08 -22.27 64.49
CA ARG C 574 20.11 -21.38 65.63
C ARG C 574 20.53 -19.98 65.23
N LEU C 575 19.62 -19.02 65.39
CA LEU C 575 19.96 -17.63 65.15
C LEU C 575 20.80 -17.10 66.30
N VAL C 576 21.92 -16.48 65.94
CA VAL C 576 22.83 -15.90 66.92
C VAL C 576 23.10 -14.44 66.59
N ASP C 577 22.81 -13.54 67.54
CA ASP C 577 23.11 -12.13 67.35
C ASP C 577 24.62 -11.86 67.38
N VAL C 578 25.03 -10.91 66.55
CA VAL C 578 26.44 -10.57 66.45
C VAL C 578 26.55 -9.05 66.49
N PRO C 579 27.44 -8.52 67.36
CA PRO C 579 27.57 -7.07 67.53
C PRO C 579 28.13 -6.40 66.28
N VAL C 580 27.79 -5.12 66.10
CA VAL C 580 28.18 -4.39 64.92
C VAL C 580 29.22 -3.30 65.23
N LYS C 581 30.37 -3.38 64.54
CA LYS C 581 31.42 -2.37 64.62
C LYS C 581 31.60 -1.69 63.26
N GLU C 582 31.29 -0.40 63.18
CA GLU C 582 31.43 0.38 61.93
C GLU C 582 30.69 -0.26 60.74
N GLY C 583 29.46 -0.72 60.98
CA GLY C 583 28.63 -1.25 59.91
C GLY C 583 29.01 -2.63 59.38
N ALA C 584 29.90 -3.32 60.07
CA ALA C 584 30.25 -4.71 59.76
C ALA C 584 29.97 -5.62 60.96
N LEU C 585 30.10 -6.93 60.77
CA LEU C 585 29.97 -7.86 61.90
C LEU C 585 31.31 -8.07 62.59
N ASN C 586 31.29 -8.03 63.92
CA ASN C 586 32.44 -8.46 64.71
C ASN C 586 32.18 -9.88 65.19
N ARG C 587 32.73 -10.87 64.52
CA ARG C 587 32.40 -12.24 64.84
C ARG C 587 33.33 -12.81 65.91
N SER C 588 34.10 -11.96 66.56
CA SER C 588 35.08 -12.41 67.54
C SER C 588 34.48 -13.28 68.65
N THR C 589 33.57 -12.69 69.43
CA THR C 589 32.91 -13.40 70.51
C THR C 589 32.33 -14.73 70.05
N VAL C 590 31.47 -14.67 69.04
CA VAL C 590 30.72 -15.84 68.58
C VAL C 590 31.57 -16.98 68.00
N LEU C 591 32.69 -16.63 67.38
CA LEU C 591 33.55 -17.63 66.76
C LEU C 591 34.30 -18.47 67.80
N ALA C 592 34.74 -17.81 68.88
CA ALA C 592 35.41 -18.50 69.99
C ALA C 592 34.41 -19.40 70.72
N LYS C 593 33.30 -18.80 71.14
CA LYS C 593 32.24 -19.53 71.84
C LYS C 593 31.82 -20.79 71.09
N GLU C 594 31.72 -20.68 69.77
CA GLU C 594 31.20 -21.78 68.94
C GLU C 594 32.24 -22.79 68.46
N LEU C 595 33.51 -22.38 68.42
CA LEU C 595 34.56 -23.26 67.92
C LEU C 595 35.45 -23.81 69.03
N THR C 596 35.33 -23.27 70.24
CA THR C 596 36.07 -23.77 71.40
C THR C 596 35.94 -25.29 71.57
N PRO C 597 34.69 -25.84 71.54
CA PRO C 597 34.57 -27.30 71.52
C PRO C 597 35.45 -27.97 70.47
N LEU C 598 35.56 -27.39 69.29
CA LEU C 598 36.36 -27.96 68.22
C LEU C 598 37.87 -28.00 68.54
N VAL C 599 38.41 -26.94 69.14
CA VAL C 599 39.83 -26.93 69.46
C VAL C 599 40.15 -27.99 70.53
N LYS C 600 39.15 -28.35 71.33
CA LYS C 600 39.33 -29.34 72.39
C LYS C 600 39.32 -30.76 71.83
N GLN C 601 38.16 -31.17 71.31
CA GLN C 601 37.93 -32.56 70.96
C GLN C 601 38.10 -32.86 69.48
N GLY C 602 38.22 -31.81 68.68
CA GLY C 602 38.38 -31.96 67.23
C GLY C 602 37.08 -31.79 66.44
N GLY C 603 37.14 -32.17 65.18
CA GLY C 603 35.99 -32.08 64.32
C GLY C 603 36.20 -31.13 63.15
N CYS C 604 35.18 -31.05 62.29
CA CYS C 604 35.25 -30.25 61.07
C CYS C 604 34.14 -29.19 61.07
N ALA C 605 34.52 -27.92 61.12
CA ALA C 605 33.54 -26.84 60.97
C ALA C 605 33.71 -26.07 59.65
N ALA C 606 32.66 -25.40 59.21
CA ALA C 606 32.74 -24.51 58.04
C ALA C 606 32.16 -23.14 58.35
N ILE C 607 32.96 -22.09 58.22
CA ILE C 607 32.46 -20.73 58.36
C ILE C 607 32.13 -20.21 56.96
N ILE C 608 30.91 -19.75 56.74
CA ILE C 608 30.49 -19.25 55.42
C ILE C 608 30.23 -17.75 55.48
N CYS C 609 30.91 -17.01 54.62
CA CYS C 609 30.82 -15.56 54.61
C CYS C 609 30.23 -15.02 53.32
N THR C 610 29.69 -13.82 53.42
CA THR C 610 28.93 -13.23 52.33
C THR C 610 29.85 -12.57 51.32
N THR C 611 30.95 -11.97 51.81
CA THR C 611 31.90 -11.27 50.93
C THR C 611 33.31 -11.88 51.03
N VAL C 612 34.16 -11.63 50.03
CA VAL C 612 35.56 -12.09 50.09
C VAL C 612 36.35 -11.40 51.18
N ALA C 613 36.16 -10.09 51.34
CA ALA C 613 36.91 -9.37 52.37
C ALA C 613 36.57 -9.91 53.77
N GLU C 614 35.30 -10.25 53.95
CA GLU C 614 34.89 -10.82 55.23
C GLU C 614 35.51 -12.20 55.44
N ALA C 615 35.54 -13.02 54.39
CA ALA C 615 36.18 -14.35 54.51
C ALA C 615 37.68 -14.22 54.75
N GLN C 616 38.30 -13.28 54.05
CA GLN C 616 39.71 -13.03 54.29
C GLN C 616 39.93 -12.54 55.72
N GLY C 617 39.07 -11.63 56.19
CA GLY C 617 39.07 -11.22 57.59
C GLY C 617 38.96 -12.37 58.59
N VAL C 618 37.95 -13.24 58.41
CA VAL C 618 37.74 -14.36 59.33
C VAL C 618 38.95 -15.30 59.36
N TYR C 619 39.55 -15.54 58.20
CA TYR C 619 40.78 -16.31 58.10
C TYR C 619 41.91 -15.69 58.92
N ASP C 620 42.02 -14.36 58.91
CA ASP C 620 43.07 -13.69 59.68
C ASP C 620 42.85 -13.86 61.18
N LEU C 621 41.61 -13.67 61.62
CA LEU C 621 41.21 -13.84 63.01
C LEU C 621 41.53 -15.24 63.54
N LEU C 622 41.15 -16.26 62.79
CA LEU C 622 41.37 -17.63 63.25
C LEU C 622 42.84 -18.02 63.15
N SER C 623 43.56 -17.35 62.25
CA SER C 623 44.98 -17.61 62.04
C SER C 623 45.77 -17.17 63.27
N GLN C 624 45.43 -16.01 63.82
CA GLN C 624 46.08 -15.48 65.03
C GLN C 624 45.78 -16.35 66.24
N TRP C 625 44.50 -16.59 66.47
CA TRP C 625 44.04 -17.45 67.56
C TRP C 625 44.75 -18.81 67.54
N PHE C 626 44.88 -19.40 66.35
CA PHE C 626 45.45 -20.74 66.22
C PHE C 626 46.98 -20.75 66.32
N ALA C 627 47.60 -19.57 66.32
CA ALA C 627 49.05 -19.45 66.52
C ALA C 627 49.43 -19.54 68.01
N THR C 628 48.51 -19.14 68.87
CA THR C 628 48.75 -19.20 70.30
C THR C 628 48.28 -20.53 70.86
N LEU C 629 47.80 -21.39 69.98
CA LEU C 629 47.30 -22.67 70.39
C LEU C 629 48.43 -23.57 70.81
N GLY C 630 49.64 -23.20 70.46
CA GLY C 630 50.17 -22.96 69.16
C GLY C 630 50.12 -24.28 68.45
N GLU C 631 50.39 -25.33 69.19
CA GLU C 631 50.13 -26.65 68.69
C GLU C 631 49.58 -27.65 69.75
N ASP C 632 48.63 -28.52 69.37
CA ASP C 632 48.13 -28.62 68.00
C ASP C 632 46.85 -27.80 67.75
N ALA C 633 47.05 -26.69 67.07
CA ALA C 633 46.03 -25.81 66.61
C ALA C 633 45.32 -26.57 65.54
N PRO C 634 44.01 -26.14 65.30
CA PRO C 634 43.34 -26.89 64.24
C PRO C 634 43.79 -26.40 62.90
N ASP C 635 43.59 -27.19 61.86
CA ASP C 635 43.94 -26.76 60.52
C ASP C 635 42.98 -25.71 60.03
N LEU C 636 43.44 -24.89 59.10
CA LEU C 636 42.71 -23.72 58.62
C LEU C 636 42.82 -23.64 57.11
N TYR C 637 41.67 -23.45 56.45
CA TYR C 637 41.61 -23.36 55.00
C TYR C 637 40.72 -22.21 54.60
N LEU C 638 41.03 -21.63 53.45
CA LEU C 638 40.21 -20.54 52.93
C LEU C 638 39.92 -20.82 51.48
N LEU C 639 38.67 -20.56 51.07
CA LEU C 639 38.26 -20.76 49.70
C LEU C 639 37.28 -19.69 49.27
N HIS C 640 37.54 -19.10 48.10
CA HIS C 640 36.66 -18.10 47.49
C HIS C 640 37.12 -17.96 46.05
N SER C 641 36.44 -17.16 45.24
CA SER C 641 36.73 -17.16 43.81
C SER C 641 38.04 -16.48 43.42
N ARG C 642 38.57 -15.64 44.30
CA ARG C 642 39.74 -14.83 43.96
C ARG C 642 41.10 -15.46 44.22
N PHE C 643 41.30 -16.69 43.75
CA PHE C 643 42.64 -17.27 43.75
C PHE C 643 42.99 -17.54 42.31
N PRO C 644 44.28 -17.77 42.03
CA PRO C 644 44.61 -18.21 40.67
C PRO C 644 43.95 -19.56 40.39
N ASN C 645 43.59 -19.83 39.13
CA ASN C 645 42.93 -21.07 38.77
C ASN C 645 43.59 -22.31 39.33
N ARG C 646 44.91 -22.40 39.16
CA ARG C 646 45.65 -23.60 39.58
C ARG C 646 45.58 -23.80 41.09
N GLN C 647 45.72 -22.70 41.83
CA GLN C 647 45.68 -22.76 43.28
C GLN C 647 44.25 -23.06 43.79
N ARG C 648 43.23 -22.57 43.09
CA ARG C 648 41.87 -22.87 43.51
C ARG C 648 41.59 -24.36 43.39
N THR C 649 41.99 -24.96 42.28
CA THR C 649 41.79 -26.38 42.10
C THR C 649 42.50 -27.17 43.22
N GLU C 650 43.69 -26.72 43.59
CA GLU C 650 44.44 -27.41 44.64
C GLU C 650 43.77 -27.29 45.98
N ILE C 651 43.39 -26.10 46.36
CA ILE C 651 42.74 -25.92 47.65
C ILE C 651 41.52 -26.80 47.69
N THR C 652 40.81 -26.83 46.57
CA THR C 652 39.57 -27.59 46.47
C THR C 652 39.78 -29.10 46.61
N ALA C 653 40.73 -29.65 45.85
CA ALA C 653 41.03 -31.09 45.94
C ALA C 653 41.35 -31.56 47.36
N THR C 654 42.25 -30.87 48.06
CA THR C 654 42.62 -31.31 49.40
C THR C 654 41.45 -31.15 50.36
N ILE C 655 40.62 -30.15 50.07
CA ILE C 655 39.46 -29.86 50.91
C ILE C 655 38.39 -30.93 50.80
N VAL C 656 38.07 -31.35 49.58
CA VAL C 656 37.07 -32.40 49.40
C VAL C 656 37.68 -33.76 49.68
N ASP C 657 39.01 -33.81 49.71
CA ASP C 657 39.67 -35.05 50.07
C ASP C 657 39.56 -35.28 51.58
N LEU C 658 39.64 -34.20 52.36
CA LEU C 658 39.54 -34.33 53.80
C LEU C 658 38.11 -34.53 54.28
N PHE C 659 37.24 -33.59 53.94
CA PHE C 659 35.87 -33.58 54.46
C PHE C 659 34.87 -34.39 53.62
N GLY C 660 35.34 -34.98 52.53
CA GLY C 660 34.44 -35.64 51.62
C GLY C 660 34.29 -37.11 51.92
N LYS C 661 33.58 -37.79 51.02
CA LYS C 661 33.25 -39.19 51.14
C LYS C 661 34.48 -40.08 51.05
N GLU C 662 35.28 -39.92 49.99
CA GLU C 662 36.45 -40.78 49.75
C GLU C 662 37.55 -40.66 50.80
N GLY C 663 37.59 -39.54 51.51
CA GLY C 663 38.50 -39.38 52.62
C GLY C 663 37.96 -39.95 53.91
N ALA C 664 36.64 -40.00 54.05
CA ALA C 664 36.06 -40.66 55.22
C ALA C 664 36.28 -42.15 55.11
N GLN C 665 36.04 -42.69 53.91
CA GLN C 665 36.18 -44.12 53.64
C GLN C 665 37.62 -44.59 53.76
N SER C 666 38.57 -43.69 53.53
CA SER C 666 39.98 -44.08 53.50
C SER C 666 40.69 -43.78 54.81
N GLY C 667 39.93 -43.41 55.84
CA GLY C 667 40.49 -43.06 57.12
C GLY C 667 41.34 -41.78 57.11
N ARG C 668 41.10 -40.91 56.13
CA ARG C 668 41.86 -39.66 56.00
C ARG C 668 41.14 -38.46 56.59
N ARG C 669 39.91 -38.65 57.04
CA ARG C 669 39.16 -37.55 57.64
C ARG C 669 39.80 -37.20 58.96
N PRO C 670 40.22 -35.93 59.12
CA PRO C 670 40.97 -35.52 60.30
C PRO C 670 40.21 -35.75 61.59
N THR C 671 40.85 -36.46 62.50
CA THR C 671 40.31 -36.66 63.82
C THR C 671 40.56 -35.40 64.65
N ARG C 672 41.57 -34.64 64.28
CA ARG C 672 41.86 -33.42 65.00
C ARG C 672 40.87 -32.37 64.54
N GLY C 673 41.11 -31.10 64.85
CA GLY C 673 40.22 -30.03 64.44
C GLY C 673 40.57 -29.48 63.06
N ALA C 674 39.54 -29.08 62.32
CA ALA C 674 39.71 -28.47 61.01
C ALA C 674 38.59 -27.46 60.77
N VAL C 675 38.96 -26.26 60.32
CA VAL C 675 37.97 -25.24 60.00
C VAL C 675 38.14 -24.77 58.55
N LEU C 676 37.03 -24.74 57.81
CA LEU C 676 37.03 -24.18 56.46
C LEU C 676 36.31 -22.86 56.43
N VAL C 677 36.99 -21.82 55.96
CA VAL C 677 36.38 -20.52 55.81
C VAL C 677 36.16 -20.34 54.34
N ALA C 678 34.95 -20.01 53.94
CA ALA C 678 34.64 -19.91 52.53
C ALA C 678 33.56 -18.89 52.22
N THR C 679 33.49 -18.49 50.96
CA THR C 679 32.39 -17.66 50.46
C THR C 679 31.35 -18.56 49.85
N GLN C 680 30.48 -18.01 49.02
CA GLN C 680 29.40 -18.81 48.43
C GLN C 680 29.87 -19.89 47.47
N VAL C 681 31.19 -20.10 47.36
CA VAL C 681 31.73 -21.16 46.49
C VAL C 681 31.28 -22.51 47.00
N VAL C 682 31.04 -22.58 48.31
CA VAL C 682 30.54 -23.77 48.97
C VAL C 682 29.16 -24.18 48.46
N GLU C 683 28.47 -23.28 47.77
CA GLU C 683 27.14 -23.58 47.27
C GLU C 683 27.09 -24.42 46.00
N GLN C 684 28.24 -24.75 45.40
CA GLN C 684 28.22 -25.56 44.18
C GLN C 684 29.16 -26.75 44.19
N SER C 685 28.61 -27.93 43.88
CA SER C 685 29.36 -29.19 43.69
C SER C 685 30.63 -29.37 44.53
N LEU C 686 30.52 -29.41 45.84
CA LEU C 686 31.65 -29.78 46.65
C LEU C 686 31.26 -30.90 47.53
N ASP C 687 32.04 -31.97 47.53
CA ASP C 687 31.72 -33.10 48.36
C ASP C 687 32.23 -32.76 49.71
N LEU C 688 31.37 -32.17 50.52
CA LEU C 688 31.75 -31.82 51.85
C LEU C 688 30.76 -32.28 52.88
N ASP C 689 31.26 -32.87 53.95
CA ASP C 689 30.51 -33.19 55.16
C ASP C 689 31.15 -32.44 56.31
N VAL C 690 30.45 -31.48 56.91
CA VAL C 690 30.95 -30.86 58.12
C VAL C 690 30.15 -31.22 59.39
N ASP C 691 30.80 -31.10 60.54
CA ASP C 691 30.17 -31.45 61.80
C ASP C 691 29.34 -30.25 62.28
N LEU C 692 29.77 -29.05 61.89
CA LEU C 692 29.06 -27.81 62.20
C LEU C 692 29.14 -26.83 61.02
N MET C 693 28.09 -26.03 60.83
CA MET C 693 28.18 -24.88 59.93
C MET C 693 27.74 -23.56 60.57
N ILE C 694 28.57 -22.53 60.39
CA ILE C 694 28.23 -21.18 60.80
C ILE C 694 28.16 -20.38 59.50
N SER C 695 27.03 -19.73 59.26
CA SER C 695 26.83 -18.99 58.01
C SER C 695 26.22 -17.65 58.31
N ASP C 696 26.53 -16.65 57.47
CA ASP C 696 25.79 -15.41 57.54
C ASP C 696 24.38 -15.72 57.07
N LEU C 697 23.47 -14.80 57.35
CA LEU C 697 22.14 -14.91 56.80
C LEU C 697 22.24 -14.94 55.29
N ALA C 698 21.37 -15.69 54.65
CA ALA C 698 21.22 -15.68 53.19
C ALA C 698 19.76 -16.04 52.93
N PRO C 699 19.27 -15.87 51.71
CA PRO C 699 17.90 -16.32 51.45
C PRO C 699 17.74 -17.79 51.78
N VAL C 700 16.60 -18.22 52.32
CA VAL C 700 16.46 -19.61 52.82
C VAL C 700 16.94 -20.66 51.83
N SER C 701 16.47 -20.56 50.60
CA SER C 701 16.91 -21.45 49.53
C SER C 701 18.45 -21.66 49.54
N LEU C 702 19.21 -20.59 49.73
CA LEU C 702 20.67 -20.70 49.73
C LEU C 702 21.24 -21.22 51.04
N LEU C 703 20.61 -20.85 52.16
CA LEU C 703 20.97 -21.37 53.47
C LEU C 703 20.76 -22.87 53.54
N LEU C 704 19.64 -23.33 52.99
CA LEU C 704 19.33 -24.76 52.99
C LEU C 704 20.34 -25.49 52.14
N GLN C 705 20.63 -24.92 50.98
CA GLN C 705 21.63 -25.49 50.08
C GLN C 705 23.01 -25.53 50.72
N ARG C 706 23.32 -24.48 51.49
CA ARG C 706 24.56 -24.44 52.26
C ARG C 706 24.58 -25.50 53.37
N ALA C 707 23.48 -25.59 54.11
CA ALA C 707 23.38 -26.52 55.22
C ALA C 707 23.36 -28.00 54.79
N GLY C 708 23.17 -28.24 53.49
CA GLY C 708 23.22 -29.59 52.97
C GLY C 708 24.58 -30.25 53.13
N ARG C 709 25.55 -29.48 53.57
CA ARG C 709 26.91 -29.96 53.80
C ARG C 709 27.07 -30.43 55.25
N CYS C 710 26.15 -30.06 56.13
CA CYS C 710 26.18 -30.56 57.49
C CYS C 710 25.76 -32.02 57.49
N TRP C 711 26.60 -32.86 58.06
CA TRP C 711 26.31 -34.29 58.21
C TRP C 711 25.84 -34.93 56.91
N ARG C 712 26.31 -34.39 55.78
CA ARG C 712 25.99 -34.90 54.45
C ARG C 712 26.03 -36.41 54.33
N HIS C 713 27.11 -37.02 54.81
CA HIS C 713 27.34 -38.44 54.61
C HIS C 713 27.02 -39.33 55.82
N GLU C 714 26.23 -38.85 56.74
CA GLU C 714 26.04 -39.54 58.00
C GLU C 714 25.45 -40.90 57.86
N HIS C 715 24.56 -41.05 56.92
CA HIS C 715 23.84 -42.27 56.78
C HIS C 715 24.78 -43.38 56.43
N LEU C 716 25.98 -43.03 56.02
CA LEU C 716 26.97 -44.02 55.71
C LEU C 716 27.44 -44.88 56.90
N GLY C 717 27.35 -44.36 58.12
CA GLY C 717 27.93 -44.98 59.31
C GLY C 717 29.42 -45.16 59.15
N ILE C 718 30.12 -44.05 58.94
CA ILE C 718 31.52 -44.11 58.60
C ILE C 718 32.30 -42.94 59.21
N ILE C 719 31.58 -42.05 59.89
CA ILE C 719 32.16 -40.83 60.45
C ILE C 719 31.97 -40.72 61.96
N ASN C 720 33.06 -40.76 62.71
CA ASN C 720 32.98 -40.56 64.15
C ASN C 720 32.82 -39.09 64.48
N ARG C 721 31.61 -38.74 64.88
CA ARG C 721 31.32 -37.40 65.24
C ARG C 721 31.85 -37.08 66.61
N PRO C 722 32.46 -35.83 66.70
CA PRO C 722 32.92 -35.50 68.05
C PRO C 722 31.80 -35.37 69.06
N GLN C 723 32.12 -35.50 70.32
CA GLN C 723 31.15 -35.57 71.40
C GLN C 723 30.27 -34.36 71.47
N TRP C 724 30.80 -33.21 71.13
CA TRP C 724 30.02 -31.97 71.16
C TRP C 724 29.04 -31.87 69.98
N ALA C 725 29.37 -32.59 68.91
CA ALA C 725 28.54 -32.62 67.71
C ALA C 725 27.30 -33.51 67.90
N LYS C 726 26.35 -33.03 68.68
CA LYS C 726 25.16 -33.82 69.01
C LYS C 726 24.18 -34.02 67.86
N GLN C 727 23.83 -32.93 67.21
CA GLN C 727 22.89 -32.96 66.10
C GLN C 727 23.53 -32.24 64.92
N PRO C 728 23.05 -32.50 63.69
CA PRO C 728 23.53 -31.64 62.59
C PRO C 728 23.00 -30.20 62.79
N GLU C 729 23.89 -29.23 62.79
CA GLU C 729 23.53 -27.86 63.20
C GLU C 729 24.03 -26.76 62.26
N LEU C 730 23.16 -25.78 62.05
CA LEU C 730 23.46 -24.59 61.27
C LEU C 730 23.22 -23.40 62.16
N VAL C 731 24.30 -22.71 62.51
CA VAL C 731 24.25 -21.48 63.29
C VAL C 731 24.22 -20.34 62.30
N VAL C 732 23.21 -19.47 62.41
CA VAL C 732 23.03 -18.40 61.43
C VAL C 732 23.30 -17.02 62.02
N LEU C 733 24.44 -16.43 61.65
CA LEU C 733 24.82 -15.12 62.17
C LEU C 733 23.93 -13.99 61.64
N THR C 734 23.55 -13.10 62.53
CA THR C 734 22.69 -11.98 62.20
C THR C 734 23.08 -10.81 63.10
N PRO C 735 22.89 -9.57 62.62
CA PRO C 735 23.21 -8.36 63.39
C PRO C 735 22.23 -8.09 64.52
N GLU C 736 22.74 -7.68 65.68
CA GLU C 736 21.87 -7.27 66.76
C GLU C 736 21.28 -5.89 66.47
N GLN C 737 19.97 -5.78 66.62
CA GLN C 737 19.22 -4.64 66.12
C GLN C 737 19.10 -3.49 67.10
N ASN C 738 18.51 -2.38 66.65
CA ASN C 738 18.31 -1.20 67.48
C ASN C 738 16.96 -1.23 68.22
N ALA C 744 11.79 -3.01 61.45
CA ALA C 744 12.28 -3.74 60.29
C ALA C 744 13.79 -3.97 60.40
N PRO C 745 14.25 -5.21 60.17
CA PRO C 745 15.65 -5.63 60.40
C PRO C 745 16.65 -4.88 59.52
N TRP C 746 17.81 -4.53 60.08
CA TRP C 746 18.87 -3.87 59.32
C TRP C 746 19.99 -4.85 58.99
N PHE C 747 20.61 -4.71 57.82
CA PHE C 747 21.75 -5.58 57.50
C PHE C 747 22.95 -4.82 56.94
N PRO C 748 24.16 -5.35 57.14
CA PRO C 748 25.37 -4.68 56.63
C PRO C 748 25.25 -4.36 55.14
N ARG C 749 25.92 -3.31 54.69
CA ARG C 749 25.75 -2.82 53.34
C ARG C 749 26.40 -3.77 52.34
N SER C 750 27.45 -4.46 52.77
CA SER C 750 28.05 -5.50 51.95
C SER C 750 27.03 -6.62 51.63
N TRP C 751 26.26 -7.03 52.62
CA TRP C 751 25.25 -8.05 52.41
C TRP C 751 24.14 -7.59 51.47
N THR C 752 23.64 -6.38 51.67
CA THR C 752 22.53 -5.89 50.85
C THR C 752 22.99 -5.61 49.41
N SER C 753 24.30 -5.56 49.22
CA SER C 753 24.91 -5.39 47.92
C SER C 753 24.92 -6.67 47.13
N VAL C 754 24.84 -7.81 47.80
CA VAL C 754 24.83 -9.06 47.07
C VAL C 754 23.43 -9.66 47.08
N TYR C 755 22.73 -9.56 48.20
CA TYR C 755 21.35 -10.05 48.30
C TYR C 755 20.41 -8.87 48.55
N PRO C 756 19.15 -8.95 48.05
CA PRO C 756 18.16 -7.91 48.30
C PRO C 756 17.75 -7.84 49.77
N LEU C 757 17.88 -6.65 50.34
CA LEU C 757 17.50 -6.42 51.73
C LEU C 757 16.16 -7.04 52.12
N ALA C 758 15.13 -6.80 51.33
CA ALA C 758 13.83 -7.39 51.61
C ALA C 758 13.87 -8.92 51.62
N LEU C 759 14.71 -9.54 50.79
CA LEU C 759 14.84 -10.99 50.82
C LEU C 759 15.49 -11.43 52.11
N LEU C 760 16.51 -10.69 52.55
CA LEU C 760 17.15 -11.02 53.82
C LEU C 760 16.15 -10.83 54.96
N GLN C 761 15.42 -9.73 54.91
CA GLN C 761 14.41 -9.42 55.91
C GLN C 761 13.37 -10.52 56.02
N ARG C 762 12.84 -10.95 54.88
CA ARG C 762 11.79 -11.97 54.83
C ARG C 762 12.30 -13.28 55.39
N THR C 763 13.58 -13.55 55.17
CA THR C 763 14.17 -14.82 55.59
C THR C 763 14.38 -14.86 57.10
N TYR C 764 14.87 -13.75 57.66
CA TYR C 764 15.08 -13.67 59.10
C TYR C 764 13.75 -13.85 59.83
N THR C 765 12.73 -13.11 59.37
CA THR C 765 11.43 -13.16 60.01
C THR C 765 10.81 -14.56 59.92
N LEU C 766 10.99 -15.25 58.80
CA LEU C 766 10.49 -16.63 58.68
C LEU C 766 11.13 -17.56 59.71
N LEU C 767 12.42 -17.38 59.95
CA LEU C 767 13.18 -18.27 60.83
C LEU C 767 12.99 -17.97 62.31
N ARG C 768 12.96 -16.68 62.65
CA ARG C 768 12.72 -16.23 64.02
C ARG C 768 11.36 -16.73 64.48
N ARG C 769 10.44 -16.79 63.52
CA ARG C 769 9.06 -17.20 63.72
C ARG C 769 8.98 -18.67 64.16
N ARG C 770 9.98 -19.45 63.79
CA ARG C 770 9.96 -20.89 64.08
C ARG C 770 10.39 -21.21 65.49
N ASN C 771 10.74 -20.18 66.27
CA ASN C 771 11.20 -20.36 67.64
C ASN C 771 12.12 -21.56 67.86
N GLY C 772 13.31 -21.55 67.25
CA GLY C 772 14.30 -22.58 67.47
C GLY C 772 13.97 -24.02 67.10
N ALA C 773 12.82 -24.26 66.51
CA ALA C 773 12.46 -25.63 66.13
C ALA C 773 13.29 -26.06 64.94
N PRO C 774 13.73 -27.32 64.94
CA PRO C 774 14.56 -27.86 63.86
C PRO C 774 13.80 -27.99 62.54
N VAL C 775 14.54 -28.25 61.47
CA VAL C 775 13.96 -28.37 60.14
C VAL C 775 14.06 -29.81 59.68
N GLN C 776 12.92 -30.46 59.52
CA GLN C 776 12.88 -31.81 58.96
C GLN C 776 13.37 -31.75 57.53
N ILE C 777 14.11 -32.76 57.11
CA ILE C 777 14.60 -32.82 55.75
C ILE C 777 14.22 -34.17 55.16
N PRO C 778 13.49 -34.16 54.02
CA PRO C 778 13.10 -32.99 53.23
C PRO C 778 11.74 -32.34 53.56
N GLU C 779 11.04 -32.89 54.53
CA GLU C 779 9.61 -32.60 54.72
C GLU C 779 9.20 -31.12 54.87
N ASP C 780 10.09 -30.30 55.44
CA ASP C 780 9.78 -28.88 55.69
C ASP C 780 10.41 -27.92 54.66
N VAL C 781 11.30 -28.44 53.80
CA VAL C 781 12.10 -27.63 52.88
C VAL C 781 11.28 -26.83 51.87
N GLN C 782 10.43 -27.53 51.11
CA GLN C 782 9.65 -26.92 50.05
C GLN C 782 8.71 -25.84 50.58
N GLN C 783 8.22 -26.03 51.79
CA GLN C 783 7.38 -25.04 52.43
C GLN C 783 8.16 -23.73 52.64
N LEU C 784 9.36 -23.85 53.20
CA LEU C 784 10.22 -22.69 53.47
C LEU C 784 10.58 -21.95 52.18
N VAL C 785 10.93 -22.72 51.15
CA VAL C 785 11.33 -22.18 49.87
C VAL C 785 10.19 -21.42 49.22
N ASP C 786 8.98 -21.97 49.29
CA ASP C 786 7.77 -21.30 48.79
C ASP C 786 7.36 -20.09 49.61
N ASP C 787 7.21 -20.28 50.92
CA ASP C 787 6.67 -19.23 51.78
C ASP C 787 7.49 -17.95 51.87
N VAL C 788 8.80 -18.05 51.65
CA VAL C 788 9.66 -16.88 51.79
C VAL C 788 9.24 -15.75 50.83
N TYR C 789 8.75 -16.10 49.64
CA TYR C 789 8.28 -15.12 48.66
C TYR C 789 6.76 -14.94 48.71
N ASP C 790 6.03 -16.01 49.06
CA ASP C 790 4.54 -15.97 49.07
C ASP C 790 3.92 -15.21 50.24
N ASP C 791 4.45 -15.42 51.45
CA ASP C 791 3.88 -14.83 52.65
C ASP C 791 4.20 -13.33 52.81
N ASP C 792 3.23 -12.48 52.49
CA ASP C 792 3.43 -11.02 52.54
C ASP C 792 3.66 -10.48 53.94
N SER C 793 3.25 -11.25 54.95
CA SER C 793 3.42 -10.83 56.33
C SER C 793 4.89 -10.90 56.77
N LEU C 794 5.77 -11.28 55.85
CA LEU C 794 7.18 -11.46 56.16
C LEU C 794 7.98 -10.19 55.88
N ALA C 795 7.38 -9.30 55.09
CA ALA C 795 8.07 -8.07 54.68
C ALA C 795 7.44 -6.82 55.28
N GLU C 796 7.87 -6.45 56.49
CA GLU C 796 7.43 -5.24 57.15
C GLU C 796 8.05 -3.96 56.53
N ASP C 797 9.25 -4.09 55.97
CA ASP C 797 9.83 -2.99 55.22
C ASP C 797 9.26 -3.06 53.82
N LEU C 798 8.25 -2.23 53.55
CA LEU C 798 7.51 -2.30 52.29
C LEU C 798 8.28 -1.66 51.13
N GLU C 799 9.03 -0.61 51.42
CA GLU C 799 9.82 0.04 50.38
C GLU C 799 10.90 -0.91 49.91
N ALA C 800 11.51 -1.62 50.85
CA ALA C 800 12.58 -2.56 50.53
C ALA C 800 12.10 -3.67 49.62
N ASP C 801 10.88 -4.14 49.86
CA ASP C 801 10.29 -5.24 49.08
C ASP C 801 9.88 -4.74 47.71
N MET C 802 9.40 -3.50 47.65
CA MET C 802 9.10 -2.83 46.39
C MET C 802 10.33 -2.73 45.53
N GLU C 803 11.43 -2.30 46.12
CA GLU C 803 12.66 -2.21 45.35
C GLU C 803 13.10 -3.58 44.91
N ARG C 804 12.98 -4.57 45.78
CA ARG C 804 13.32 -5.94 45.42
C ARG C 804 12.51 -6.43 44.21
N MET C 805 11.24 -6.06 44.17
CA MET C 805 10.41 -6.51 43.06
C MET C 805 10.75 -5.76 41.78
N GLY C 806 11.08 -4.47 41.93
CA GLY C 806 11.48 -3.65 40.80
C GLY C 806 12.75 -4.19 40.14
N GLU C 807 13.74 -4.55 40.97
CA GLU C 807 14.97 -5.16 40.47
C GLU C 807 14.64 -6.38 39.60
N GLU C 808 13.76 -7.25 40.09
CA GLU C 808 13.33 -8.40 39.33
C GLU C 808 12.74 -8.06 37.96
N LEU C 809 11.93 -6.99 37.91
CA LEU C 809 11.36 -6.48 36.65
C LEU C 809 12.44 -6.04 35.69
N ALA C 810 13.53 -5.50 36.24
CA ALA C 810 14.61 -4.99 35.41
C ALA C 810 15.33 -6.17 34.74
N GLN C 811 15.59 -7.19 35.52
CA GLN C 811 16.28 -8.36 35.00
C GLN C 811 15.41 -9.14 34.03
N ARG C 812 14.13 -9.28 34.33
CA ARG C 812 13.29 -10.00 33.38
C ARG C 812 13.17 -9.19 32.09
N GLY C 813 13.06 -7.86 32.25
CA GLY C 813 12.92 -6.94 31.13
C GLY C 813 14.11 -6.94 30.20
N LEU C 814 15.30 -6.80 30.77
CA LEU C 814 16.52 -6.83 29.97
C LEU C 814 16.62 -8.13 29.14
N ALA C 815 16.25 -9.25 29.75
CA ALA C 815 16.26 -10.54 29.06
C ALA C 815 15.25 -10.62 27.91
N ARG C 816 14.08 -10.01 28.07
CA ARG C 816 13.10 -10.00 27.00
C ARG C 816 13.66 -9.32 25.76
N ASN C 817 14.51 -8.29 25.93
CA ASN C 817 15.19 -7.63 24.80
C ASN C 817 16.24 -8.50 24.12
N ALA C 818 16.97 -9.27 24.91
CA ALA C 818 18.05 -10.06 24.36
C ALA C 818 17.57 -11.29 23.56
N VAL C 819 16.45 -11.90 23.97
CA VAL C 819 16.00 -13.14 23.30
C VAL C 819 15.37 -12.88 21.95
N ILE C 820 15.45 -13.91 21.10
CA ILE C 820 14.80 -13.95 19.81
C ILE C 820 13.27 -13.95 20.01
N PRO C 821 12.50 -13.69 18.95
CA PRO C 821 11.03 -13.65 19.14
C PRO C 821 10.42 -15.01 19.56
N ASP C 822 9.23 -14.97 20.16
CA ASP C 822 8.44 -16.17 20.39
C ASP C 822 8.23 -16.88 19.06
N PRO C 823 8.03 -18.22 19.07
CA PRO C 823 7.93 -18.93 17.78
C PRO C 823 6.74 -18.52 16.91
N ASP C 824 5.61 -18.16 17.53
CA ASP C 824 4.42 -17.68 16.81
C ASP C 824 4.69 -16.34 16.11
N ASP C 825 5.61 -15.55 16.66
CA ASP C 825 5.96 -14.28 16.08
C ASP C 825 7.02 -14.38 14.98
N ALA C 826 7.56 -15.57 14.76
CA ALA C 826 8.51 -15.78 13.65
C ALA C 826 7.96 -16.74 12.61
N GLU C 827 6.63 -16.81 12.51
CA GLU C 827 5.97 -17.75 11.62
C GLU C 827 6.33 -17.57 10.15
N ASP C 828 6.54 -16.32 9.73
CA ASP C 828 6.79 -16.03 8.31
C ASP C 828 7.97 -15.07 8.11
N ASN C 829 8.63 -14.73 9.20
CA ASN C 829 9.72 -13.80 9.10
C ASN C 829 10.86 -14.20 10.02
N LEU C 830 12.06 -14.35 9.46
CA LEU C 830 13.19 -14.81 10.25
C LEU C 830 14.07 -13.65 10.74
N ASN C 831 13.86 -12.45 10.19
CA ASN C 831 14.68 -11.29 10.49
C ASN C 831 14.86 -11.05 11.97
N GLY C 832 13.78 -11.18 12.71
CA GLY C 832 13.81 -10.91 14.14
C GLY C 832 14.84 -11.73 14.88
N LEU C 833 15.29 -12.82 14.28
CA LEU C 833 16.21 -13.71 14.96
C LEU C 833 17.63 -13.10 15.13
N THR C 834 18.08 -12.25 14.21
CA THR C 834 19.45 -11.80 14.25
C THR C 834 19.57 -10.29 14.19
N GLU C 835 18.47 -9.64 14.49
CA GLU C 835 18.37 -8.19 14.48
C GLU C 835 18.79 -7.55 15.81
N PHE C 836 19.79 -6.69 15.78
CA PHE C 836 20.11 -5.86 16.94
C PHE C 836 20.84 -4.58 16.47
N SER C 837 20.94 -3.57 17.33
CA SER C 837 21.56 -2.29 16.95
C SER C 837 22.33 -1.58 18.06
N VAL C 844 27.93 -7.61 22.23
CA VAL C 844 27.44 -8.99 22.26
C VAL C 844 26.57 -9.27 23.51
N LEU C 845 25.44 -9.95 23.31
CA LEU C 845 24.43 -10.17 24.35
C LEU C 845 24.85 -11.30 25.28
N ALA C 846 24.65 -11.12 26.57
CA ALA C 846 25.15 -12.09 27.54
C ALA C 846 24.10 -13.16 27.89
N THR C 847 24.57 -14.29 28.43
CA THR C 847 23.67 -15.30 28.97
C THR C 847 23.44 -15.11 30.48
N ARG C 848 24.09 -14.12 31.09
CA ARG C 848 23.93 -13.86 32.51
C ARG C 848 23.87 -12.35 32.83
N PHE C 849 23.07 -12.03 33.84
CA PHE C 849 22.82 -10.67 34.22
C PHE C 849 23.94 -10.13 35.09
N GLY C 850 24.27 -8.84 34.96
CA GLY C 850 25.23 -8.20 35.84
C GLY C 850 26.50 -7.75 35.14
N ALA C 851 27.43 -7.16 35.89
CA ALA C 851 28.65 -6.58 35.30
C ALA C 851 29.54 -7.63 34.63
N GLY C 852 29.70 -8.77 35.28
CA GLY C 852 30.52 -9.83 34.76
C GLY C 852 31.88 -9.87 35.43
N SER C 853 32.79 -10.65 34.86
CA SER C 853 34.14 -10.73 35.38
C SER C 853 35.12 -10.53 34.27
N VAL C 854 36.37 -10.26 34.63
CA VAL C 854 37.46 -10.35 33.65
C VAL C 854 38.57 -11.14 34.31
N ARG C 855 39.36 -11.81 33.49
CA ARG C 855 40.50 -12.52 34.04
C ARG C 855 41.70 -11.57 34.10
N VAL C 856 42.35 -11.56 35.25
CA VAL C 856 43.58 -10.79 35.42
C VAL C 856 44.77 -11.75 35.54
N LEU C 857 45.94 -11.24 35.19
CA LEU C 857 47.20 -11.96 35.42
C LEU C 857 48.17 -11.05 36.16
N CYS C 858 48.57 -11.45 37.36
CA CYS C 858 49.50 -10.62 38.14
C CYS C 858 50.93 -10.85 37.69
N TYR C 859 51.65 -9.77 37.42
CA TYR C 859 53.06 -9.93 37.14
C TYR C 859 53.86 -9.16 38.17
N TYR C 860 55.08 -9.61 38.40
CA TYR C 860 55.96 -9.01 39.36
C TYR C 860 57.03 -8.18 38.64
N VAL C 861 57.17 -6.91 39.04
CA VAL C 861 58.10 -6.00 38.38
C VAL C 861 59.19 -5.49 39.33
N ASP C 862 60.45 -5.62 38.89
CA ASP C 862 61.62 -5.19 39.63
C ASP C 862 62.09 -3.82 39.24
N THR C 863 63.03 -3.26 39.98
CA THR C 863 63.42 -1.89 39.74
C THR C 863 64.34 -1.83 38.54
N ALA C 864 63.88 -2.36 37.43
CA ALA C 864 64.66 -2.28 36.20
C ALA C 864 63.94 -1.71 34.97
N GLY C 865 62.64 -1.95 34.83
CA GLY C 865 61.94 -2.94 35.59
C GLY C 865 61.63 -4.09 34.68
N ASN C 866 62.21 -5.22 35.00
CA ASN C 866 61.96 -6.42 34.26
C ASN C 866 60.70 -6.99 34.83
N ARG C 867 59.98 -7.77 34.05
CA ARG C 867 58.73 -8.34 34.52
C ARG C 867 58.79 -9.88 34.60
N TRP C 868 58.26 -10.41 35.71
CA TRP C 868 58.36 -11.84 36.02
C TRP C 868 57.02 -12.48 36.39
N LEU C 869 56.92 -13.79 36.21
CA LEU C 869 55.68 -14.49 36.50
C LEU C 869 55.63 -14.94 37.97
N ASP C 870 56.78 -14.87 38.64
CA ASP C 870 56.83 -15.29 40.04
C ASP C 870 57.40 -14.20 40.93
N PRO C 871 57.01 -14.16 42.22
CA PRO C 871 57.49 -13.18 43.20
C PRO C 871 59.02 -13.18 43.32
N GLU C 872 59.61 -14.35 43.14
CA GLU C 872 61.04 -14.50 43.27
C GLU C 872 61.78 -13.97 42.05
N CYS C 873 61.05 -13.56 41.02
CA CYS C 873 61.62 -12.96 39.81
C CYS C 873 62.65 -13.85 39.10
N THR C 874 62.29 -15.12 38.91
CA THR C 874 63.17 -16.09 38.28
C THR C 874 62.55 -16.63 36.99
N VAL C 875 61.22 -16.59 36.90
CA VAL C 875 60.52 -17.03 35.69
C VAL C 875 60.01 -15.81 34.94
N GLU C 876 60.55 -15.57 33.75
CA GLU C 876 60.27 -14.29 33.12
C GLU C 876 59.02 -14.24 32.27
N PHE C 877 58.56 -13.03 31.99
CA PHE C 877 57.26 -12.81 31.38
C PHE C 877 57.28 -13.15 29.90
N PRO C 878 56.41 -14.09 29.48
CA PRO C 878 56.52 -14.63 28.12
C PRO C 878 56.11 -13.61 27.06
N GLU C 879 57.09 -13.13 26.30
CA GLU C 879 56.82 -12.21 25.23
C GLU C 879 56.45 -12.95 23.94
N GLN C 880 56.75 -14.23 23.89
CA GLN C 880 56.39 -15.04 22.73
C GLN C 880 55.99 -16.45 23.10
N GLY C 881 55.39 -17.16 22.15
CA GLY C 881 54.93 -18.51 22.35
C GLY C 881 55.97 -19.57 22.02
N THR C 882 55.65 -20.83 22.26
CA THR C 882 56.60 -21.91 22.05
C THR C 882 56.30 -22.71 20.79
N GLY C 883 55.29 -22.30 20.04
CA GLY C 883 54.99 -22.96 18.78
C GLY C 883 55.85 -22.41 17.68
N ARG C 884 55.71 -22.96 16.47
CA ARG C 884 56.49 -22.49 15.34
C ARG C 884 56.27 -21.00 15.12
N GLU C 885 57.30 -20.30 14.66
CA GLU C 885 57.26 -18.83 14.47
C GLU C 885 56.86 -18.04 15.74
N GLY C 886 56.92 -18.68 16.90
CA GLY C 886 56.71 -17.99 18.16
C GLY C 886 55.24 -17.70 18.47
N ARG C 887 54.36 -18.47 17.83
CA ARG C 887 52.94 -18.33 18.02
C ARG C 887 52.51 -19.11 19.25
N PHE C 888 51.52 -18.59 19.97
CA PHE C 888 51.04 -19.24 21.19
C PHE C 888 50.18 -20.48 20.88
N THR C 889 50.36 -21.53 21.65
CA THR C 889 49.65 -22.78 21.43
C THR C 889 48.57 -22.94 22.50
N MET C 890 47.70 -23.94 22.35
CA MET C 890 46.70 -24.18 23.38
C MET C 890 47.37 -24.59 24.69
N ALA C 891 48.52 -25.22 24.57
CA ALA C 891 49.27 -25.60 25.74
C ALA C 891 49.88 -24.36 26.38
N ASP C 892 50.32 -23.42 25.54
CA ASP C 892 50.83 -22.14 26.05
C ASP C 892 49.76 -21.39 26.82
N CYS C 893 48.58 -21.31 26.22
CA CYS C 893 47.49 -20.60 26.81
C CYS C 893 47.02 -21.28 28.09
N ARG C 894 47.14 -22.60 28.13
CA ARG C 894 46.64 -23.37 29.26
C ARG C 894 47.48 -23.00 30.46
N ASP C 895 48.79 -23.09 30.28
CA ASP C 895 49.75 -22.76 31.30
C ASP C 895 49.56 -21.33 31.84
N LEU C 896 49.30 -20.39 30.94
CA LEU C 896 49.01 -19.01 31.32
C LEU C 896 47.67 -18.87 32.03
N VAL C 897 46.62 -19.44 31.44
CA VAL C 897 45.28 -19.31 32.00
C VAL C 897 45.19 -19.91 33.39
N ALA C 898 46.07 -20.87 33.70
CA ALA C 898 46.14 -21.47 35.04
C ALA C 898 46.54 -20.49 36.13
N ARG C 899 47.22 -19.41 35.73
CA ARG C 899 47.69 -18.40 36.68
C ARG C 899 46.70 -17.25 36.84
N THR C 900 45.82 -17.10 35.85
CA THR C 900 44.86 -16.01 35.86
C THR C 900 43.86 -16.15 36.98
N ILE C 901 43.39 -15.01 37.47
CA ILE C 901 42.34 -14.99 38.47
C ILE C 901 41.19 -14.07 38.04
N PRO C 902 39.95 -14.52 38.24
CA PRO C 902 38.73 -13.77 37.90
C PRO C 902 38.47 -12.64 38.88
N VAL C 903 38.12 -11.47 38.36
CA VAL C 903 37.87 -10.30 39.20
C VAL C 903 36.56 -9.65 38.75
N ARG C 904 35.75 -9.20 39.71
CA ARG C 904 34.44 -8.65 39.37
C ARG C 904 34.65 -7.31 38.72
N MET C 905 33.99 -7.09 37.60
CA MET C 905 34.09 -5.81 36.91
C MET C 905 33.56 -4.73 37.85
N GLY C 906 34.06 -3.52 37.69
CA GLY C 906 33.80 -2.44 38.62
C GLY C 906 34.50 -1.21 38.11
N PRO C 907 34.47 -0.13 38.89
CA PRO C 907 35.05 1.14 38.42
C PRO C 907 36.53 1.05 38.03
N TRP C 908 37.28 0.14 38.64
CA TRP C 908 38.73 0.01 38.39
C TRP C 908 39.07 -0.25 36.93
N ALA C 909 38.19 -0.98 36.25
CA ALA C 909 38.44 -1.37 34.87
C ALA C 909 38.19 -0.23 33.86
N SER C 910 37.73 0.90 34.36
CA SER C 910 37.61 2.10 33.52
C SER C 910 38.85 2.97 33.66
N GLN C 911 39.70 2.64 34.64
CA GLN C 911 40.90 3.40 34.92
C GLN C 911 42.17 2.59 34.71
N LEU C 912 42.37 2.06 33.50
CA LEU C 912 43.52 1.21 33.20
C LEU C 912 44.52 1.86 32.26
N THR C 913 45.80 1.65 32.55
CA THR C 913 46.84 2.23 31.71
C THR C 913 47.54 1.22 30.81
N GLU C 914 48.62 1.65 30.14
CA GLU C 914 49.28 0.85 29.10
C GLU C 914 49.96 -0.38 29.68
N ASP C 915 50.40 -0.28 30.93
CA ASP C 915 51.01 -1.41 31.60
C ASP C 915 49.99 -2.26 32.36
N ASN C 916 48.76 -2.25 31.87
CA ASN C 916 47.76 -3.21 32.28
C ASN C 916 47.35 -4.02 31.08
N HIS C 917 47.89 -3.67 29.92
CA HIS C 917 47.49 -4.32 28.68
C HIS C 917 48.56 -5.28 28.21
N PRO C 918 48.12 -6.46 27.75
CA PRO C 918 49.03 -7.51 27.29
C PRO C 918 49.82 -7.02 26.09
N PRO C 919 51.04 -7.56 25.90
CA PRO C 919 51.95 -7.20 24.81
C PRO C 919 51.31 -7.47 23.45
N GLU C 920 51.87 -6.89 22.40
CA GLU C 920 51.35 -7.02 21.03
C GLU C 920 51.13 -8.50 20.62
N ALA C 921 52.09 -9.38 20.88
CA ALA C 921 51.97 -10.78 20.46
C ALA C 921 50.78 -11.55 21.05
N TRP C 922 50.35 -11.16 22.25
CA TRP C 922 49.21 -11.81 22.90
C TRP C 922 47.92 -11.50 22.17
N ARG C 923 47.87 -10.31 21.56
CA ARG C 923 46.66 -9.80 20.92
C ARG C 923 46.17 -10.79 19.89
N GLU C 924 47.10 -11.58 19.37
CA GLU C 924 46.81 -12.60 18.36
C GLU C 924 45.97 -13.76 18.90
N SER C 925 46.12 -14.04 20.18
CA SER C 925 45.51 -15.23 20.78
C SER C 925 44.17 -14.93 21.41
N PHE C 926 43.12 -15.61 20.97
CA PHE C 926 41.79 -15.47 21.56
C PHE C 926 41.77 -15.61 23.09
N TYR C 927 42.67 -16.42 23.63
CA TYR C 927 42.65 -16.72 25.05
C TYR C 927 43.39 -15.70 25.89
N LEU C 928 44.32 -14.97 25.27
CA LEU C 928 45.20 -14.05 25.99
C LEU C 928 44.82 -12.58 25.77
N ARG C 929 44.29 -12.31 24.59
CA ARG C 929 43.90 -10.98 24.13
C ARG C 929 43.22 -10.08 25.17
N ASP C 930 42.27 -10.63 25.92
CA ASP C 930 41.44 -9.83 26.82
C ASP C 930 41.83 -9.98 28.30
N LEU C 931 43.04 -10.48 28.53
CA LEU C 931 43.57 -10.53 29.89
C LEU C 931 43.97 -9.11 30.31
N VAL C 932 43.89 -8.85 31.61
CA VAL C 932 44.33 -7.58 32.15
C VAL C 932 45.51 -7.85 33.07
N LEU C 933 46.61 -7.14 32.85
CA LEU C 933 47.83 -7.37 33.62
C LEU C 933 47.82 -6.52 34.86
N ILE C 934 48.07 -7.14 36.02
CA ILE C 934 48.08 -6.42 37.29
C ILE C 934 49.51 -6.39 37.84
N PRO C 935 50.19 -5.25 37.71
CA PRO C 935 51.58 -5.20 38.20
C PRO C 935 51.66 -5.43 39.70
N GLN C 936 52.75 -6.04 40.13
CA GLN C 936 53.09 -6.21 41.53
C GLN C 936 54.52 -5.78 41.69
N ARG C 937 54.75 -4.79 42.55
CA ARG C 937 56.08 -4.23 42.75
C ARG C 937 56.88 -5.08 43.72
N VAL C 938 58.08 -5.48 43.31
CA VAL C 938 58.98 -6.14 44.25
C VAL C 938 60.23 -5.28 44.48
N THR C 939 60.60 -5.14 45.76
CA THR C 939 61.73 -4.33 46.19
C THR C 939 63.05 -5.06 45.97
N ASP C 940 64.17 -4.41 46.29
CA ASP C 940 65.48 -5.06 46.19
C ASP C 940 65.65 -6.08 47.31
N GLU C 941 65.00 -5.83 48.44
CA GLU C 941 65.05 -6.78 49.56
C GLU C 941 64.19 -8.01 49.28
N GLY C 942 63.37 -7.93 48.23
CA GLY C 942 62.52 -9.04 47.80
C GLY C 942 61.08 -9.07 48.30
N ALA C 943 60.60 -7.94 48.83
CA ALA C 943 59.24 -7.88 49.36
C ALA C 943 58.23 -7.39 48.29
N VAL C 944 57.06 -8.03 48.22
CA VAL C 944 56.05 -7.61 47.27
C VAL C 944 55.19 -6.48 47.86
N LEU C 945 55.07 -5.38 47.12
CA LEU C 945 54.35 -4.21 47.63
C LEU C 945 52.92 -4.10 47.07
N PRO C 946 51.95 -3.74 47.94
CA PRO C 946 50.64 -3.45 47.35
C PRO C 946 50.85 -2.39 46.29
N THR C 947 50.39 -2.68 45.09
CA THR C 947 50.69 -1.87 43.93
C THR C 947 49.37 -1.35 43.34
N GLU C 948 49.36 -0.08 42.94
CA GLU C 948 48.14 0.58 42.47
C GLU C 948 47.83 0.26 41.01
N THR C 949 46.59 -0.16 40.77
CA THR C 949 46.04 -0.21 39.41
C THR C 949 44.56 0.22 39.48
N GLY C 950 44.13 1.01 38.48
CA GLY C 950 42.74 1.45 38.37
C GLY C 950 42.19 2.18 39.57
N GLY C 951 43.06 2.86 40.31
CA GLY C 951 42.61 3.67 41.42
C GLY C 951 42.43 2.91 42.71
N ARG C 952 43.08 1.75 42.81
CA ARG C 952 43.15 1.07 44.09
C ARG C 952 44.39 0.17 44.18
N GLU C 953 44.78 -0.18 45.40
CA GLU C 953 45.93 -1.04 45.62
C GLU C 953 45.56 -2.53 45.54
N TRP C 954 46.39 -3.28 44.82
CA TRP C 954 46.22 -4.70 44.65
C TRP C 954 47.37 -5.46 45.30
N LEU C 955 47.05 -6.57 45.96
CA LEU C 955 48.10 -7.47 46.43
C LEU C 955 47.72 -8.93 46.34
N LEU C 956 48.44 -9.70 45.52
CA LEU C 956 48.23 -11.14 45.50
C LEU C 956 48.99 -11.82 46.65
N ASP C 957 48.24 -12.21 47.68
CA ASP C 957 48.76 -12.87 48.87
C ASP C 957 48.63 -14.39 48.68
N PRO C 958 49.68 -15.14 49.02
CA PRO C 958 49.78 -16.58 48.73
C PRO C 958 48.79 -17.44 49.52
N CYS C 959 48.27 -16.92 50.62
CA CYS C 959 47.29 -17.69 51.38
C CYS C 959 45.86 -17.13 51.30
N LYS C 960 45.73 -15.82 51.15
CA LYS C 960 44.41 -15.17 51.14
C LYS C 960 43.90 -14.82 49.73
N GLY C 961 44.74 -15.03 48.73
CA GLY C 961 44.40 -14.68 47.36
C GLY C 961 44.49 -13.18 47.11
N LEU C 962 43.82 -12.72 46.06
CA LEU C 962 43.87 -11.32 45.68
C LEU C 962 43.13 -10.46 46.68
N ILE C 963 43.74 -9.31 47.02
CA ILE C 963 43.19 -8.38 48.01
C ILE C 963 43.13 -6.97 47.41
N PHE C 964 41.97 -6.31 47.49
CA PHE C 964 41.83 -4.91 47.04
C PHE C 964 40.69 -4.18 47.73
N PRO E 34 -21.54 42.14 -22.33
CA PRO E 34 -22.86 41.80 -22.89
C PRO E 34 -23.98 41.83 -21.83
N PRO E 35 -24.98 42.71 -22.00
CA PRO E 35 -26.06 42.73 -20.99
C PRO E 35 -26.84 41.42 -21.08
N LEU E 36 -27.06 40.77 -19.94
CA LEU E 36 -27.56 39.42 -20.02
C LEU E 36 -29.03 39.31 -20.40
N ASP E 37 -29.33 38.23 -21.13
CA ASP E 37 -30.64 37.99 -21.69
C ASP E 37 -31.47 37.20 -20.68
N LEU E 38 -32.66 37.70 -20.40
CA LEU E 38 -33.49 37.15 -19.35
C LEU E 38 -34.34 35.98 -19.84
N ARG E 39 -34.30 35.74 -21.15
CA ARG E 39 -35.14 34.70 -21.73
C ARG E 39 -34.73 33.32 -21.24
N PHE E 40 -33.47 33.16 -20.83
CA PHE E 40 -32.99 31.85 -20.38
C PHE E 40 -33.60 31.48 -19.02
N TRP E 41 -34.24 30.33 -18.98
CA TRP E 41 -35.15 29.94 -17.91
C TRP E 41 -34.62 28.86 -17.02
N ALA E 42 -35.10 28.82 -15.80
CA ALA E 42 -34.76 27.77 -14.89
C ALA E 42 -35.94 26.93 -14.44
N LYS E 43 -37.13 27.52 -14.46
CA LYS E 43 -38.33 26.81 -14.09
C LYS E 43 -39.42 27.05 -15.06
N GLU E 44 -40.16 26.02 -15.42
CA GLU E 44 -41.36 26.20 -16.19
C GLU E 44 -42.56 25.44 -15.69
N ARG E 45 -42.33 24.36 -15.00
CA ARG E 45 -43.36 23.38 -14.76
C ARG E 45 -44.01 23.52 -13.40
N GLY E 46 -45.33 23.58 -13.41
CA GLY E 46 -46.10 23.96 -12.24
C GLY E 46 -46.34 25.44 -12.12
N LEU E 47 -45.93 26.22 -13.11
CA LEU E 47 -45.78 27.67 -12.98
C LEU E 47 -46.70 28.68 -13.66
N ARG E 48 -47.84 28.24 -14.14
CA ARG E 48 -48.94 29.12 -14.61
C ARG E 48 -48.74 29.82 -15.98
N GLY E 49 -47.60 29.59 -16.63
CA GLY E 49 -47.39 30.11 -17.97
C GLY E 49 -46.05 30.77 -18.18
N LYS E 50 -45.70 31.69 -17.30
CA LYS E 50 -44.47 32.46 -17.47
C LYS E 50 -43.28 31.76 -16.82
N THR E 51 -42.17 31.70 -17.56
CA THR E 51 -40.99 31.00 -17.05
C THR E 51 -40.18 31.84 -16.05
N TYR E 52 -39.48 31.14 -15.15
CA TYR E 52 -38.66 31.79 -14.15
C TYR E 52 -37.25 31.81 -14.69
N PRO E 53 -36.70 33.01 -14.90
CA PRO E 53 -35.38 33.25 -15.52
C PRO E 53 -34.25 32.62 -14.74
N LEU E 54 -33.21 32.24 -15.45
CA LEU E 54 -32.13 31.49 -14.86
C LEU E 54 -31.35 32.35 -13.89
N VAL E 55 -31.09 33.64 -14.20
CA VAL E 55 -30.43 34.52 -13.22
C VAL E 55 -31.17 34.65 -11.91
N CYS E 56 -32.50 34.73 -11.98
CA CYS E 56 -33.30 34.92 -10.76
C CYS E 56 -33.17 33.72 -9.85
N HIS E 57 -33.31 32.53 -10.43
CA HIS E 57 -33.11 31.32 -9.66
C HIS E 57 -31.67 31.23 -9.13
N SER E 58 -30.72 31.67 -9.95
CA SER E 58 -29.33 31.65 -9.53
C SER E 58 -29.13 32.62 -8.36
N LEU E 59 -29.68 33.83 -8.50
CA LEU E 59 -29.62 34.81 -7.41
C LEU E 59 -30.32 34.34 -6.11
N ASP E 60 -31.53 33.74 -6.24
CA ASP E 60 -32.22 33.15 -5.08
C ASP E 60 -31.35 32.17 -4.29
N ALA E 61 -30.67 31.29 -5.00
CA ALA E 61 -29.87 30.23 -4.38
C ALA E 61 -28.67 30.83 -3.63
N ALA E 62 -27.96 31.73 -4.31
CA ALA E 62 -26.93 32.56 -3.67
C ALA E 62 -27.46 33.08 -2.34
N ALA E 63 -28.53 33.89 -2.44
CA ALA E 63 -29.22 34.46 -1.30
C ALA E 63 -29.48 33.43 -0.19
N ALA E 64 -30.21 32.37 -0.52
CA ALA E 64 -30.54 31.34 0.45
C ALA E 64 -29.31 30.74 1.10
N ALA E 65 -28.22 30.61 0.35
CA ALA E 65 -27.00 30.06 0.93
C ALA E 65 -26.45 31.04 1.97
N LEU E 66 -26.43 32.32 1.61
CA LEU E 66 -25.92 33.35 2.53
C LEU E 66 -26.74 33.40 3.80
N VAL E 67 -28.06 33.43 3.64
CA VAL E 67 -28.92 33.38 4.81
C VAL E 67 -28.75 32.05 5.57
N LEU E 68 -28.64 30.94 4.83
CA LEU E 68 -28.41 29.65 5.45
C LEU E 68 -27.16 29.70 6.29
N TRP E 69 -26.15 30.32 5.72
CA TRP E 69 -24.84 30.39 6.36
C TRP E 69 -24.89 31.20 7.66
N ASN E 70 -25.68 32.28 7.67
CA ASN E 70 -25.71 33.19 8.82
C ASN E 70 -26.72 32.81 9.90
N GLU E 71 -27.77 32.07 9.53
CA GLU E 71 -28.91 31.87 10.40
C GLU E 71 -29.24 30.44 10.72
N TYR E 72 -28.71 29.50 9.95
CA TYR E 72 -29.10 28.10 10.12
C TYR E 72 -27.93 27.28 10.62
N LEU E 73 -26.77 27.50 10.01
CA LEU E 73 -25.56 26.76 10.35
C LEU E 73 -25.12 27.08 11.75
N SER E 74 -24.84 26.04 12.53
CA SER E 74 -24.11 26.13 13.79
C SER E 74 -22.84 26.98 13.64
N PRO E 75 -22.59 27.88 14.60
CA PRO E 75 -21.36 28.70 14.64
C PRO E 75 -20.07 27.86 14.53
N GLY E 76 -20.03 26.75 15.27
CA GLY E 76 -18.86 25.87 15.21
C GLY E 76 -18.63 25.32 13.81
N LEU E 77 -19.71 25.15 13.05
CA LEU E 77 -19.62 24.65 11.70
C LEU E 77 -19.07 25.68 10.74
N ARG E 78 -19.57 26.92 10.84
CA ARG E 78 -18.99 28.06 10.10
C ARG E 78 -17.49 28.14 10.38
N ASP E 79 -17.12 27.94 11.64
CA ASP E 79 -15.72 27.87 12.08
C ASP E 79 -14.90 26.78 11.32
N THR E 80 -15.34 25.53 11.43
CA THR E 80 -14.71 24.42 10.70
C THR E 80 -14.55 24.70 9.20
N ILE E 81 -15.62 25.19 8.58
CA ILE E 81 -15.59 25.39 7.14
C ILE E 81 -14.63 26.49 6.75
N ALA E 82 -14.65 27.58 7.51
CA ALA E 82 -13.82 28.75 7.18
C ALA E 82 -12.36 28.44 7.43
N SER E 83 -12.10 27.66 8.48
CA SER E 83 -10.74 27.24 8.75
C SER E 83 -10.15 26.47 7.58
N SER E 84 -10.90 25.52 7.04
CA SER E 84 -10.42 24.74 5.92
C SER E 84 -10.12 25.61 4.69
N MET E 85 -10.88 26.68 4.51
CA MET E 85 -10.59 27.63 3.44
C MET E 85 -9.51 28.66 3.83
N GLU E 86 -9.00 28.56 5.07
CA GLU E 86 -8.00 29.47 5.61
C GLU E 86 -8.37 30.91 5.36
N THR E 87 -9.55 31.30 5.81
CA THR E 87 -10.05 32.64 5.62
C THR E 87 -11.05 32.99 6.72
N ASP E 88 -11.65 34.17 6.65
CA ASP E 88 -12.60 34.58 7.67
C ASP E 88 -14.02 34.16 7.26
N GLU E 89 -14.88 33.99 8.26
CA GLU E 89 -16.23 33.51 8.02
C GLU E 89 -17.01 34.35 7.02
N GLU E 90 -16.71 35.64 6.97
CA GLU E 90 -17.54 36.53 6.16
C GLU E 90 -17.14 36.39 4.71
N HIS E 91 -15.86 36.13 4.49
CA HIS E 91 -15.35 35.82 3.16
C HIS E 91 -15.90 34.46 2.70
N ALA E 92 -15.65 33.42 3.50
CA ALA E 92 -16.12 32.07 3.22
C ALA E 92 -17.63 32.04 2.92
N GLY E 93 -18.43 32.74 3.72
CA GLY E 93 -19.86 32.83 3.46
C GLY E 93 -20.16 33.37 2.07
N HIS E 94 -19.37 34.33 1.62
CA HIS E 94 -19.61 34.89 0.32
C HIS E 94 -19.09 34.05 -0.81
N CYS E 95 -18.02 33.31 -0.54
CA CYS E 95 -17.54 32.29 -1.46
C CYS E 95 -18.67 31.31 -1.69
N ILE E 96 -19.20 30.76 -0.60
CA ILE E 96 -20.27 29.80 -0.69
C ILE E 96 -21.51 30.37 -1.40
N ALA E 97 -21.84 31.64 -1.13
CA ALA E 97 -23.04 32.20 -1.75
C ALA E 97 -22.85 32.27 -3.23
N PHE E 98 -21.63 32.60 -3.64
CA PHE E 98 -21.24 32.66 -5.04
C PHE E 98 -21.35 31.28 -5.69
N TRP E 99 -20.79 30.28 -5.04
CA TRP E 99 -20.82 28.92 -5.56
C TRP E 99 -22.27 28.48 -5.71
N ALA E 100 -23.03 28.55 -4.63
CA ALA E 100 -24.43 28.13 -4.65
C ALA E 100 -25.22 28.72 -5.81
N GLY E 101 -24.91 29.96 -6.20
CA GLY E 101 -25.64 30.59 -7.30
C GLY E 101 -25.11 30.25 -8.67
N LEU E 102 -24.06 29.45 -8.76
CA LEU E 102 -23.59 28.96 -10.06
C LEU E 102 -24.05 27.51 -10.32
N HIS E 103 -24.88 26.96 -9.43
CA HIS E 103 -25.18 25.54 -9.47
C HIS E 103 -25.91 25.13 -10.76
N ASP E 104 -26.87 25.94 -11.20
CA ASP E 104 -27.63 25.64 -12.41
C ASP E 104 -27.06 26.31 -13.67
N ILE E 105 -25.79 26.72 -13.64
CA ILE E 105 -25.22 27.36 -14.82
C ILE E 105 -25.25 26.45 -16.04
N GLY E 106 -25.19 25.13 -15.80
CA GLY E 106 -25.24 24.13 -16.84
C GLY E 106 -26.58 24.04 -17.55
N LYS E 107 -27.59 24.77 -17.08
CA LYS E 107 -28.89 24.80 -17.78
C LYS E 107 -28.80 25.75 -18.97
N LEU E 108 -27.72 26.53 -19.04
CA LEU E 108 -27.59 27.54 -20.10
C LEU E 108 -26.94 26.93 -21.33
N THR E 109 -27.65 25.98 -21.92
CA THR E 109 -27.21 25.21 -23.07
C THR E 109 -28.45 24.95 -23.88
N ARG E 110 -28.29 24.67 -25.18
CA ARG E 110 -29.42 24.39 -26.07
C ARG E 110 -30.19 23.13 -25.63
N GLU E 111 -29.46 22.09 -25.28
CA GLU E 111 -30.10 20.86 -24.81
C GLU E 111 -31.01 21.06 -23.61
N PHE E 112 -30.73 22.02 -22.73
CA PHE E 112 -31.68 22.29 -21.65
C PHE E 112 -32.76 23.28 -22.05
N GLN E 113 -32.38 24.44 -22.57
CA GLN E 113 -33.35 25.49 -22.87
C GLN E 113 -34.47 25.07 -23.82
N GLN E 114 -34.16 24.17 -24.75
CA GLN E 114 -35.10 23.79 -25.80
C GLN E 114 -36.13 22.75 -25.38
N GLN E 115 -36.14 22.39 -24.10
CA GLN E 115 -37.17 21.52 -23.58
C GLN E 115 -38.56 22.15 -23.74
N ILE E 116 -38.60 23.48 -23.84
CA ILE E 116 -39.83 24.22 -24.06
C ILE E 116 -39.73 25.12 -25.27
N ALA E 117 -40.85 25.78 -25.58
CA ALA E 117 -40.90 26.82 -26.58
C ALA E 117 -40.05 28.00 -26.13
N ILE E 118 -39.13 28.43 -26.99
CA ILE E 118 -38.32 29.58 -26.70
C ILE E 118 -37.72 30.06 -27.99
N ASP E 119 -37.61 31.38 -28.16
CA ASP E 119 -36.97 31.93 -29.34
C ASP E 119 -35.46 32.02 -29.15
N LEU E 120 -34.70 31.25 -29.92
CA LEU E 120 -33.24 31.21 -29.78
C LEU E 120 -32.50 31.69 -31.03
N SER E 121 -33.25 32.37 -31.91
CA SER E 121 -32.76 32.86 -33.20
C SER E 121 -31.49 33.73 -33.18
N ALA E 122 -31.26 34.41 -32.06
CA ALA E 122 -30.07 35.22 -31.90
C ALA E 122 -28.87 34.37 -31.54
N TYR E 123 -29.11 33.11 -31.17
CA TYR E 123 -28.04 32.30 -30.59
C TYR E 123 -27.74 31.05 -31.42
N PRO E 124 -27.14 31.24 -32.61
CA PRO E 124 -26.82 30.07 -33.43
C PRO E 124 -25.65 29.32 -32.80
N GLY E 125 -25.52 28.03 -33.11
CA GLY E 125 -24.40 27.26 -32.61
C GLY E 125 -24.86 26.15 -31.70
N GLU E 126 -23.89 25.41 -31.16
CA GLU E 126 -24.11 24.29 -30.24
C GLU E 126 -25.38 23.50 -30.52
N GLU E 127 -25.43 22.83 -31.67
CA GLU E 127 -26.58 21.99 -32.02
C GLU E 127 -26.55 20.76 -31.13
N LEU E 128 -27.68 20.09 -30.98
CA LEU E 128 -27.76 18.92 -30.11
C LEU E 128 -26.81 17.77 -30.48
N SER E 129 -26.16 17.21 -29.46
CA SER E 129 -25.15 16.19 -29.65
C SER E 129 -25.73 14.79 -29.64
N GLY E 130 -26.88 14.63 -29.01
CA GLY E 130 -27.44 13.32 -28.77
C GLY E 130 -27.05 12.73 -27.42
N GLU E 131 -26.01 13.31 -26.80
CA GLU E 131 -25.49 12.82 -25.51
C GLU E 131 -26.50 12.80 -24.33
N GLN E 132 -27.49 13.68 -24.36
CA GLN E 132 -28.45 13.78 -23.26
C GLN E 132 -27.77 13.91 -21.89
N ARG E 133 -26.89 14.89 -21.79
CA ARG E 133 -26.12 15.14 -20.57
C ARG E 133 -26.93 16.03 -19.60
N SER E 134 -27.06 15.58 -18.34
CA SER E 134 -27.82 16.31 -17.32
C SER E 134 -27.17 17.65 -17.08
N HIS E 135 -27.93 18.64 -16.59
CA HIS E 135 -27.39 20.00 -16.41
C HIS E 135 -26.36 20.09 -15.28
N ALA E 136 -26.51 19.24 -14.27
CA ALA E 136 -25.50 19.21 -13.24
C ALA E 136 -24.13 18.87 -13.85
N ALA E 137 -24.07 17.80 -14.64
CA ALA E 137 -22.82 17.41 -15.31
C ALA E 137 -22.26 18.53 -16.17
N ALA E 138 -23.15 19.24 -16.88
CA ALA E 138 -22.69 20.40 -17.65
C ALA E 138 -22.08 21.46 -16.73
N THR E 139 -22.69 21.69 -15.57
CA THR E 139 -22.09 22.62 -14.60
C THR E 139 -20.64 22.23 -14.27
N GLY E 140 -20.45 20.98 -13.87
CA GLY E 140 -19.14 20.48 -13.48
C GLY E 140 -18.15 20.51 -14.63
N LYS E 141 -18.66 20.45 -15.86
CA LYS E 141 -17.80 20.48 -17.03
C LYS E 141 -17.43 21.88 -17.52
N TRP E 142 -18.30 22.87 -17.30
CA TRP E 142 -18.04 24.25 -17.74
C TRP E 142 -17.16 25.02 -16.78
N LEU E 143 -17.40 24.83 -15.48
CA LEU E 143 -16.78 25.63 -14.45
C LEU E 143 -15.22 25.57 -14.36
N PRO E 144 -14.64 24.36 -14.42
CA PRO E 144 -13.18 24.31 -14.27
C PRO E 144 -12.44 25.13 -15.32
N PHE E 145 -13.13 25.55 -16.37
CA PHE E 145 -12.49 26.29 -17.45
C PHE E 145 -12.98 27.71 -17.62
N ALA E 146 -13.91 28.12 -16.79
CA ALA E 146 -14.35 29.52 -16.79
C ALA E 146 -14.05 30.24 -15.45
N LEU E 147 -14.06 29.48 -14.37
CA LEU E 147 -13.67 29.99 -13.06
C LEU E 147 -12.29 30.66 -13.08
N PRO E 148 -11.32 30.10 -13.84
CA PRO E 148 -10.04 30.81 -13.76
C PRO E 148 -10.10 32.24 -14.29
N SER E 149 -11.10 32.59 -15.08
CA SER E 149 -11.23 33.97 -15.55
C SER E 149 -11.47 34.97 -14.41
N LEU E 150 -11.79 34.46 -13.21
CA LEU E 150 -12.02 35.31 -12.05
C LEU E 150 -10.90 35.16 -11.02
N GLY E 151 -9.79 34.53 -11.41
CA GLY E 151 -8.63 34.43 -10.54
C GLY E 151 -8.47 33.09 -9.86
N TYR E 152 -9.30 32.11 -10.23
CA TYR E 152 -9.14 30.77 -9.69
C TYR E 152 -7.95 30.11 -10.36
N PRO E 153 -7.18 29.32 -9.60
CA PRO E 153 -6.04 28.68 -10.26
C PRO E 153 -6.48 27.68 -11.35
N ASN E 154 -5.99 27.86 -12.57
CA ASN E 154 -6.29 26.92 -13.65
C ASN E 154 -5.68 25.58 -13.31
N GLY E 155 -6.48 24.53 -13.38
CA GLY E 155 -6.05 23.20 -13.01
C GLY E 155 -5.92 22.93 -11.51
N GLY E 156 -6.17 23.94 -10.68
CA GLY E 156 -5.98 23.80 -9.24
C GLY E 156 -6.88 22.82 -8.50
N LEU E 157 -6.44 22.40 -7.32
CA LEU E 157 -7.27 21.67 -6.36
C LEU E 157 -8.62 22.38 -6.06
N VAL E 158 -8.56 23.60 -5.56
CA VAL E 158 -9.77 24.36 -5.27
C VAL E 158 -10.73 24.47 -6.47
N THR E 159 -10.20 24.84 -7.64
CA THR E 159 -11.02 25.00 -8.85
C THR E 159 -11.73 23.69 -9.26
N GLY E 160 -10.99 22.59 -9.18
CA GLY E 160 -11.55 21.29 -9.46
C GLY E 160 -12.63 20.87 -8.50
N LEU E 161 -12.43 21.17 -7.21
CA LEU E 161 -13.41 20.79 -6.18
C LEU E 161 -14.69 21.63 -6.24
N VAL E 162 -14.57 22.93 -6.48
CA VAL E 162 -15.79 23.74 -6.59
C VAL E 162 -16.64 23.24 -7.77
N ALA E 163 -16.01 23.04 -8.92
CA ALA E 163 -16.70 22.51 -10.09
C ALA E 163 -17.36 21.16 -9.82
N GLN E 164 -16.58 20.19 -9.34
CA GLN E 164 -17.11 18.87 -8.98
C GLN E 164 -18.29 18.95 -7.99
N MET E 165 -18.07 19.54 -6.82
CA MET E 165 -19.12 19.76 -5.80
C MET E 165 -20.43 20.28 -6.40
N LEU E 166 -20.36 21.46 -7.02
CA LEU E 166 -21.48 22.02 -7.78
C LEU E 166 -22.10 21.04 -8.78
N GLY E 167 -21.25 20.27 -9.46
CA GLY E 167 -21.74 19.29 -10.42
C GLY E 167 -22.56 18.20 -9.74
N GLY E 168 -22.37 17.98 -8.46
CA GLY E 168 -23.11 16.96 -7.75
C GLY E 168 -24.32 17.48 -7.00
N HIS E 169 -24.81 18.66 -7.38
CA HIS E 169 -25.91 19.24 -6.63
C HIS E 169 -27.26 18.49 -6.74
N HIS E 170 -27.33 17.47 -7.59
CA HIS E 170 -28.50 16.57 -7.58
C HIS E 170 -28.23 15.21 -6.93
N GLY E 171 -27.21 15.15 -6.10
CA GLY E 171 -27.00 13.96 -5.30
C GLY E 171 -25.99 12.97 -5.83
N THR E 172 -25.53 13.17 -7.06
CA THR E 172 -24.51 12.31 -7.66
C THR E 172 -23.31 13.15 -8.08
N PHE E 173 -22.11 12.72 -7.69
CA PHE E 173 -20.88 13.41 -8.10
C PHE E 173 -20.35 12.78 -9.38
N HIS E 174 -19.58 13.55 -10.15
CA HIS E 174 -19.04 13.06 -11.41
C HIS E 174 -17.51 13.13 -11.35
N PRO E 175 -16.83 12.36 -12.21
CA PRO E 175 -15.36 12.42 -12.28
C PRO E 175 -14.88 13.82 -12.66
N HIS E 176 -13.63 14.16 -12.38
CA HIS E 176 -13.11 15.41 -12.90
C HIS E 176 -13.04 15.26 -14.41
N PRO E 177 -13.22 16.37 -15.13
CA PRO E 177 -13.14 16.32 -16.60
C PRO E 177 -11.77 15.91 -17.15
N SER E 178 -11.75 14.93 -18.05
CA SER E 178 -10.55 14.58 -18.79
C SER E 178 -10.69 14.98 -20.25
N PHE E 179 -9.67 15.67 -20.76
CA PHE E 179 -9.67 16.23 -22.11
C PHE E 179 -8.25 16.17 -22.68
N GLN E 180 -8.15 16.11 -24.00
CA GLN E 180 -6.87 15.88 -24.66
C GLN E 180 -6.39 17.08 -25.50
N SER E 181 -7.23 18.09 -25.66
CA SER E 181 -6.86 19.24 -26.49
C SER E 181 -6.37 20.41 -25.64
N ARG E 182 -6.11 21.55 -26.27
CA ARG E 182 -5.74 22.77 -25.56
C ARG E 182 -6.95 23.70 -25.46
N ASN E 183 -8.09 23.24 -25.99
CA ASN E 183 -9.35 23.97 -25.91
C ASN E 183 -10.45 23.12 -25.28
N PRO E 184 -10.40 22.95 -23.96
CA PRO E 184 -11.28 22.01 -23.27
C PRO E 184 -12.75 22.41 -23.39
N LEU E 185 -12.97 23.72 -23.36
CA LEU E 185 -14.30 24.28 -23.50
C LEU E 185 -15.02 23.71 -24.74
N ALA E 186 -14.38 23.85 -25.90
CA ALA E 186 -14.93 23.38 -27.16
C ALA E 186 -15.01 21.86 -27.23
N GLU E 187 -14.03 21.19 -26.63
CA GLU E 187 -14.00 19.73 -26.56
C GLU E 187 -15.24 19.19 -25.84
N PHE E 188 -15.77 19.93 -24.88
CA PHE E 188 -16.96 19.52 -24.12
C PHE E 188 -18.30 20.09 -24.65
N GLY E 189 -18.30 20.68 -25.84
CA GLY E 189 -19.53 21.13 -26.47
C GLY E 189 -19.83 22.61 -26.35
N PHE E 190 -19.05 23.35 -25.57
CA PHE E 190 -19.28 24.78 -25.46
C PHE E 190 -18.57 25.47 -26.61
N SER E 191 -19.13 25.31 -27.80
CA SER E 191 -18.45 25.76 -29.03
C SER E 191 -18.87 27.14 -29.52
N SER E 192 -20.11 27.54 -29.24
CA SER E 192 -20.60 28.85 -29.68
C SER E 192 -20.17 30.05 -28.83
N PRO E 193 -19.65 31.09 -29.49
CA PRO E 193 -19.38 32.42 -28.90
C PRO E 193 -20.65 33.05 -28.34
N HIS E 194 -21.76 32.92 -29.07
CA HIS E 194 -23.04 33.47 -28.66
C HIS E 194 -23.55 32.87 -27.34
N TRP E 195 -23.37 31.57 -27.16
CA TRP E 195 -23.79 30.94 -25.91
C TRP E 195 -22.78 31.19 -24.79
N GLU E 196 -21.52 31.34 -25.17
CA GLU E 196 -20.44 31.56 -24.21
C GLU E 196 -20.49 32.96 -23.58
N LYS E 197 -20.91 33.94 -24.36
CA LYS E 197 -21.05 35.28 -23.83
C LYS E 197 -22.09 35.28 -22.74
N GLN E 198 -23.20 34.59 -22.98
CA GLN E 198 -24.29 34.53 -22.00
C GLN E 198 -23.95 33.71 -20.77
N ARG E 199 -23.24 32.60 -20.95
CA ARG E 199 -22.80 31.83 -19.78
C ARG E 199 -21.81 32.67 -18.95
N HIS E 200 -21.04 33.51 -19.63
CA HIS E 200 -20.18 34.45 -18.93
C HIS E 200 -20.95 35.63 -18.28
N ALA E 201 -22.03 36.10 -18.90
CA ALA E 201 -22.83 37.17 -18.30
C ALA E 201 -23.47 36.73 -16.97
N LEU E 202 -24.07 35.54 -16.98
CA LEU E 202 -24.58 34.92 -15.78
C LEU E 202 -23.52 34.77 -14.72
N LEU E 203 -22.32 34.33 -15.10
CA LEU E 203 -21.21 34.11 -14.15
C LEU E 203 -20.82 35.41 -13.45
N HIS E 204 -20.76 36.48 -14.23
CA HIS E 204 -20.35 37.76 -13.71
C HIS E 204 -21.46 38.39 -12.89
N ALA E 205 -22.71 38.16 -13.30
CA ALA E 205 -23.86 38.65 -12.56
C ALA E 205 -23.90 38.15 -11.11
N VAL E 206 -23.74 36.85 -10.89
CA VAL E 206 -23.82 36.36 -9.52
C VAL E 206 -22.52 36.65 -8.76
N PHE E 207 -21.43 36.82 -9.50
CA PHE E 207 -20.17 37.25 -8.89
C PHE E 207 -20.30 38.65 -8.31
N ASP E 208 -20.81 39.59 -9.10
CA ASP E 208 -21.04 40.94 -8.61
C ASP E 208 -22.02 40.92 -7.43
N ALA E 209 -23.13 40.20 -7.58
CA ALA E 209 -24.15 40.15 -6.55
C ALA E 209 -23.70 39.59 -5.21
N THR E 210 -22.65 38.76 -5.20
CA THR E 210 -22.16 38.18 -3.95
C THR E 210 -20.92 38.88 -3.46
N GLY E 211 -20.63 40.02 -4.10
CA GLY E 211 -19.57 40.92 -3.70
C GLY E 211 -18.19 40.61 -4.27
N ARG E 212 -18.14 39.95 -5.41
CA ARG E 212 -16.88 39.52 -6.00
C ARG E 212 -15.88 38.91 -5.01
N PRO E 213 -16.29 37.88 -4.26
CA PRO E 213 -15.34 37.31 -3.29
C PRO E 213 -14.15 36.73 -4.00
N THR E 214 -12.95 36.87 -3.42
CA THR E 214 -11.76 36.28 -4.03
C THR E 214 -11.70 34.78 -3.72
N PRO E 215 -11.02 34.01 -4.58
CA PRO E 215 -11.00 32.56 -4.38
C PRO E 215 -10.40 32.17 -3.06
N PRO E 216 -10.93 31.11 -2.43
CA PRO E 216 -10.25 30.65 -1.22
C PRO E 216 -8.89 30.11 -1.59
N ASP E 217 -7.94 30.14 -0.66
CA ASP E 217 -6.60 29.64 -0.93
C ASP E 217 -6.61 28.12 -0.92
N MET E 218 -7.54 27.56 -0.17
CA MET E 218 -7.53 26.13 0.11
C MET E 218 -8.94 25.53 0.21
N LEU E 219 -9.08 24.25 -0.12
CA LEU E 219 -10.34 23.54 0.01
C LEU E 219 -10.07 22.03 -0.07
N ASP E 220 -10.66 21.28 0.85
CA ASP E 220 -10.49 19.84 0.86
C ASP E 220 -11.82 19.13 0.61
N GLY E 221 -11.74 17.81 0.42
CA GLY E 221 -12.90 17.04 0.06
C GLY E 221 -14.03 17.06 1.07
N PRO E 222 -13.78 16.61 2.31
CA PRO E 222 -14.89 16.43 3.25
C PRO E 222 -15.62 17.74 3.48
N THR E 223 -14.87 18.83 3.56
CA THR E 223 -15.45 20.16 3.63
C THR E 223 -16.36 20.47 2.44
N ALA E 224 -15.82 20.31 1.23
CA ALA E 224 -16.57 20.52 0.00
C ALA E 224 -17.82 19.62 -0.08
N SER E 225 -17.72 18.43 0.50
CA SER E 225 -18.84 17.51 0.51
C SER E 225 -19.98 18.12 1.32
N VAL E 226 -19.65 18.67 2.49
CA VAL E 226 -20.61 19.37 3.34
C VAL E 226 -21.16 20.66 2.72
N VAL E 227 -20.33 21.38 1.99
CA VAL E 227 -20.83 22.58 1.34
C VAL E 227 -21.82 22.22 0.21
N CYS E 228 -21.61 21.05 -0.41
CA CYS E 228 -22.54 20.50 -1.39
C CYS E 228 -23.92 20.35 -0.76
N GLY E 229 -23.98 19.72 0.42
CA GLY E 229 -25.20 19.67 1.20
C GLY E 229 -25.84 21.04 1.36
N LEU E 230 -25.02 22.03 1.71
CA LEU E 230 -25.54 23.38 1.87
C LEU E 230 -26.17 23.88 0.58
N VAL E 231 -25.46 23.81 -0.54
CA VAL E 231 -26.01 24.25 -1.82
C VAL E 231 -27.29 23.52 -2.17
N ILE E 232 -27.36 22.21 -1.92
CA ILE E 232 -28.58 21.45 -2.19
C ILE E 232 -29.76 22.03 -1.40
N LEU E 233 -29.60 22.16 -0.09
CA LEU E 233 -30.61 22.79 0.75
C LEU E 233 -31.04 24.16 0.22
N ALA E 234 -30.05 25.01 -0.08
CA ALA E 234 -30.35 26.25 -0.78
C ALA E 234 -31.30 26.04 -1.97
N ASP E 235 -30.90 25.19 -2.95
CA ASP E 235 -31.73 24.89 -4.13
C ASP E 235 -33.16 24.47 -3.75
N TRP E 236 -33.29 23.52 -2.84
CA TRP E 236 -34.60 23.02 -2.47
C TRP E 236 -35.49 24.11 -1.88
N LEU E 237 -34.98 24.83 -0.89
CA LEU E 237 -35.70 25.92 -0.22
C LEU E 237 -36.30 26.90 -1.23
N VAL E 238 -35.50 27.39 -2.17
CA VAL E 238 -35.98 28.43 -3.09
C VAL E 238 -36.65 27.86 -4.32
N SER E 239 -37.02 26.60 -4.26
CA SER E 239 -37.64 25.90 -5.39
C SER E 239 -39.08 25.53 -5.05
N GLN E 240 -39.49 25.90 -3.85
CA GLN E 240 -40.88 25.73 -3.44
C GLN E 240 -41.78 26.64 -4.26
N GLU E 241 -42.89 26.09 -4.75
CA GLU E 241 -43.75 26.85 -5.65
C GLU E 241 -44.32 28.14 -5.07
N ASP E 242 -44.58 28.16 -3.77
CA ASP E 242 -45.11 29.38 -3.18
C ASP E 242 -44.06 30.47 -3.33
N PHE E 243 -42.84 30.20 -2.89
CA PHE E 243 -41.75 31.15 -3.11
C PHE E 243 -41.60 31.56 -4.58
N LEU E 244 -41.62 30.60 -5.50
CA LEU E 244 -41.46 30.92 -6.91
C LEU E 244 -42.56 31.87 -7.38
N LEU E 245 -43.80 31.60 -6.99
CA LEU E 245 -44.91 32.43 -7.45
C LEU E 245 -44.82 33.88 -6.94
N GLU E 246 -44.32 34.07 -5.72
CA GLU E 246 -44.04 35.42 -5.24
C GLU E 246 -43.08 36.13 -6.18
N ARG E 247 -41.92 35.54 -6.44
CA ARG E 247 -40.90 36.24 -7.22
C ARG E 247 -41.33 36.44 -8.68
N LEU E 248 -42.18 35.55 -9.17
CA LEU E 248 -42.67 35.60 -10.55
C LEU E 248 -43.49 36.85 -10.85
N THR E 249 -44.10 37.42 -9.81
CA THR E 249 -44.92 38.64 -9.96
C THR E 249 -44.02 39.87 -10.04
N SER E 250 -42.78 39.72 -9.60
CA SER E 250 -41.87 40.86 -9.52
C SER E 250 -40.54 40.58 -10.19
N LEU E 251 -40.54 40.21 -11.48
CA LEU E 251 -39.27 39.92 -12.17
C LEU E 251 -38.50 41.21 -12.50
N PRO E 252 -37.17 41.12 -12.66
CA PRO E 252 -36.44 42.34 -13.01
C PRO E 252 -36.79 42.80 -14.41
N ALA E 253 -36.87 44.11 -14.59
CA ALA E 253 -37.28 44.71 -15.85
C ALA E 253 -36.25 44.45 -16.95
N ASP E 254 -34.98 44.32 -16.57
CA ASP E 254 -33.91 44.03 -17.53
C ASP E 254 -32.82 43.21 -16.84
N GLY E 255 -31.70 42.99 -17.54
CA GLY E 255 -30.58 42.27 -16.96
C GLY E 255 -29.49 43.17 -16.40
N SER E 256 -29.81 44.42 -16.10
CA SER E 256 -28.81 45.36 -15.62
C SER E 256 -28.34 45.02 -14.21
N ALA E 257 -27.15 45.47 -13.84
CA ALA E 257 -26.57 45.14 -12.54
C ALA E 257 -27.48 45.59 -11.40
N SER E 258 -28.19 46.69 -11.62
CA SER E 258 -28.98 47.29 -10.57
C SER E 258 -30.33 46.60 -10.43
N ALA E 259 -30.94 46.25 -11.56
CA ALA E 259 -32.16 45.45 -11.56
C ALA E 259 -31.91 44.08 -10.90
N LEU E 260 -30.80 43.44 -11.26
CA LEU E 260 -30.40 42.17 -10.68
C LEU E 260 -30.05 42.27 -9.19
N ARG E 261 -29.36 43.34 -8.79
CA ARG E 261 -29.06 43.58 -7.37
C ARG E 261 -30.35 43.67 -6.54
N ALA E 262 -31.34 44.37 -7.08
CA ALA E 262 -32.62 44.55 -6.40
C ALA E 262 -33.30 43.20 -6.13
N HIS E 263 -33.41 42.36 -7.16
CA HIS E 263 -33.97 41.02 -7.02
C HIS E 263 -33.28 40.20 -5.93
N PHE E 264 -31.94 40.17 -5.97
CA PHE E 264 -31.14 39.45 -4.96
C PHE E 264 -31.44 39.93 -3.56
N GLU E 265 -31.39 41.25 -3.39
CA GLU E 265 -31.70 41.86 -2.11
C GLU E 265 -33.10 41.53 -1.59
N THR E 266 -34.14 41.65 -2.42
CA THR E 266 -35.48 41.26 -1.98
C THR E 266 -35.57 39.77 -1.60
N SER E 267 -34.91 38.90 -2.35
CA SER E 267 -34.88 37.48 -1.97
C SER E 267 -34.14 37.21 -0.65
N LEU E 268 -33.06 37.95 -0.39
CA LEU E 268 -32.38 37.87 0.92
C LEU E 268 -33.30 38.10 2.11
N ARG E 269 -34.34 38.89 1.88
CA ARG E 269 -35.28 39.24 2.94
C ARG E 269 -36.36 38.17 3.10
N ARG E 270 -36.68 37.50 2.01
CA ARG E 270 -37.77 36.55 2.02
C ARG E 270 -37.33 35.21 2.58
N ILE E 271 -36.04 34.95 2.54
CA ILE E 271 -35.56 33.62 2.88
C ILE E 271 -35.70 33.22 4.35
N PRO E 272 -35.46 34.14 5.29
CA PRO E 272 -35.60 33.66 6.69
C PRO E 272 -36.99 33.13 7.01
N SER E 273 -38.01 33.58 6.29
CA SER E 273 -39.35 33.03 6.47
C SER E 273 -39.45 31.56 5.99
N LEU E 274 -38.59 31.18 5.04
CA LEU E 274 -38.53 29.81 4.55
C LEU E 274 -38.03 28.88 5.66
N LEU E 275 -37.02 29.35 6.38
CA LEU E 275 -36.49 28.62 7.52
C LEU E 275 -37.53 28.42 8.59
N ASP E 276 -38.37 29.44 8.82
CA ASP E 276 -39.45 29.35 9.82
C ASP E 276 -40.47 28.27 9.44
N ALA E 277 -41.04 28.39 8.24
CA ALA E 277 -42.01 27.42 7.72
C ALA E 277 -41.49 25.99 7.64
N ALA E 278 -40.20 25.83 7.33
CA ALA E 278 -39.62 24.50 7.25
C ALA E 278 -39.28 23.98 8.63
N GLY E 279 -39.42 24.83 9.65
CA GLY E 279 -39.04 24.45 11.00
C GLY E 279 -37.55 24.25 11.22
N LEU E 280 -36.73 25.05 10.57
CA LEU E 280 -35.30 24.84 10.60
C LEU E 280 -34.51 25.74 11.54
N ARG E 281 -35.18 26.62 12.30
CA ARG E 281 -34.50 27.47 13.30
C ARG E 281 -33.80 26.64 14.36
N PRO E 282 -32.62 27.07 14.79
CA PRO E 282 -31.88 26.26 15.77
C PRO E 282 -32.58 26.25 17.12
N ILE E 283 -32.43 25.14 17.84
CA ILE E 283 -32.82 25.02 19.24
C ILE E 283 -31.56 25.17 20.04
N THR E 284 -31.40 26.28 20.77
CA THR E 284 -30.22 26.38 21.65
C THR E 284 -30.62 26.29 23.12
N VAL E 285 -29.74 25.67 23.92
CA VAL E 285 -30.00 25.43 25.33
C VAL E 285 -28.88 26.04 26.18
N PRO E 286 -29.23 26.82 27.21
CA PRO E 286 -28.25 27.51 28.08
C PRO E 286 -27.34 26.55 28.81
N PRO E 287 -26.08 26.95 29.02
CA PRO E 287 -25.18 26.12 29.85
C PRO E 287 -25.73 25.96 31.26
N ALA E 288 -25.79 24.73 31.76
CA ALA E 288 -26.23 24.46 33.12
C ALA E 288 -25.33 23.40 33.78
N THR E 289 -25.28 23.42 35.11
CA THR E 289 -24.61 22.36 35.84
C THR E 289 -25.47 21.12 35.71
N PHE E 290 -24.98 19.99 36.19
CA PHE E 290 -25.78 18.78 36.05
C PHE E 290 -27.11 18.87 36.79
N THR E 291 -27.12 19.53 37.95
CA THR E 291 -28.35 19.58 38.74
C THR E 291 -29.34 20.64 38.27
N GLU E 292 -28.83 21.70 37.62
CA GLU E 292 -29.69 22.73 37.02
C GLU E 292 -30.38 22.21 35.76
N SER E 293 -29.77 21.19 35.14
CA SER E 293 -30.35 20.56 33.96
C SER E 293 -31.46 19.58 34.31
N PHE E 294 -31.40 18.98 35.50
CA PHE E 294 -32.40 17.99 35.89
C PHE E 294 -32.96 18.18 37.31
N PRO E 295 -33.61 19.34 37.55
CA PRO E 295 -34.03 19.80 38.89
C PRO E 295 -34.93 18.82 39.63
N HIS E 296 -35.54 17.88 38.92
CA HIS E 296 -36.38 16.87 39.56
C HIS E 296 -35.79 15.48 39.34
N LYS E 299 -31.30 13.48 42.15
CA LYS E 299 -29.95 13.55 42.67
C LYS E 299 -28.94 12.86 41.74
N PRO E 300 -27.72 13.41 41.64
CA PRO E 300 -26.69 12.75 40.83
C PRO E 300 -26.24 11.45 41.49
N ASN E 301 -26.20 10.35 40.75
CA ASN E 301 -25.70 9.08 41.26
C ASN E 301 -24.23 8.95 40.94
N GLY E 302 -23.66 7.76 41.19
CA GLY E 302 -22.22 7.56 41.04
C GLY E 302 -21.66 7.95 39.68
N LEU E 303 -22.26 7.39 38.63
CA LEU E 303 -21.87 7.64 37.25
C LEU E 303 -21.95 9.13 36.93
N GLN E 304 -23.12 9.69 37.15
CA GLN E 304 -23.36 11.09 36.88
C GLN E 304 -22.42 12.05 37.63
N ALA E 305 -22.27 11.85 38.95
CA ALA E 305 -21.38 12.69 39.72
C ALA E 305 -20.00 12.68 39.07
N SER E 306 -19.50 11.49 38.75
CA SER E 306 -18.16 11.35 38.15
C SER E 306 -18.03 12.06 36.81
N LEU E 307 -19.07 11.97 36.00
CA LEU E 307 -19.08 12.64 34.70
C LEU E 307 -19.13 14.16 34.84
N ALA E 308 -20.02 14.64 35.71
CA ALA E 308 -20.23 16.08 35.87
C ALA E 308 -19.02 16.73 36.50
N LYS E 309 -18.25 15.94 37.26
CA LYS E 309 -17.07 16.44 37.95
C LYS E 309 -15.87 16.60 37.01
N HIS E 310 -15.57 15.54 36.26
CA HIS E 310 -14.32 15.50 35.51
C HIS E 310 -14.37 15.99 34.07
N LEU E 311 -15.53 15.85 33.44
CA LEU E 311 -15.65 16.18 32.04
C LEU E 311 -15.50 17.67 31.69
N PRO E 312 -16.15 18.57 32.45
CA PRO E 312 -16.03 19.99 32.07
C PRO E 312 -14.60 20.50 31.78
N CYS E 313 -13.57 19.94 32.43
CA CYS E 313 -12.18 20.29 32.14
C CYS E 313 -11.67 19.66 30.84
N LEU E 314 -12.03 18.40 30.64
CA LEU E 314 -11.62 17.69 29.44
C LEU E 314 -12.28 18.29 28.18
N CYS E 315 -13.55 18.67 28.29
CA CYS E 315 -14.33 19.08 27.13
C CYS E 315 -13.96 20.46 26.61
N THR E 316 -12.78 20.55 26.01
CA THR E 316 -12.29 21.85 25.58
C THR E 316 -12.54 22.12 24.09
N GLY E 317 -13.23 21.18 23.45
CA GLY E 317 -13.47 21.22 22.01
C GLY E 317 -13.84 19.82 21.51
N PRO E 318 -13.69 19.57 20.18
CA PRO E 318 -14.05 18.32 19.51
C PRO E 318 -13.52 17.11 20.26
N GLY E 319 -14.36 16.10 20.44
CA GLY E 319 -13.95 14.93 21.18
C GLY E 319 -15.02 13.87 21.20
N LEU E 320 -14.68 12.74 21.81
CA LEU E 320 -15.60 11.63 21.91
C LEU E 320 -15.60 11.12 23.34
N VAL E 321 -16.80 10.93 23.89
CA VAL E 321 -16.94 10.35 25.20
C VAL E 321 -17.62 9.00 25.04
N LEU E 322 -17.08 7.97 25.67
CA LEU E 322 -17.68 6.64 25.65
C LEU E 322 -18.06 6.20 27.06
N ILE E 323 -19.36 5.99 27.25
CA ILE E 323 -19.89 5.59 28.54
C ILE E 323 -20.49 4.19 28.46
N THR E 324 -19.89 3.30 29.24
CA THR E 324 -20.28 1.93 29.30
C THR E 324 -20.75 1.66 30.74
N ALA E 325 -22.04 1.38 30.91
CA ALA E 325 -22.63 1.20 32.23
C ALA E 325 -23.91 0.34 32.13
N PRO E 326 -24.37 -0.23 33.27
CA PRO E 326 -25.62 -1.03 33.27
C PRO E 326 -26.87 -0.19 33.06
N MET E 327 -28.02 -0.88 32.95
CA MET E 327 -29.31 -0.21 32.92
C MET E 327 -29.63 0.37 34.28
N GLY E 328 -30.56 1.32 34.31
CA GLY E 328 -30.95 1.92 35.56
C GLY E 328 -29.82 2.63 36.27
N GLU E 329 -28.84 3.12 35.51
CA GLU E 329 -27.78 3.96 36.07
C GLU E 329 -27.73 5.34 35.42
N GLY E 330 -28.83 5.77 34.83
CA GLY E 330 -28.95 7.12 34.31
C GLY E 330 -28.09 7.53 33.12
N LYS E 331 -27.74 6.58 32.26
CA LYS E 331 -26.98 6.91 31.05
C LYS E 331 -27.68 7.96 30.20
N THR E 332 -29.02 7.93 30.16
CA THR E 332 -29.73 8.89 29.34
C THR E 332 -29.42 10.30 29.78
N GLU E 333 -29.58 10.59 31.08
CA GLU E 333 -29.37 11.95 31.56
C GLU E 333 -27.90 12.34 31.51
N ALA E 334 -27.03 11.36 31.69
CA ALA E 334 -25.60 11.59 31.60
C ALA E 334 -25.26 12.02 30.16
N ALA E 335 -25.88 11.38 29.17
CA ALA E 335 -25.59 11.71 27.78
C ALA E 335 -26.08 13.12 27.42
N TYR E 336 -27.28 13.47 27.86
CA TYR E 336 -27.78 14.81 27.60
C TYR E 336 -26.75 15.82 28.15
N HIS E 337 -26.24 15.57 29.36
CA HIS E 337 -25.30 16.47 30.00
C HIS E 337 -23.95 16.52 29.29
N VAL E 338 -23.43 15.35 28.89
CA VAL E 338 -22.18 15.32 28.16
C VAL E 338 -22.31 15.95 26.76
N ALA E 339 -23.48 15.82 26.13
CA ALA E 339 -23.68 16.39 24.82
C ALA E 339 -23.72 17.93 24.88
N ASP E 340 -24.41 18.43 25.89
CA ASP E 340 -24.40 19.86 26.20
C ASP E 340 -22.97 20.40 26.39
N LEU E 341 -22.16 19.68 27.18
CA LEU E 341 -20.76 20.03 27.41
C LEU E 341 -19.97 20.11 26.10
N LEU E 342 -20.11 19.07 25.28
CA LEU E 342 -19.42 19.01 23.99
C LEU E 342 -19.96 20.03 22.98
N GLY E 343 -21.27 20.27 23.06
CA GLY E 343 -21.93 21.26 22.24
C GLY E 343 -21.48 22.71 22.39
N LYS E 344 -21.32 23.18 23.64
CA LYS E 344 -20.83 24.55 23.85
C LYS E 344 -19.42 24.62 23.35
N ALA E 345 -18.63 23.60 23.68
CA ALA E 345 -17.19 23.64 23.41
C ALA E 345 -16.90 23.69 21.92
N THR E 346 -17.87 23.26 21.11
CA THR E 346 -17.68 23.15 19.66
C THR E 346 -18.71 23.99 18.89
N GLY E 347 -19.50 24.79 19.60
CA GLY E 347 -20.45 25.66 18.93
C GLY E 347 -21.45 24.91 18.09
N ARG E 348 -21.79 23.71 18.57
CA ARG E 348 -22.73 22.84 17.88
C ARG E 348 -23.93 22.58 18.76
N PRO E 349 -24.98 23.42 18.61
CA PRO E 349 -26.21 23.32 19.41
C PRO E 349 -27.17 22.22 18.92
N GLY E 350 -26.96 21.73 17.69
CA GLY E 350 -27.80 20.68 17.13
C GLY E 350 -27.58 19.35 17.83
N ARG E 351 -28.54 18.44 17.69
CA ARG E 351 -28.44 17.10 18.28
C ARG E 351 -28.98 16.07 17.32
N PHE E 352 -28.35 14.91 17.26
CA PHE E 352 -28.97 13.69 16.70
C PHE E 352 -28.73 12.54 17.67
N LEU E 353 -29.81 11.89 18.09
CA LEU E 353 -29.71 10.75 18.98
C LEU E 353 -29.97 9.48 18.20
N ALA E 354 -28.95 8.64 18.08
CA ALA E 354 -29.08 7.40 17.30
C ALA E 354 -29.42 6.20 18.19
N LEU E 355 -30.51 5.51 17.85
CA LEU E 355 -30.96 4.36 18.66
C LEU E 355 -31.07 3.02 17.86
N PRO E 356 -31.07 1.87 18.56
CA PRO E 356 -30.95 0.58 17.87
C PRO E 356 -32.22 0.08 17.17
N THR E 357 -33.40 0.43 17.71
CA THR E 357 -34.68 0.01 17.13
C THR E 357 -35.60 1.20 16.92
N MET E 358 -36.70 0.98 16.18
CA MET E 358 -37.69 2.04 16.00
C MET E 358 -38.42 2.37 17.29
N ALA E 359 -38.69 1.36 18.11
CA ALA E 359 -39.46 1.57 19.34
C ALA E 359 -38.69 2.42 20.35
N THR E 360 -37.40 2.13 20.49
CA THR E 360 -36.56 2.92 21.38
C THR E 360 -36.42 4.36 20.88
N ALA E 361 -36.38 4.54 19.55
CA ALA E 361 -36.32 5.89 18.98
C ALA E 361 -37.57 6.68 19.35
N ASP E 362 -38.70 5.97 19.42
CA ASP E 362 -39.98 6.58 19.79
C ASP E 362 -39.98 7.06 21.24
N GLN E 363 -39.48 6.21 22.12
CA GLN E 363 -39.39 6.53 23.54
C GLN E 363 -38.50 7.74 23.80
N MET E 364 -37.30 7.71 23.26
CA MET E 364 -36.30 8.76 23.46
C MET E 364 -36.77 10.09 22.88
N HIS E 365 -37.52 10.03 21.80
CA HIS E 365 -38.05 11.22 21.16
C HIS E 365 -38.99 11.91 22.13
N THR E 366 -39.77 11.11 22.87
CA THR E 366 -40.64 11.66 23.90
C THR E 366 -39.82 12.28 25.04
N ARG E 367 -38.83 11.56 25.53
CA ARG E 367 -37.94 12.06 26.59
C ARG E 367 -37.21 13.36 26.23
N LEU E 368 -36.63 13.40 25.04
CA LEU E 368 -35.88 14.58 24.64
C LEU E 368 -36.81 15.78 24.42
N LYS E 369 -38.08 15.52 24.12
CA LYS E 369 -39.03 16.60 23.90
C LYS E 369 -39.34 17.36 25.21
N GLU E 370 -39.53 16.63 26.31
CA GLU E 370 -39.85 17.28 27.57
C GLU E 370 -38.62 17.98 28.12
N TYR E 371 -37.46 17.35 27.95
CA TYR E 371 -36.20 17.96 28.32
C TYR E 371 -36.09 19.29 27.60
N ALA E 372 -36.52 19.33 26.35
CA ALA E 372 -36.40 20.53 25.53
C ALA E 372 -37.35 21.59 26.02
N ARG E 373 -38.53 21.15 26.46
CA ARG E 373 -39.56 22.06 26.97
C ARG E 373 -39.04 22.99 28.07
N TYR E 374 -38.52 22.41 29.15
CA TYR E 374 -38.06 23.23 30.26
C TYR E 374 -36.65 23.84 30.08
N ARG E 375 -35.80 23.22 29.28
CA ARG E 375 -34.43 23.68 29.12
C ARG E 375 -34.27 24.85 28.18
N VAL E 376 -35.10 24.98 27.17
CA VAL E 376 -34.96 26.07 26.22
C VAL E 376 -35.61 27.36 26.74
N GLU E 377 -35.03 28.53 26.41
CA GLU E 377 -35.53 29.83 26.88
C GLU E 377 -36.89 30.14 26.30
N ASN E 378 -37.80 30.66 27.12
CA ASN E 378 -39.19 30.87 26.70
C ASN E 378 -39.33 31.70 25.41
N THR E 379 -39.82 31.04 24.36
CA THR E 379 -39.98 31.62 23.01
C THR E 379 -38.71 32.27 22.49
N ARG E 383 -40.06 29.57 18.04
CA ARG E 383 -41.35 28.89 17.96
C ARG E 383 -41.57 28.24 16.59
N SER E 384 -40.49 27.99 15.87
CA SER E 384 -40.55 27.22 14.62
C SER E 384 -39.26 26.41 14.44
N SER E 385 -39.12 25.37 15.26
CA SER E 385 -37.89 24.56 15.33
C SER E 385 -38.30 23.15 15.62
N THR E 386 -38.34 22.27 14.63
CA THR E 386 -38.89 20.95 14.92
C THR E 386 -37.88 19.98 15.57
N LEU E 387 -38.38 19.19 16.52
CA LEU E 387 -37.63 18.09 17.06
C LEU E 387 -38.06 16.83 16.30
N ALA E 388 -37.30 16.44 15.29
CA ALA E 388 -37.71 15.35 14.39
C ALA E 388 -37.50 13.94 14.93
N LEU E 389 -38.39 13.04 14.52
CA LEU E 389 -38.25 11.62 14.81
C LEU E 389 -37.99 10.92 13.47
N LEU E 390 -36.83 10.28 13.33
CA LEU E 390 -36.38 9.81 12.01
C LEU E 390 -36.31 8.28 11.84
N HIS E 391 -37.33 7.68 11.25
CA HIS E 391 -37.31 6.27 10.82
C HIS E 391 -38.47 5.92 9.86
N SER E 392 -38.39 4.75 9.24
CA SER E 392 -39.32 4.36 8.18
C SER E 392 -40.78 4.18 8.59
N MET E 393 -41.06 4.17 9.89
CA MET E 393 -42.45 4.05 10.35
C MET E 393 -43.04 5.32 10.97
N ALA E 394 -42.34 6.44 10.85
CA ALA E 394 -42.76 7.65 11.54
C ALA E 394 -43.98 8.34 10.92
N TRP E 395 -44.15 8.23 9.60
CA TRP E 395 -45.30 8.79 8.91
C TRP E 395 -46.61 8.18 9.41
N LEU E 396 -46.55 6.95 9.92
CA LEU E 396 -47.74 6.25 10.38
C LEU E 396 -47.92 6.37 11.90
N ASN E 397 -47.29 7.40 12.47
CA ASN E 397 -47.43 7.74 13.88
C ASN E 397 -48.26 9.01 13.96
N PRO E 398 -49.49 8.93 14.49
CA PRO E 398 -50.43 10.05 14.50
C PRO E 398 -49.96 11.19 15.42
N ASP E 399 -49.32 10.82 16.53
CA ASP E 399 -48.76 11.79 17.46
C ASP E 399 -47.71 12.69 16.81
N TYR E 400 -46.78 12.06 16.09
CA TYR E 400 -45.68 12.79 15.45
C TYR E 400 -46.04 13.50 14.14
N ALA E 401 -46.73 12.81 13.23
CA ALA E 401 -47.02 13.38 11.93
C ALA E 401 -48.10 14.47 12.00
N PRO E 402 -47.97 15.50 11.15
CA PRO E 402 -49.00 16.54 11.02
C PRO E 402 -50.20 16.05 10.20
N ALA E 403 -51.39 16.59 10.47
CA ALA E 403 -52.62 16.15 9.80
C ALA E 403 -52.68 16.56 8.32
N ASP E 419 -47.95 23.77 19.34
CA ASP E 419 -46.78 23.20 20.00
C ASP E 419 -45.49 23.46 19.23
N PRO E 420 -44.45 23.99 19.91
CA PRO E 420 -43.15 24.09 19.23
C PRO E 420 -42.51 22.71 19.17
N PHE E 421 -41.40 22.57 18.45
CA PHE E 421 -40.78 21.26 18.27
C PHE E 421 -41.64 20.29 17.48
N ALA E 422 -42.84 20.72 17.08
CA ALA E 422 -43.76 19.86 16.32
C ALA E 422 -43.27 19.65 14.90
N ALA E 423 -43.50 18.46 14.36
CA ALA E 423 -43.11 18.16 13.00
C ALA E 423 -43.71 19.16 12.01
N THR E 424 -42.89 19.59 11.07
CA THR E 424 -43.29 20.51 10.02
C THR E 424 -43.60 19.70 8.76
N ASP E 425 -44.40 20.25 7.86
CA ASP E 425 -44.72 19.53 6.62
C ASP E 425 -43.47 19.29 5.79
N TRP E 426 -42.63 20.32 5.65
CA TRP E 426 -41.38 20.23 4.93
C TRP E 426 -40.42 19.13 5.41
N LEU E 427 -40.24 18.99 6.71
CA LEU E 427 -39.30 18.02 7.24
C LEU E 427 -39.86 16.63 7.20
N MET E 428 -40.98 16.47 6.52
CA MET E 428 -41.63 15.18 6.47
C MET E 428 -41.17 14.43 5.25
N GLY E 429 -40.66 15.18 4.28
CA GLY E 429 -40.26 14.60 3.02
C GLY E 429 -38.87 13.99 2.95
N ARG E 430 -38.71 13.10 1.96
CA ARG E 430 -37.42 12.80 1.33
C ARG E 430 -36.29 12.39 2.24
N LYS E 431 -35.20 13.11 2.08
CA LYS E 431 -34.00 12.89 2.85
C LYS E 431 -33.68 14.21 3.55
N ARG E 432 -34.70 14.77 4.20
CA ARG E 432 -34.59 16.07 4.80
C ARG E 432 -34.48 15.92 6.32
N GLY E 433 -34.81 14.72 6.79
CA GLY E 433 -34.87 14.43 8.21
C GLY E 433 -33.74 15.00 9.02
N LEU E 434 -32.50 14.72 8.64
CA LEU E 434 -31.35 15.13 9.46
C LEU E 434 -31.06 16.60 9.39
N LEU E 435 -31.85 17.33 8.61
CA LEU E 435 -31.69 18.79 8.56
C LEU E 435 -32.40 19.45 9.76
N ALA E 436 -33.28 18.71 10.43
CA ALA E 436 -33.92 19.20 11.65
C ALA E 436 -32.87 19.54 12.69
N PRO E 437 -32.99 20.73 13.32
CA PRO E 437 -32.05 21.18 14.35
C PRO E 437 -31.79 20.11 15.42
N TRP E 438 -32.82 19.64 16.11
CA TRP E 438 -32.68 18.44 16.93
C TRP E 438 -33.44 17.29 16.26
N ALA E 439 -32.89 16.09 16.33
CA ALA E 439 -33.57 14.92 15.79
C ALA E 439 -33.18 13.68 16.56
N VAL E 440 -34.12 12.75 16.68
CA VAL E 440 -33.82 11.44 17.20
C VAL E 440 -34.32 10.36 16.23
N GLY E 441 -33.51 9.33 16.05
CA GLY E 441 -33.91 8.25 15.18
C GLY E 441 -33.04 7.02 15.30
N THR E 442 -33.16 6.16 14.29
CA THR E 442 -32.41 4.92 14.29
C THR E 442 -30.98 5.16 13.86
N ILE E 443 -30.07 4.37 14.43
CA ILE E 443 -28.68 4.44 14.07
C ILE E 443 -28.52 4.31 12.54
N ASP E 444 -29.44 3.58 11.92
CA ASP E 444 -29.42 3.39 10.47
C ASP E 444 -29.46 4.69 9.67
N GLN E 445 -30.20 5.68 10.18
CA GLN E 445 -30.34 6.96 9.48
C GLN E 445 -29.02 7.73 9.45
N ALA E 446 -28.19 7.54 10.46
CA ALA E 446 -26.86 8.15 10.51
C ALA E 446 -25.88 7.39 9.62
N LEU E 447 -25.85 6.07 9.77
CA LEU E 447 -25.04 5.20 8.91
C LEU E 447 -25.24 5.42 7.39
N MET E 448 -26.45 5.82 6.97
CA MET E 448 -26.73 6.10 5.56
C MET E 448 -25.89 7.25 5.02
N ALA E 449 -25.28 8.03 5.92
CA ALA E 449 -24.44 9.14 5.49
C ALA E 449 -23.08 8.67 4.95
N VAL E 450 -22.68 7.44 5.29
CA VAL E 450 -21.39 6.93 4.81
C VAL E 450 -21.53 5.75 3.84
N LEU E 451 -22.69 5.66 3.23
CA LEU E 451 -23.00 4.62 2.28
C LEU E 451 -23.02 5.30 0.92
N ARG E 452 -22.57 4.59 -0.11
CA ARG E 452 -22.54 5.12 -1.46
C ARG E 452 -23.96 5.22 -2.00
N ALA E 453 -24.57 6.38 -1.82
CA ALA E 453 -25.91 6.59 -2.30
C ALA E 453 -26.11 8.06 -2.61
N LYS E 454 -27.15 8.35 -3.37
CA LYS E 454 -27.46 9.72 -3.72
C LYS E 454 -27.77 10.51 -2.48
N HIS E 455 -27.36 11.77 -2.53
CA HIS E 455 -27.66 12.74 -1.50
C HIS E 455 -27.04 12.44 -0.14
N ASN E 456 -26.06 11.54 -0.08
CA ASN E 456 -25.37 11.32 1.18
C ASN E 456 -24.69 12.61 1.66
N ALA E 457 -24.29 13.48 0.72
CA ALA E 457 -23.78 14.81 1.05
C ALA E 457 -24.73 15.60 1.96
N LEU E 458 -26.02 15.57 1.64
CA LEU E 458 -27.07 16.17 2.46
C LEU E 458 -27.04 15.61 3.87
N ARG E 459 -26.88 14.29 4.01
CA ARG E 459 -26.92 13.68 5.32
C ARG E 459 -25.68 14.04 6.12
N LEU E 460 -24.54 14.16 5.45
CA LEU E 460 -23.32 14.58 6.11
C LEU E 460 -23.46 16.01 6.62
N PHE E 461 -24.09 16.86 5.81
CA PHE E 461 -24.29 18.26 6.09
C PHE E 461 -25.17 18.48 7.31
N GLY E 462 -26.22 17.68 7.44
CA GLY E 462 -27.17 17.84 8.53
C GLY E 462 -26.62 17.33 9.85
N LEU E 463 -25.55 16.55 9.74
CA LEU E 463 -24.96 15.91 10.90
C LEU E 463 -23.84 16.82 11.41
N ALA E 464 -23.25 17.55 10.47
CA ALA E 464 -22.01 18.28 10.69
C ALA E 464 -22.11 19.45 11.66
N GLY E 465 -23.32 19.82 12.05
CA GLY E 465 -23.53 20.95 12.94
C GLY E 465 -24.18 20.51 14.23
N LYS E 466 -24.24 19.19 14.42
CA LYS E 466 -24.82 18.61 15.61
C LYS E 466 -23.73 17.97 16.47
N VAL E 467 -24.13 17.57 17.67
CA VAL E 467 -23.43 16.57 18.46
C VAL E 467 -24.17 15.28 18.16
N VAL E 468 -23.45 14.17 18.01
CA VAL E 468 -24.18 12.92 17.83
C VAL E 468 -23.94 11.93 18.96
N VAL E 469 -25.03 11.34 19.38
CA VAL E 469 -25.05 10.45 20.51
C VAL E 469 -25.59 9.15 19.94
N VAL E 470 -24.84 8.07 20.07
CA VAL E 470 -25.38 6.80 19.65
C VAL E 470 -25.50 5.88 20.85
N ASP E 471 -26.72 5.44 21.11
CA ASP E 471 -26.98 4.58 22.26
C ASP E 471 -26.76 3.10 21.89
N GLU E 472 -26.81 2.23 22.90
CA GLU E 472 -26.62 0.77 22.75
C GLU E 472 -25.58 0.37 21.69
N ALA E 473 -24.40 1.00 21.74
CA ALA E 473 -23.32 0.73 20.81
C ALA E 473 -22.86 -0.74 20.83
N HIS E 474 -23.13 -1.44 21.93
CA HIS E 474 -22.78 -2.85 22.05
C HIS E 474 -23.71 -3.73 21.18
N ALA E 475 -24.69 -3.10 20.55
CA ALA E 475 -25.67 -3.84 19.76
C ALA E 475 -25.36 -3.75 18.26
N VAL E 476 -24.20 -3.22 17.92
CA VAL E 476 -23.79 -3.22 16.52
C VAL E 476 -22.91 -4.44 16.19
N ASP E 477 -23.30 -5.17 15.14
CA ASP E 477 -22.60 -6.39 14.69
C ASP E 477 -21.39 -6.00 13.81
N PRO E 478 -20.56 -6.98 13.37
CA PRO E 478 -19.35 -6.55 12.66
C PRO E 478 -19.61 -5.72 11.41
N TYR E 479 -20.64 -6.05 10.66
CA TYR E 479 -20.94 -5.30 9.44
C TYR E 479 -21.30 -3.85 9.77
N MET E 480 -22.20 -3.66 10.74
CA MET E 480 -22.60 -2.33 11.16
C MET E 480 -21.42 -1.58 11.72
N GLN E 481 -20.62 -2.31 12.49
CA GLN E 481 -19.41 -1.79 13.09
C GLN E 481 -18.54 -1.11 12.05
N VAL E 482 -18.42 -1.70 10.87
CA VAL E 482 -17.56 -1.14 9.84
C VAL E 482 -18.15 0.19 9.37
N LEU E 483 -19.48 0.23 9.23
CA LEU E 483 -20.21 1.46 8.91
C LEU E 483 -20.09 2.55 10.02
N LEU E 484 -20.22 2.17 11.28
CA LEU E 484 -20.04 3.11 12.39
C LEU E 484 -18.63 3.71 12.37
N GLU E 485 -17.63 2.89 12.06
CA GLU E 485 -16.25 3.35 12.06
C GLU E 485 -16.06 4.40 10.99
N GLN E 486 -16.75 4.23 9.88
CA GLN E 486 -16.57 5.14 8.76
C GLN E 486 -17.34 6.45 9.01
N LEU E 487 -18.42 6.37 9.77
CA LEU E 487 -19.10 7.56 10.23
C LEU E 487 -18.20 8.32 11.19
N LEU E 488 -17.65 7.59 12.14
CA LEU E 488 -16.83 8.19 13.20
C LEU E 488 -15.59 8.81 12.61
N ARG E 489 -15.03 8.15 11.59
CA ARG E 489 -13.84 8.67 10.91
C ARG E 489 -14.26 9.98 10.29
N TRP E 490 -15.40 10.01 9.62
CA TRP E 490 -15.93 11.24 9.02
C TRP E 490 -16.34 12.38 9.98
N LEU E 491 -16.98 12.07 11.11
CA LEU E 491 -17.34 13.15 12.04
C LEU E 491 -16.08 13.72 12.70
N GLY E 492 -15.12 12.85 12.96
CA GLY E 492 -13.81 13.23 13.43
C GLY E 492 -13.20 14.33 12.60
N THR E 493 -13.17 14.16 11.28
CA THR E 493 -12.53 15.20 10.46
C THR E 493 -13.42 16.42 10.25
N LEU E 494 -14.67 16.32 10.63
CA LEU E 494 -15.63 17.41 10.43
C LEU E 494 -15.83 18.14 11.74
N ASP E 495 -15.04 17.75 12.74
CA ASP E 495 -15.08 18.35 14.07
C ASP E 495 -16.40 18.17 14.78
N VAL E 496 -17.13 17.10 14.51
CA VAL E 496 -18.34 16.88 15.30
C VAL E 496 -18.05 15.97 16.48
N PRO E 497 -18.49 16.40 17.68
CA PRO E 497 -18.22 15.63 18.90
C PRO E 497 -19.22 14.49 19.04
N VAL E 498 -18.81 13.40 19.68
CA VAL E 498 -19.60 12.17 19.65
C VAL E 498 -19.67 11.49 21.00
N VAL E 499 -20.86 11.08 21.41
CA VAL E 499 -20.99 10.30 22.63
C VAL E 499 -21.45 8.89 22.30
N LEU E 500 -20.65 7.91 22.68
CA LEU E 500 -21.05 6.51 22.59
C LEU E 500 -21.56 6.07 23.95
N LEU E 501 -22.78 5.56 23.98
CA LEU E 501 -23.40 5.01 25.17
C LEU E 501 -23.55 3.54 24.96
N SER E 502 -23.26 2.72 25.95
CA SER E 502 -23.29 1.28 25.77
C SER E 502 -23.47 0.50 27.07
N ALA E 503 -23.84 -0.76 26.93
CA ALA E 503 -23.81 -1.69 28.03
C ALA E 503 -22.42 -2.15 27.95
N THR E 504 -22.08 -3.29 28.50
CA THR E 504 -20.70 -3.76 28.47
C THR E 504 -20.21 -3.96 27.05
N LEU E 505 -18.97 -3.58 26.77
CA LEU E 505 -18.47 -3.58 25.42
C LEU E 505 -17.13 -4.27 25.28
N HIS E 506 -16.97 -5.15 24.32
CA HIS E 506 -15.67 -5.81 24.13
C HIS E 506 -14.57 -4.78 23.87
N HIS E 507 -13.45 -4.88 24.58
CA HIS E 507 -12.38 -3.89 24.43
C HIS E 507 -11.99 -3.59 22.98
N SER E 508 -11.93 -4.63 22.14
CA SER E 508 -11.54 -4.48 20.74
C SER E 508 -12.44 -3.53 19.94
N ILE E 509 -13.74 -3.61 20.18
CA ILE E 509 -14.68 -2.74 19.51
C ILE E 509 -14.50 -1.32 20.00
N ALA E 510 -14.49 -1.16 21.33
CA ALA E 510 -14.24 0.15 21.93
C ALA E 510 -12.97 0.72 21.35
N ASN E 511 -11.93 -0.09 21.29
CA ASN E 511 -10.69 0.31 20.64
C ASN E 511 -10.85 0.63 19.14
N SER E 512 -11.67 -0.12 18.42
CA SER E 512 -11.79 0.12 16.98
C SER E 512 -12.51 1.43 16.73
N LEU E 513 -13.54 1.67 17.54
CA LEU E 513 -14.33 2.88 17.45
C LEU E 513 -13.53 4.15 17.78
N VAL E 514 -12.80 4.18 18.90
CA VAL E 514 -12.04 5.40 19.18
C VAL E 514 -10.89 5.62 18.19
N LYS E 515 -10.29 4.53 17.71
CA LYS E 515 -9.30 4.63 16.63
C LYS E 515 -9.87 5.29 15.34
N ALA E 516 -11.07 4.92 14.95
CA ALA E 516 -11.71 5.51 13.77
C ALA E 516 -11.90 7.03 13.91
N TYR E 517 -12.42 7.43 15.06
CA TYR E 517 -12.59 8.86 15.36
C TYR E 517 -11.24 9.60 15.27
N LEU E 518 -10.26 9.12 16.04
CA LEU E 518 -8.92 9.68 16.04
C LEU E 518 -8.29 9.78 14.66
N GLU E 519 -8.38 8.71 13.87
CA GLU E 519 -7.89 8.76 12.50
C GLU E 519 -8.45 9.99 11.77
N GLY E 520 -9.77 10.16 11.83
CA GLY E 520 -10.39 11.30 11.19
C GLY E 520 -9.92 12.65 11.70
N ALA E 521 -9.81 12.77 13.02
CA ALA E 521 -9.37 14.04 13.63
C ALA E 521 -7.96 14.46 13.19
N ARG E 522 -7.02 13.50 13.17
CA ARG E 522 -5.63 13.79 12.85
C ARG E 522 -5.34 13.73 11.34
N GLY E 523 -6.26 13.19 10.55
CA GLY E 523 -6.09 13.20 9.11
C GLY E 523 -5.30 12.02 8.55
N ARG E 524 -4.83 11.12 9.41
CA ARG E 524 -4.10 9.95 8.91
C ARG E 524 -4.43 8.67 9.68
N ARG E 525 -4.40 7.54 8.99
CA ARG E 525 -4.76 6.26 9.60
C ARG E 525 -3.71 5.78 10.62
N TRP E 526 -3.88 4.56 11.12
CA TRP E 526 -2.95 4.03 12.11
C TRP E 526 -1.79 3.24 11.53
N ASN E 527 -0.63 3.31 12.17
CA ASN E 527 0.54 2.49 11.79
C ASN E 527 0.46 1.15 12.49
N ARG E 528 1.26 0.19 12.04
CA ARG E 528 1.33 -1.09 12.74
C ARG E 528 2.12 -0.93 14.03
N SER E 529 2.95 0.11 14.05
CA SER E 529 3.88 0.37 15.15
C SER E 529 3.25 1.16 16.30
N GLU E 530 2.24 1.94 15.96
CA GLU E 530 1.57 2.80 16.93
C GLU E 530 0.79 1.98 17.95
N PRO E 531 0.88 2.35 19.24
CA PRO E 531 0.19 1.65 20.33
C PRO E 531 -1.31 1.96 20.42
N GLN E 532 -2.13 0.91 20.55
CA GLN E 532 -3.59 1.01 20.58
C GLN E 532 -4.11 1.95 21.66
N PRO E 533 -5.08 2.80 21.30
CA PRO E 533 -5.59 3.84 22.20
C PRO E 533 -6.49 3.32 23.32
N VAL E 534 -7.04 2.11 23.18
CA VAL E 534 -7.85 1.50 24.23
C VAL E 534 -7.58 0.02 24.35
N SER E 535 -6.94 -0.40 25.43
CA SER E 535 -6.57 -1.81 25.60
C SER E 535 -7.36 -2.48 26.71
N GLU E 536 -8.02 -1.68 27.53
CA GLU E 536 -8.90 -2.15 28.61
C GLU E 536 -10.09 -1.21 28.76
N VAL E 537 -11.27 -1.77 28.97
CA VAL E 537 -12.40 -0.96 29.41
C VAL E 537 -12.94 -1.49 30.73
N SER E 538 -13.48 -0.60 31.54
CA SER E 538 -14.07 -0.98 32.80
C SER E 538 -15.59 -0.85 32.73
N TYR E 539 -16.28 -1.70 33.47
CA TYR E 539 -17.74 -1.74 33.49
C TYR E 539 -18.18 -1.77 34.95
N PRO E 540 -18.76 -0.66 35.45
CA PRO E 540 -19.06 0.54 34.66
C PRO E 540 -17.88 1.51 34.59
N GLY E 541 -17.96 2.50 33.71
CA GLY E 541 -16.86 3.42 33.52
C GLY E 541 -17.07 4.30 32.30
N TRP E 542 -16.19 5.28 32.12
CA TRP E 542 -16.21 6.11 30.94
C TRP E 542 -14.81 6.43 30.50
N LEU E 543 -14.71 7.15 29.39
CA LEU E 543 -13.43 7.48 28.79
C LEU E 543 -13.66 8.73 27.95
N HIS E 544 -12.65 9.59 27.81
CA HIS E 544 -12.81 10.79 27.01
C HIS E 544 -11.66 10.86 26.05
N VAL E 545 -11.93 11.27 24.81
CA VAL E 545 -10.92 11.28 23.74
C VAL E 545 -10.76 12.67 23.16
N ASP E 546 -9.63 13.33 23.40
CA ASP E 546 -9.46 14.67 22.84
C ASP E 546 -9.06 14.62 21.36
N ALA E 547 -9.83 15.30 20.52
CA ALA E 547 -9.57 15.25 19.09
C ALA E 547 -8.28 15.98 18.69
N ARG E 548 -7.93 17.04 19.40
CA ARG E 548 -6.77 17.87 19.05
C ARG E 548 -5.44 17.17 19.27
N ILE E 549 -5.16 16.82 20.52
CA ILE E 549 -3.87 16.25 20.89
C ILE E 549 -3.86 14.71 20.94
N GLY E 550 -5.02 14.10 20.74
CA GLY E 550 -5.12 12.65 20.72
C GLY E 550 -5.11 11.97 22.08
N LYS E 551 -5.18 12.72 23.17
CA LYS E 551 -5.17 12.08 24.48
C LYS E 551 -6.43 11.26 24.83
N VAL E 552 -6.24 10.07 25.39
CA VAL E 552 -7.35 9.28 25.91
C VAL E 552 -7.35 9.23 27.45
N THR E 553 -8.38 9.79 28.07
CA THR E 553 -8.49 9.82 29.54
C THR E 553 -9.56 8.90 30.07
N ARG E 554 -9.17 7.77 30.68
CA ARG E 554 -10.14 6.86 31.26
C ARG E 554 -10.65 7.40 32.59
N SER E 555 -11.73 6.83 33.09
CA SER E 555 -12.28 7.24 34.38
C SER E 555 -11.43 6.70 35.54
N SER E 556 -10.48 5.83 35.24
CA SER E 556 -9.58 5.29 36.26
C SER E 556 -8.46 6.27 36.59
N ASP E 557 -8.00 6.96 35.56
CA ASP E 557 -6.93 7.94 35.64
C ASP E 557 -7.29 9.21 36.41
N VAL E 558 -8.56 9.56 36.47
CA VAL E 558 -8.96 10.80 37.14
C VAL E 558 -9.74 10.57 38.43
N ASP E 559 -10.04 9.30 38.71
CA ASP E 559 -10.76 8.95 39.92
C ASP E 559 -10.45 7.50 40.30
N PRO E 560 -9.68 7.31 41.39
CA PRO E 560 -9.22 5.98 41.81
C PRO E 560 -10.36 5.09 42.29
N LEU E 561 -11.30 5.70 43.00
CA LEU E 561 -12.48 4.99 43.48
C LEU E 561 -13.40 4.66 42.31
N PRO E 562 -13.71 3.36 42.16
CA PRO E 562 -14.57 2.90 41.06
C PRO E 562 -15.97 3.52 41.20
N ILE E 563 -16.71 3.57 40.09
CA ILE E 563 -18.04 4.19 40.09
C ILE E 563 -19.06 3.28 40.76
N ALA E 564 -19.85 3.84 41.68
CA ALA E 564 -20.85 3.09 42.42
C ALA E 564 -22.16 3.01 41.66
N THR E 565 -22.81 1.85 41.77
CA THR E 565 -24.07 1.59 41.09
C THR E 565 -25.08 1.00 42.07
N THR E 566 -26.31 0.78 41.62
CA THR E 566 -27.33 0.13 42.44
C THR E 566 -26.89 -1.28 42.82
N PRO E 567 -26.76 -1.53 44.14
CA PRO E 567 -26.33 -2.88 44.56
C PRO E 567 -27.37 -3.94 44.17
N ARG E 568 -26.91 -5.06 43.62
CA ARG E 568 -27.81 -6.17 43.31
C ARG E 568 -27.24 -7.53 43.66
N LYS E 569 -28.14 -8.46 43.99
CA LYS E 569 -27.77 -9.81 44.37
C LYS E 569 -27.11 -10.48 43.19
N PRO E 570 -25.98 -11.18 43.43
CA PRO E 570 -25.31 -11.89 42.33
C PRO E 570 -26.24 -12.86 41.62
N LEU E 571 -26.06 -13.00 40.31
CA LEU E 571 -26.92 -13.82 39.47
C LEU E 571 -26.48 -15.29 39.43
N GLU E 572 -27.37 -16.17 39.87
CA GLU E 572 -27.12 -17.60 39.82
C GLU E 572 -27.28 -18.13 38.41
N VAL E 573 -26.23 -18.71 37.86
CA VAL E 573 -26.33 -19.33 36.56
C VAL E 573 -26.12 -20.83 36.70
N ARG E 574 -27.00 -21.61 36.08
CA ARG E 574 -26.96 -23.05 36.25
C ARG E 574 -27.19 -23.79 34.95
N LEU E 575 -26.17 -24.53 34.51
CA LEU E 575 -26.28 -25.32 33.27
C LEU E 575 -27.08 -26.61 33.50
N VAL E 576 -28.03 -26.87 32.61
CA VAL E 576 -28.93 -28.01 32.77
C VAL E 576 -29.08 -28.82 31.47
N ASP E 577 -28.65 -30.07 31.49
CA ASP E 577 -28.66 -30.91 30.29
C ASP E 577 -30.07 -31.28 29.83
N VAL E 578 -30.24 -31.30 28.51
CA VAL E 578 -31.56 -31.51 27.93
C VAL E 578 -31.44 -32.61 26.90
N PRO E 579 -32.33 -33.62 26.98
CA PRO E 579 -32.33 -34.73 26.03
C PRO E 579 -32.60 -34.26 24.58
N VAL E 580 -32.12 -35.04 23.62
CA VAL E 580 -32.30 -34.69 22.21
C VAL E 580 -33.10 -35.77 21.45
N LYS E 581 -34.14 -35.33 20.77
CA LYS E 581 -34.90 -36.21 19.89
C LYS E 581 -34.85 -35.66 18.48
N GLU E 582 -34.22 -36.42 17.59
CA GLU E 582 -34.15 -36.07 16.16
C GLU E 582 -33.41 -34.78 15.88
N GLY E 583 -32.49 -34.40 16.76
CA GLY E 583 -31.66 -33.22 16.54
C GLY E 583 -32.18 -31.92 17.12
N ALA E 584 -33.31 -31.99 17.83
CA ALA E 584 -33.90 -30.85 18.52
C ALA E 584 -34.11 -31.17 19.99
N LEU E 585 -34.15 -30.15 20.86
CA LEU E 585 -34.26 -30.39 22.30
C LEU E 585 -35.66 -30.85 22.72
N ASN E 586 -35.71 -31.73 23.72
CA ASN E 586 -36.95 -32.14 24.34
C ASN E 586 -37.03 -31.51 25.72
N ARG E 587 -37.70 -30.37 25.81
CA ARG E 587 -37.67 -29.61 27.05
C ARG E 587 -38.72 -30.07 28.05
N SER E 588 -39.42 -31.14 27.73
CA SER E 588 -40.55 -31.61 28.54
C SER E 588 -40.20 -31.81 30.02
N THR E 589 -39.24 -32.69 30.30
CA THR E 589 -38.92 -33.04 31.68
C THR E 589 -38.41 -31.82 32.46
N VAL E 590 -37.63 -30.98 31.78
CA VAL E 590 -36.95 -29.88 32.44
C VAL E 590 -37.91 -28.75 32.77
N LEU E 591 -38.80 -28.43 31.85
CA LEU E 591 -39.81 -27.39 32.09
C LEU E 591 -40.69 -27.76 33.27
N ALA E 592 -41.08 -29.04 33.33
CA ALA E 592 -41.93 -29.53 34.42
C ALA E 592 -41.21 -29.39 35.76
N LYS E 593 -39.96 -29.82 35.79
CA LYS E 593 -39.16 -29.75 37.01
C LYS E 593 -38.94 -28.31 37.48
N GLU E 594 -38.69 -27.42 36.53
CA GLU E 594 -38.32 -26.04 36.85
C GLU E 594 -39.51 -25.09 37.08
N LEU E 595 -40.63 -25.38 36.43
CA LEU E 595 -41.82 -24.55 36.57
C LEU E 595 -42.82 -25.07 37.60
N THR E 596 -42.60 -26.29 38.08
CA THR E 596 -43.48 -26.88 39.11
C THR E 596 -43.68 -26.00 40.34
N PRO E 597 -42.59 -25.46 40.93
CA PRO E 597 -42.82 -24.57 42.07
C PRO E 597 -43.67 -23.34 41.73
N LEU E 598 -43.68 -22.93 40.47
CA LEU E 598 -44.45 -21.76 40.05
C LEU E 598 -45.95 -22.06 40.04
N VAL E 599 -46.33 -23.26 39.61
CA VAL E 599 -47.74 -23.68 39.62
C VAL E 599 -48.28 -23.87 41.05
N LYS E 600 -47.37 -24.05 42.01
CA LYS E 600 -47.77 -24.16 43.42
C LYS E 600 -47.98 -22.78 44.03
N GLN E 601 -46.88 -22.04 44.19
CA GLN E 601 -46.88 -20.80 44.96
C GLN E 601 -46.92 -19.53 44.10
N GLY E 602 -47.04 -19.67 42.78
CA GLY E 602 -47.10 -18.51 41.91
C GLY E 602 -45.73 -17.95 41.52
N GLY E 603 -45.73 -16.75 40.91
CA GLY E 603 -44.50 -16.08 40.52
C GLY E 603 -44.43 -15.78 39.03
N CYS E 604 -43.33 -15.17 38.59
CA CYS E 604 -43.16 -14.87 37.17
C CYS E 604 -41.88 -15.49 36.59
N ALA E 605 -42.03 -16.24 35.50
CA ALA E 605 -40.88 -16.86 34.84
C ALA E 605 -40.89 -16.58 33.35
N ALA E 606 -39.71 -16.62 32.76
CA ALA E 606 -39.55 -16.36 31.33
C ALA E 606 -38.79 -17.52 30.69
N ILE E 607 -39.26 -17.97 29.53
CA ILE E 607 -38.54 -19.00 28.77
C ILE E 607 -38.06 -18.42 27.43
N ILE E 608 -36.76 -18.35 27.22
CA ILE E 608 -36.27 -17.83 25.92
C ILE E 608 -35.73 -18.94 25.02
N CYS E 609 -36.22 -18.98 23.79
CA CYS E 609 -35.79 -19.98 22.83
C CYS E 609 -35.09 -19.34 21.64
N THR E 610 -34.36 -20.16 20.88
CA THR E 610 -33.50 -19.67 19.82
C THR E 610 -34.23 -19.39 18.52
N THR E 611 -35.32 -20.12 18.28
CA THR E 611 -36.10 -19.92 17.04
C THR E 611 -37.60 -19.68 17.28
N VAL E 612 -38.28 -19.17 16.27
CA VAL E 612 -39.72 -18.97 16.36
C VAL E 612 -40.42 -20.31 16.58
N ALA E 613 -40.00 -21.32 15.82
CA ALA E 613 -40.60 -22.66 15.91
C ALA E 613 -40.42 -23.28 17.29
N GLU E 614 -39.19 -23.26 17.81
CA GLU E 614 -38.96 -23.81 19.15
C GLU E 614 -39.83 -23.09 20.18
N ALA E 615 -40.07 -21.80 19.93
CA ALA E 615 -40.80 -20.95 20.85
C ALA E 615 -42.29 -21.27 20.80
N GLN E 616 -42.79 -21.53 19.60
CA GLN E 616 -44.18 -21.92 19.41
C GLN E 616 -44.48 -23.27 20.08
N GLY E 617 -43.55 -24.22 19.95
CA GLY E 617 -43.72 -25.52 20.53
C GLY E 617 -43.85 -25.50 22.03
N VAL E 618 -42.90 -24.82 22.68
CA VAL E 618 -42.89 -24.66 24.13
C VAL E 618 -44.22 -24.05 24.64
N TYR E 619 -44.78 -23.12 23.87
CA TYR E 619 -46.09 -22.56 24.19
C TYR E 619 -47.16 -23.65 24.16
N ASP E 620 -47.17 -24.44 23.09
CA ASP E 620 -48.12 -25.55 22.97
C ASP E 620 -47.98 -26.59 24.08
N LEU E 621 -46.77 -26.78 24.58
CA LEU E 621 -46.51 -27.78 25.61
C LEU E 621 -47.04 -27.32 26.98
N LEU E 622 -46.79 -26.05 27.30
CA LEU E 622 -47.29 -25.48 28.54
C LEU E 622 -48.80 -25.25 28.43
N SER E 623 -49.29 -25.09 27.21
CA SER E 623 -50.71 -24.88 26.97
C SER E 623 -51.51 -26.14 27.36
N GLN E 624 -51.09 -27.29 26.87
CA GLN E 624 -51.76 -28.55 27.17
C GLN E 624 -51.67 -28.87 28.63
N TRP E 625 -50.48 -28.66 29.19
CA TRP E 625 -50.25 -28.91 30.60
C TRP E 625 -51.21 -28.06 31.44
N PHE E 626 -51.24 -26.76 31.20
CA PHE E 626 -52.00 -25.84 32.05
C PHE E 626 -53.51 -26.03 31.91
N ALA E 627 -53.92 -26.74 30.86
CA ALA E 627 -55.33 -26.96 30.58
C ALA E 627 -55.98 -27.94 31.57
N THR E 628 -55.25 -28.26 32.63
CA THR E 628 -55.73 -29.14 33.67
C THR E 628 -55.84 -28.40 35.02
N LEU E 629 -56.21 -27.13 34.97
CA LEU E 629 -56.54 -26.36 36.18
C LEU E 629 -57.23 -25.05 35.77
N ALA E 633 -54.51 -19.59 35.90
CA ALA E 633 -53.81 -20.45 36.83
C ALA E 633 -53.10 -21.60 36.11
N PRO E 634 -51.86 -21.34 35.62
CA PRO E 634 -51.24 -20.01 35.54
C PRO E 634 -51.37 -19.42 34.13
N ASP E 635 -51.13 -18.10 34.01
CA ASP E 635 -51.27 -17.40 32.73
C ASP E 635 -50.17 -17.78 31.75
N LEU E 636 -50.46 -17.73 30.46
CA LEU E 636 -49.48 -18.07 29.43
C LEU E 636 -49.44 -17.04 28.34
N TYR E 637 -48.25 -16.54 28.03
CA TYR E 637 -48.06 -15.55 26.98
C TYR E 637 -46.97 -15.98 26.00
N LEU E 638 -47.19 -15.68 24.72
CA LEU E 638 -46.20 -15.95 23.68
C LEU E 638 -45.82 -14.69 22.89
N LEU E 639 -44.53 -14.40 22.83
CA LEU E 639 -44.03 -13.25 22.06
C LEU E 639 -42.86 -13.58 21.11
N HIS E 640 -42.96 -13.09 19.88
CA HIS E 640 -41.88 -13.18 18.90
C HIS E 640 -42.19 -12.20 17.77
N SER E 641 -41.38 -12.15 16.72
CA SER E 641 -41.56 -11.12 15.69
C SER E 641 -42.68 -11.45 14.69
N ARG E 642 -43.14 -12.69 14.70
CA ARG E 642 -44.07 -13.13 13.64
C ARG E 642 -45.54 -12.98 14.03
N PHE E 643 -45.90 -11.81 14.54
CA PHE E 643 -47.29 -11.46 14.79
C PHE E 643 -47.65 -10.28 13.90
N PRO E 644 -48.95 -10.07 13.65
CA PRO E 644 -49.27 -8.80 13.00
C PRO E 644 -48.86 -7.66 13.92
N ASN E 645 -48.57 -6.49 13.38
CA ASN E 645 -48.10 -5.37 14.19
C ASN E 645 -48.98 -5.03 15.38
N ARG E 646 -50.26 -4.80 15.10
CA ARG E 646 -51.20 -4.43 16.15
C ARG E 646 -51.15 -5.43 17.30
N GLN E 647 -51.23 -6.71 16.96
CA GLN E 647 -51.23 -7.77 17.97
C GLN E 647 -49.94 -7.81 18.79
N ARG E 648 -48.80 -7.55 18.14
CA ARG E 648 -47.55 -7.53 18.89
C ARG E 648 -47.47 -6.37 19.88
N THR E 649 -47.90 -5.19 19.46
CA THR E 649 -47.87 -4.03 20.35
C THR E 649 -48.79 -4.29 21.55
N GLU E 650 -49.94 -4.95 21.28
CA GLU E 650 -50.86 -5.38 22.33
C GLU E 650 -50.21 -6.34 23.31
N ILE E 651 -49.72 -7.48 22.80
CA ILE E 651 -49.07 -8.48 23.65
C ILE E 651 -47.94 -7.89 24.48
N THR E 652 -47.12 -7.07 23.83
CA THR E 652 -46.00 -6.40 24.49
C THR E 652 -46.51 -5.54 25.65
N ALA E 653 -47.50 -4.71 25.34
CA ALA E 653 -48.07 -3.80 26.33
C ALA E 653 -48.62 -4.55 27.54
N THR E 654 -49.48 -5.54 27.33
CA THR E 654 -49.98 -6.30 28.48
C THR E 654 -48.85 -7.02 29.22
N ILE E 655 -47.71 -7.19 28.58
CA ILE E 655 -46.63 -7.95 29.18
C ILE E 655 -45.74 -7.09 30.05
N VAL E 656 -45.36 -5.91 29.59
CA VAL E 656 -44.58 -5.01 30.42
C VAL E 656 -45.45 -4.46 31.54
N ASP E 657 -46.76 -4.40 31.30
CA ASP E 657 -47.69 -3.93 32.31
C ASP E 657 -47.76 -4.90 33.48
N LEU E 658 -47.74 -6.20 33.21
CA LEU E 658 -47.82 -7.17 34.30
C LEU E 658 -46.46 -7.37 34.96
N PHE E 659 -45.44 -7.53 34.13
CA PHE E 659 -44.14 -7.96 34.63
C PHE E 659 -43.23 -6.82 34.95
N GLY E 660 -43.56 -5.63 34.46
CA GLY E 660 -42.67 -4.48 34.59
C GLY E 660 -42.95 -3.54 35.73
N LYS E 661 -42.15 -2.48 35.81
CA LYS E 661 -42.26 -1.42 36.82
C LYS E 661 -43.68 -0.95 37.12
N GLU E 662 -44.34 -0.41 36.11
CA GLU E 662 -45.65 0.21 36.29
C GLU E 662 -46.66 -0.76 36.90
N GLY E 663 -46.54 -2.03 36.57
CA GLY E 663 -47.46 -3.01 37.10
C GLY E 663 -47.21 -3.35 38.55
N ALA E 664 -45.96 -3.28 38.98
CA ALA E 664 -45.64 -3.61 40.35
C ALA E 664 -45.99 -2.43 41.27
N GLN E 665 -45.80 -1.22 40.77
CA GLN E 665 -46.13 -0.03 41.52
C GLN E 665 -47.64 0.14 41.62
N SER E 666 -48.39 -0.57 40.79
CA SER E 666 -49.83 -0.40 40.78
C SER E 666 -50.51 -1.59 41.42
N GLY E 667 -49.73 -2.48 42.03
CA GLY E 667 -50.26 -3.71 42.59
C GLY E 667 -50.79 -4.75 41.60
N ARG E 668 -50.67 -4.46 40.30
CA ARG E 668 -51.22 -5.34 39.26
C ARG E 668 -50.38 -6.57 38.96
N ARG E 669 -49.17 -6.65 39.49
CA ARG E 669 -48.32 -7.79 39.20
C ARG E 669 -49.03 -8.98 39.71
N PRO E 670 -49.16 -10.02 38.77
CA PRO E 670 -50.05 -11.08 39.24
C PRO E 670 -49.49 -11.95 40.31
N THR E 671 -50.30 -12.17 41.32
CA THR E 671 -50.02 -13.11 42.39
C THR E 671 -50.05 -14.53 41.89
N ARG E 672 -51.00 -14.84 41.03
CA ARG E 672 -51.11 -16.18 40.51
C ARG E 672 -49.96 -16.33 39.57
N GLY E 673 -49.52 -17.54 39.30
CA GLY E 673 -48.35 -17.72 38.48
C GLY E 673 -48.52 -17.20 37.07
N ALA E 674 -47.47 -16.64 36.51
CA ALA E 674 -47.45 -16.21 35.12
C ALA E 674 -46.20 -16.72 34.41
N VAL E 675 -46.32 -17.13 33.16
CA VAL E 675 -45.18 -17.58 32.38
C VAL E 675 -45.16 -16.95 31.00
N LEU E 676 -44.02 -16.43 30.60
CA LEU E 676 -43.81 -15.84 29.26
C LEU E 676 -42.85 -16.67 28.41
N VAL E 677 -43.28 -17.00 27.21
CA VAL E 677 -42.41 -17.66 26.24
C VAL E 677 -42.08 -16.64 25.16
N ALA E 678 -40.81 -16.55 24.77
CA ALA E 678 -40.37 -15.53 23.80
C ALA E 678 -39.06 -15.87 23.07
N THR E 679 -38.88 -15.28 21.90
CA THR E 679 -37.60 -15.39 21.20
C THR E 679 -36.82 -14.12 21.56
N GLN E 680 -35.75 -13.83 20.82
CA GLN E 680 -34.79 -12.83 21.26
C GLN E 680 -35.39 -11.43 21.32
N VAL E 681 -36.71 -11.34 21.22
CA VAL E 681 -37.41 -10.07 21.30
C VAL E 681 -37.28 -9.52 22.71
N VAL E 682 -36.78 -10.37 23.60
CA VAL E 682 -36.67 -10.03 24.99
C VAL E 682 -35.34 -9.29 25.21
N GLU E 683 -34.50 -9.30 24.21
CA GLU E 683 -33.21 -8.65 24.26
C GLU E 683 -33.25 -7.17 23.90
N GLN E 684 -34.39 -6.64 23.47
CA GLN E 684 -34.49 -5.19 23.36
C GLN E 684 -35.71 -4.55 23.98
N SER E 685 -35.46 -3.54 24.80
CA SER E 685 -36.35 -2.46 25.17
C SER E 685 -37.56 -2.89 25.96
N LEU E 686 -37.52 -4.11 26.46
CA LEU E 686 -38.61 -4.64 27.26
C LEU E 686 -38.33 -4.47 28.73
N ASP E 687 -39.18 -3.71 29.39
CA ASP E 687 -39.11 -3.56 30.83
C ASP E 687 -39.75 -4.79 31.46
N LEU E 688 -38.95 -5.81 31.72
CA LEU E 688 -39.46 -7.00 32.39
C LEU E 688 -38.66 -7.29 33.65
N ASP E 689 -39.37 -7.79 34.67
CA ASP E 689 -38.74 -8.33 35.87
C ASP E 689 -39.35 -9.69 36.09
N VAL E 690 -38.61 -10.75 35.80
CA VAL E 690 -39.09 -12.10 36.12
C VAL E 690 -38.41 -12.64 37.37
N ASP E 691 -39.02 -13.63 38.00
CA ASP E 691 -38.46 -14.21 39.21
C ASP E 691 -37.39 -15.24 38.86
N LEU E 692 -37.55 -15.83 37.66
CA LEU E 692 -36.65 -16.84 37.13
C LEU E 692 -36.64 -16.81 35.61
N MET E 693 -35.46 -16.94 35.00
CA MET E 693 -35.38 -17.05 33.55
C MET E 693 -34.85 -18.40 33.11
N ILE E 694 -35.44 -18.94 32.06
CA ILE E 694 -34.93 -20.17 31.44
C ILE E 694 -34.57 -19.90 29.97
N SER E 695 -33.31 -20.12 29.62
CA SER E 695 -32.81 -19.76 28.30
C SER E 695 -31.96 -20.85 27.61
N ASP E 696 -32.25 -21.10 26.33
CA ASP E 696 -31.32 -21.81 25.45
C ASP E 696 -29.96 -21.12 25.53
N LEU E 697 -28.89 -21.90 25.50
CA LEU E 697 -27.54 -21.33 25.45
C LEU E 697 -27.41 -20.36 24.27
N ALA E 698 -26.73 -19.25 24.51
CA ALA E 698 -26.46 -18.23 23.49
C ALA E 698 -25.17 -17.60 23.93
N PRO E 699 -24.50 -16.81 23.06
CA PRO E 699 -23.25 -16.10 23.46
C PRO E 699 -23.38 -15.30 24.79
N VAL E 700 -22.37 -15.34 25.67
CA VAL E 700 -22.50 -14.77 27.03
C VAL E 700 -23.05 -13.36 27.07
N SER E 701 -22.61 -12.56 26.10
CA SER E 701 -23.09 -11.21 25.96
C SER E 701 -24.60 -11.19 25.85
N LEU E 702 -25.15 -12.03 24.99
CA LEU E 702 -26.60 -12.09 24.86
C LEU E 702 -27.29 -12.80 26.03
N LEU E 703 -26.55 -13.67 26.71
CA LEU E 703 -27.08 -14.41 27.85
C LEU E 703 -27.22 -13.47 29.06
N LEU E 704 -26.19 -12.67 29.29
CA LEU E 704 -26.19 -11.65 30.33
C LEU E 704 -27.28 -10.59 30.12
N GLN E 705 -27.32 -10.02 28.91
CA GLN E 705 -28.36 -9.09 28.52
C GLN E 705 -29.76 -9.72 28.69
N ARG E 706 -29.90 -11.01 28.39
CA ARG E 706 -31.14 -11.70 28.70
C ARG E 706 -31.39 -11.72 30.21
N ALA E 707 -30.40 -12.18 30.96
CA ALA E 707 -30.48 -12.29 32.42
C ALA E 707 -30.66 -10.95 33.14
N GLY E 708 -30.69 -9.85 32.40
CA GLY E 708 -30.83 -8.55 32.98
C GLY E 708 -32.25 -8.30 33.44
N ARG E 709 -33.18 -9.08 32.90
CA ARG E 709 -34.58 -9.01 33.31
C ARG E 709 -34.83 -9.80 34.61
N CYS E 710 -33.76 -10.33 35.21
CA CYS E 710 -33.85 -11.12 36.45
C CYS E 710 -33.79 -10.26 37.70
N TRP E 711 -34.94 -10.08 38.35
CA TRP E 711 -35.07 -9.22 39.53
C TRP E 711 -34.66 -7.79 39.22
N ARG E 712 -34.96 -7.36 37.99
CA ARG E 712 -34.63 -6.04 37.47
C ARG E 712 -34.98 -4.94 38.46
N HIS E 713 -36.18 -5.04 39.04
CA HIS E 713 -36.71 -3.99 39.90
C HIS E 713 -36.71 -4.35 41.37
N GLU E 714 -35.69 -5.09 41.79
CA GLU E 714 -35.59 -5.50 43.17
C GLU E 714 -35.21 -4.35 44.10
N HIS E 715 -34.57 -3.32 43.56
CA HIS E 715 -34.15 -2.22 44.40
C HIS E 715 -35.38 -1.50 44.98
N LEU E 716 -36.44 -1.44 44.18
CA LEU E 716 -37.75 -1.00 44.64
C LEU E 716 -38.22 -1.95 45.75
N GLY E 717 -39.15 -1.51 46.59
CA GLY E 717 -39.54 -2.34 47.72
C GLY E 717 -40.71 -3.27 47.47
N ILE E 718 -41.38 -3.08 46.34
CA ILE E 718 -42.70 -3.67 46.13
C ILE E 718 -42.72 -5.18 45.91
N ILE E 719 -41.87 -5.68 45.02
CA ILE E 719 -41.97 -7.07 44.56
C ILE E 719 -41.92 -8.15 45.65
N ASN E 720 -43.05 -8.84 45.81
CA ASN E 720 -43.15 -10.02 46.68
C ASN E 720 -42.76 -11.31 45.95
N ARG E 721 -41.49 -11.67 46.02
CA ARG E 721 -41.02 -12.88 45.38
C ARG E 721 -41.50 -14.13 46.11
N PRO E 722 -41.91 -15.21 45.29
CA PRO E 722 -42.40 -16.37 46.04
C PRO E 722 -41.29 -17.12 46.73
N GLN E 723 -41.66 -18.06 47.58
CA GLN E 723 -40.75 -18.70 48.53
C GLN E 723 -39.62 -19.43 47.84
N TRP E 724 -39.96 -20.04 46.74
CA TRP E 724 -39.03 -20.84 45.94
C TRP E 724 -38.02 -19.97 45.19
N ALA E 725 -38.27 -18.66 45.17
CA ALA E 725 -37.39 -17.71 44.50
C ALA E 725 -36.37 -17.11 45.47
N LYS E 726 -35.35 -17.89 45.81
CA LYS E 726 -34.36 -17.49 46.82
C LYS E 726 -33.24 -16.61 46.26
N GLN E 727 -32.92 -16.81 45.00
CA GLN E 727 -31.88 -16.01 44.34
C GLN E 727 -32.35 -15.62 42.95
N PRO E 728 -31.82 -14.51 42.42
CA PRO E 728 -32.03 -14.25 40.99
C PRO E 728 -31.28 -15.30 40.18
N GLU E 729 -32.01 -16.10 39.42
CA GLU E 729 -31.43 -17.26 38.78
C GLU E 729 -31.65 -17.29 37.28
N LEU E 730 -30.59 -17.59 36.55
CA LEU E 730 -30.66 -17.90 35.12
C LEU E 730 -30.45 -19.41 34.93
N VAL E 731 -31.40 -20.09 34.30
CA VAL E 731 -31.25 -21.51 33.97
C VAL E 731 -30.92 -21.66 32.49
N VAL E 732 -29.70 -22.10 32.20
CA VAL E 732 -29.22 -22.21 30.81
C VAL E 732 -29.35 -23.62 30.22
N LEU E 733 -30.28 -23.78 29.28
CA LEU E 733 -30.51 -25.07 28.64
C LEU E 733 -29.44 -25.39 27.60
N THR E 734 -28.89 -26.59 27.70
CA THR E 734 -27.88 -27.05 26.75
C THR E 734 -28.17 -28.54 26.46
N PRO E 735 -27.84 -29.01 25.24
CA PRO E 735 -28.07 -30.44 24.94
C PRO E 735 -27.10 -31.33 25.69
N GLU E 736 -27.49 -32.58 25.94
CA GLU E 736 -26.56 -33.53 26.55
C GLU E 736 -25.71 -34.19 25.46
N GLN E 737 -24.41 -34.32 25.72
CA GLN E 737 -23.46 -34.80 24.72
C GLN E 737 -23.25 -36.33 24.76
N ASN E 738 -22.58 -36.84 23.72
CA ASN E 738 -22.33 -38.28 23.59
C ASN E 738 -20.94 -38.58 23.02
N ARG E 743 -15.68 -34.63 21.20
CA ARG E 743 -15.34 -34.13 22.54
C ARG E 743 -15.64 -32.63 22.66
N ALA E 744 -15.81 -31.98 21.51
CA ALA E 744 -16.18 -30.57 21.45
C ALA E 744 -17.70 -30.48 21.36
N PRO E 745 -18.31 -29.62 22.19
CA PRO E 745 -19.78 -29.59 22.38
C PRO E 745 -20.61 -29.48 21.09
N TRP E 746 -21.69 -30.25 21.00
CA TRP E 746 -22.60 -30.23 19.85
C TRP E 746 -23.88 -29.44 20.15
N PHE E 747 -24.45 -28.80 19.13
CA PHE E 747 -25.69 -28.03 19.30
C PHE E 747 -26.67 -28.25 18.14
N PRO E 748 -27.98 -28.07 18.40
CA PRO E 748 -28.97 -28.24 17.32
C PRO E 748 -28.65 -27.40 16.09
N ARG E 749 -29.04 -27.91 14.93
CA ARG E 749 -28.77 -27.23 13.68
C ARG E 749 -29.45 -25.87 13.67
N SER E 750 -30.65 -25.82 14.23
CA SER E 750 -31.43 -24.57 14.27
C SER E 750 -30.69 -23.50 15.05
N TRP E 751 -30.04 -23.89 16.15
CA TRP E 751 -29.25 -22.97 16.94
C TRP E 751 -28.03 -22.42 16.19
N THR E 752 -27.32 -23.30 15.48
CA THR E 752 -26.11 -22.89 14.76
C THR E 752 -26.45 -22.13 13.49
N SER E 753 -27.74 -22.07 13.16
CA SER E 753 -28.25 -21.28 12.04
C SER E 753 -28.31 -19.82 12.40
N VAL E 754 -28.46 -19.52 13.68
CA VAL E 754 -28.54 -18.13 14.09
C VAL E 754 -27.24 -17.63 14.72
N TYR E 755 -26.60 -18.45 15.57
CA TYR E 755 -25.33 -18.06 16.21
C TYR E 755 -24.21 -19.02 15.81
N PRO E 756 -22.98 -18.50 15.66
CA PRO E 756 -21.89 -19.40 15.24
C PRO E 756 -21.68 -20.51 16.26
N LEU E 757 -21.43 -21.73 15.78
CA LEU E 757 -21.22 -22.89 16.64
C LEU E 757 -20.05 -22.63 17.60
N ALA E 758 -18.91 -22.22 17.07
CA ALA E 758 -17.76 -21.90 17.88
C ALA E 758 -18.10 -20.91 19.01
N LEU E 759 -18.94 -19.91 18.73
CA LEU E 759 -19.31 -18.95 19.79
C LEU E 759 -20.10 -19.66 20.88
N LEU E 760 -21.06 -20.46 20.46
CA LEU E 760 -21.77 -21.30 21.42
C LEU E 760 -20.79 -22.17 22.18
N GLN E 761 -19.93 -22.87 21.45
CA GLN E 761 -18.96 -23.76 22.06
C GLN E 761 -18.13 -23.05 23.10
N ARG E 762 -17.63 -21.85 22.76
CA ARG E 762 -16.81 -21.10 23.71
C ARG E 762 -17.61 -20.73 24.93
N THR E 763 -18.88 -20.36 24.75
CA THR E 763 -19.70 -19.90 25.86
C THR E 763 -19.98 -21.04 26.85
N TYR E 764 -20.32 -22.21 26.32
CA TYR E 764 -20.58 -23.37 27.17
C TYR E 764 -19.35 -23.72 28.00
N THR E 765 -18.23 -23.89 27.33
CA THR E 765 -16.96 -24.13 27.97
C THR E 765 -16.65 -23.08 29.07
N LEU E 766 -16.94 -21.81 28.79
CA LEU E 766 -16.64 -20.75 29.75
C LEU E 766 -17.47 -20.84 31.03
N LEU E 767 -18.73 -21.24 30.90
CA LEU E 767 -19.66 -21.31 32.03
C LEU E 767 -19.43 -22.57 32.87
N ARG E 768 -19.11 -23.67 32.20
CA ARG E 768 -18.83 -24.92 32.89
C ARG E 768 -17.61 -24.70 33.80
N ARG E 769 -16.66 -23.92 33.29
CA ARG E 769 -15.42 -23.63 33.98
C ARG E 769 -15.63 -22.86 35.31
N ARG E 770 -16.81 -22.27 35.47
CA ARG E 770 -17.11 -21.58 36.72
C ARG E 770 -17.67 -22.51 37.77
N ASN E 771 -17.99 -23.75 37.37
CA ASN E 771 -18.52 -24.75 38.29
C ASN E 771 -19.70 -24.26 39.15
N GLY E 772 -20.72 -23.70 38.51
CA GLY E 772 -21.89 -23.26 39.23
C GLY E 772 -21.80 -21.90 39.91
N ALA E 773 -20.58 -21.37 40.04
CA ALA E 773 -20.37 -20.07 40.68
C ALA E 773 -21.28 -18.99 40.12
N PRO E 774 -21.91 -18.22 41.01
CA PRO E 774 -22.81 -17.15 40.60
C PRO E 774 -22.01 -16.00 40.01
N VAL E 775 -22.65 -15.18 39.16
CA VAL E 775 -21.98 -14.05 38.52
C VAL E 775 -22.20 -12.77 39.29
N GLN E 776 -21.11 -12.10 39.65
CA GLN E 776 -21.19 -10.84 40.37
C GLN E 776 -21.49 -9.70 39.39
N ILE E 777 -22.60 -9.00 39.63
CA ILE E 777 -23.01 -7.88 38.80
C ILE E 777 -22.78 -6.54 39.50
N PRO E 778 -21.98 -5.66 38.87
CA PRO E 778 -21.36 -5.82 37.56
C PRO E 778 -19.86 -6.14 37.59
N GLU E 779 -19.39 -6.72 38.69
CA GLU E 779 -17.95 -6.93 38.88
C GLU E 779 -17.31 -8.04 38.03
N ASP E 780 -18.10 -9.01 37.57
CA ASP E 780 -17.56 -10.12 36.77
C ASP E 780 -17.87 -9.99 35.30
N VAL E 781 -18.72 -9.04 34.95
CA VAL E 781 -19.33 -9.04 33.62
C VAL E 781 -18.34 -8.72 32.49
N GLN E 782 -17.53 -7.70 32.68
CA GLN E 782 -16.66 -7.25 31.61
C GLN E 782 -15.66 -8.35 31.27
N GLN E 783 -15.18 -9.05 32.30
CA GLN E 783 -14.28 -10.19 32.16
C GLN E 783 -14.87 -11.27 31.24
N LEU E 784 -16.12 -11.65 31.49
CA LEU E 784 -16.79 -12.68 30.70
C LEU E 784 -16.99 -12.26 29.26
N VAL E 785 -17.32 -10.98 29.06
CA VAL E 785 -17.56 -10.46 27.71
C VAL E 785 -16.27 -10.50 26.90
N ASP E 786 -15.20 -9.98 27.51
CA ASP E 786 -13.84 -10.04 26.93
C ASP E 786 -13.34 -11.47 26.70
N ASP E 787 -13.44 -12.33 27.71
CA ASP E 787 -12.76 -13.63 27.68
C ASP E 787 -13.37 -14.64 26.73
N VAL E 788 -14.67 -14.52 26.47
CA VAL E 788 -15.36 -15.45 25.57
C VAL E 788 -14.72 -15.43 24.17
N TYR E 789 -14.22 -14.27 23.75
CA TYR E 789 -13.53 -14.12 22.47
C TYR E 789 -12.01 -14.26 22.57
N ASP E 790 -11.42 -13.79 23.66
CA ASP E 790 -9.97 -13.62 23.77
C ASP E 790 -9.22 -14.86 24.25
N ASP E 791 -9.90 -15.69 25.02
CA ASP E 791 -9.28 -16.89 25.54
C ASP E 791 -9.46 -18.03 24.55
N ASP E 792 -8.46 -18.26 23.72
CA ASP E 792 -8.51 -19.25 22.67
C ASP E 792 -8.59 -20.68 23.20
N SER E 793 -8.32 -20.89 24.48
CA SER E 793 -8.44 -22.23 25.06
C SER E 793 -9.89 -22.72 25.10
N LEU E 794 -10.82 -21.77 24.99
CA LEU E 794 -12.27 -22.05 25.07
C LEU E 794 -12.83 -22.69 23.81
N ALA E 795 -12.04 -22.69 22.73
CA ALA E 795 -12.46 -23.28 21.48
C ALA E 795 -11.65 -24.53 21.22
N GLU E 796 -12.27 -25.68 21.41
CA GLU E 796 -11.60 -26.96 21.26
C GLU E 796 -11.90 -27.55 19.89
N ASP E 797 -12.85 -26.95 19.20
CA ASP E 797 -13.14 -27.31 17.83
C ASP E 797 -12.47 -26.24 16.95
N LEU E 798 -11.34 -26.62 16.37
CA LEU E 798 -10.50 -25.66 15.68
C LEU E 798 -11.05 -25.27 14.30
N GLU E 799 -11.83 -26.15 13.70
CA GLU E 799 -12.41 -25.87 12.39
C GLU E 799 -13.58 -24.93 12.57
N ALA E 800 -14.37 -25.16 13.60
CA ALA E 800 -15.51 -24.29 13.92
C ALA E 800 -15.09 -22.84 14.14
N ASP E 801 -14.00 -22.67 14.89
CA ASP E 801 -13.53 -21.35 15.22
C ASP E 801 -12.99 -20.58 14.01
N MET E 802 -12.42 -21.30 13.03
CA MET E 802 -11.93 -20.66 11.81
C MET E 802 -13.06 -20.24 10.87
N GLU E 803 -14.14 -21.02 10.86
CA GLU E 803 -15.30 -20.68 10.05
C GLU E 803 -15.93 -19.40 10.59
N ARG E 804 -15.99 -19.31 11.91
CA ARG E 804 -16.51 -18.13 12.59
C ARG E 804 -15.73 -16.91 12.13
N MET E 805 -14.40 -16.97 12.24
CA MET E 805 -13.57 -15.82 11.91
C MET E 805 -13.72 -15.41 10.46
N GLY E 806 -13.95 -16.39 9.60
CA GLY E 806 -14.12 -16.13 8.18
C GLY E 806 -15.45 -15.48 7.89
N GLU E 807 -16.49 -15.93 8.58
CA GLU E 807 -17.81 -15.34 8.46
C GLU E 807 -17.76 -13.84 8.83
N GLU E 808 -17.02 -13.53 9.89
CA GLU E 808 -16.85 -12.16 10.37
C GLU E 808 -16.03 -11.34 9.36
N LEU E 809 -15.02 -11.99 8.79
CA LEU E 809 -14.22 -11.40 7.73
C LEU E 809 -15.06 -11.16 6.47
N ALA E 810 -16.10 -11.97 6.28
CA ALA E 810 -16.96 -11.76 5.13
C ALA E 810 -17.84 -10.54 5.35
N GLN E 811 -18.39 -10.45 6.56
CA GLN E 811 -19.22 -9.33 6.96
C GLN E 811 -18.49 -8.00 6.93
N ARG E 812 -17.27 -7.97 7.46
CA ARG E 812 -16.49 -6.74 7.42
C ARG E 812 -16.16 -6.36 5.98
N GLY E 813 -15.93 -7.37 5.14
CA GLY E 813 -15.56 -7.16 3.75
C GLY E 813 -16.67 -6.56 2.91
N LEU E 814 -17.89 -7.07 3.09
CA LEU E 814 -19.05 -6.53 2.40
C LEU E 814 -19.21 -5.07 2.78
N ALA E 815 -19.18 -4.78 4.08
CA ALA E 815 -19.28 -3.42 4.60
C ALA E 815 -18.25 -2.44 4.00
N ARG E 816 -16.99 -2.87 3.91
CA ARG E 816 -15.95 -2.05 3.27
C ARG E 816 -16.30 -1.68 1.82
N ASN E 817 -17.00 -2.55 1.10
CA ASN E 817 -17.43 -2.25 -0.27
C ASN E 817 -18.47 -1.16 -0.30
N ALA E 818 -19.30 -1.13 0.72
CA ALA E 818 -20.48 -0.29 0.71
C ALA E 818 -20.14 1.14 1.09
N VAL E 819 -19.27 1.31 2.09
CA VAL E 819 -18.94 2.66 2.59
C VAL E 819 -18.19 3.52 1.58
N ILE E 820 -18.37 4.82 1.73
CA ILE E 820 -17.64 5.85 0.98
C ILE E 820 -16.15 5.83 1.30
N PRO E 821 -15.33 6.57 0.54
CA PRO E 821 -13.89 6.58 0.85
C PRO E 821 -13.55 7.18 2.22
N ASP E 822 -12.45 6.72 2.81
CA ASP E 822 -11.87 7.37 3.99
C ASP E 822 -11.68 8.84 3.67
N PRO E 823 -11.75 9.71 4.69
CA PRO E 823 -11.60 11.14 4.40
C PRO E 823 -10.30 11.48 3.70
N ASP E 824 -9.22 10.78 4.04
CA ASP E 824 -7.95 10.98 3.34
C ASP E 824 -8.04 10.64 1.85
N ASP E 825 -8.78 9.59 1.51
CA ASP E 825 -8.96 9.25 0.10
C ASP E 825 -9.87 10.21 -0.68
N ALA E 826 -10.62 11.06 0.01
CA ALA E 826 -11.49 11.99 -0.70
C ALA E 826 -11.00 13.44 -0.64
N GLU E 827 -9.73 13.63 -0.33
CA GLU E 827 -9.09 14.93 -0.26
C GLU E 827 -9.27 15.86 -1.48
N ASP E 828 -9.05 15.33 -2.68
CA ASP E 828 -9.13 16.11 -3.91
C ASP E 828 -10.16 15.61 -4.91
N ASN E 829 -11.07 14.74 -4.47
CA ASN E 829 -12.00 14.10 -5.38
C ASN E 829 -13.19 13.51 -4.63
N LEU E 830 -14.39 13.97 -5.00
CA LEU E 830 -15.62 13.54 -4.31
C LEU E 830 -16.32 12.40 -5.01
N ASN E 831 -15.84 12.02 -6.18
CA ASN E 831 -16.54 11.06 -7.02
C ASN E 831 -16.84 9.75 -6.31
N GLY E 832 -15.86 9.26 -5.54
CA GLY E 832 -16.00 8.04 -4.78
C GLY E 832 -17.16 7.97 -3.80
N LEU E 833 -17.66 9.13 -3.41
CA LEU E 833 -18.77 9.18 -2.48
C LEU E 833 -20.05 8.53 -3.05
N THR E 834 -20.32 8.73 -4.34
CA THR E 834 -21.59 8.29 -4.93
C THR E 834 -21.41 7.24 -6.04
N GLU E 835 -20.23 6.63 -6.10
CA GLU E 835 -19.91 5.66 -7.13
C GLU E 835 -20.42 4.25 -6.82
N PHE E 836 -21.35 3.76 -7.66
CA PHE E 836 -21.82 2.39 -7.52
C PHE E 836 -21.98 1.69 -8.88
N VAL E 844 -29.59 -1.22 -4.21
CA VAL E 844 -29.51 -0.40 -3.00
C VAL E 844 -28.65 -1.06 -1.89
N LEU E 845 -27.78 -0.26 -1.25
CA LEU E 845 -26.86 -0.75 -0.23
C LEU E 845 -27.59 -0.74 1.10
N ALA E 846 -27.33 -1.75 1.93
CA ALA E 846 -28.05 -1.92 3.19
C ALA E 846 -27.27 -1.36 4.38
N THR E 847 -28.00 -0.99 5.43
CA THR E 847 -27.36 -0.61 6.69
C THR E 847 -27.24 -1.80 7.63
N ARG E 848 -27.85 -2.93 7.27
CA ARG E 848 -27.66 -4.13 8.08
C ARG E 848 -27.29 -5.36 7.22
N PHE E 849 -26.49 -6.27 7.80
CA PHE E 849 -26.11 -7.50 7.11
C PHE E 849 -27.26 -8.50 7.17
N GLY E 850 -27.37 -9.36 6.14
CA GLY E 850 -28.37 -10.42 6.07
C GLY E 850 -29.25 -10.41 4.83
N ALA E 851 -30.22 -11.31 4.78
CA ALA E 851 -31.12 -11.39 3.63
C ALA E 851 -32.24 -10.36 3.74
N GLY E 852 -32.62 -10.04 4.97
CA GLY E 852 -33.60 -9.00 5.19
C GLY E 852 -34.97 -9.55 5.48
N SER E 853 -35.96 -8.68 5.58
CA SER E 853 -37.34 -9.11 5.78
C SER E 853 -38.27 -8.45 4.78
N VAL E 854 -39.43 -9.06 4.55
CA VAL E 854 -40.48 -8.40 3.76
C VAL E 854 -41.77 -8.40 4.56
N ARG E 855 -42.58 -7.37 4.36
CA ARG E 855 -43.87 -7.32 5.05
C ARG E 855 -44.94 -8.09 4.26
N VAL E 856 -45.54 -9.08 4.92
CA VAL E 856 -46.60 -9.87 4.30
C VAL E 856 -47.95 -9.46 4.87
N LEU E 857 -49.02 -9.69 4.11
CA LEU E 857 -50.38 -9.48 4.60
C LEU E 857 -51.22 -10.72 4.31
N CYS E 858 -51.77 -11.31 5.36
CA CYS E 858 -52.59 -12.49 5.22
C CYS E 858 -54.01 -12.13 4.83
N TYR E 859 -54.51 -12.70 3.74
CA TYR E 859 -55.90 -12.47 3.36
C TYR E 859 -56.67 -13.78 3.23
N TYR E 860 -57.95 -13.73 3.57
CA TYR E 860 -58.76 -14.93 3.68
C TYR E 860 -59.68 -15.13 2.47
N VAL E 861 -59.68 -16.34 1.95
CA VAL E 861 -60.47 -16.67 0.79
C VAL E 861 -61.46 -17.82 0.99
N ASP E 862 -62.73 -17.57 0.70
CA ASP E 862 -63.76 -18.58 0.87
C ASP E 862 -64.04 -19.30 -0.44
N THR E 863 -64.81 -20.39 -0.37
CA THR E 863 -65.15 -21.17 -1.55
C THR E 863 -66.26 -20.50 -2.35
N ALA E 864 -65.94 -19.36 -2.97
CA ALA E 864 -66.90 -18.62 -3.78
C ALA E 864 -66.17 -18.09 -5.01
N GLY E 865 -65.12 -17.29 -4.81
CA GLY E 865 -64.51 -17.09 -3.51
C GLY E 865 -64.19 -15.63 -3.23
N ASN E 866 -64.73 -15.11 -2.14
CA ASN E 866 -64.49 -13.72 -1.76
C ASN E 866 -63.26 -13.55 -0.88
N ARG E 867 -62.51 -12.48 -1.10
CA ARG E 867 -61.31 -12.20 -0.33
C ARG E 867 -61.60 -11.27 0.87
N TRP E 868 -61.07 -11.63 2.04
CA TRP E 868 -61.39 -10.91 3.28
C TRP E 868 -60.15 -10.62 4.12
N LEU E 869 -60.29 -9.65 5.02
CA LEU E 869 -59.19 -9.21 5.87
C LEU E 869 -59.24 -9.86 7.24
N ASP E 870 -60.27 -10.67 7.46
CA ASP E 870 -60.43 -11.38 8.72
C ASP E 870 -60.89 -12.85 8.49
N PRO E 871 -60.73 -13.71 9.51
CA PRO E 871 -61.18 -15.10 9.39
C PRO E 871 -62.72 -15.24 9.31
N GLU E 872 -63.42 -14.32 9.97
CA GLU E 872 -64.88 -14.31 9.97
C GLU E 872 -65.48 -13.85 8.64
N CYS E 873 -64.62 -13.47 7.69
CA CYS E 873 -65.06 -12.99 6.38
C CYS E 873 -66.14 -11.90 6.42
N THR E 874 -65.99 -10.95 7.34
CA THR E 874 -66.90 -9.82 7.46
C THR E 874 -66.29 -8.54 6.85
N VAL E 875 -65.06 -8.21 7.26
CA VAL E 875 -64.31 -7.10 6.66
C VAL E 875 -63.69 -7.54 5.33
N GLU E 876 -64.10 -6.92 4.23
CA GLU E 876 -63.66 -7.33 2.90
C GLU E 876 -62.34 -6.71 2.48
N PHE E 877 -61.63 -7.42 1.58
CA PHE E 877 -60.35 -6.99 1.06
C PHE E 877 -60.51 -5.75 0.20
N PRO E 878 -59.90 -4.64 0.60
CA PRO E 878 -60.04 -3.38 -0.15
C PRO E 878 -59.21 -3.36 -1.42
N GLU E 879 -59.87 -3.18 -2.56
CA GLU E 879 -59.20 -3.07 -3.86
C GLU E 879 -58.92 -1.60 -4.14
N GLN E 880 -59.59 -0.74 -3.38
CA GLN E 880 -59.56 0.69 -3.59
C GLN E 880 -59.45 1.42 -2.26
N GLY E 881 -58.86 2.60 -2.29
CA GLY E 881 -58.76 3.41 -1.09
C GLY E 881 -60.07 4.09 -0.82
N THR E 882 -60.32 4.41 0.44
CA THR E 882 -61.54 5.10 0.81
C THR E 882 -61.40 6.60 0.55
N GLY E 883 -62.30 7.12 -0.27
CA GLY E 883 -62.33 8.55 -0.53
C GLY E 883 -61.50 8.98 -1.72
N ARG E 884 -61.74 10.21 -2.16
CA ARG E 884 -61.04 10.86 -3.27
C ARG E 884 -60.69 9.94 -4.45
N GLU E 885 -61.72 9.51 -5.15
CA GLU E 885 -61.58 8.66 -6.33
C GLU E 885 -60.84 7.35 -6.04
N GLY E 886 -61.11 6.78 -4.87
CA GLY E 886 -60.57 5.48 -4.53
C GLY E 886 -59.12 5.53 -4.10
N ARG E 887 -58.59 6.74 -3.92
CA ARG E 887 -57.20 6.89 -3.51
C ARG E 887 -57.05 6.48 -2.04
N PHE E 888 -55.88 5.97 -1.68
CA PHE E 888 -55.59 5.57 -0.31
C PHE E 888 -55.16 6.77 0.55
N THR E 889 -55.63 6.81 1.80
CA THR E 889 -55.28 7.87 2.72
C THR E 889 -54.18 7.43 3.67
N MET E 890 -53.70 8.35 4.51
CA MET E 890 -52.74 8.01 5.55
C MET E 890 -53.40 7.11 6.57
N ALA E 891 -54.71 7.29 6.73
CA ALA E 891 -55.49 6.49 7.65
C ALA E 891 -55.68 5.07 7.11
N ASP E 892 -55.93 4.96 5.80
CA ASP E 892 -56.09 3.65 5.18
C ASP E 892 -54.81 2.87 5.42
N CYS E 893 -53.71 3.39 4.90
CA CYS E 893 -52.37 2.82 5.05
C CYS E 893 -52.02 2.44 6.49
N ARG E 894 -52.54 3.19 7.46
CA ARG E 894 -52.28 2.88 8.86
C ARG E 894 -52.99 1.58 9.22
N ASP E 895 -54.26 1.48 8.85
CA ASP E 895 -55.07 0.33 9.22
C ASP E 895 -54.62 -0.94 8.53
N LEU E 896 -54.06 -0.76 7.34
CA LEU E 896 -53.54 -1.87 6.58
C LEU E 896 -52.22 -2.39 7.14
N VAL E 897 -51.21 -1.54 7.19
CA VAL E 897 -49.92 -1.87 7.76
C VAL E 897 -50.04 -2.40 9.19
N ALA E 898 -51.08 -1.98 9.91
CA ALA E 898 -51.31 -2.50 11.26
C ALA E 898 -51.57 -4.00 11.26
N ARG E 899 -52.07 -4.51 10.14
CA ARG E 899 -52.30 -5.95 9.96
C ARG E 899 -51.03 -6.70 9.53
N THR E 900 -50.09 -6.01 8.89
CA THR E 900 -48.94 -6.68 8.28
C THR E 900 -48.01 -7.34 9.29
N ILE E 901 -47.27 -8.35 8.84
CA ILE E 901 -46.26 -8.99 9.68
C ILE E 901 -44.94 -9.24 8.93
N PRO E 902 -43.79 -9.05 9.62
CA PRO E 902 -42.48 -9.17 8.98
C PRO E 902 -42.01 -10.62 8.86
N VAL E 903 -41.51 -10.99 7.70
CA VAL E 903 -41.02 -12.35 7.53
C VAL E 903 -39.60 -12.35 6.98
N ARG E 904 -38.75 -13.23 7.54
CA ARG E 904 -37.37 -13.33 7.09
C ARG E 904 -37.30 -13.83 5.65
N MET E 905 -36.69 -13.01 4.78
CA MET E 905 -36.55 -13.34 3.37
C MET E 905 -35.90 -14.70 3.17
N GLY E 906 -36.44 -15.48 2.25
CA GLY E 906 -35.91 -16.82 2.00
C GLY E 906 -36.09 -17.32 0.59
N PRO E 907 -35.91 -18.64 0.40
CA PRO E 907 -36.16 -19.28 -0.90
C PRO E 907 -37.61 -19.04 -1.35
N TRP E 908 -38.56 -19.14 -0.42
CA TRP E 908 -39.99 -18.92 -0.69
C TRP E 908 -40.30 -17.62 -1.44
N ALA E 909 -39.42 -16.63 -1.30
CA ALA E 909 -39.62 -15.34 -1.92
C ALA E 909 -39.40 -15.44 -3.42
N SER E 910 -38.62 -16.45 -3.82
CA SER E 910 -38.27 -16.67 -5.23
C SER E 910 -39.44 -17.21 -6.04
N GLN E 911 -40.17 -18.13 -5.44
CA GLN E 911 -41.28 -18.77 -6.09
C GLN E 911 -42.59 -18.09 -5.78
N LEU E 912 -42.85 -16.94 -6.35
CA LEU E 912 -44.03 -16.18 -6.00
C LEU E 912 -44.97 -16.03 -7.20
N THR E 913 -46.25 -16.23 -6.97
CA THR E 913 -47.24 -16.18 -8.05
C THR E 913 -47.82 -14.81 -8.33
N GLU E 914 -48.82 -14.84 -9.21
CA GLU E 914 -49.72 -13.75 -9.53
C GLU E 914 -50.57 -13.40 -8.35
N ASP E 915 -50.96 -14.40 -7.58
CA ASP E 915 -51.93 -14.18 -6.52
C ASP E 915 -51.33 -13.69 -5.20
N ASN E 916 -50.01 -13.55 -5.17
CA ASN E 916 -49.31 -13.04 -4.00
C ASN E 916 -49.00 -11.54 -4.02
N HIS E 917 -49.31 -10.88 -5.13
CA HIS E 917 -49.03 -9.47 -5.38
C HIS E 917 -50.30 -8.64 -5.26
N PRO E 918 -50.17 -7.46 -4.61
CA PRO E 918 -51.29 -6.55 -4.36
C PRO E 918 -51.90 -5.99 -5.65
N PRO E 919 -53.18 -5.56 -5.58
CA PRO E 919 -53.92 -5.03 -6.72
C PRO E 919 -53.24 -3.86 -7.39
N GLU E 920 -53.75 -3.49 -8.57
CA GLU E 920 -53.18 -2.42 -9.37
C GLU E 920 -53.24 -1.09 -8.61
N ALA E 921 -54.29 -0.92 -7.83
CA ALA E 921 -54.47 0.32 -7.07
C ALA E 921 -53.46 0.48 -5.93
N TRP E 922 -52.98 -0.64 -5.38
CA TRP E 922 -52.03 -0.60 -4.26
C TRP E 922 -50.63 -0.15 -4.69
N ARG E 923 -50.37 -0.19 -6.00
CA ARG E 923 -49.09 0.18 -6.54
C ARG E 923 -48.86 1.69 -6.38
N GLU E 924 -49.96 2.43 -6.36
CA GLU E 924 -49.94 3.89 -6.24
C GLU E 924 -49.33 4.37 -4.93
N SER E 925 -49.49 3.58 -3.86
CA SER E 925 -49.04 3.96 -2.52
C SER E 925 -47.66 3.41 -2.15
N PHE E 926 -46.74 4.31 -1.82
CA PHE E 926 -45.39 3.97 -1.36
C PHE E 926 -45.40 2.93 -0.23
N TYR E 927 -46.40 3.01 0.64
CA TYR E 927 -46.48 2.18 1.84
C TYR E 927 -46.97 0.74 1.60
N LEU E 928 -47.76 0.53 0.55
CA LEU E 928 -48.44 -0.75 0.32
C LEU E 928 -47.89 -1.50 -0.88
N ARG E 929 -47.08 -0.80 -1.65
CA ARG E 929 -46.57 -1.27 -2.94
C ARG E 929 -45.86 -2.61 -2.88
N ASP E 930 -44.93 -2.74 -1.94
CA ASP E 930 -44.09 -3.92 -1.87
C ASP E 930 -44.61 -4.98 -0.89
N LEU E 931 -45.87 -4.86 -0.47
CA LEU E 931 -46.49 -5.84 0.41
C LEU E 931 -46.68 -7.17 -0.32
N VAL E 932 -46.37 -8.26 0.35
CA VAL E 932 -46.56 -9.59 -0.21
C VAL E 932 -47.80 -10.22 0.38
N LEU E 933 -48.79 -10.52 -0.45
CA LEU E 933 -50.06 -11.06 0.04
C LEU E 933 -50.01 -12.59 0.26
N ILE E 934 -50.49 -13.05 1.41
CA ILE E 934 -50.47 -14.46 1.78
C ILE E 934 -51.88 -15.05 1.92
N PRO E 935 -52.32 -15.88 0.97
CA PRO E 935 -53.69 -16.41 0.98
C PRO E 935 -53.96 -17.41 2.10
N GLN E 936 -55.11 -17.28 2.74
CA GLN E 936 -55.52 -18.19 3.80
C GLN E 936 -56.91 -18.79 3.50
N ARG E 937 -56.94 -20.06 3.08
CA ARG E 937 -58.19 -20.75 2.74
C ARG E 937 -59.06 -20.98 3.96
N VAL E 938 -60.33 -20.58 3.87
CA VAL E 938 -61.29 -20.90 4.92
C VAL E 938 -62.45 -21.75 4.36
N THR E 939 -62.79 -22.83 5.07
CA THR E 939 -63.84 -23.72 4.63
C THR E 939 -65.18 -23.10 4.90
N ASP E 940 -66.22 -23.71 4.34
CA ASP E 940 -67.58 -23.28 4.61
C ASP E 940 -67.91 -23.47 6.10
N GLU E 941 -67.28 -24.47 6.71
CA GLU E 941 -67.43 -24.74 8.14
C GLU E 941 -66.85 -23.61 9.00
N GLY E 942 -65.94 -22.82 8.43
CA GLY E 942 -65.43 -21.64 9.11
C GLY E 942 -64.02 -21.80 9.69
N ALA E 943 -63.35 -22.88 9.29
CA ALA E 943 -62.00 -23.16 9.75
C ALA E 943 -60.97 -22.65 8.76
N VAL E 944 -59.79 -22.30 9.28
CA VAL E 944 -58.71 -21.79 8.44
C VAL E 944 -57.67 -22.88 8.12
N LEU E 945 -57.44 -23.08 6.82
CA LEU E 945 -56.56 -24.14 6.32
C LEU E 945 -55.15 -23.64 5.99
N PRO E 946 -54.12 -24.33 6.52
CA PRO E 946 -52.73 -24.11 6.08
C PRO E 946 -52.67 -24.13 4.56
N THR E 947 -52.13 -23.08 3.96
CA THR E 947 -52.27 -22.83 2.53
C THR E 947 -50.93 -22.63 1.82
N GLU E 948 -50.88 -22.96 0.53
CA GLU E 948 -49.64 -22.94 -0.23
C GLU E 948 -49.24 -21.55 -0.73
N THR E 949 -47.97 -21.22 -0.52
CA THR E 949 -47.33 -20.05 -1.13
C THR E 949 -45.81 -20.24 -1.14
N GLY E 950 -45.20 -20.07 -2.31
CA GLY E 950 -43.75 -20.12 -2.45
C GLY E 950 -43.06 -21.42 -2.08
N GLY E 951 -43.80 -22.52 -2.04
CA GLY E 951 -43.20 -23.81 -1.81
C GLY E 951 -43.39 -24.42 -0.43
N ARG E 952 -44.13 -23.72 0.43
CA ARG E 952 -44.45 -24.25 1.76
C ARG E 952 -45.83 -23.80 2.22
N GLU E 953 -46.28 -24.32 3.36
CA GLU E 953 -47.60 -23.99 3.88
C GLU E 953 -47.58 -22.99 5.05
N TRP E 954 -48.47 -21.99 4.97
CA TRP E 954 -48.52 -20.85 5.89
C TRP E 954 -49.81 -20.88 6.71
N LEU E 955 -49.70 -20.82 8.05
CA LEU E 955 -50.89 -20.72 8.90
C LEU E 955 -50.82 -19.61 9.97
N LEU E 956 -51.63 -18.58 9.80
CA LEU E 956 -51.72 -17.49 10.77
C LEU E 956 -52.59 -17.88 11.96
N ASP E 957 -51.95 -18.46 12.97
CA ASP E 957 -52.61 -18.83 14.21
C ASP E 957 -52.78 -17.58 15.05
N PRO E 958 -53.98 -17.42 15.64
CA PRO E 958 -54.32 -16.24 16.45
C PRO E 958 -53.54 -16.15 17.77
N CYS E 959 -53.14 -17.29 18.33
CA CYS E 959 -52.43 -17.30 19.61
C CYS E 959 -50.92 -17.51 19.45
N LYS E 960 -50.49 -18.01 18.30
CA LYS E 960 -49.08 -18.31 18.07
C LYS E 960 -48.46 -17.54 16.92
N GLY E 961 -49.26 -16.72 16.23
CA GLY E 961 -48.75 -15.97 15.11
C GLY E 961 -48.45 -16.86 13.92
N LEU E 962 -47.74 -16.33 12.93
CA LEU E 962 -47.52 -17.01 11.65
C LEU E 962 -46.69 -18.29 11.77
N ILE E 963 -47.23 -19.39 11.24
CA ILE E 963 -46.52 -20.68 11.20
C ILE E 963 -46.22 -21.17 9.78
N PHE E 964 -44.96 -21.48 9.51
CA PHE E 964 -44.55 -22.12 8.26
C PHE E 964 -43.32 -23.01 8.46
N PRO G 34 -12.45 -35.18 -2.64
CA PRO G 34 -13.88 -35.41 -2.36
C PRO G 34 -14.64 -35.84 -3.62
N PRO G 35 -15.44 -36.93 -3.53
CA PRO G 35 -16.34 -37.20 -4.66
C PRO G 35 -17.36 -36.07 -4.77
N LEU G 36 -17.58 -35.53 -5.97
CA LEU G 36 -18.42 -34.36 -6.12
C LEU G 36 -19.92 -34.67 -6.18
N ASP G 37 -20.71 -33.80 -5.56
CA ASP G 37 -22.17 -33.93 -5.41
C ASP G 37 -22.89 -33.41 -6.66
N LEU G 38 -23.76 -34.24 -7.24
CA LEU G 38 -24.48 -33.86 -8.45
C LEU G 38 -25.73 -33.03 -8.14
N ARG G 39 -25.97 -32.79 -6.86
CA ARG G 39 -27.19 -32.07 -6.49
C ARG G 39 -27.15 -30.62 -6.95
N PHE G 40 -25.97 -30.04 -7.06
CA PHE G 40 -25.89 -28.65 -7.45
C PHE G 40 -26.22 -28.45 -8.91
N TRP G 41 -27.19 -27.57 -9.16
CA TRP G 41 -27.75 -27.43 -10.50
C TRP G 41 -27.29 -26.21 -11.27
N ALA G 42 -27.48 -26.25 -12.59
CA ALA G 42 -27.17 -25.12 -13.44
C ALA G 42 -28.39 -24.57 -14.17
N LYS G 43 -29.32 -25.45 -14.55
CA LYS G 43 -30.52 -25.03 -15.27
C LYS G 43 -31.73 -25.66 -14.62
N GLU G 44 -32.86 -24.95 -14.64
CA GLU G 44 -34.09 -25.54 -14.12
C GLU G 44 -35.33 -25.26 -14.97
N ARG G 45 -35.43 -24.03 -15.48
CA ARG G 45 -36.68 -23.65 -16.11
C ARG G 45 -36.89 -24.29 -17.49
N GLY G 46 -38.12 -24.67 -17.77
CA GLY G 46 -38.45 -25.28 -19.05
C GLY G 46 -37.94 -26.70 -19.14
N LEU G 47 -37.67 -27.29 -17.98
CA LEU G 47 -37.07 -28.62 -17.92
C LEU G 47 -37.98 -29.60 -17.20
N ARG G 48 -39.29 -29.43 -17.40
CA ARG G 48 -40.26 -30.40 -16.89
C ARG G 48 -40.14 -30.68 -15.39
N GLY G 49 -39.51 -29.77 -14.66
CA GLY G 49 -39.40 -29.91 -13.21
C GLY G 49 -38.24 -30.78 -12.78
N LYS G 50 -37.40 -31.14 -13.74
CA LYS G 50 -36.14 -31.79 -13.41
C LYS G 50 -35.09 -30.69 -13.41
N THR G 51 -33.89 -30.99 -12.93
CA THR G 51 -32.82 -29.99 -12.93
C THR G 51 -31.57 -30.55 -13.55
N TYR G 52 -30.91 -29.77 -14.42
CA TYR G 52 -29.62 -30.14 -15.02
C TYR G 52 -28.41 -29.76 -14.12
N PRO G 53 -27.63 -30.77 -13.67
CA PRO G 53 -26.46 -30.59 -12.79
C PRO G 53 -25.43 -29.59 -13.30
N LEU G 54 -24.91 -28.77 -12.39
CA LEU G 54 -23.90 -27.77 -12.73
C LEU G 54 -22.67 -28.39 -13.39
N VAL G 55 -22.12 -29.47 -12.81
CA VAL G 55 -21.05 -30.27 -13.45
C VAL G 55 -21.23 -30.51 -14.96
N CYS G 56 -22.43 -30.99 -15.32
CA CYS G 56 -22.71 -31.39 -16.69
C CYS G 56 -22.67 -30.21 -17.62
N HIS G 57 -23.31 -29.11 -17.21
CA HIS G 57 -23.27 -27.88 -17.98
C HIS G 57 -21.84 -27.37 -18.16
N SER G 58 -21.07 -27.36 -17.07
CA SER G 58 -19.66 -26.97 -17.09
C SER G 58 -18.90 -27.75 -18.16
N LEU G 59 -19.06 -29.07 -18.14
CA LEU G 59 -18.43 -29.95 -19.12
C LEU G 59 -18.96 -29.71 -20.55
N ASP G 60 -20.27 -29.50 -20.71
CA ASP G 60 -20.84 -29.16 -22.03
C ASP G 60 -20.15 -27.92 -22.58
N ALA G 61 -19.95 -26.93 -21.72
CA ALA G 61 -19.40 -25.65 -22.13
C ALA G 61 -17.95 -25.78 -22.55
N ALA G 62 -17.20 -26.55 -21.76
CA ALA G 62 -15.81 -26.88 -22.06
C ALA G 62 -15.72 -27.55 -23.43
N ALA G 63 -16.55 -28.56 -23.61
CA ALA G 63 -16.62 -29.29 -24.85
C ALA G 63 -16.95 -28.36 -26.03
N ALA G 64 -17.98 -27.52 -25.90
CA ALA G 64 -18.36 -26.66 -27.03
C ALA G 64 -17.23 -25.71 -27.43
N ALA G 65 -16.48 -25.25 -26.44
CA ALA G 65 -15.38 -24.32 -26.68
C ALA G 65 -14.32 -25.01 -27.53
N LEU G 66 -13.94 -26.21 -27.10
CA LEU G 66 -12.96 -27.03 -27.81
C LEU G 66 -13.36 -27.27 -29.28
N VAL G 67 -14.60 -27.71 -29.52
CA VAL G 67 -15.09 -27.87 -30.88
C VAL G 67 -15.15 -26.53 -31.63
N LEU G 68 -15.42 -25.45 -30.92
CA LEU G 68 -15.43 -24.14 -31.54
C LEU G 68 -14.00 -23.80 -32.00
N TRP G 69 -13.03 -24.22 -31.19
CA TRP G 69 -11.63 -23.93 -31.44
C TRP G 69 -11.13 -24.62 -32.73
N ASN G 70 -11.44 -25.91 -32.86
CA ASN G 70 -11.00 -26.68 -34.02
C ASN G 70 -11.83 -26.43 -35.29
N GLU G 71 -13.15 -26.49 -35.14
CA GLU G 71 -14.05 -26.45 -36.29
C GLU G 71 -14.58 -25.08 -36.68
N TYR G 72 -14.79 -24.18 -35.71
CA TYR G 72 -15.41 -22.89 -36.03
C TYR G 72 -14.44 -21.74 -36.33
N LEU G 73 -13.38 -21.62 -35.54
CA LEU G 73 -12.45 -20.50 -35.69
C LEU G 73 -11.66 -20.55 -36.98
N SER G 74 -11.45 -19.38 -37.59
CA SER G 74 -10.45 -19.22 -38.64
C SER G 74 -9.09 -19.75 -38.17
N PRO G 75 -8.33 -20.39 -39.07
CA PRO G 75 -7.02 -20.88 -38.64
C PRO G 75 -6.10 -19.71 -38.30
N GLY G 76 -6.28 -18.58 -38.98
CA GLY G 76 -5.52 -17.39 -38.66
C GLY G 76 -5.80 -16.83 -37.27
N LEU G 77 -7.02 -17.05 -36.78
CA LEU G 77 -7.40 -16.61 -35.44
C LEU G 77 -6.79 -17.52 -34.36
N ARG G 78 -6.81 -18.83 -34.62
CA ARG G 78 -6.13 -19.79 -33.76
C ARG G 78 -4.69 -19.34 -33.59
N ASP G 79 -4.08 -18.99 -34.71
CA ASP G 79 -2.72 -18.49 -34.76
C ASP G 79 -2.50 -17.25 -33.91
N THR G 80 -3.35 -16.22 -34.06
CA THR G 80 -3.21 -14.98 -33.27
C THR G 80 -3.34 -15.25 -31.76
N ILE G 81 -4.44 -15.88 -31.39
CA ILE G 81 -4.66 -16.28 -30.00
C ILE G 81 -3.47 -17.05 -29.39
N ALA G 82 -3.03 -18.11 -30.04
CA ALA G 82 -1.96 -18.93 -29.48
C ALA G 82 -0.59 -18.22 -29.39
N SER G 83 -0.29 -17.33 -30.33
CA SER G 83 0.94 -16.56 -30.24
C SER G 83 0.89 -15.63 -29.06
N SER G 84 -0.27 -15.01 -28.85
CA SER G 84 -0.46 -14.11 -27.72
C SER G 84 -0.24 -14.86 -26.43
N MET G 85 -0.74 -16.10 -26.37
CA MET G 85 -0.51 -16.95 -25.22
C MET G 85 0.88 -17.60 -25.25
N GLU G 86 1.65 -17.32 -26.31
CA GLU G 86 3.01 -17.88 -26.48
C GLU G 86 3.08 -19.37 -26.22
N THR G 87 2.29 -20.13 -26.99
CA THR G 87 2.24 -21.58 -26.89
C THR G 87 1.69 -22.17 -28.20
N ASP G 88 1.53 -23.50 -28.26
CA ASP G 88 1.02 -24.18 -29.45
C ASP G 88 -0.50 -24.29 -29.44
N GLU G 89 -1.07 -24.50 -30.63
CA GLU G 89 -2.53 -24.46 -30.78
C GLU G 89 -3.24 -25.53 -29.97
N GLU G 90 -2.68 -26.72 -29.92
CA GLU G 90 -3.34 -27.80 -29.17
C GLU G 90 -3.40 -27.45 -27.69
N HIS G 91 -2.34 -26.82 -27.20
CA HIS G 91 -2.32 -26.37 -25.81
C HIS G 91 -3.32 -25.22 -25.59
N ALA G 92 -3.18 -24.15 -26.37
CA ALA G 92 -4.09 -23.01 -26.31
C ALA G 92 -5.55 -23.48 -26.32
N GLY G 93 -5.85 -24.37 -27.26
CA GLY G 93 -7.16 -24.93 -27.39
C GLY G 93 -7.57 -25.66 -26.14
N HIS G 94 -6.63 -26.25 -25.43
CA HIS G 94 -7.02 -26.97 -24.21
C HIS G 94 -7.19 -26.05 -23.00
N CYS G 95 -6.51 -24.90 -23.05
CA CYS G 95 -6.59 -23.91 -21.99
C CYS G 95 -7.95 -23.22 -22.01
N ILE G 96 -8.37 -22.85 -23.22
CA ILE G 96 -9.63 -22.15 -23.44
C ILE G 96 -10.79 -23.05 -23.07
N ALA G 97 -10.61 -24.35 -23.29
CA ALA G 97 -11.67 -25.31 -22.99
C ALA G 97 -11.82 -25.50 -21.48
N PHE G 98 -10.68 -25.52 -20.79
CA PHE G 98 -10.69 -25.58 -19.32
C PHE G 98 -11.40 -24.34 -18.78
N TRP G 99 -11.08 -23.18 -19.36
CA TRP G 99 -11.63 -21.91 -18.93
C TRP G 99 -13.17 -21.91 -19.06
N ALA G 100 -13.64 -22.17 -20.27
CA ALA G 100 -15.08 -22.24 -20.56
C ALA G 100 -15.78 -23.19 -19.59
N GLY G 101 -15.06 -24.22 -19.13
CA GLY G 101 -15.63 -25.16 -18.20
C GLY G 101 -15.87 -24.54 -16.84
N LEU G 102 -15.18 -23.44 -16.55
CA LEU G 102 -15.30 -22.82 -15.23
C LEU G 102 -16.29 -21.62 -15.15
N HIS G 103 -16.86 -21.24 -16.27
CA HIS G 103 -17.66 -20.01 -16.35
C HIS G 103 -18.76 -19.88 -15.31
N ASP G 104 -19.51 -20.94 -15.04
CA ASP G 104 -20.65 -20.85 -14.11
C ASP G 104 -20.29 -21.38 -12.73
N ILE G 105 -19.00 -21.53 -12.44
CA ILE G 105 -18.62 -22.08 -11.12
C ILE G 105 -19.13 -21.19 -9.99
N GLY G 106 -19.25 -19.89 -10.28
CA GLY G 106 -19.99 -18.97 -9.45
C GLY G 106 -21.41 -19.35 -9.03
N LYS G 107 -22.05 -20.28 -9.76
CA LYS G 107 -23.38 -20.71 -9.39
C LYS G 107 -23.34 -21.60 -8.16
N LEU G 108 -22.16 -22.08 -7.80
CA LEU G 108 -22.02 -22.98 -6.68
C LEU G 108 -21.94 -22.19 -5.36
N THR G 109 -23.05 -21.56 -5.01
CA THR G 109 -23.17 -20.71 -3.82
C THR G 109 -24.60 -20.81 -3.32
N ARG G 110 -24.82 -20.58 -2.03
CA ARG G 110 -26.17 -20.66 -1.47
C ARG G 110 -27.17 -19.71 -2.13
N GLU G 111 -26.75 -18.47 -2.37
CA GLU G 111 -27.67 -17.45 -2.91
C GLU G 111 -28.29 -17.95 -4.20
N PHE G 112 -27.51 -18.62 -5.04
CA PHE G 112 -27.99 -19.14 -6.31
C PHE G 112 -28.71 -20.49 -6.19
N GLN G 113 -28.11 -21.42 -5.45
CA GLN G 113 -28.66 -22.75 -5.35
C GLN G 113 -30.07 -22.76 -4.76
N GLN G 114 -30.32 -21.87 -3.81
CA GLN G 114 -31.58 -21.85 -3.08
C GLN G 114 -32.76 -21.22 -3.81
N GLN G 115 -32.57 -20.81 -5.07
CA GLN G 115 -33.65 -20.26 -5.88
C GLN G 115 -34.80 -21.28 -6.10
N ILE G 116 -34.46 -22.56 -6.01
CA ILE G 116 -35.44 -23.64 -6.10
C ILE G 116 -35.26 -24.57 -4.92
N ALA G 117 -36.21 -25.49 -4.74
CA ALA G 117 -36.13 -26.50 -3.68
C ALA G 117 -34.87 -27.36 -3.85
N ILE G 118 -34.10 -27.48 -2.77
CA ILE G 118 -32.87 -28.26 -2.81
C ILE G 118 -32.49 -28.65 -1.38
N ASP G 119 -32.06 -29.88 -1.20
CA ASP G 119 -31.66 -30.33 0.12
C ASP G 119 -30.23 -29.87 0.38
N LEU G 120 -30.06 -28.84 1.19
CA LEU G 120 -28.72 -28.39 1.52
C LEU G 120 -28.33 -28.73 2.95
N SER G 121 -29.07 -29.65 3.56
CA SER G 121 -28.87 -30.00 4.96
C SER G 121 -27.44 -30.43 5.30
N ALA G 122 -26.73 -30.96 4.32
CA ALA G 122 -25.36 -31.39 4.55
C ALA G 122 -24.40 -30.29 4.19
N TYR G 123 -24.90 -29.10 3.87
CA TYR G 123 -24.00 -28.00 3.55
C TYR G 123 -24.31 -26.74 4.36
N PRO G 124 -23.97 -26.73 5.65
CA PRO G 124 -24.29 -25.52 6.43
C PRO G 124 -23.20 -24.49 6.23
N GLY G 125 -23.46 -23.25 6.63
CA GLY G 125 -22.52 -22.16 6.45
C GLY G 125 -22.92 -21.32 5.25
N GLU G 126 -22.10 -20.32 4.93
CA GLU G 126 -22.42 -19.32 3.90
C GLU G 126 -23.88 -18.86 3.84
N GLU G 127 -24.36 -18.33 4.96
CA GLU G 127 -25.72 -17.77 5.04
C GLU G 127 -25.85 -16.56 4.12
N LEU G 128 -27.09 -16.20 3.80
CA LEU G 128 -27.35 -15.15 2.82
C LEU G 128 -26.84 -13.76 3.27
N SER G 129 -26.01 -13.15 2.42
CA SER G 129 -25.34 -11.90 2.76
C SER G 129 -26.24 -10.68 2.58
N GLY G 130 -27.00 -10.67 1.47
CA GLY G 130 -27.92 -9.59 1.15
C GLY G 130 -27.43 -8.87 -0.09
N GLU G 131 -26.18 -9.13 -0.43
CA GLU G 131 -25.51 -8.47 -1.55
C GLU G 131 -26.23 -8.73 -2.85
N GLN G 132 -26.73 -9.94 -3.00
CA GLN G 132 -27.46 -10.31 -4.22
C GLN G 132 -26.54 -10.21 -5.43
N ARG G 133 -25.33 -10.71 -5.28
CA ARG G 133 -24.31 -10.63 -6.33
C ARG G 133 -24.54 -11.70 -7.41
N SER G 134 -24.40 -11.27 -8.67
CA SER G 134 -24.70 -12.15 -9.81
C SER G 134 -23.75 -13.33 -9.86
N HIS G 135 -24.19 -14.47 -10.43
CA HIS G 135 -23.31 -15.65 -10.44
C HIS G 135 -22.00 -15.40 -11.20
N ALA G 136 -22.03 -14.61 -12.26
CA ALA G 136 -20.79 -14.29 -12.95
C ALA G 136 -19.84 -13.53 -12.03
N ALA G 137 -20.35 -12.52 -11.32
CA ALA G 137 -19.53 -11.79 -10.36
C ALA G 137 -18.85 -12.78 -9.41
N ALA G 138 -19.62 -13.67 -8.81
CA ALA G 138 -19.07 -14.75 -7.99
C ALA G 138 -17.91 -15.48 -8.66
N THR G 139 -18.06 -15.80 -9.95
CA THR G 139 -16.98 -16.45 -10.71
C THR G 139 -15.68 -15.63 -10.80
N GLY G 140 -15.80 -14.34 -11.12
CA GLY G 140 -14.63 -13.48 -11.23
C GLY G 140 -13.96 -13.27 -9.88
N LYS G 141 -14.71 -13.48 -8.81
CA LYS G 141 -14.26 -13.28 -7.43
C LYS G 141 -13.64 -14.53 -6.80
N TRP G 142 -13.93 -15.72 -7.34
CA TRP G 142 -13.44 -16.93 -6.72
C TRP G 142 -12.17 -17.44 -7.40
N LEU G 143 -12.17 -17.38 -8.72
CA LEU G 143 -11.07 -17.92 -9.55
C LEU G 143 -9.64 -17.42 -9.26
N PRO G 144 -9.46 -16.09 -9.05
CA PRO G 144 -8.07 -15.65 -8.85
C PRO G 144 -7.40 -16.32 -7.62
N PHE G 145 -8.21 -16.84 -6.70
CA PHE G 145 -7.72 -17.41 -5.45
C PHE G 145 -7.74 -18.92 -5.43
N ALA G 146 -8.23 -19.52 -6.52
CA ALA G 146 -8.37 -20.96 -6.62
C ALA G 146 -7.54 -21.49 -7.80
N LEU G 147 -7.27 -20.63 -8.76
CA LEU G 147 -6.44 -20.99 -9.90
C LEU G 147 -4.98 -21.29 -9.53
N PRO G 148 -4.42 -20.56 -8.53
CA PRO G 148 -3.08 -20.96 -8.05
C PRO G 148 -2.95 -22.42 -7.57
N SER G 149 -4.05 -23.07 -7.19
CA SER G 149 -4.03 -24.49 -6.86
C SER G 149 -3.45 -25.33 -8.00
N LEU G 150 -3.48 -24.79 -9.22
CA LEU G 150 -3.19 -25.57 -10.40
C LEU G 150 -1.97 -25.03 -11.11
N GLY G 151 -1.32 -24.06 -10.50
CA GLY G 151 -0.09 -23.53 -11.06
C GLY G 151 -0.24 -22.18 -11.71
N TYR G 152 -1.36 -21.51 -11.46
CA TYR G 152 -1.48 -20.17 -12.01
C TYR G 152 -0.81 -19.21 -11.08
N PRO G 153 0.02 -18.31 -11.64
CA PRO G 153 0.74 -17.33 -10.84
C PRO G 153 -0.19 -16.54 -9.93
N ASN G 154 0.00 -16.72 -8.63
CA ASN G 154 -0.73 -15.94 -7.65
C ASN G 154 -0.52 -14.45 -7.92
N GLY G 155 -1.63 -13.71 -8.04
CA GLY G 155 -1.62 -12.28 -8.27
C GLY G 155 -1.22 -11.88 -9.68
N GLY G 156 -0.89 -12.86 -10.52
CA GLY G 156 -0.35 -12.59 -11.83
C GLY G 156 -1.24 -11.85 -12.82
N LEU G 157 -0.62 -11.32 -13.88
CA LEU G 157 -1.36 -10.79 -14.99
C LEU G 157 -2.23 -11.89 -15.62
N VAL G 158 -1.68 -13.07 -15.84
CA VAL G 158 -2.44 -14.13 -16.50
C VAL G 158 -3.64 -14.58 -15.67
N THR G 159 -3.45 -14.83 -14.38
CA THR G 159 -4.58 -15.23 -13.52
C THR G 159 -5.67 -14.14 -13.41
N GLY G 160 -5.26 -12.87 -13.43
CA GLY G 160 -6.20 -11.78 -13.29
C GLY G 160 -7.15 -11.77 -14.47
N LEU G 161 -6.58 -11.75 -15.67
CA LEU G 161 -7.36 -11.75 -16.90
C LEU G 161 -8.27 -12.98 -17.04
N VAL G 162 -7.77 -14.17 -16.73
CA VAL G 162 -8.62 -15.34 -16.84
C VAL G 162 -9.88 -15.22 -15.98
N ALA G 163 -9.73 -14.74 -14.74
CA ALA G 163 -10.89 -14.56 -13.85
C ALA G 163 -11.81 -13.44 -14.35
N GLN G 164 -11.22 -12.31 -14.70
CA GLN G 164 -11.99 -11.17 -15.13
C GLN G 164 -12.79 -11.55 -16.39
N MET G 165 -12.10 -12.14 -17.35
CA MET G 165 -12.73 -12.63 -18.57
C MET G 165 -13.91 -13.57 -18.28
N LEU G 166 -13.66 -14.62 -17.50
CA LEU G 166 -14.74 -15.54 -17.15
C LEU G 166 -15.86 -14.81 -16.42
N GLY G 167 -15.49 -13.91 -15.50
CA GLY G 167 -16.46 -13.09 -14.80
C GLY G 167 -17.38 -12.27 -15.72
N GLY G 168 -16.92 -11.93 -16.91
CA GLY G 168 -17.69 -11.12 -17.84
C GLY G 168 -18.48 -11.91 -18.86
N HIS G 169 -18.80 -13.17 -18.54
CA HIS G 169 -19.43 -14.07 -19.53
C HIS G 169 -20.91 -13.79 -19.84
N HIS G 170 -21.54 -12.89 -19.09
CA HIS G 170 -22.89 -12.40 -19.45
C HIS G 170 -22.85 -10.98 -20.01
N GLY G 171 -21.69 -10.56 -20.50
CA GLY G 171 -21.63 -9.35 -21.29
C GLY G 171 -21.07 -8.13 -20.58
N THR G 172 -20.76 -8.28 -19.30
CA THR G 172 -20.24 -7.19 -18.50
C THR G 172 -19.00 -7.59 -17.71
N PHE G 173 -17.90 -6.85 -17.89
CA PHE G 173 -16.67 -7.11 -17.14
C PHE G 173 -16.68 -6.35 -15.81
N HIS G 174 -16.21 -7.00 -14.75
CA HIS G 174 -16.07 -6.38 -13.44
C HIS G 174 -14.60 -6.04 -13.19
N PRO G 175 -14.31 -5.15 -12.22
CA PRO G 175 -12.91 -4.77 -11.93
C PRO G 175 -12.19 -5.91 -11.24
N HIS G 176 -10.86 -5.95 -11.29
CA HIS G 176 -10.11 -6.95 -10.51
C HIS G 176 -10.49 -6.80 -9.04
N PRO G 177 -10.67 -7.92 -8.36
CA PRO G 177 -11.01 -8.00 -6.93
C PRO G 177 -10.00 -7.31 -6.02
N SER G 178 -10.48 -6.42 -5.16
CA SER G 178 -9.62 -5.77 -4.17
C SER G 178 -9.97 -6.20 -2.75
N PHE G 179 -8.94 -6.60 -2.00
CA PHE G 179 -9.12 -7.12 -0.65
C PHE G 179 -8.00 -6.60 0.26
N GLN G 180 -8.18 -6.76 1.57
CA GLN G 180 -7.27 -6.24 2.59
C GLN G 180 -6.75 -7.35 3.51
N SER G 181 -7.41 -8.50 3.57
CA SER G 181 -6.96 -9.55 4.48
C SER G 181 -6.03 -10.52 3.79
N ARG G 182 -5.63 -11.56 4.51
CA ARG G 182 -4.76 -12.59 3.96
C ARG G 182 -5.61 -13.78 3.63
N ASN G 183 -6.93 -13.60 3.77
CA ASN G 183 -7.88 -14.63 3.41
C ASN G 183 -8.97 -14.10 2.49
N PRO G 184 -8.62 -13.74 1.26
CA PRO G 184 -9.56 -13.14 0.30
C PRO G 184 -10.79 -14.01 0.04
N LEU G 185 -10.61 -15.33 -0.07
CA LEU G 185 -11.74 -16.23 -0.24
C LEU G 185 -12.83 -15.93 0.80
N ALA G 186 -12.45 -15.98 2.08
CA ALA G 186 -13.40 -15.71 3.16
C ALA G 186 -13.89 -14.26 3.08
N GLU G 187 -13.03 -13.36 2.68
CA GLU G 187 -13.39 -11.93 2.68
C GLU G 187 -14.48 -11.64 1.62
N PHE G 188 -14.55 -12.49 0.58
CA PHE G 188 -15.54 -12.34 -0.48
C PHE G 188 -16.76 -13.21 -0.31
N GLY G 189 -16.89 -13.85 0.84
CA GLY G 189 -18.09 -14.57 1.15
C GLY G 189 -17.92 -16.07 1.12
N PHE G 190 -16.79 -16.56 0.60
CA PHE G 190 -16.54 -17.99 0.48
C PHE G 190 -15.97 -18.62 1.75
N SER G 191 -16.83 -18.72 2.75
CA SER G 191 -16.42 -19.00 4.12
C SER G 191 -16.69 -20.43 4.61
N SER G 192 -17.44 -21.24 3.87
CA SER G 192 -17.72 -22.59 4.36
C SER G 192 -16.76 -23.62 3.78
N PRO G 193 -16.18 -24.46 4.65
CA PRO G 193 -15.24 -25.46 4.12
C PRO G 193 -16.02 -26.49 3.31
N HIS G 194 -17.25 -26.81 3.73
CA HIS G 194 -18.16 -27.69 2.98
C HIS G 194 -18.43 -27.21 1.54
N TRP G 195 -18.88 -25.96 1.41
CA TRP G 195 -19.19 -25.41 0.09
C TRP G 195 -17.92 -25.32 -0.74
N GLU G 196 -16.85 -24.87 -0.08
CA GLU G 196 -15.54 -24.76 -0.71
C GLU G 196 -15.05 -26.05 -1.34
N LYS G 197 -15.26 -27.18 -0.66
CA LYS G 197 -14.80 -28.46 -1.17
C LYS G 197 -15.46 -28.76 -2.51
N GLN G 198 -16.79 -28.62 -2.52
CA GLN G 198 -17.56 -28.81 -3.73
C GLN G 198 -17.13 -27.90 -4.86
N ARG G 199 -16.85 -26.63 -4.54
CA ARG G 199 -16.36 -25.73 -5.56
C ARG G 199 -15.00 -26.19 -6.05
N HIS G 200 -14.16 -26.68 -5.14
CA HIS G 200 -12.86 -27.25 -5.56
C HIS G 200 -13.04 -28.57 -6.35
N ALA G 201 -13.95 -29.42 -5.89
CA ALA G 201 -14.20 -30.68 -6.57
C ALA G 201 -14.53 -30.39 -8.02
N LEU G 202 -15.35 -29.37 -8.22
CA LEU G 202 -15.80 -28.98 -9.56
C LEU G 202 -14.65 -28.42 -10.40
N LEU G 203 -13.81 -27.59 -9.76
CA LEU G 203 -12.62 -27.04 -10.39
C LEU G 203 -11.73 -28.13 -10.95
N HIS G 204 -11.53 -29.19 -10.17
CA HIS G 204 -10.65 -30.27 -10.61
C HIS G 204 -11.31 -31.15 -11.65
N ALA G 205 -12.62 -31.29 -11.54
CA ALA G 205 -13.33 -32.14 -12.48
C ALA G 205 -13.24 -31.60 -13.91
N VAL G 206 -13.25 -30.28 -14.12
CA VAL G 206 -13.15 -29.81 -15.51
C VAL G 206 -11.69 -29.68 -15.98
N PHE G 207 -10.78 -29.46 -15.03
CA PHE G 207 -9.34 -29.58 -15.29
C PHE G 207 -8.98 -31.00 -15.80
N ASP G 208 -9.52 -32.03 -15.15
CA ASP G 208 -9.27 -33.40 -15.59
C ASP G 208 -9.85 -33.70 -16.96
N ALA G 209 -11.06 -33.22 -17.21
CA ALA G 209 -11.76 -33.55 -18.45
C ALA G 209 -11.16 -32.83 -19.65
N THR G 210 -10.34 -31.82 -19.40
CA THR G 210 -9.78 -31.05 -20.49
C THR G 210 -8.28 -31.33 -20.59
N GLY G 211 -7.88 -32.39 -19.94
CA GLY G 211 -6.49 -32.80 -19.86
C GLY G 211 -5.47 -31.93 -19.19
N ARG G 212 -5.83 -31.34 -18.08
CA ARG G 212 -4.86 -30.84 -17.14
C ARG G 212 -3.84 -29.93 -17.77
N PRO G 213 -4.37 -28.99 -18.66
CA PRO G 213 -3.36 -28.14 -19.29
C PRO G 213 -2.68 -27.16 -18.35
N THR G 214 -1.38 -26.98 -18.54
CA THR G 214 -0.61 -26.05 -17.73
C THR G 214 -1.05 -24.62 -18.05
N PRO G 215 -0.81 -23.68 -17.12
CA PRO G 215 -1.13 -22.29 -17.42
C PRO G 215 -0.22 -21.73 -18.53
N PRO G 216 -0.74 -20.83 -19.37
CA PRO G 216 0.11 -20.25 -20.41
C PRO G 216 1.01 -19.19 -19.82
N ASP G 217 2.08 -18.81 -20.53
CA ASP G 217 3.06 -17.87 -19.97
C ASP G 217 2.66 -16.44 -20.17
N MET G 218 1.68 -16.22 -21.04
CA MET G 218 1.25 -14.87 -21.36
C MET G 218 -0.21 -14.82 -21.84
N LEU G 219 -0.82 -13.65 -21.65
CA LEU G 219 -2.19 -13.37 -22.07
C LEU G 219 -2.34 -11.88 -21.97
N ASP G 220 -2.90 -11.26 -23.00
CA ASP G 220 -3.16 -9.82 -22.95
C ASP G 220 -4.66 -9.56 -23.07
N GLY G 221 -5.06 -8.32 -22.83
CA GLY G 221 -6.46 -7.94 -22.78
C GLY G 221 -7.23 -8.22 -24.05
N PRO G 222 -6.78 -7.68 -25.19
CA PRO G 222 -7.48 -7.90 -26.46
C PRO G 222 -7.73 -9.39 -26.73
N THR G 223 -6.74 -10.21 -26.42
CA THR G 223 -6.88 -11.62 -26.70
C THR G 223 -7.90 -12.27 -25.76
N ALA G 224 -7.90 -11.81 -24.52
CA ALA G 224 -8.89 -12.29 -23.57
C ALA G 224 -10.29 -11.77 -23.89
N SER G 225 -10.38 -10.63 -24.58
CA SER G 225 -11.69 -10.08 -24.89
C SER G 225 -12.35 -10.98 -25.95
N VAL G 226 -11.61 -11.25 -27.01
CA VAL G 226 -11.97 -12.24 -28.02
C VAL G 226 -12.29 -13.64 -27.42
N VAL G 227 -11.46 -14.12 -26.50
CA VAL G 227 -11.71 -15.43 -25.91
C VAL G 227 -13.03 -15.43 -25.16
N CYS G 228 -13.34 -14.27 -24.58
CA CYS G 228 -14.58 -14.09 -23.84
C CYS G 228 -15.76 -14.26 -24.77
N GLY G 229 -15.68 -13.65 -25.94
CA GLY G 229 -16.63 -13.95 -27.00
C GLY G 229 -16.83 -15.46 -27.21
N LEU G 230 -15.72 -16.19 -27.33
CA LEU G 230 -15.75 -17.62 -27.63
C LEU G 230 -16.42 -18.36 -26.51
N VAL G 231 -16.13 -17.96 -25.28
CA VAL G 231 -16.79 -18.60 -24.15
C VAL G 231 -18.30 -18.29 -24.15
N ILE G 232 -18.70 -17.06 -24.50
CA ILE G 232 -20.11 -16.72 -24.52
C ILE G 232 -20.82 -17.59 -25.53
N LEU G 233 -20.30 -17.59 -26.76
CA LEU G 233 -20.79 -18.47 -27.83
C LEU G 233 -20.97 -19.92 -27.35
N ALA G 234 -20.00 -20.46 -26.63
CA ALA G 234 -20.19 -21.80 -26.06
C ALA G 234 -21.33 -21.93 -25.05
N ASP G 235 -21.49 -20.93 -24.16
CA ASP G 235 -22.59 -20.94 -23.17
C ASP G 235 -23.93 -21.00 -23.93
N TRP G 236 -24.04 -20.15 -24.93
CA TRP G 236 -25.27 -20.09 -25.68
C TRP G 236 -25.62 -21.41 -26.33
N LEU G 237 -24.64 -22.04 -26.98
CA LEU G 237 -24.89 -23.28 -27.69
C LEU G 237 -25.46 -24.38 -26.81
N VAL G 238 -24.79 -24.70 -25.70
CA VAL G 238 -25.24 -25.81 -24.90
C VAL G 238 -26.36 -25.44 -23.92
N SER G 239 -26.96 -24.27 -24.14
CA SER G 239 -28.07 -23.78 -23.30
C SER G 239 -29.45 -23.92 -23.92
N GLN G 240 -29.49 -24.26 -25.20
CA GLN G 240 -30.74 -24.57 -25.90
C GLN G 240 -31.49 -25.74 -25.30
N GLU G 241 -32.75 -25.48 -24.92
CA GLU G 241 -33.63 -26.45 -24.25
C GLU G 241 -33.62 -27.86 -24.84
N ASP G 242 -33.60 -27.95 -26.17
CA ASP G 242 -33.57 -29.24 -26.89
C ASP G 242 -32.33 -30.06 -26.51
N PHE G 243 -31.17 -29.45 -26.70
CA PHE G 243 -29.92 -30.03 -26.25
C PHE G 243 -29.99 -30.51 -24.81
N LEU G 244 -30.62 -29.72 -23.95
CA LEU G 244 -30.69 -30.05 -22.54
C LEU G 244 -31.62 -31.22 -22.27
N LEU G 245 -32.81 -31.17 -22.89
CA LEU G 245 -33.80 -32.25 -22.79
C LEU G 245 -33.21 -33.59 -23.24
N GLU G 246 -32.47 -33.55 -24.33
CA GLU G 246 -31.68 -34.69 -24.79
C GLU G 246 -30.67 -35.19 -23.75
N ARG G 247 -29.79 -34.31 -23.28
CA ARG G 247 -28.72 -34.70 -22.36
C ARG G 247 -29.26 -35.13 -21.00
N LEU G 248 -30.47 -34.70 -20.71
CA LEU G 248 -31.14 -34.98 -19.45
C LEU G 248 -31.49 -36.47 -19.33
N THR G 249 -31.49 -37.17 -20.47
CA THR G 249 -31.88 -38.57 -20.49
C THR G 249 -30.69 -39.51 -20.26
N SER G 250 -29.50 -38.94 -20.14
CA SER G 250 -28.30 -39.74 -19.87
C SER G 250 -27.37 -39.00 -18.92
N LEU G 251 -27.87 -38.71 -17.72
CA LEU G 251 -27.08 -38.05 -16.69
C LEU G 251 -26.12 -39.07 -16.11
N PRO G 252 -24.93 -38.62 -15.68
CA PRO G 252 -23.97 -39.57 -15.08
C PRO G 252 -24.55 -40.23 -13.84
N ALA G 253 -24.23 -41.51 -13.65
CA ALA G 253 -24.65 -42.26 -12.48
C ALA G 253 -24.19 -41.56 -11.19
N ASP G 254 -22.94 -41.12 -11.19
CA ASP G 254 -22.35 -40.46 -10.02
C ASP G 254 -21.39 -39.35 -10.47
N GLY G 255 -20.69 -38.75 -9.51
CA GLY G 255 -19.72 -37.72 -9.85
C GLY G 255 -18.32 -38.26 -9.99
N SER G 256 -18.22 -39.55 -10.34
CA SER G 256 -16.91 -40.20 -10.46
C SER G 256 -16.16 -39.73 -11.70
N ALA G 257 -14.84 -39.89 -11.69
CA ALA G 257 -14.00 -39.38 -12.75
C ALA G 257 -14.35 -39.96 -14.11
N SER G 258 -14.85 -41.20 -14.12
CA SER G 258 -15.16 -41.90 -15.37
C SER G 258 -16.52 -41.47 -15.92
N ALA G 259 -17.55 -41.51 -15.08
CA ALA G 259 -18.85 -40.97 -15.46
C ALA G 259 -18.76 -39.54 -16.05
N LEU G 260 -17.97 -38.67 -15.42
CA LEU G 260 -17.84 -37.30 -15.90
C LEU G 260 -17.06 -37.21 -17.21
N ARG G 261 -15.91 -37.88 -17.27
CA ARG G 261 -15.17 -38.10 -18.52
C ARG G 261 -16.07 -38.63 -19.65
N ALA G 262 -16.95 -39.56 -19.30
CA ALA G 262 -17.90 -40.10 -20.27
C ALA G 262 -18.83 -38.99 -20.72
N HIS G 263 -19.27 -38.17 -19.77
CA HIS G 263 -20.21 -37.09 -20.10
C HIS G 263 -19.58 -36.08 -21.04
N PHE G 264 -18.33 -35.71 -20.73
CA PHE G 264 -17.57 -34.80 -21.56
C PHE G 264 -17.47 -35.32 -23.00
N GLU G 265 -16.98 -36.55 -23.15
CA GLU G 265 -16.80 -37.14 -24.47
C GLU G 265 -18.10 -37.31 -25.25
N THR G 266 -19.18 -37.62 -24.55
CA THR G 266 -20.46 -37.65 -25.21
C THR G 266 -20.79 -36.25 -25.73
N SER G 267 -20.71 -35.26 -24.84
CA SER G 267 -21.05 -33.88 -25.20
C SER G 267 -20.18 -33.35 -26.32
N LEU G 268 -18.94 -33.82 -26.36
CA LEU G 268 -18.02 -33.44 -27.43
C LEU G 268 -18.56 -33.81 -28.80
N ARG G 269 -19.36 -34.88 -28.83
CA ARG G 269 -19.83 -35.43 -30.10
C ARG G 269 -21.09 -34.76 -30.63
N ARG G 270 -21.94 -34.29 -29.73
CA ARG G 270 -23.19 -33.65 -30.15
C ARG G 270 -23.01 -32.20 -30.57
N ILE G 271 -21.82 -31.64 -30.34
CA ILE G 271 -21.57 -30.24 -30.66
C ILE G 271 -21.45 -29.89 -32.14
N PRO G 272 -20.84 -30.77 -32.95
CA PRO G 272 -20.76 -30.34 -34.35
C PRO G 272 -22.12 -30.23 -35.04
N SER G 273 -23.10 -31.00 -34.59
CA SER G 273 -24.44 -30.86 -35.15
C SER G 273 -25.08 -29.53 -34.74
N LEU G 274 -24.62 -28.97 -33.63
CA LEU G 274 -25.10 -27.68 -33.13
C LEU G 274 -24.67 -26.55 -34.06
N LEU G 275 -23.40 -26.56 -34.49
CA LEU G 275 -22.91 -25.58 -35.45
C LEU G 275 -23.69 -25.67 -36.74
N ASP G 276 -23.93 -26.91 -37.16
CA ASP G 276 -24.61 -27.19 -38.42
C ASP G 276 -25.96 -26.53 -38.40
N ALA G 277 -26.74 -26.86 -37.38
CA ALA G 277 -28.06 -26.29 -37.13
C ALA G 277 -28.07 -24.76 -37.03
N ALA G 278 -26.99 -24.17 -36.52
CA ALA G 278 -26.98 -22.73 -36.32
C ALA G 278 -26.46 -22.00 -37.55
N GLY G 279 -26.01 -22.77 -38.53
CA GLY G 279 -25.50 -22.19 -39.75
C GLY G 279 -24.15 -21.58 -39.53
N LEU G 280 -23.34 -22.23 -38.70
CA LEU G 280 -22.10 -21.61 -38.21
C LEU G 280 -20.83 -22.10 -38.91
N ARG G 281 -20.95 -23.14 -39.74
CA ARG G 281 -19.81 -23.66 -40.52
C ARG G 281 -19.11 -22.59 -41.37
N PRO G 282 -17.77 -22.70 -41.53
CA PRO G 282 -17.03 -21.69 -42.29
C PRO G 282 -17.32 -21.77 -43.79
N ILE G 283 -17.46 -20.64 -44.45
CA ILE G 283 -17.55 -20.63 -45.91
C ILE G 283 -16.17 -20.31 -46.45
N THR G 284 -15.58 -21.22 -47.20
CA THR G 284 -14.28 -20.96 -47.79
C THR G 284 -14.38 -20.92 -49.31
N VAL G 285 -13.53 -20.08 -49.90
CA VAL G 285 -13.53 -19.82 -51.32
C VAL G 285 -12.12 -20.04 -51.83
N PRO G 286 -11.96 -20.93 -52.83
CA PRO G 286 -10.67 -21.33 -53.42
C PRO G 286 -9.93 -20.14 -54.03
N PRO G 287 -8.59 -20.22 -54.09
CA PRO G 287 -7.83 -19.09 -54.64
C PRO G 287 -8.07 -18.97 -56.14
N ALA G 288 -7.94 -17.77 -56.69
CA ALA G 288 -8.25 -17.56 -58.09
C ALA G 288 -7.67 -16.25 -58.63
N THR G 289 -7.54 -16.19 -59.94
CA THR G 289 -7.12 -14.96 -60.60
C THR G 289 -8.33 -14.04 -60.62
N PHE G 290 -8.12 -12.78 -61.02
CA PHE G 290 -9.25 -11.85 -61.09
C PHE G 290 -10.28 -12.32 -62.10
N THR G 291 -9.81 -12.70 -63.29
CA THR G 291 -10.74 -13.10 -64.35
C THR G 291 -11.42 -14.43 -64.02
N GLU G 292 -10.75 -15.30 -63.28
CA GLU G 292 -11.34 -16.58 -62.87
C GLU G 292 -12.47 -16.38 -61.87
N SER G 293 -12.41 -15.27 -61.14
CA SER G 293 -13.38 -14.95 -60.08
C SER G 293 -14.60 -14.22 -60.63
N PHE G 294 -14.39 -13.49 -61.73
CA PHE G 294 -15.48 -12.83 -62.44
C PHE G 294 -15.41 -13.13 -63.93
N PRO G 295 -15.85 -14.32 -64.33
CA PRO G 295 -15.83 -14.72 -65.74
C PRO G 295 -16.71 -13.84 -66.64
N HIS G 296 -17.89 -13.43 -66.16
CA HIS G 296 -18.80 -12.62 -66.97
C HIS G 296 -18.31 -11.18 -67.14
N LEU G 297 -17.19 -10.85 -66.52
CA LEU G 297 -16.55 -9.55 -66.71
C LEU G 297 -15.63 -9.66 -67.92
N SER G 298 -16.08 -9.12 -69.05
CA SER G 298 -15.36 -9.23 -70.32
C SER G 298 -14.01 -8.54 -70.26
N LYS G 299 -14.01 -7.24 -70.01
CA LYS G 299 -12.75 -6.51 -69.94
C LYS G 299 -12.52 -5.94 -68.54
N PRO G 300 -11.59 -6.55 -67.80
CA PRO G 300 -11.10 -5.98 -66.55
C PRO G 300 -10.67 -4.51 -66.69
N ASN G 301 -11.08 -3.73 -65.69
CA ASN G 301 -10.87 -2.29 -65.56
C ASN G 301 -9.40 -1.93 -65.36
N GLY G 302 -9.05 -0.66 -65.55
CA GLY G 302 -7.71 -0.17 -65.23
C GLY G 302 -7.37 -0.39 -63.77
N LEU G 303 -8.27 0.06 -62.90
CA LEU G 303 -8.13 -0.08 -61.45
C LEU G 303 -8.11 -1.56 -61.04
N GLN G 304 -8.94 -2.38 -61.68
CA GLN G 304 -8.94 -3.81 -61.40
C GLN G 304 -7.62 -4.47 -61.83
N ALA G 305 -7.08 -4.05 -62.98
CA ALA G 305 -5.78 -4.55 -63.43
C ALA G 305 -4.66 -4.20 -62.44
N SER G 306 -4.51 -2.91 -62.12
CA SER G 306 -3.48 -2.46 -61.17
C SER G 306 -3.45 -3.21 -59.82
N LEU G 307 -4.62 -3.48 -59.23
CA LEU G 307 -4.70 -4.20 -57.96
C LEU G 307 -4.38 -5.69 -58.12
N ALA G 308 -4.90 -6.32 -59.17
CA ALA G 308 -4.64 -7.72 -59.45
C ALA G 308 -3.14 -7.98 -59.68
N LYS G 309 -2.49 -6.97 -60.27
CA LYS G 309 -1.10 -7.05 -60.69
C LYS G 309 -0.12 -6.82 -59.56
N HIS G 310 -0.32 -5.72 -58.82
CA HIS G 310 0.68 -5.29 -57.82
C HIS G 310 0.37 -5.66 -56.37
N LEU G 311 -0.80 -6.23 -56.10
CA LEU G 311 -1.14 -6.58 -54.72
C LEU G 311 -0.61 -7.92 -54.19
N PRO G 312 -0.77 -9.02 -54.95
CA PRO G 312 -0.46 -10.33 -54.32
C PRO G 312 0.94 -10.41 -53.70
N CYS G 313 1.93 -9.76 -54.31
CA CYS G 313 3.30 -9.80 -53.79
C CYS G 313 3.39 -9.04 -52.49
N LEU G 314 2.59 -7.98 -52.39
CA LEU G 314 2.47 -7.16 -51.19
C LEU G 314 1.71 -7.88 -50.07
N CYS G 315 0.63 -8.57 -50.43
CA CYS G 315 -0.23 -9.22 -49.45
C CYS G 315 0.42 -10.45 -48.82
N THR G 316 1.40 -10.19 -47.96
CA THR G 316 2.19 -11.24 -47.34
C THR G 316 1.62 -11.63 -45.96
N GLY G 317 0.62 -10.88 -45.51
CA GLY G 317 -0.06 -11.17 -44.24
C GLY G 317 -1.07 -10.11 -43.86
N PRO G 318 -1.31 -9.91 -42.55
CA PRO G 318 -2.19 -8.83 -42.06
C PRO G 318 -1.75 -7.48 -42.58
N GLY G 319 -2.71 -6.69 -43.02
CA GLY G 319 -2.47 -5.38 -43.60
C GLY G 319 -3.77 -4.69 -43.96
N LEU G 320 -3.67 -3.41 -44.30
CA LEU G 320 -4.84 -2.67 -44.72
C LEU G 320 -4.63 -2.21 -46.15
N VAL G 321 -5.65 -2.38 -46.98
CA VAL G 321 -5.65 -1.83 -48.34
C VAL G 321 -6.68 -0.71 -48.39
N LEU G 322 -6.31 0.43 -48.99
CA LEU G 322 -7.25 1.53 -49.18
C LEU G 322 -7.38 1.90 -50.65
N ILE G 323 -8.60 1.82 -51.15
CA ILE G 323 -8.89 2.15 -52.53
C ILE G 323 -9.79 3.38 -52.63
N THR G 324 -9.33 4.37 -53.38
CA THR G 324 -10.11 5.57 -53.60
C THR G 324 -10.30 5.77 -55.13
N ALA G 325 -11.57 5.72 -55.58
CA ALA G 325 -11.91 5.80 -57.01
C ALA G 325 -13.39 6.21 -57.23
N PRO G 326 -13.68 6.85 -58.38
CA PRO G 326 -15.05 7.26 -58.69
C PRO G 326 -16.00 6.08 -58.75
N MET G 327 -17.30 6.37 -58.76
CA MET G 327 -18.30 5.35 -58.98
C MET G 327 -18.03 4.61 -60.28
N GLY G 328 -18.67 3.46 -60.45
CA GLY G 328 -18.67 2.78 -61.74
C GLY G 328 -17.31 2.33 -62.24
N GLU G 329 -16.29 2.45 -61.39
CA GLU G 329 -15.00 1.90 -61.72
C GLU G 329 -14.85 0.48 -61.16
N GLY G 330 -15.97 -0.12 -60.80
CA GLY G 330 -16.00 -1.48 -60.30
C GLY G 330 -15.22 -1.69 -59.02
N LYS G 331 -15.36 -0.78 -58.06
CA LYS G 331 -14.73 -0.96 -56.74
C LYS G 331 -15.23 -2.24 -56.07
N THR G 332 -16.51 -2.55 -56.22
CA THR G 332 -17.05 -3.77 -55.61
C THR G 332 -16.25 -5.03 -55.98
N GLU G 333 -16.13 -5.32 -57.27
CA GLU G 333 -15.43 -6.52 -57.74
C GLU G 333 -13.96 -6.53 -57.32
N ALA G 334 -13.30 -5.39 -57.49
CA ALA G 334 -11.93 -5.22 -57.00
C ALA G 334 -11.81 -5.60 -55.53
N ALA G 335 -12.69 -5.05 -54.70
CA ALA G 335 -12.68 -5.30 -53.25
C ALA G 335 -12.84 -6.76 -52.91
N TYR G 336 -13.78 -7.44 -53.57
CA TYR G 336 -13.99 -8.86 -53.33
C TYR G 336 -12.69 -9.65 -53.50
N HIS G 337 -11.93 -9.26 -54.51
CA HIS G 337 -10.70 -9.94 -54.85
C HIS G 337 -9.64 -9.66 -53.80
N VAL G 338 -9.46 -8.38 -53.48
CA VAL G 338 -8.47 -8.00 -52.49
C VAL G 338 -8.75 -8.67 -51.13
N ALA G 339 -10.03 -8.83 -50.82
CA ALA G 339 -10.40 -9.51 -49.58
C ALA G 339 -10.08 -11.00 -49.66
N ASP G 340 -10.06 -11.55 -50.88
CA ASP G 340 -9.65 -12.94 -51.04
C ASP G 340 -8.12 -13.10 -50.93
N LEU G 341 -7.36 -12.13 -51.43
CA LEU G 341 -5.91 -12.10 -51.21
C LEU G 341 -5.59 -12.11 -49.72
N LEU G 342 -5.93 -11.00 -49.03
CA LEU G 342 -5.74 -10.83 -47.58
C LEU G 342 -6.35 -11.99 -46.78
N GLY G 343 -7.45 -12.53 -47.27
CA GLY G 343 -8.05 -13.70 -46.66
C GLY G 343 -7.09 -14.87 -46.57
N LYS G 344 -6.61 -15.34 -47.73
CA LYS G 344 -5.69 -16.48 -47.79
C LYS G 344 -4.38 -16.18 -47.07
N ALA G 345 -3.98 -14.92 -47.12
CA ALA G 345 -2.73 -14.48 -46.50
C ALA G 345 -2.81 -14.36 -44.98
N THR G 346 -4.00 -14.48 -44.40
CA THR G 346 -4.13 -14.33 -42.95
C THR G 346 -4.91 -15.47 -42.33
N GLY G 347 -5.30 -16.43 -43.15
CA GLY G 347 -6.00 -17.60 -42.67
C GLY G 347 -7.37 -17.26 -42.12
N ARG G 348 -8.00 -16.27 -42.75
CA ARG G 348 -9.32 -15.82 -42.34
C ARG G 348 -10.29 -15.89 -43.53
N PRO G 349 -11.04 -17.01 -43.63
CA PRO G 349 -12.07 -17.25 -44.66
C PRO G 349 -13.37 -16.48 -44.44
N GLY G 350 -13.46 -15.78 -43.30
CA GLY G 350 -14.67 -15.05 -42.96
C GLY G 350 -14.73 -13.70 -43.63
N ARG G 351 -15.93 -13.16 -43.78
CA ARG G 351 -16.10 -11.86 -44.40
C ARG G 351 -17.13 -11.03 -43.64
N PHE G 352 -16.86 -9.72 -43.54
CA PHE G 352 -17.88 -8.75 -43.19
C PHE G 352 -17.76 -7.50 -44.02
N LEU G 353 -18.80 -7.20 -44.80
CA LEU G 353 -18.83 -5.95 -45.56
C LEU G 353 -19.71 -4.92 -44.84
N ALA G 354 -19.15 -3.74 -44.58
CA ALA G 354 -19.87 -2.68 -43.86
C ALA G 354 -20.37 -1.60 -44.82
N LEU G 355 -21.68 -1.46 -44.92
CA LEU G 355 -22.26 -0.44 -45.79
C LEU G 355 -22.80 0.81 -45.04
N PRO G 356 -22.91 1.96 -45.74
CA PRO G 356 -23.31 3.19 -45.06
C PRO G 356 -24.80 3.28 -44.77
N THR G 357 -25.63 2.59 -45.56
CA THR G 357 -27.07 2.60 -45.31
C THR G 357 -27.61 1.17 -45.31
N MET G 358 -28.87 1.00 -44.91
CA MET G 358 -29.49 -0.33 -44.92
C MET G 358 -29.84 -0.71 -46.35
N ALA G 359 -30.12 0.31 -47.17
CA ALA G 359 -30.41 0.13 -48.58
C ALA G 359 -29.23 -0.54 -49.23
N THR G 360 -28.10 0.17 -49.21
CA THR G 360 -26.87 -0.35 -49.81
C THR G 360 -26.38 -1.66 -49.18
N ALA G 361 -26.67 -1.90 -47.92
CA ALA G 361 -26.34 -3.22 -47.36
C ALA G 361 -27.22 -4.29 -47.99
N ASP G 362 -28.48 -3.94 -48.25
CA ASP G 362 -29.43 -4.85 -48.89
C ASP G 362 -28.97 -5.26 -50.29
N GLN G 363 -28.66 -4.25 -51.12
CA GLN G 363 -28.20 -4.49 -52.47
C GLN G 363 -26.95 -5.38 -52.47
N MET G 364 -26.02 -5.05 -51.59
CA MET G 364 -24.73 -5.76 -51.47
C MET G 364 -24.83 -7.18 -50.92
N HIS G 365 -25.85 -7.46 -50.12
CA HIS G 365 -26.09 -8.82 -49.63
C HIS G 365 -26.46 -9.73 -50.80
N THR G 366 -27.18 -9.14 -51.76
CA THR G 366 -27.56 -9.86 -52.97
C THR G 366 -26.33 -10.19 -53.85
N ARG G 367 -25.48 -9.18 -54.11
CA ARG G 367 -24.21 -9.38 -54.82
C ARG G 367 -23.34 -10.47 -54.23
N LEU G 368 -23.15 -10.42 -52.92
CA LEU G 368 -22.22 -11.33 -52.27
C LEU G 368 -22.75 -12.76 -52.23
N LYS G 369 -24.07 -12.92 -52.32
CA LYS G 369 -24.67 -14.26 -52.33
C LYS G 369 -24.37 -15.01 -53.63
N GLU G 370 -24.63 -14.36 -54.77
CA GLU G 370 -24.41 -14.98 -56.07
C GLU G 370 -22.92 -15.20 -56.32
N TYR G 371 -22.08 -14.29 -55.83
CA TYR G 371 -20.65 -14.49 -55.84
C TYR G 371 -20.27 -15.73 -55.05
N ALA G 372 -20.91 -15.93 -53.90
CA ALA G 372 -20.68 -17.10 -53.07
C ALA G 372 -21.08 -18.37 -53.82
N ARG G 373 -22.23 -18.31 -54.49
CA ARG G 373 -22.78 -19.45 -55.23
C ARG G 373 -21.82 -19.98 -56.30
N TYR G 374 -21.23 -19.06 -57.04
CA TYR G 374 -20.30 -19.41 -58.09
C TYR G 374 -18.96 -19.91 -57.51
N ARG G 375 -18.51 -19.32 -56.42
CA ARG G 375 -17.13 -19.47 -55.97
C ARG G 375 -16.87 -20.55 -54.95
N VAL G 376 -17.88 -20.99 -54.24
CA VAL G 376 -17.67 -22.09 -53.29
C VAL G 376 -17.85 -23.46 -53.98
N GLU G 377 -17.06 -24.44 -53.55
CA GLU G 377 -17.13 -25.79 -54.09
C GLU G 377 -18.29 -26.59 -53.46
N ASN G 378 -19.19 -27.09 -54.30
CA ASN G 378 -20.37 -27.85 -53.85
C ASN G 378 -20.05 -29.01 -52.90
N SER G 384 -25.08 -25.84 -44.80
CA SER G 384 -25.29 -25.27 -43.47
C SER G 384 -24.31 -24.12 -43.12
N SER G 385 -24.32 -23.06 -43.92
CA SER G 385 -23.47 -21.90 -43.69
C SER G 385 -24.19 -20.65 -44.11
N THR G 386 -24.73 -19.89 -43.16
CA THR G 386 -25.51 -18.72 -43.58
C THR G 386 -24.68 -17.47 -43.93
N LEU G 387 -25.19 -16.72 -44.90
CA LEU G 387 -24.62 -15.45 -45.29
C LEU G 387 -25.56 -14.36 -44.77
N ALA G 388 -25.17 -13.74 -43.66
CA ALA G 388 -26.09 -12.87 -42.91
C ALA G 388 -26.23 -11.43 -43.44
N LEU G 389 -27.38 -10.84 -43.11
CA LEU G 389 -27.68 -9.44 -43.39
C LEU G 389 -27.93 -8.77 -42.04
N LEU G 390 -27.06 -7.83 -41.70
CA LEU G 390 -27.03 -7.25 -40.34
C LEU G 390 -27.44 -5.77 -40.31
N HIS G 391 -28.72 -5.54 -40.01
CA HIS G 391 -29.27 -4.20 -39.69
C HIS G 391 -30.65 -4.27 -39.01
N SER G 392 -31.14 -3.13 -38.54
CA SER G 392 -32.31 -3.08 -37.66
C SER G 392 -33.65 -3.37 -38.33
N MET G 393 -33.62 -3.59 -39.64
CA MET G 393 -34.83 -3.87 -40.42
C MET G 393 -34.77 -5.23 -41.12
N ALA G 394 -33.69 -5.97 -40.90
CA ALA G 394 -33.54 -7.25 -41.56
C ALA G 394 -34.61 -8.29 -41.17
N TRP G 395 -35.21 -8.15 -39.99
CA TRP G 395 -36.22 -9.10 -39.53
C TRP G 395 -37.49 -8.92 -40.36
N LEU G 396 -37.64 -7.75 -40.96
CA LEU G 396 -38.83 -7.42 -41.73
C LEU G 396 -38.59 -7.55 -43.23
N ASN G 397 -37.47 -8.16 -43.60
CA ASN G 397 -37.20 -8.51 -44.98
C ASN G 397 -37.68 -9.94 -45.23
N PRO G 398 -38.73 -10.10 -46.05
CA PRO G 398 -39.33 -11.42 -46.32
C PRO G 398 -38.36 -12.35 -47.05
N ASP G 399 -37.58 -11.77 -47.98
CA ASP G 399 -36.52 -12.48 -48.71
C ASP G 399 -35.48 -13.09 -47.77
N TYR G 400 -35.03 -12.30 -46.79
CA TYR G 400 -33.96 -12.72 -45.91
C TYR G 400 -34.42 -13.57 -44.73
N ALA G 401 -35.35 -13.06 -43.93
CA ALA G 401 -35.75 -13.74 -42.70
C ALA G 401 -36.57 -15.00 -42.99
N PRO G 402 -36.37 -16.07 -42.18
CA PRO G 402 -37.11 -17.33 -42.37
C PRO G 402 -38.61 -17.24 -42.00
N ALA G 403 -39.40 -18.19 -42.49
CA ALA G 403 -40.84 -18.16 -42.25
C ALA G 403 -41.24 -18.71 -40.87
N ASP G 419 -32.04 -24.12 -49.34
CA ASP G 419 -31.23 -23.30 -50.24
C ASP G 419 -30.11 -22.61 -49.46
N PRO G 420 -28.84 -22.98 -49.73
CA PRO G 420 -27.66 -22.62 -48.92
C PRO G 420 -27.52 -21.11 -48.71
N PHE G 421 -26.73 -20.73 -47.72
CA PHE G 421 -26.50 -19.33 -47.37
C PHE G 421 -27.74 -18.67 -46.79
N ALA G 422 -28.75 -19.49 -46.52
CA ALA G 422 -30.02 -18.99 -45.98
C ALA G 422 -29.92 -18.60 -44.50
N ALA G 423 -30.59 -17.51 -44.15
CA ALA G 423 -30.74 -17.11 -42.76
C ALA G 423 -31.23 -18.28 -41.90
N THR G 424 -30.53 -18.51 -40.80
CA THR G 424 -30.86 -19.58 -39.87
C THR G 424 -31.64 -18.97 -38.70
N ASP G 425 -32.49 -19.77 -38.04
CA ASP G 425 -33.28 -19.26 -36.92
C ASP G 425 -32.42 -18.79 -35.76
N TRP G 426 -31.33 -19.52 -35.51
CA TRP G 426 -30.38 -19.16 -34.47
C TRP G 426 -29.72 -17.83 -34.76
N LEU G 427 -29.32 -17.60 -36.01
CA LEU G 427 -28.66 -16.36 -36.40
C LEU G 427 -29.61 -15.17 -36.52
N MET G 428 -30.88 -15.39 -36.21
CA MET G 428 -31.85 -14.30 -36.27
C MET G 428 -31.92 -13.61 -34.92
N GLY G 429 -31.16 -14.14 -33.97
CA GLY G 429 -31.30 -13.70 -32.61
C GLY G 429 -30.29 -12.67 -32.16
N ARG G 430 -30.71 -11.84 -31.21
CA ARG G 430 -29.83 -11.16 -30.27
C ARG G 430 -28.72 -10.34 -30.89
N LYS G 431 -27.51 -10.72 -30.53
CA LYS G 431 -26.35 -10.02 -31.00
C LYS G 431 -25.41 -11.08 -31.57
N ARG G 432 -26.03 -11.99 -32.33
CA ARG G 432 -25.36 -13.14 -32.92
C ARG G 432 -25.01 -12.93 -34.39
N GLY G 433 -25.40 -11.79 -34.95
CA GLY G 433 -25.19 -11.47 -36.36
C GLY G 433 -23.79 -11.73 -36.85
N LEU G 434 -22.80 -11.09 -36.22
CA LEU G 434 -21.41 -11.13 -36.69
C LEU G 434 -20.71 -12.50 -36.48
N LEU G 435 -21.39 -13.41 -35.80
CA LEU G 435 -20.89 -14.78 -35.65
C LEU G 435 -21.10 -15.62 -36.93
N ALA G 436 -21.91 -15.11 -37.86
CA ALA G 436 -22.09 -15.80 -39.12
C ALA G 436 -20.79 -15.70 -39.91
N PRO G 437 -20.46 -16.75 -40.70
CA PRO G 437 -19.14 -16.79 -41.34
C PRO G 437 -18.98 -15.70 -42.39
N TRP G 438 -20.02 -15.46 -43.19
CA TRP G 438 -20.04 -14.29 -44.07
C TRP G 438 -21.21 -13.38 -43.69
N ALA G 439 -21.02 -12.07 -43.83
CA ALA G 439 -22.07 -11.11 -43.48
C ALA G 439 -21.88 -9.77 -44.16
N VAL G 440 -22.99 -9.16 -44.55
CA VAL G 440 -22.96 -7.76 -44.96
C VAL G 440 -23.99 -6.96 -44.18
N GLY G 441 -23.69 -5.71 -43.90
CA GLY G 441 -24.61 -4.90 -43.13
C GLY G 441 -24.14 -3.46 -43.01
N THR G 442 -24.67 -2.80 -41.99
CA THR G 442 -24.33 -1.40 -41.75
C THR G 442 -23.00 -1.29 -40.99
N ILE G 443 -22.30 -0.20 -41.26
CA ILE G 443 -21.06 0.10 -40.56
C ILE G 443 -21.29 0.15 -39.05
N ASP G 444 -22.44 0.68 -38.66
CA ASP G 444 -22.86 0.75 -37.26
C ASP G 444 -22.80 -0.60 -36.56
N GLN G 445 -23.06 -1.68 -37.28
CA GLN G 445 -23.01 -3.03 -36.72
C GLN G 445 -21.62 -3.42 -36.26
N ALA G 446 -20.62 -2.89 -36.96
CA ALA G 446 -19.21 -3.13 -36.65
C ALA G 446 -18.70 -2.11 -35.62
N LEU G 447 -19.06 -0.85 -35.82
CA LEU G 447 -18.79 0.21 -34.85
C LEU G 447 -19.27 -0.13 -33.43
N MET G 448 -20.35 -0.91 -33.29
CA MET G 448 -20.86 -1.24 -31.96
C MET G 448 -19.87 -2.09 -31.14
N ALA G 449 -18.90 -2.70 -31.83
CA ALA G 449 -17.89 -3.54 -31.19
C ALA G 449 -16.90 -2.72 -30.36
N VAL G 450 -16.77 -1.43 -30.69
CA VAL G 450 -15.88 -0.56 -29.93
C VAL G 450 -16.62 0.54 -29.12
N LEU G 451 -17.87 0.28 -28.77
CA LEU G 451 -18.64 1.16 -27.90
C LEU G 451 -18.76 0.47 -26.56
N ARG G 452 -18.61 1.22 -25.48
CA ARG G 452 -18.83 0.69 -24.14
C ARG G 452 -20.27 0.24 -24.07
N ALA G 453 -20.48 -1.08 -24.03
CA ALA G 453 -21.82 -1.67 -24.21
C ALA G 453 -21.79 -3.17 -23.94
N LYS G 454 -22.85 -3.71 -23.36
CA LYS G 454 -22.88 -5.14 -23.10
C LYS G 454 -22.62 -5.94 -24.37
N HIS G 455 -21.90 -7.05 -24.17
CA HIS G 455 -21.63 -8.03 -25.23
C HIS G 455 -20.73 -7.54 -26.39
N ASN G 456 -20.03 -6.43 -26.21
CA ASN G 456 -19.12 -5.96 -27.26
C ASN G 456 -17.93 -6.89 -27.55
N ALA G 457 -17.60 -7.79 -26.62
CA ALA G 457 -16.57 -8.79 -26.87
C ALA G 457 -17.10 -9.80 -27.88
N LEU G 458 -18.37 -10.16 -27.75
CA LEU G 458 -19.03 -11.02 -28.71
C LEU G 458 -18.88 -10.49 -30.12
N ARG G 459 -19.00 -9.18 -30.31
CA ARG G 459 -18.83 -8.60 -31.65
C ARG G 459 -17.38 -8.62 -32.08
N LEU G 460 -16.48 -8.26 -31.16
CA LEU G 460 -15.03 -8.35 -31.39
C LEU G 460 -14.62 -9.77 -31.81
N PHE G 461 -15.13 -10.77 -31.09
CA PHE G 461 -14.90 -12.17 -31.44
C PHE G 461 -15.39 -12.44 -32.87
N GLY G 462 -16.62 -12.05 -33.16
CA GLY G 462 -17.22 -12.29 -34.46
C GLY G 462 -16.47 -11.58 -35.58
N LEU G 463 -15.75 -10.53 -35.23
CA LEU G 463 -14.99 -9.80 -36.24
C LEU G 463 -13.64 -10.48 -36.43
N ALA G 464 -13.16 -11.07 -35.33
CA ALA G 464 -11.77 -11.50 -35.20
C ALA G 464 -11.26 -12.46 -36.28
N GLY G 465 -12.11 -13.40 -36.70
CA GLY G 465 -11.74 -14.37 -37.73
C GLY G 465 -12.17 -13.99 -39.14
N LYS G 466 -12.40 -12.70 -39.42
CA LYS G 466 -12.87 -12.24 -40.73
C LYS G 466 -11.93 -11.23 -41.36
N VAL G 467 -12.07 -11.03 -42.67
CA VAL G 467 -11.55 -9.86 -43.34
C VAL G 467 -12.67 -8.82 -43.29
N VAL G 468 -12.35 -7.56 -42.96
CA VAL G 468 -13.42 -6.59 -42.96
C VAL G 468 -13.27 -5.51 -44.01
N VAL G 469 -14.39 -5.22 -44.65
CA VAL G 469 -14.44 -4.33 -45.77
C VAL G 469 -15.44 -3.24 -45.45
N VAL G 470 -14.98 -2.00 -45.47
CA VAL G 470 -15.88 -0.90 -45.22
C VAL G 470 -15.90 0.01 -46.42
N ASP G 471 -17.11 0.27 -46.91
CA ASP G 471 -17.33 1.02 -48.12
C ASP G 471 -17.71 2.45 -47.79
N GLU G 472 -17.50 3.36 -48.76
CA GLU G 472 -17.85 4.77 -48.62
C GLU G 472 -17.27 5.35 -47.34
N ALA G 473 -15.96 5.22 -47.19
CA ALA G 473 -15.25 5.76 -46.04
C ALA G 473 -15.35 7.26 -45.99
N HIS G 474 -15.53 7.88 -47.16
CA HIS G 474 -15.61 9.33 -47.25
C HIS G 474 -16.91 9.85 -46.63
N ALA G 475 -17.77 8.93 -46.20
CA ALA G 475 -19.08 9.29 -45.67
C ALA G 475 -19.13 9.27 -44.14
N VAL G 476 -18.02 8.93 -43.49
CA VAL G 476 -18.00 8.98 -42.03
C VAL G 476 -17.64 10.38 -41.58
N ASP G 477 -18.40 10.88 -40.62
CA ASP G 477 -18.22 12.23 -40.08
C ASP G 477 -17.22 12.17 -38.90
N PRO G 478 -16.74 13.33 -38.41
CA PRO G 478 -15.81 13.32 -37.28
C PRO G 478 -16.17 12.39 -36.12
N TYR G 479 -17.43 12.38 -35.69
CA TYR G 479 -17.84 11.49 -34.63
C TYR G 479 -17.64 10.02 -34.98
N MET G 480 -18.14 9.62 -36.14
CA MET G 480 -18.03 8.21 -36.57
C MET G 480 -16.60 7.88 -36.92
N GLN G 481 -15.85 8.90 -37.33
CA GLN G 481 -14.45 8.75 -37.71
C GLN G 481 -13.62 8.33 -36.51
N VAL G 482 -13.84 8.96 -35.36
CA VAL G 482 -13.17 8.54 -34.13
C VAL G 482 -13.54 7.08 -33.79
N LEU G 483 -14.82 6.76 -33.94
CA LEU G 483 -15.29 5.37 -33.82
C LEU G 483 -14.62 4.40 -34.78
N LEU G 484 -14.46 4.78 -36.05
CA LEU G 484 -13.79 3.93 -37.03
C LEU G 484 -12.33 3.73 -36.64
N GLU G 485 -11.70 4.79 -36.12
CA GLU G 485 -10.30 4.72 -35.74
C GLU G 485 -10.08 3.72 -34.61
N GLN G 486 -10.98 3.69 -33.65
CA GLN G 486 -10.84 2.71 -32.59
C GLN G 486 -11.08 1.30 -33.10
N LEU G 487 -11.97 1.17 -34.08
CA LEU G 487 -12.22 -0.14 -34.67
C LEU G 487 -10.96 -0.60 -35.39
N LEU G 488 -10.49 0.20 -36.34
CA LEU G 488 -9.23 -0.10 -37.02
C LEU G 488 -8.13 -0.40 -36.02
N ARG G 489 -8.09 0.33 -34.92
CA ARG G 489 -7.03 0.14 -33.95
C ARG G 489 -7.11 -1.26 -33.34
N TRP G 490 -8.30 -1.70 -32.94
CA TRP G 490 -8.48 -3.07 -32.41
C TRP G 490 -8.35 -4.24 -33.41
N LEU G 491 -8.74 -3.98 -34.66
CA LEU G 491 -8.56 -4.95 -35.73
C LEU G 491 -7.05 -5.14 -36.02
N GLY G 492 -6.30 -4.03 -36.08
CA GLY G 492 -4.85 -4.08 -36.17
C GLY G 492 -4.20 -4.96 -35.12
N THR G 493 -4.66 -4.89 -33.88
CA THR G 493 -4.00 -5.70 -32.87
C THR G 493 -4.48 -7.15 -32.87
N LEU G 494 -5.59 -7.41 -33.57
CA LEU G 494 -6.06 -8.79 -33.69
C LEU G 494 -5.66 -9.49 -35.02
N ASP G 495 -4.78 -8.85 -35.81
CA ASP G 495 -4.30 -9.39 -37.09
C ASP G 495 -5.43 -9.61 -38.09
N VAL G 496 -6.44 -8.75 -38.05
CA VAL G 496 -7.49 -8.81 -39.06
C VAL G 496 -7.25 -7.79 -40.15
N PRO G 497 -7.17 -8.27 -41.40
CA PRO G 497 -6.83 -7.39 -42.52
C PRO G 497 -8.06 -6.61 -42.88
N VAL G 498 -7.87 -5.42 -43.44
CA VAL G 498 -8.98 -4.51 -43.64
C VAL G 498 -8.92 -3.93 -45.04
N VAL G 499 -10.06 -3.87 -45.71
CA VAL G 499 -10.16 -3.15 -47.00
C VAL G 499 -11.10 -1.97 -46.86
N LEU G 500 -10.62 -0.80 -47.26
CA LEU G 500 -11.30 0.47 -47.11
C LEU G 500 -11.63 1.09 -48.48
N LEU G 501 -12.90 1.09 -48.85
CA LEU G 501 -13.31 1.71 -50.12
C LEU G 501 -13.88 3.10 -49.88
N SER G 502 -13.67 3.99 -50.82
CA SER G 502 -14.14 5.35 -50.67
C SER G 502 -14.27 6.02 -52.03
N ALA G 503 -15.04 7.11 -52.12
CA ALA G 503 -14.91 8.05 -53.23
C ALA G 503 -13.82 9.01 -52.72
N THR G 504 -13.66 10.16 -53.35
CA THR G 504 -12.52 11.00 -53.02
C THR G 504 -12.47 11.31 -51.52
N LEU G 505 -11.30 11.13 -50.92
CA LEU G 505 -11.10 11.22 -49.47
C LEU G 505 -10.08 12.29 -49.09
N HIS G 506 -10.38 13.14 -48.12
CA HIS G 506 -9.40 14.18 -47.72
C HIS G 506 -8.15 13.52 -47.12
N HIS G 507 -6.96 13.96 -47.51
CA HIS G 507 -5.73 13.27 -47.10
C HIS G 507 -5.60 13.04 -45.59
N SER G 508 -6.04 14.04 -44.82
CA SER G 508 -6.00 13.96 -43.36
C SER G 508 -6.76 12.77 -42.79
N ILE G 509 -7.93 12.47 -43.36
CA ILE G 509 -8.75 11.36 -42.89
C ILE G 509 -8.11 10.02 -43.22
N ALA G 510 -7.49 9.95 -44.39
CA ALA G 510 -6.82 8.74 -44.83
C ALA G 510 -5.60 8.54 -43.95
N ASN G 511 -4.92 9.64 -43.67
CA ASN G 511 -3.85 9.62 -42.68
C ASN G 511 -4.32 9.11 -41.30
N SER G 512 -5.45 9.60 -40.81
CA SER G 512 -5.95 9.16 -39.50
C SER G 512 -6.25 7.67 -39.45
N LEU G 513 -6.84 7.15 -40.52
CA LEU G 513 -7.26 5.75 -40.56
C LEU G 513 -6.11 4.75 -40.71
N VAL G 514 -5.13 5.04 -41.58
CA VAL G 514 -4.01 4.08 -41.67
C VAL G 514 -3.19 4.13 -40.40
N LYS G 515 -3.11 5.33 -39.81
CA LYS G 515 -2.40 5.55 -38.56
C LYS G 515 -3.06 4.76 -37.41
N ALA G 516 -4.38 4.84 -37.32
CA ALA G 516 -5.10 4.02 -36.36
C ALA G 516 -4.81 2.52 -36.59
N TYR G 517 -4.75 2.10 -37.84
CA TYR G 517 -4.51 0.68 -38.11
C TYR G 517 -3.09 0.25 -37.74
N LEU G 518 -2.11 1.11 -38.01
CA LEU G 518 -0.71 0.83 -37.67
C LEU G 518 -0.51 0.87 -36.15
N GLU G 519 -1.08 1.89 -35.49
CA GLU G 519 -1.07 2.00 -34.04
C GLU G 519 -1.50 0.71 -33.34
N GLY G 520 -2.32 -0.10 -34.00
CA GLY G 520 -2.82 -1.33 -33.42
C GLY G 520 -1.88 -2.52 -33.59
N ALA G 521 -1.40 -2.72 -34.81
CA ALA G 521 -0.45 -3.79 -35.11
C ALA G 521 0.83 -3.65 -34.29
N ARG G 522 1.36 -2.43 -34.22
CA ARG G 522 2.65 -2.21 -33.56
C ARG G 522 2.55 -2.13 -32.04
N GLY G 523 1.39 -1.72 -31.52
CA GLY G 523 1.13 -1.78 -30.10
C GLY G 523 1.32 -0.49 -29.34
N ARG G 524 1.67 0.59 -30.04
CA ARG G 524 1.80 1.87 -29.37
C ARG G 524 1.32 3.01 -30.25
N ARG G 525 0.83 4.07 -29.63
CA ARG G 525 0.26 5.22 -30.33
C ARG G 525 1.34 6.05 -30.99
N TRP G 526 0.96 7.16 -31.60
CA TRP G 526 1.91 7.98 -32.34
C TRP G 526 2.51 9.12 -31.52
N ASN G 527 3.79 9.43 -31.77
CA ASN G 527 4.43 10.58 -31.11
C ASN G 527 4.28 11.81 -31.98
N ARG G 528 4.25 12.98 -31.35
CA ARG G 528 4.15 14.25 -32.05
C ARG G 528 5.23 14.39 -33.13
N SER G 529 6.41 13.87 -32.84
CA SER G 529 7.57 14.03 -33.71
C SER G 529 7.63 12.95 -34.79
N GLU G 530 6.86 11.89 -34.60
CA GLU G 530 6.86 10.80 -35.57
C GLU G 530 6.23 11.27 -36.88
N PRO G 531 6.92 11.04 -38.01
CA PRO G 531 6.43 11.54 -39.30
C PRO G 531 5.20 10.77 -39.83
N GLN G 532 4.15 11.48 -40.23
CA GLN G 532 2.88 10.87 -40.64
C GLN G 532 3.00 9.83 -41.76
N PRO G 533 2.19 8.77 -41.71
CA PRO G 533 2.29 7.70 -42.72
C PRO G 533 1.67 8.04 -44.07
N VAL G 534 0.82 9.08 -44.12
CA VAL G 534 0.17 9.49 -45.35
C VAL G 534 0.08 11.02 -45.44
N SER G 535 0.72 11.59 -46.46
CA SER G 535 0.72 13.03 -46.64
C SER G 535 -0.13 13.45 -47.83
N GLU G 536 -0.26 12.54 -48.79
CA GLU G 536 -1.03 12.81 -50.00
C GLU G 536 -1.86 11.59 -50.36
N VAL G 537 -2.94 11.82 -51.10
CA VAL G 537 -3.69 10.71 -51.72
C VAL G 537 -4.00 11.12 -53.15
N SER G 538 -4.00 10.16 -54.06
CA SER G 538 -4.33 10.48 -55.43
C SER G 538 -5.72 9.92 -55.75
N TYR G 539 -6.44 10.59 -56.64
CA TYR G 539 -7.78 10.14 -57.03
C TYR G 539 -7.89 10.05 -58.56
N PRO G 540 -8.10 8.85 -59.09
CA PRO G 540 -8.23 7.60 -58.33
C PRO G 540 -6.87 7.12 -57.85
N GLY G 541 -6.84 5.94 -57.25
CA GLY G 541 -5.59 5.41 -56.74
C GLY G 541 -5.82 4.41 -55.63
N TRP G 542 -4.73 3.77 -55.20
CA TRP G 542 -4.78 2.90 -54.05
C TRP G 542 -3.48 2.92 -53.27
N LEU G 543 -3.42 2.10 -52.22
CA LEU G 543 -2.37 2.17 -51.22
C LEU G 543 -2.45 0.95 -50.29
N HIS G 544 -1.31 0.35 -50.00
CA HIS G 544 -1.26 -0.86 -49.18
C HIS G 544 -0.48 -0.56 -47.92
N VAL G 545 -0.89 -1.16 -46.81
CA VAL G 545 -0.19 -0.98 -45.54
C VAL G 545 0.15 -2.33 -44.92
N ASP G 546 1.44 -2.53 -44.65
CA ASP G 546 1.92 -3.76 -44.07
C ASP G 546 1.94 -3.64 -42.55
N ALA G 547 1.39 -4.64 -41.88
CA ALA G 547 1.25 -4.57 -40.44
C ALA G 547 2.56 -4.94 -39.78
N ARG G 548 3.29 -5.86 -40.40
CA ARG G 548 4.50 -6.43 -39.80
C ARG G 548 5.60 -5.40 -39.55
N ILE G 549 5.90 -4.59 -40.57
CA ILE G 549 6.96 -3.59 -40.48
C ILE G 549 6.45 -2.15 -40.59
N GLY G 550 5.18 -1.98 -40.93
CA GLY G 550 4.60 -0.65 -41.06
C GLY G 550 4.81 0.03 -42.40
N LYS G 551 5.12 -0.72 -43.44
CA LYS G 551 5.46 -0.08 -44.71
C LYS G 551 4.24 0.31 -45.57
N VAL G 552 4.20 1.59 -45.92
CA VAL G 552 3.10 2.12 -46.75
C VAL G 552 3.49 2.28 -48.22
N THR G 553 3.02 1.34 -49.05
CA THR G 553 3.26 1.35 -50.49
C THR G 553 2.09 2.01 -51.20
N ARG G 554 2.35 3.04 -52.00
CA ARG G 554 1.29 3.68 -52.79
C ARG G 554 1.27 3.07 -54.17
N SER G 555 0.24 3.38 -54.94
CA SER G 555 0.13 2.87 -56.30
C SER G 555 1.06 3.65 -57.25
N SER G 556 1.42 4.88 -56.87
CA SER G 556 2.38 5.66 -57.64
C SER G 556 3.75 4.99 -57.60
N ASP G 557 4.06 4.35 -56.48
CA ASP G 557 5.39 3.78 -56.25
C ASP G 557 5.68 2.47 -57.01
N VAL G 558 4.65 1.75 -57.44
CA VAL G 558 4.87 0.50 -58.17
C VAL G 558 4.24 0.51 -59.57
N ASP G 559 3.81 1.69 -60.01
CA ASP G 559 3.33 1.92 -61.37
C ASP G 559 3.23 3.43 -61.61
N PRO G 560 4.12 3.97 -62.47
CA PRO G 560 4.17 5.41 -62.74
C PRO G 560 3.01 5.89 -63.62
N LEU G 561 2.50 5.00 -64.48
CA LEU G 561 1.36 5.33 -65.34
C LEU G 561 0.07 5.33 -64.54
N PRO G 562 -0.59 6.49 -64.43
CA PRO G 562 -1.82 6.64 -63.66
C PRO G 562 -2.91 5.65 -64.10
N ILE G 563 -3.94 5.52 -63.28
CA ILE G 563 -4.96 4.50 -63.48
C ILE G 563 -6.10 5.00 -64.38
N ALA G 564 -6.28 4.36 -65.52
CA ALA G 564 -7.27 4.83 -66.48
C ALA G 564 -8.68 4.52 -66.02
N THR G 565 -9.56 5.51 -66.13
CA THR G 565 -10.97 5.30 -65.84
C THR G 565 -11.81 5.55 -67.08
N THR G 566 -13.12 5.57 -66.90
CA THR G 566 -14.03 6.00 -67.93
C THR G 566 -13.82 7.48 -68.16
N PRO G 567 -13.53 7.86 -69.42
CA PRO G 567 -13.28 9.28 -69.74
C PRO G 567 -14.58 10.05 -69.80
N ARG G 568 -14.57 11.30 -69.34
CA ARG G 568 -15.80 12.07 -69.31
C ARG G 568 -15.62 13.54 -69.62
N LYS G 569 -16.72 14.19 -69.96
CA LYS G 569 -16.71 15.63 -70.21
C LYS G 569 -16.58 16.37 -68.89
N PRO G 570 -15.76 17.44 -68.86
CA PRO G 570 -15.64 18.20 -67.63
C PRO G 570 -16.99 18.79 -67.24
N LEU G 571 -17.15 19.05 -65.95
CA LEU G 571 -18.40 19.57 -65.40
C LEU G 571 -18.34 21.10 -65.31
N GLU G 572 -19.21 21.77 -66.05
CA GLU G 572 -19.34 23.21 -65.90
C GLU G 572 -20.00 23.49 -64.56
N VAL G 573 -19.48 24.49 -63.83
CA VAL G 573 -20.05 24.86 -62.55
C VAL G 573 -20.32 26.36 -62.48
N ARG G 574 -21.59 26.73 -62.34
CA ARG G 574 -21.97 28.14 -62.39
C ARG G 574 -22.62 28.68 -61.13
N LEU G 575 -21.97 29.66 -60.50
CA LEU G 575 -22.53 30.40 -59.36
C LEU G 575 -23.59 31.36 -59.84
N VAL G 576 -24.78 31.27 -59.22
CA VAL G 576 -25.90 32.15 -59.54
C VAL G 576 -26.43 32.81 -58.28
N ASP G 577 -26.41 34.14 -58.23
CA ASP G 577 -26.98 34.88 -57.10
C ASP G 577 -28.50 34.76 -57.06
N VAL G 578 -29.04 34.61 -55.86
CA VAL G 578 -30.46 34.49 -55.66
C VAL G 578 -30.92 35.52 -54.63
N PRO G 579 -31.98 36.28 -54.96
CA PRO G 579 -32.51 37.31 -54.05
C PRO G 579 -32.96 36.72 -52.72
N VAL G 580 -32.89 37.53 -51.67
CA VAL G 580 -33.21 37.09 -50.32
C VAL G 580 -34.43 37.81 -49.76
N LYS G 581 -35.50 37.06 -49.52
CA LYS G 581 -36.68 37.62 -48.89
C LYS G 581 -36.95 36.93 -47.54
N GLU G 582 -36.86 37.69 -46.46
CA GLU G 582 -37.06 37.20 -45.10
C GLU G 582 -36.02 36.17 -44.66
N GLY G 583 -34.74 36.48 -44.90
CA GLY G 583 -33.66 35.60 -44.51
C GLY G 583 -33.65 34.26 -45.22
N ALA G 584 -34.31 34.20 -46.38
CA ALA G 584 -34.37 32.96 -47.17
C ALA G 584 -34.34 33.27 -48.68
N LEU G 585 -33.97 32.27 -49.48
CA LEU G 585 -33.86 32.43 -50.94
C LEU G 585 -35.19 32.48 -51.67
N ASN G 586 -35.37 33.53 -52.48
CA ASN G 586 -36.51 33.61 -53.38
C ASN G 586 -36.17 33.02 -54.75
N ARG G 587 -36.39 31.73 -54.93
CA ARG G 587 -35.89 31.06 -56.13
C ARG G 587 -36.72 31.30 -57.38
N SER G 588 -37.70 32.18 -57.29
CA SER G 588 -38.71 32.32 -58.35
C SER G 588 -38.14 32.77 -59.71
N THR G 589 -37.25 33.76 -59.70
CA THR G 589 -36.61 34.25 -60.92
C THR G 589 -35.68 33.22 -61.55
N VAL G 590 -34.81 32.67 -60.71
CA VAL G 590 -33.75 31.78 -61.17
C VAL G 590 -34.30 30.47 -61.73
N LEU G 591 -35.34 29.94 -61.10
CA LEU G 591 -35.98 28.73 -61.58
C LEU G 591 -36.63 28.88 -62.97
N ALA G 592 -37.44 29.91 -63.16
CA ALA G 592 -38.09 30.14 -64.46
C ALA G 592 -37.07 30.36 -65.56
N LYS G 593 -36.06 31.21 -65.28
CA LYS G 593 -34.94 31.37 -66.19
C LYS G 593 -34.35 30.01 -66.55
N GLU G 594 -33.69 29.39 -65.57
CA GLU G 594 -32.95 28.16 -65.78
C GLU G 594 -33.78 26.99 -66.31
N LEU G 595 -35.07 26.97 -66.03
CA LEU G 595 -35.92 25.84 -66.42
C LEU G 595 -36.71 26.02 -67.71
N THR G 596 -36.74 27.24 -68.25
CA THR G 596 -37.52 27.52 -69.46
C THR G 596 -37.20 26.60 -70.66
N PRO G 597 -35.90 26.50 -71.06
CA PRO G 597 -35.55 25.57 -72.14
C PRO G 597 -36.07 24.17 -71.91
N LEU G 598 -36.24 23.77 -70.66
CA LEU G 598 -36.75 22.45 -70.35
C LEU G 598 -38.22 22.34 -70.69
N VAL G 599 -38.97 23.42 -70.44
CA VAL G 599 -40.39 23.40 -70.77
C VAL G 599 -40.59 23.42 -72.28
N LYS G 600 -39.66 24.05 -72.99
CA LYS G 600 -39.71 24.09 -74.45
C LYS G 600 -39.38 22.72 -75.02
N GLN G 601 -38.16 22.26 -74.73
CA GLN G 601 -37.55 21.16 -75.48
C GLN G 601 -37.52 19.85 -74.71
N GLY G 602 -38.05 19.86 -73.49
CA GLY G 602 -38.03 18.66 -72.66
C GLY G 602 -36.71 18.52 -71.96
N GLY G 603 -36.46 17.33 -71.41
CA GLY G 603 -35.24 17.04 -70.69
C GLY G 603 -35.47 16.86 -69.21
N CYS G 604 -34.43 16.43 -68.51
CA CYS G 604 -34.54 16.10 -67.09
C CYS G 604 -33.62 16.94 -66.25
N ALA G 605 -34.18 17.52 -65.19
CA ALA G 605 -33.35 18.28 -64.25
C ALA G 605 -33.61 17.82 -62.82
N ALA G 606 -32.80 18.33 -61.90
CA ALA G 606 -32.99 18.08 -60.49
C ALA G 606 -32.69 19.36 -59.77
N ILE G 607 -33.54 19.69 -58.81
CA ILE G 607 -33.33 20.84 -57.93
C ILE G 607 -33.04 20.23 -56.55
N ILE G 608 -31.87 20.52 -55.99
CA ILE G 608 -31.53 20.02 -54.66
C ILE G 608 -31.53 21.17 -53.68
N CYS G 609 -32.27 21.00 -52.59
CA CYS G 609 -32.42 22.05 -51.57
C CYS G 609 -31.86 21.56 -50.24
N THR G 610 -31.47 22.51 -49.39
CA THR G 610 -30.78 22.20 -48.13
C THR G 610 -31.72 21.63 -47.06
N THR G 611 -33.00 21.93 -47.13
CA THR G 611 -33.96 21.49 -46.11
C THR G 611 -35.27 20.94 -46.69
N VAL G 612 -36.03 20.24 -45.85
CA VAL G 612 -37.30 19.64 -46.32
C VAL G 612 -38.33 20.73 -46.63
N ALA G 613 -38.42 21.72 -45.75
CA ALA G 613 -39.36 22.79 -45.97
C ALA G 613 -39.06 23.52 -47.28
N GLU G 614 -37.78 23.84 -47.50
CA GLU G 614 -37.38 24.52 -48.72
C GLU G 614 -37.76 23.72 -49.97
N ALA G 615 -37.54 22.41 -49.94
CA ALA G 615 -37.91 21.54 -51.05
C ALA G 615 -39.42 21.45 -51.22
N GLN G 616 -40.15 21.48 -50.10
CA GLN G 616 -41.61 21.52 -50.14
C GLN G 616 -42.05 22.82 -50.81
N GLY G 617 -41.38 23.92 -50.46
CA GLY G 617 -41.64 25.21 -51.06
C GLY G 617 -41.39 25.29 -52.56
N VAL G 618 -40.25 24.76 -53.00
CA VAL G 618 -39.90 24.77 -54.42
C VAL G 618 -40.92 23.97 -55.23
N TYR G 619 -41.25 22.78 -54.73
CA TYR G 619 -42.20 21.90 -55.39
C TYR G 619 -43.49 22.62 -55.61
N ASP G 620 -43.99 23.27 -54.56
CA ASP G 620 -45.19 24.10 -54.67
C ASP G 620 -45.07 25.12 -55.81
N LEU G 621 -43.94 25.85 -55.85
CA LEU G 621 -43.71 26.90 -56.85
C LEU G 621 -43.72 26.36 -58.27
N LEU G 622 -43.03 25.24 -58.50
CA LEU G 622 -43.06 24.59 -59.80
C LEU G 622 -44.45 24.10 -60.09
N SER G 623 -45.12 23.55 -59.08
CA SER G 623 -46.43 22.94 -59.24
C SER G 623 -47.50 23.90 -59.77
N GLN G 624 -47.49 25.14 -59.26
CA GLN G 624 -48.43 26.17 -59.69
C GLN G 624 -48.12 26.66 -61.11
N TRP G 625 -46.84 26.77 -61.41
CA TRP G 625 -46.34 27.17 -62.72
C TRP G 625 -46.78 26.18 -63.78
N PHE G 626 -46.59 24.90 -63.49
CA PHE G 626 -46.87 23.85 -64.45
C PHE G 626 -48.38 23.61 -64.62
N ALA G 627 -49.19 24.28 -63.81
CA ALA G 627 -50.65 24.17 -63.89
C ALA G 627 -51.20 24.92 -65.11
N THR G 628 -50.33 25.20 -66.08
CA THR G 628 -50.71 25.90 -67.28
C THR G 628 -50.32 25.11 -68.57
N LEU G 629 -50.45 23.79 -68.51
CA LEU G 629 -50.35 22.89 -69.67
C LEU G 629 -50.84 21.48 -69.33
N ALA G 633 -46.11 17.40 -68.81
CA ALA G 633 -45.61 18.51 -69.64
C ALA G 633 -45.43 19.80 -68.85
N PRO G 634 -44.36 19.86 -68.01
CA PRO G 634 -43.42 18.78 -67.70
C PRO G 634 -43.83 18.03 -66.44
N ASP G 635 -43.29 16.85 -66.25
CA ASP G 635 -43.53 16.09 -65.02
C ASP G 635 -42.73 16.62 -63.81
N LEU G 636 -43.21 16.32 -62.60
CA LEU G 636 -42.64 16.85 -61.36
C LEU G 636 -42.69 15.80 -60.26
N TYR G 637 -41.57 15.60 -59.57
CA TYR G 637 -41.48 14.59 -58.52
C TYR G 637 -40.87 15.20 -57.25
N LEU G 638 -41.22 14.67 -56.09
CA LEU G 638 -40.64 15.18 -54.84
C LEU G 638 -40.11 14.07 -53.95
N LEU G 639 -38.89 14.23 -53.46
CA LEU G 639 -38.30 13.20 -52.59
C LEU G 639 -37.46 13.82 -51.45
N HIS G 640 -37.74 13.36 -50.24
CA HIS G 640 -36.97 13.67 -49.05
C HIS G 640 -37.31 12.59 -48.02
N SER G 641 -36.77 12.69 -46.80
CA SER G 641 -36.90 11.60 -45.82
C SER G 641 -38.27 11.47 -45.14
N ARG G 642 -39.08 12.53 -45.19
CA ARG G 642 -40.38 12.51 -44.51
C ARG G 642 -41.53 12.02 -45.40
N PHE G 643 -41.43 10.75 -45.81
CA PHE G 643 -42.53 10.08 -46.46
C PHE G 643 -42.69 8.79 -45.70
N PRO G 644 -43.89 8.20 -45.73
CA PRO G 644 -43.99 6.85 -45.14
C PRO G 644 -43.03 5.96 -45.91
N ASN G 645 -42.54 4.88 -45.30
CA ASN G 645 -41.63 3.96 -45.99
C ASN G 645 -42.11 3.53 -47.35
N ARG G 646 -43.27 2.88 -47.36
CA ARG G 646 -43.87 2.41 -48.59
C ARG G 646 -43.83 3.48 -49.67
N GLN G 647 -44.31 4.67 -49.37
CA GLN G 647 -44.38 5.71 -50.38
C GLN G 647 -43.01 6.22 -50.83
N ARG G 648 -41.99 6.13 -49.96
CA ARG G 648 -40.64 6.56 -50.36
C ARG G 648 -39.97 5.56 -51.28
N THR G 649 -40.12 4.28 -50.99
CA THR G 649 -39.61 3.25 -51.89
C THR G 649 -40.32 3.32 -53.26
N GLU G 650 -41.60 3.65 -53.28
CA GLU G 650 -42.33 3.78 -54.54
C GLU G 650 -41.83 4.96 -55.36
N ILE G 651 -41.70 6.12 -54.73
CA ILE G 651 -41.28 7.33 -55.44
C ILE G 651 -39.91 7.12 -56.06
N THR G 652 -39.03 6.48 -55.28
CA THR G 652 -37.65 6.21 -55.68
C THR G 652 -37.60 5.33 -56.90
N ALA G 653 -38.30 4.18 -56.79
CA ALA G 653 -38.42 3.22 -57.88
C ALA G 653 -38.76 3.88 -59.20
N THR G 654 -39.85 4.64 -59.23
CA THR G 654 -40.26 5.25 -60.49
C THR G 654 -39.27 6.33 -60.93
N ILE G 655 -38.46 6.82 -60.00
CA ILE G 655 -37.52 7.89 -60.30
C ILE G 655 -36.21 7.36 -60.89
N VAL G 656 -35.73 6.25 -60.33
CA VAL G 656 -34.55 5.58 -60.87
C VAL G 656 -34.92 4.84 -62.15
N ASP G 657 -36.22 4.63 -62.34
CA ASP G 657 -36.70 3.95 -63.53
C ASP G 657 -36.80 4.92 -64.72
N LEU G 658 -37.07 6.19 -64.47
CA LEU G 658 -37.19 7.13 -65.57
C LEU G 658 -35.82 7.70 -65.89
N PHE G 659 -35.08 8.07 -64.85
CA PHE G 659 -33.85 8.82 -65.04
C PHE G 659 -32.59 7.96 -64.98
N GLY G 660 -32.76 6.68 -64.68
CA GLY G 660 -31.62 5.79 -64.51
C GLY G 660 -31.23 4.98 -65.73
N LYS G 661 -30.25 4.10 -65.55
CA LYS G 661 -29.66 3.33 -66.64
C LYS G 661 -30.68 2.47 -67.38
N GLU G 662 -31.37 1.60 -66.64
CA GLU G 662 -32.37 0.71 -67.22
C GLU G 662 -33.54 1.50 -67.80
N GLY G 663 -33.69 2.74 -67.38
CA GLY G 663 -34.70 3.61 -67.94
C GLY G 663 -34.33 4.06 -69.33
N ALA G 664 -33.07 4.46 -69.51
CA ALA G 664 -32.57 4.78 -70.83
C ALA G 664 -32.49 3.52 -71.72
N GLN G 665 -31.80 2.47 -71.26
CA GLN G 665 -31.70 1.20 -72.00
C GLN G 665 -33.05 0.63 -72.49
N SER G 666 -34.15 0.98 -71.84
CA SER G 666 -35.48 0.49 -72.21
C SER G 666 -36.28 1.58 -72.87
N GLY G 667 -35.60 2.65 -73.24
CA GLY G 667 -36.24 3.80 -73.87
C GLY G 667 -37.37 4.45 -73.08
N ARG G 668 -37.41 4.22 -71.77
CA ARG G 668 -38.48 4.77 -70.92
C ARG G 668 -38.19 6.20 -70.48
N ARG G 669 -36.97 6.66 -70.74
CA ARG G 669 -36.57 7.98 -70.34
C ARG G 669 -37.50 9.00 -70.99
N PRO G 670 -38.16 9.82 -70.16
CA PRO G 670 -39.16 10.78 -70.64
C PRO G 670 -38.57 11.78 -71.62
N THR G 671 -39.13 11.76 -72.83
CA THR G 671 -38.76 12.72 -73.87
C THR G 671 -39.29 14.11 -73.52
N ARG G 672 -40.47 14.15 -72.91
CA ARG G 672 -41.04 15.41 -72.42
C ARG G 672 -40.25 15.93 -71.23
N GLY G 673 -40.69 17.06 -70.68
CA GLY G 673 -40.05 17.61 -69.49
C GLY G 673 -40.24 16.74 -68.26
N ALA G 674 -39.22 16.70 -67.40
CA ALA G 674 -39.31 16.02 -66.10
C ALA G 674 -38.38 16.69 -65.09
N VAL G 675 -38.95 17.27 -64.03
CA VAL G 675 -38.17 17.88 -62.95
C VAL G 675 -38.31 17.09 -61.64
N LEU G 676 -37.19 16.89 -60.95
CA LEU G 676 -37.19 16.27 -59.64
C LEU G 676 -36.74 17.28 -58.59
N VAL G 677 -37.56 17.57 -57.59
CA VAL G 677 -37.17 18.43 -56.47
C VAL G 677 -36.74 17.53 -55.31
N ALA G 678 -35.54 17.74 -54.76
CA ALA G 678 -35.09 16.87 -53.67
C ALA G 678 -34.21 17.54 -52.62
N THR G 679 -34.00 16.80 -51.54
CA THR G 679 -33.04 17.21 -50.58
C THR G 679 -31.85 16.20 -50.62
N GLN G 680 -31.02 16.16 -49.67
CA GLN G 680 -29.76 15.43 -49.78
C GLN G 680 -29.96 13.88 -49.82
N VAL G 681 -31.19 13.46 -50.04
CA VAL G 681 -31.46 12.05 -50.30
C VAL G 681 -30.75 11.64 -51.60
N VAL G 682 -30.43 12.66 -52.40
CA VAL G 682 -29.79 12.47 -53.69
C VAL G 682 -28.32 12.03 -53.59
N GLU G 683 -27.74 12.14 -52.39
CA GLU G 683 -26.34 11.82 -52.17
C GLU G 683 -26.11 10.37 -51.81
N GLN G 684 -27.13 9.52 -51.94
CA GLN G 684 -26.95 8.11 -51.59
C GLN G 684 -27.55 7.12 -52.56
N SER G 685 -26.68 6.41 -53.28
CA SER G 685 -27.02 5.25 -54.11
C SER G 685 -28.29 5.40 -54.94
N LEU G 686 -28.41 6.52 -55.65
CA LEU G 686 -29.53 6.73 -56.53
C LEU G 686 -29.07 6.69 -57.97
N ASP G 687 -29.54 5.69 -58.73
CA ASP G 687 -29.24 5.66 -60.15
C ASP G 687 -30.02 6.75 -60.87
N LEU G 688 -29.38 7.91 -61.02
CA LEU G 688 -29.98 9.02 -61.73
C LEU G 688 -28.99 9.58 -62.73
N ASP G 689 -29.46 9.82 -63.95
CA ASP G 689 -28.75 10.67 -64.89
C ASP G 689 -29.64 11.85 -65.18
N VAL G 690 -29.17 13.05 -64.86
CA VAL G 690 -29.94 14.24 -65.19
C VAL G 690 -29.16 15.11 -66.16
N ASP G 691 -29.88 15.87 -66.99
CA ASP G 691 -29.23 16.68 -68.00
C ASP G 691 -28.75 17.96 -67.39
N LEU G 692 -29.41 18.40 -66.32
CA LEU G 692 -29.04 19.63 -65.62
C LEU G 692 -29.16 19.49 -64.10
N MET G 693 -28.25 20.11 -63.35
CA MET G 693 -28.45 20.23 -61.90
C MET G 693 -28.37 21.65 -61.36
N ILE G 694 -29.38 21.98 -60.55
CA ILE G 694 -29.39 23.20 -59.75
C ILE G 694 -29.41 22.76 -58.30
N SER G 695 -28.42 23.23 -57.53
CA SER G 695 -28.30 22.88 -56.12
C SER G 695 -27.98 24.13 -55.30
N ASP G 696 -28.51 24.21 -54.07
CA ASP G 696 -28.05 25.21 -53.12
C ASP G 696 -26.58 24.95 -52.88
N LEU G 697 -25.86 25.95 -52.41
CA LEU G 697 -24.48 25.74 -51.99
C LEU G 697 -24.37 24.64 -50.93
N ALA G 698 -23.24 23.94 -50.93
CA ALA G 698 -22.95 22.88 -49.97
C ALA G 698 -21.43 22.78 -49.92
N PRO G 699 -20.86 22.11 -48.90
CA PRO G 699 -19.41 21.89 -48.95
C PRO G 699 -18.99 21.18 -50.23
N VAL G 700 -17.89 21.61 -50.87
CA VAL G 700 -17.43 21.05 -52.17
C VAL G 700 -17.55 19.52 -52.29
N SER G 701 -17.03 18.80 -51.30
CA SER G 701 -17.13 17.34 -51.24
C SER G 701 -18.55 16.82 -51.53
N LEU G 702 -19.57 17.56 -51.09
CA LEU G 702 -20.94 17.09 -51.21
C LEU G 702 -21.59 17.59 -52.49
N LEU G 703 -21.13 18.74 -52.96
CA LEU G 703 -21.55 19.28 -54.24
C LEU G 703 -21.11 18.31 -55.34
N LEU G 704 -19.86 17.88 -55.25
CA LEU G 704 -19.29 16.93 -56.20
C LEU G 704 -20.04 15.62 -56.16
N GLN G 705 -20.25 15.09 -54.95
CA GLN G 705 -21.02 13.87 -54.82
C GLN G 705 -22.43 14.03 -55.40
N ARG G 706 -22.99 15.23 -55.26
CA ARG G 706 -24.27 15.59 -55.87
C ARG G 706 -24.18 15.56 -57.39
N ALA G 707 -23.19 16.28 -57.92
CA ALA G 707 -22.99 16.44 -59.37
C ALA G 707 -22.67 15.13 -60.10
N GLY G 708 -22.41 14.06 -59.36
CA GLY G 708 -22.17 12.78 -59.96
C GLY G 708 -23.38 12.15 -60.60
N ARG G 709 -24.46 12.92 -60.71
CA ARG G 709 -25.67 12.47 -61.38
C ARG G 709 -25.87 13.25 -62.68
N CYS G 710 -25.05 14.28 -62.89
CA CYS G 710 -25.05 15.06 -64.13
C CYS G 710 -24.38 14.29 -65.25
N TRP G 711 -25.17 13.82 -66.21
CA TRP G 711 -24.65 13.03 -67.34
C TRP G 711 -23.84 11.86 -66.83
N ARG G 712 -24.36 11.22 -65.79
CA ARG G 712 -23.74 10.04 -65.22
C ARG G 712 -23.47 8.98 -66.30
N HIS G 713 -24.49 8.67 -67.11
CA HIS G 713 -24.40 7.60 -68.11
C HIS G 713 -24.21 8.10 -69.53
N GLU G 714 -23.32 9.08 -69.72
CA GLU G 714 -23.09 9.67 -71.03
C GLU G 714 -22.25 8.77 -71.93
N HIS G 715 -21.20 8.19 -71.37
CA HIS G 715 -20.33 7.26 -72.08
C HIS G 715 -21.11 6.14 -72.80
N LEU G 716 -22.25 5.77 -72.23
CA LEU G 716 -23.04 4.68 -72.78
C LEU G 716 -23.61 4.99 -74.17
N GLY G 717 -23.52 6.26 -74.57
CA GLY G 717 -24.11 6.71 -75.82
C GLY G 717 -25.58 6.37 -75.93
N ILE G 718 -26.24 6.25 -74.78
CA ILE G 718 -27.55 5.62 -74.72
C ILE G 718 -28.71 6.59 -74.50
N ILE G 719 -28.46 7.74 -73.85
CA ILE G 719 -29.51 8.75 -73.65
C ILE G 719 -29.39 9.92 -74.64
N ASN G 720 -30.52 10.38 -75.16
CA ASN G 720 -30.53 11.53 -76.07
C ASN G 720 -30.90 12.82 -75.35
N ARG G 721 -29.93 13.73 -75.24
CA ARG G 721 -30.14 14.97 -74.52
C ARG G 721 -30.74 15.99 -75.47
N PRO G 722 -31.59 16.88 -74.93
CA PRO G 722 -32.16 17.96 -75.75
C PRO G 722 -31.08 18.83 -76.38
N GLN G 723 -31.52 19.78 -77.20
CA GLN G 723 -30.60 20.67 -77.89
C GLN G 723 -29.96 21.68 -76.93
N TRP G 724 -30.64 21.95 -75.81
CA TRP G 724 -30.17 22.94 -74.85
C TRP G 724 -29.19 22.37 -73.83
N ALA G 725 -29.10 21.04 -73.77
CA ALA G 725 -28.14 20.36 -72.90
C ALA G 725 -26.81 20.17 -73.62
N LYS G 726 -26.04 21.26 -73.73
CA LYS G 726 -24.77 21.25 -74.44
C LYS G 726 -23.63 20.61 -73.63
N GLN G 727 -23.53 20.99 -72.36
CA GLN G 727 -22.48 20.48 -71.48
C GLN G 727 -23.09 19.86 -70.22
N PRO G 728 -22.37 18.92 -69.59
CA PRO G 728 -22.83 18.56 -68.25
C PRO G 728 -22.60 19.77 -67.34
N GLU G 729 -23.65 20.25 -66.67
CA GLU G 729 -23.56 21.49 -65.92
C GLU G 729 -24.25 21.46 -64.55
N LEU G 730 -23.62 22.11 -63.58
CA LEU G 730 -24.15 22.26 -62.23
C LEU G 730 -24.33 23.74 -61.90
N VAL G 731 -25.58 24.15 -61.67
CA VAL G 731 -25.87 25.52 -61.26
C VAL G 731 -25.93 25.58 -59.75
N VAL G 732 -25.14 26.47 -59.15
CA VAL G 732 -25.06 26.54 -57.70
C VAL G 732 -25.70 27.81 -57.18
N LEU G 733 -26.82 27.64 -56.48
CA LEU G 733 -27.57 28.76 -55.92
C LEU G 733 -26.90 29.35 -54.67
N THR G 734 -26.61 30.64 -54.72
CA THR G 734 -26.04 31.37 -53.58
C THR G 734 -26.85 32.67 -53.35
N PRO G 735 -26.94 33.14 -52.09
CA PRO G 735 -27.64 34.40 -51.83
C PRO G 735 -26.81 35.60 -52.28
N GLU G 736 -27.47 36.66 -52.71
CA GLU G 736 -26.72 37.86 -53.07
C GLU G 736 -26.34 38.65 -51.82
N GLN G 737 -25.08 39.06 -51.76
CA GLN G 737 -24.54 39.70 -50.57
C GLN G 737 -24.81 41.21 -50.47
N ASN G 738 -24.70 41.74 -49.25
CA ASN G 738 -24.96 43.14 -48.99
C ASN G 738 -23.94 43.74 -48.01
N ARG G 743 -18.33 41.50 -45.31
CA ARG G 743 -17.60 41.22 -46.54
C ARG G 743 -17.36 39.73 -46.73
N ALA G 744 -17.49 38.97 -45.63
CA ALA G 744 -17.44 37.52 -45.71
C ALA G 744 -18.87 36.99 -45.89
N PRO G 745 -19.06 36.07 -46.84
CA PRO G 745 -20.38 35.66 -47.37
C PRO G 745 -21.43 35.30 -46.31
N TRP G 746 -22.63 35.83 -46.46
CA TRP G 746 -23.74 35.53 -45.58
C TRP G 746 -24.56 34.37 -46.16
N PHE G 747 -25.10 33.51 -45.30
CA PHE G 747 -25.96 32.43 -45.77
C PHE G 747 -27.23 32.28 -44.92
N PRO G 748 -28.29 31.69 -45.50
CA PRO G 748 -29.54 31.54 -44.75
C PRO G 748 -29.34 30.77 -43.46
N ARG G 749 -30.08 31.14 -42.42
CA ARG G 749 -29.97 30.48 -41.12
C ARG G 749 -30.31 28.99 -41.21
N SER G 750 -31.20 28.64 -42.15
CA SER G 750 -31.62 27.24 -42.32
C SER G 750 -30.51 26.41 -42.98
N TRP G 751 -29.59 27.08 -43.67
CA TRP G 751 -28.42 26.44 -44.23
C TRP G 751 -27.37 26.26 -43.16
N THR G 752 -27.11 27.30 -42.38
CA THR G 752 -26.07 27.23 -41.35
C THR G 752 -26.42 26.28 -40.19
N SER G 753 -27.64 25.78 -40.13
CA SER G 753 -28.02 24.80 -39.12
C SER G 753 -27.54 23.42 -39.50
N VAL G 754 -27.41 23.18 -40.80
CA VAL G 754 -27.02 21.85 -41.26
C VAL G 754 -25.56 21.77 -41.65
N TYR G 755 -25.05 22.83 -42.29
CA TYR G 755 -23.63 22.93 -42.64
C TYR G 755 -22.98 24.09 -41.89
N PRO G 756 -21.76 23.88 -41.39
CA PRO G 756 -20.99 24.94 -40.70
C PRO G 756 -20.76 26.14 -41.59
N LEU G 757 -21.20 27.32 -41.18
CA LEU G 757 -21.03 28.54 -41.99
C LEU G 757 -19.65 28.70 -42.62
N ALA G 758 -18.63 28.35 -41.87
CA ALA G 758 -17.25 28.49 -42.34
C ALA G 758 -16.98 27.59 -43.56
N LEU G 759 -17.51 26.38 -43.53
CA LEU G 759 -17.38 25.47 -44.65
C LEU G 759 -18.14 26.02 -45.85
N LEU G 760 -19.30 26.62 -45.59
CA LEU G 760 -20.07 27.23 -46.66
C LEU G 760 -19.29 28.43 -47.23
N GLN G 761 -18.67 29.22 -46.37
CA GLN G 761 -17.88 30.35 -46.85
C GLN G 761 -16.62 29.93 -47.64
N ARG G 762 -15.91 28.96 -47.10
CA ARG G 762 -14.69 28.47 -47.74
C ARG G 762 -14.98 27.84 -49.10
N THR G 763 -16.07 27.08 -49.18
CA THR G 763 -16.50 26.49 -50.43
C THR G 763 -16.84 27.56 -51.46
N TYR G 764 -17.48 28.65 -51.04
CA TYR G 764 -17.87 29.69 -52.00
C TYR G 764 -16.65 30.42 -52.54
N THR G 765 -15.67 30.68 -51.69
CA THR G 765 -14.54 31.49 -52.11
C THR G 765 -13.73 30.70 -53.11
N LEU G 766 -13.64 29.40 -52.87
CA LEU G 766 -12.94 28.46 -53.74
C LEU G 766 -13.54 28.40 -55.15
N LEU G 767 -14.87 28.36 -55.23
CA LEU G 767 -15.57 28.29 -56.50
C LEU G 767 -15.61 29.64 -57.22
N ARG G 768 -15.75 30.72 -56.47
CA ARG G 768 -15.75 32.06 -57.08
C ARG G 768 -14.38 32.32 -57.68
N ARG G 769 -13.36 31.79 -57.02
CA ARG G 769 -11.98 31.98 -57.41
C ARG G 769 -11.67 31.34 -58.76
N ARG G 770 -12.30 30.20 -59.06
CA ARG G 770 -12.11 29.49 -60.32
C ARG G 770 -12.63 30.22 -61.57
N ASN G 771 -13.33 31.33 -61.37
CA ASN G 771 -13.80 32.16 -62.48
C ASN G 771 -14.48 31.42 -63.62
N GLY G 772 -15.36 30.48 -63.30
CA GLY G 772 -16.18 29.82 -64.30
C GLY G 772 -15.53 28.59 -64.93
N ALA G 773 -14.27 28.35 -64.56
CA ALA G 773 -13.54 27.22 -65.07
C ALA G 773 -14.24 25.94 -64.68
N PRO G 774 -14.44 25.05 -65.65
CA PRO G 774 -15.13 23.79 -65.40
C PRO G 774 -14.23 22.86 -64.60
N VAL G 775 -14.80 21.79 -64.08
CA VAL G 775 -14.03 20.85 -63.28
C VAL G 775 -13.72 19.58 -64.05
N GLN G 776 -12.43 19.33 -64.23
CA GLN G 776 -11.99 18.08 -64.85
C GLN G 776 -12.20 16.92 -63.88
N ILE G 777 -12.77 15.83 -64.39
CA ILE G 777 -13.07 14.67 -63.56
C ILE G 777 -12.31 13.47 -64.08
N PRO G 778 -11.50 12.83 -63.22
CA PRO G 778 -11.36 13.16 -61.80
C PRO G 778 -10.07 13.89 -61.42
N GLU G 779 -9.49 14.60 -62.37
CA GLU G 779 -8.25 15.31 -62.14
C GLU G 779 -8.34 16.33 -61.05
N ASP G 780 -9.34 17.18 -61.09
CA ASP G 780 -9.49 18.34 -60.21
C ASP G 780 -10.19 18.06 -58.87
N VAL G 781 -10.80 16.88 -58.74
CA VAL G 781 -11.60 16.55 -57.56
C VAL G 781 -10.79 16.47 -56.27
N GLN G 782 -9.74 15.65 -56.26
CA GLN G 782 -8.90 15.53 -55.07
C GLN G 782 -8.36 16.87 -54.57
N GLN G 783 -8.07 17.78 -55.49
CA GLN G 783 -7.50 19.07 -55.14
C GLN G 783 -8.50 19.90 -54.36
N LEU G 784 -9.74 19.97 -54.87
CA LEU G 784 -10.79 20.77 -54.27
C LEU G 784 -11.18 20.25 -52.89
N VAL G 785 -11.39 18.94 -52.78
CA VAL G 785 -11.67 18.30 -51.50
C VAL G 785 -10.61 18.64 -50.46
N ASP G 786 -9.35 18.49 -50.82
CA ASP G 786 -8.25 18.88 -49.94
C ASP G 786 -8.23 20.37 -49.63
N ASP G 787 -8.13 21.21 -50.66
CA ASP G 787 -7.82 22.63 -50.44
C ASP G 787 -8.86 23.35 -49.61
N VAL G 788 -10.12 22.98 -49.81
CA VAL G 788 -11.24 23.62 -49.12
C VAL G 788 -11.01 23.66 -47.60
N TYR G 789 -10.21 22.72 -47.09
CA TYR G 789 -9.88 22.66 -45.68
C TYR G 789 -8.45 23.11 -45.42
N ASP G 790 -7.56 22.92 -46.40
CA ASP G 790 -6.15 23.24 -46.19
C ASP G 790 -5.80 24.72 -46.40
N ASP G 791 -6.46 25.36 -47.35
CA ASP G 791 -6.12 26.73 -47.73
C ASP G 791 -6.70 27.77 -46.75
N ASP G 792 -5.84 28.35 -45.93
CA ASP G 792 -6.26 29.30 -44.90
C ASP G 792 -6.87 30.57 -45.44
N SER G 793 -6.54 30.90 -46.68
CA SER G 793 -6.96 32.16 -47.27
C SER G 793 -8.45 32.15 -47.63
N LEU G 794 -9.03 30.95 -47.67
CA LEU G 794 -10.44 30.79 -48.02
C LEU G 794 -11.37 31.22 -46.87
N ALA G 795 -10.79 31.43 -45.69
CA ALA G 795 -11.56 31.76 -44.51
C ALA G 795 -11.38 33.21 -44.07
N GLU G 796 -12.22 34.11 -44.58
CA GLU G 796 -12.12 35.52 -44.21
C GLU G 796 -12.82 35.82 -42.90
N ASP G 797 -13.78 34.98 -42.55
CA ASP G 797 -14.49 35.13 -41.28
C ASP G 797 -13.78 34.25 -40.27
N LEU G 798 -12.86 34.83 -39.50
CA LEU G 798 -12.03 34.02 -38.59
C LEU G 798 -12.83 33.41 -37.43
N GLU G 799 -13.87 34.13 -36.98
CA GLU G 799 -14.68 33.67 -35.85
C GLU G 799 -15.51 32.45 -36.24
N ALA G 800 -16.11 32.51 -37.42
CA ALA G 800 -16.89 31.40 -37.95
C ALA G 800 -15.99 30.17 -38.12
N ASP G 801 -14.77 30.41 -38.60
CA ASP G 801 -13.83 29.33 -38.85
C ASP G 801 -13.34 28.70 -37.55
N MET G 802 -13.15 29.53 -36.53
CA MET G 802 -12.83 28.99 -35.22
C MET G 802 -13.99 28.17 -34.64
N GLU G 803 -15.22 28.64 -34.82
CA GLU G 803 -16.36 27.92 -34.28
C GLU G 803 -16.48 26.56 -34.92
N ARG G 804 -16.11 26.49 -36.20
CA ARG G 804 -16.17 25.24 -36.94
C ARG G 804 -15.21 24.23 -36.37
N MET G 805 -14.00 24.68 -36.07
CA MET G 805 -13.00 23.75 -35.55
C MET G 805 -13.40 23.36 -34.15
N GLY G 806 -14.06 24.28 -33.45
CA GLY G 806 -14.56 24.00 -32.12
C GLY G 806 -15.64 22.94 -32.13
N GLU G 807 -16.56 23.02 -33.09
CA GLU G 807 -17.63 22.04 -33.23
C GLU G 807 -17.06 20.65 -33.56
N GLU G 808 -16.05 20.61 -34.42
CA GLU G 808 -15.39 19.37 -34.77
C GLU G 808 -14.71 18.74 -33.56
N LEU G 809 -14.08 19.60 -32.77
CA LEU G 809 -13.44 19.21 -31.52
C LEU G 809 -14.46 18.60 -30.57
N ALA G 810 -15.70 19.05 -30.69
CA ALA G 810 -16.74 18.59 -29.79
C ALA G 810 -17.18 17.17 -30.14
N GLN G 811 -17.46 16.95 -31.42
CA GLN G 811 -17.77 15.64 -31.96
C GLN G 811 -16.70 14.60 -31.66
N ARG G 812 -15.44 14.90 -31.95
CA ARG G 812 -14.35 13.97 -31.62
C ARG G 812 -14.27 13.66 -30.12
N GLY G 813 -14.47 14.67 -29.28
CA GLY G 813 -14.41 14.49 -27.84
C GLY G 813 -15.51 13.60 -27.29
N LEU G 814 -16.74 13.82 -27.75
CA LEU G 814 -17.85 13.00 -27.32
C LEU G 814 -17.66 11.53 -27.72
N ALA G 815 -17.20 11.31 -28.97
CA ALA G 815 -16.90 9.97 -29.47
C ALA G 815 -15.85 9.30 -28.63
N ARG G 816 -14.79 10.03 -28.29
CA ARG G 816 -13.72 9.49 -27.45
C ARG G 816 -14.27 8.99 -26.11
N ASN G 817 -15.39 9.55 -25.68
CA ASN G 817 -15.97 9.18 -24.41
C ASN G 817 -16.89 7.99 -24.53
N ALA G 818 -17.22 7.62 -25.76
CA ALA G 818 -18.16 6.55 -26.01
C ALA G 818 -17.42 5.24 -26.21
N VAL G 819 -16.23 5.32 -26.84
CA VAL G 819 -15.43 4.13 -27.15
C VAL G 819 -14.73 3.45 -25.99
N ILE G 820 -14.52 2.15 -26.17
CA ILE G 820 -13.71 1.34 -25.30
C ILE G 820 -12.27 1.85 -25.34
N PRO G 821 -11.41 1.41 -24.40
CA PRO G 821 -10.02 1.88 -24.34
C PRO G 821 -9.18 1.52 -25.57
N ASP G 822 -8.11 2.27 -25.84
CA ASP G 822 -7.10 1.83 -26.80
C ASP G 822 -6.59 0.47 -26.34
N PRO G 823 -6.14 -0.37 -27.29
CA PRO G 823 -5.79 -1.74 -26.87
C PRO G 823 -4.59 -1.81 -25.90
N ASP G 824 -3.65 -0.87 -25.99
CA ASP G 824 -2.57 -0.79 -24.97
C ASP G 824 -3.13 -0.52 -23.58
N ASP G 825 -4.09 0.39 -23.49
CA ASP G 825 -4.72 0.72 -22.20
C ASP G 825 -5.53 -0.43 -21.59
N ALA G 826 -5.80 -1.47 -22.37
CA ALA G 826 -6.55 -2.63 -21.87
C ALA G 826 -5.70 -3.90 -21.74
N GLU G 827 -4.38 -3.73 -21.84
CA GLU G 827 -3.44 -4.84 -21.70
C GLU G 827 -3.69 -5.79 -20.52
N ASP G 828 -3.93 -5.26 -19.34
CA ASP G 828 -4.13 -6.15 -18.19
C ASP G 828 -5.48 -5.97 -17.49
N ASN G 829 -6.38 -5.24 -18.12
CA ASN G 829 -7.68 -4.98 -17.51
C ASN G 829 -8.82 -4.75 -18.53
N LEU G 830 -9.88 -5.55 -18.40
CA LEU G 830 -10.98 -5.55 -19.37
C LEU G 830 -12.13 -4.63 -18.93
N ASN G 831 -12.08 -4.19 -17.68
CA ASN G 831 -13.19 -3.43 -17.10
C ASN G 831 -13.64 -2.23 -17.96
N GLY G 832 -12.67 -1.44 -18.42
CA GLY G 832 -12.99 -0.30 -19.27
C GLY G 832 -13.76 -0.60 -20.54
N LEU G 833 -13.86 -1.87 -20.95
CA LEU G 833 -14.56 -2.19 -22.19
C LEU G 833 -16.06 -2.04 -22.04
N THR G 834 -16.59 -2.41 -20.88
CA THR G 834 -18.03 -2.32 -20.65
C THR G 834 -18.40 -1.33 -19.53
N GLU G 835 -17.57 -0.33 -19.27
CA GLU G 835 -17.83 0.56 -18.15
C GLU G 835 -18.51 1.87 -18.56
N PHE G 836 -19.56 2.23 -17.84
CA PHE G 836 -20.19 3.55 -17.97
C PHE G 836 -21.08 3.86 -16.76
N SER G 837 -21.62 5.08 -16.72
CA SER G 837 -22.48 5.54 -15.61
C SER G 837 -23.46 6.62 -16.05
N VAL G 844 -27.91 4.58 -23.54
CA VAL G 844 -27.40 3.78 -24.65
C VAL G 844 -26.55 4.64 -25.60
N LEU G 845 -25.29 4.21 -25.84
CA LEU G 845 -24.33 5.02 -26.61
C LEU G 845 -24.56 4.96 -28.14
N ALA G 846 -24.45 6.09 -28.81
CA ALA G 846 -24.79 6.17 -30.24
C ALA G 846 -23.62 5.91 -31.21
N THR G 847 -23.92 5.26 -32.33
CA THR G 847 -22.98 5.13 -33.44
C THR G 847 -22.94 6.39 -34.30
N ARG G 848 -24.02 7.16 -34.29
CA ARG G 848 -24.02 8.43 -35.05
C ARG G 848 -24.19 9.64 -34.16
N PHE G 849 -23.69 10.78 -34.62
CA PHE G 849 -23.75 12.02 -33.83
C PHE G 849 -25.04 12.77 -34.08
N GLY G 850 -25.60 13.36 -33.02
CA GLY G 850 -26.73 14.26 -33.18
C GLY G 850 -27.98 13.79 -32.48
N ALA G 851 -29.04 14.56 -32.66
CA ALA G 851 -30.32 14.28 -32.00
C ALA G 851 -30.93 12.95 -32.40
N GLY G 852 -30.86 12.62 -33.68
CA GLY G 852 -31.45 11.38 -34.16
C GLY G 852 -32.85 11.48 -34.74
N SER G 853 -33.54 10.34 -34.76
CA SER G 853 -34.85 10.24 -35.39
C SER G 853 -35.76 9.31 -34.60
N VAL G 854 -37.05 9.62 -34.55
CA VAL G 854 -38.03 8.64 -34.12
C VAL G 854 -38.97 8.35 -35.28
N ARG G 855 -39.44 7.12 -35.38
CA ARG G 855 -40.40 6.78 -36.42
C ARG G 855 -41.78 7.07 -35.90
N VAL G 856 -42.50 7.97 -36.56
CA VAL G 856 -43.89 8.22 -36.21
C VAL G 856 -44.85 7.38 -37.07
N LEU G 857 -46.06 7.12 -36.54
CA LEU G 857 -47.16 6.56 -37.35
C LEU G 857 -48.38 7.47 -37.26
N CYS G 858 -48.74 8.08 -38.39
CA CYS G 858 -49.92 8.91 -38.50
C CYS G 858 -51.22 8.11 -38.44
N TYR G 859 -52.17 8.53 -37.62
CA TYR G 859 -53.50 7.90 -37.69
C TYR G 859 -54.63 8.87 -37.99
N TYR G 860 -55.74 8.33 -38.43
CA TYR G 860 -56.85 9.18 -38.83
C TYR G 860 -58.03 8.95 -37.91
N VAL G 861 -58.62 10.04 -37.46
CA VAL G 861 -59.76 9.97 -36.53
C VAL G 861 -60.94 10.79 -37.08
N ASP G 862 -62.07 10.12 -37.23
CA ASP G 862 -63.32 10.70 -37.70
C ASP G 862 -64.12 11.31 -36.60
N THR G 863 -65.20 11.95 -36.98
CA THR G 863 -66.07 12.63 -36.07
C THR G 863 -66.67 11.72 -35.00
N ALA G 864 -67.02 10.50 -35.35
CA ALA G 864 -67.46 9.53 -34.36
C ALA G 864 -66.36 9.11 -33.39
N GLY G 865 -65.11 9.33 -33.74
CA GLY G 865 -63.98 8.94 -32.92
C GLY G 865 -63.26 7.66 -33.26
N ASN G 866 -63.68 7.01 -34.32
CA ASN G 866 -63.02 5.80 -34.76
C ASN G 866 -61.69 6.11 -35.44
N ARG G 867 -60.65 5.35 -35.10
CA ARG G 867 -59.32 5.59 -35.64
C ARG G 867 -59.07 4.65 -36.83
N TRP G 868 -58.43 5.17 -37.87
CA TRP G 868 -58.18 4.40 -39.08
C TRP G 868 -56.70 4.55 -39.52
N LEU G 869 -56.19 3.66 -40.38
CA LEU G 869 -54.83 3.77 -40.91
C LEU G 869 -54.67 4.60 -42.20
N ASP G 870 -55.79 4.95 -42.84
CA ASP G 870 -55.75 5.73 -44.07
C ASP G 870 -56.74 6.88 -44.02
N PRO G 871 -56.49 7.95 -44.81
CA PRO G 871 -57.38 9.12 -44.86
C PRO G 871 -58.84 8.77 -45.20
N GLU G 872 -59.03 7.85 -46.15
CA GLU G 872 -60.37 7.44 -46.60
C GLU G 872 -61.15 6.75 -45.51
N CYS G 873 -60.47 6.39 -44.42
CA CYS G 873 -61.11 5.81 -43.24
C CYS G 873 -61.75 4.46 -43.52
N THR G 874 -61.08 3.68 -44.35
CA THR G 874 -61.56 2.36 -44.77
C THR G 874 -60.81 1.27 -44.02
N VAL G 875 -59.61 1.61 -43.55
CA VAL G 875 -58.74 0.63 -42.89
C VAL G 875 -58.73 0.79 -41.39
N GLU G 876 -59.39 -0.15 -40.72
CA GLU G 876 -59.46 -0.20 -39.26
C GLU G 876 -58.06 -0.07 -38.61
N PHE G 877 -57.95 0.76 -37.58
CA PHE G 877 -56.72 0.89 -36.79
C PHE G 877 -56.63 -0.29 -35.84
N PRO G 878 -55.57 -1.08 -35.97
CA PRO G 878 -55.38 -2.31 -35.19
C PRO G 878 -55.13 -2.03 -33.72
N GLU G 879 -56.13 -2.26 -32.89
CA GLU G 879 -55.96 -2.20 -31.44
C GLU G 879 -55.26 -3.49 -30.98
N GLN G 880 -55.38 -4.53 -31.80
CA GLN G 880 -54.71 -5.80 -31.57
C GLN G 880 -54.27 -6.42 -32.89
N GLY G 881 -53.54 -7.52 -32.81
CA GLY G 881 -53.00 -8.15 -33.99
C GLY G 881 -53.74 -9.41 -34.40
N THR G 882 -53.48 -9.83 -35.63
CA THR G 882 -54.17 -10.97 -36.20
C THR G 882 -53.44 -12.29 -35.93
N GLY G 883 -53.03 -12.51 -34.68
CA GLY G 883 -52.31 -13.71 -34.31
C GLY G 883 -52.90 -14.40 -33.10
N ARG G 884 -52.43 -15.60 -32.79
CA ARG G 884 -52.92 -16.41 -31.66
C ARG G 884 -53.10 -15.57 -30.39
N GLU G 885 -54.35 -15.49 -29.92
CA GLU G 885 -54.71 -14.67 -28.76
C GLU G 885 -54.40 -13.19 -28.94
N GLY G 886 -54.32 -12.74 -30.19
CA GLY G 886 -54.25 -11.32 -30.50
C GLY G 886 -52.89 -10.66 -30.41
N ARG G 887 -51.83 -11.43 -30.65
CA ARG G 887 -50.48 -10.85 -30.72
C ARG G 887 -50.09 -10.53 -32.15
N PHE G 888 -49.06 -9.69 -32.31
CA PHE G 888 -48.67 -9.23 -33.64
C PHE G 888 -47.70 -10.16 -34.37
N THR G 889 -48.09 -10.57 -35.57
CA THR G 889 -47.24 -11.39 -36.43
C THR G 889 -46.17 -10.50 -37.05
N MET G 890 -45.27 -11.10 -37.82
CA MET G 890 -44.23 -10.35 -38.50
C MET G 890 -44.78 -9.71 -39.78
N ALA G 891 -45.91 -10.23 -40.25
CA ALA G 891 -46.60 -9.62 -41.39
C ALA G 891 -47.38 -8.38 -40.94
N ASP G 892 -47.95 -8.42 -39.74
CA ASP G 892 -48.66 -7.28 -39.17
C ASP G 892 -47.68 -6.13 -39.05
N CYS G 893 -46.54 -6.42 -38.43
CA CYS G 893 -45.49 -5.43 -38.21
C CYS G 893 -44.95 -4.88 -39.53
N ARG G 894 -44.87 -5.75 -40.53
CA ARG G 894 -44.42 -5.36 -41.86
C ARG G 894 -45.33 -4.28 -42.45
N ASP G 895 -46.65 -4.50 -42.36
CA ASP G 895 -47.63 -3.55 -42.89
C ASP G 895 -47.69 -2.24 -42.08
N LEU G 896 -47.49 -2.34 -40.76
CA LEU G 896 -47.50 -1.15 -39.90
C LEU G 896 -46.26 -0.29 -40.13
N VAL G 897 -45.09 -0.92 -40.04
CA VAL G 897 -43.82 -0.22 -40.25
C VAL G 897 -43.73 0.44 -41.64
N ALA G 898 -44.40 -0.13 -42.63
CA ALA G 898 -44.41 0.46 -43.96
C ALA G 898 -45.08 1.83 -43.99
N ARG G 899 -45.93 2.10 -43.01
CA ARG G 899 -46.62 3.38 -42.97
C ARG G 899 -45.87 4.40 -42.17
N THR G 900 -44.93 3.94 -41.33
CA THR G 900 -44.19 4.83 -40.45
C THR G 900 -43.21 5.77 -41.17
N ILE G 901 -42.98 6.92 -40.56
CA ILE G 901 -42.08 7.88 -41.15
C ILE G 901 -41.12 8.48 -40.10
N PRO G 902 -39.84 8.61 -40.46
CA PRO G 902 -38.83 9.09 -39.52
C PRO G 902 -38.90 10.60 -39.36
N VAL G 903 -38.84 11.05 -38.12
CA VAL G 903 -38.90 12.49 -37.86
C VAL G 903 -37.74 12.89 -36.96
N ARG G 904 -37.08 14.01 -37.29
CA ARG G 904 -35.99 14.48 -36.46
C ARG G 904 -36.50 14.87 -35.09
N MET G 905 -35.76 14.43 -34.10
CA MET G 905 -36.05 14.67 -32.69
C MET G 905 -35.92 16.15 -32.41
N GLY G 906 -36.71 16.62 -31.46
CA GLY G 906 -36.75 18.03 -31.13
C GLY G 906 -37.62 18.23 -29.92
N PRO G 907 -37.95 19.50 -29.62
CA PRO G 907 -38.75 19.89 -28.45
C PRO G 907 -40.10 19.19 -28.43
N TRP G 908 -40.71 18.98 -29.60
CA TRP G 908 -42.03 18.36 -29.70
C TRP G 908 -42.17 17.01 -28.96
N ALA G 909 -41.10 16.23 -28.90
CA ALA G 909 -41.17 14.90 -28.31
C ALA G 909 -41.19 15.01 -26.79
N SER G 910 -40.83 16.20 -26.30
CA SER G 910 -40.96 16.55 -24.88
C SER G 910 -42.43 16.77 -24.47
N GLN G 911 -43.31 17.03 -25.44
CA GLN G 911 -44.67 17.44 -25.11
C GLN G 911 -45.75 16.47 -25.59
N LEU G 912 -45.54 15.17 -25.41
CA LEU G 912 -46.48 14.16 -25.91
C LEU G 912 -47.59 13.85 -24.92
N THR G 913 -48.63 13.16 -25.39
CA THR G 913 -49.74 12.79 -24.52
C THR G 913 -50.18 11.34 -24.71
N GLU G 914 -51.37 11.01 -24.23
CA GLU G 914 -51.82 9.62 -24.15
C GLU G 914 -52.32 9.11 -25.49
N ASP G 915 -52.77 10.03 -26.34
CA ASP G 915 -53.19 9.64 -27.67
C ASP G 915 -52.02 9.75 -28.63
N ASN G 916 -50.82 9.82 -28.05
CA ASN G 916 -49.59 9.81 -28.83
C ASN G 916 -48.81 8.52 -28.62
N HIS G 917 -49.34 7.64 -27.78
CA HIS G 917 -48.64 6.41 -27.44
C HIS G 917 -49.46 5.19 -27.80
N PRO G 918 -48.80 4.19 -28.40
CA PRO G 918 -49.48 3.00 -28.93
C PRO G 918 -50.27 2.31 -27.85
N PRO G 919 -51.35 1.62 -28.22
CA PRO G 919 -52.21 0.94 -27.25
C PRO G 919 -51.40 -0.07 -26.45
N GLU G 920 -52.00 -0.58 -25.37
CA GLU G 920 -51.31 -1.52 -24.49
C GLU G 920 -50.75 -2.76 -25.23
N ALA G 921 -51.49 -3.27 -26.21
CA ALA G 921 -51.10 -4.48 -26.92
C ALA G 921 -49.90 -4.30 -27.85
N TRP G 922 -49.52 -3.06 -28.09
CA TRP G 922 -48.38 -2.79 -28.95
C TRP G 922 -47.11 -2.85 -28.12
N ARG G 923 -47.27 -2.80 -26.80
CA ARG G 923 -46.12 -2.74 -25.90
C ARG G 923 -45.32 -4.04 -25.94
N GLU G 924 -45.97 -5.11 -26.35
CA GLU G 924 -45.34 -6.43 -26.45
C GLU G 924 -44.40 -6.58 -27.65
N SER G 925 -44.74 -5.95 -28.77
CA SER G 925 -43.89 -6.01 -29.96
C SER G 925 -42.66 -5.12 -29.84
N PHE G 926 -41.49 -5.73 -30.01
CA PHE G 926 -40.22 -5.01 -30.12
C PHE G 926 -40.36 -3.85 -31.11
N TYR G 927 -40.92 -4.13 -32.29
CA TYR G 927 -40.96 -3.20 -33.43
C TYR G 927 -41.97 -2.05 -33.31
N LEU G 928 -42.99 -2.22 -32.48
CA LEU G 928 -44.12 -1.28 -32.44
C LEU G 928 -44.10 -0.48 -31.15
N ARG G 929 -43.58 -1.11 -30.10
CA ARG G 929 -43.43 -0.51 -28.78
C ARG G 929 -42.99 0.95 -28.79
N ASP G 930 -42.06 1.29 -29.68
CA ASP G 930 -41.46 2.63 -29.67
C ASP G 930 -42.07 3.67 -30.63
N LEU G 931 -43.11 3.28 -31.37
CA LEU G 931 -43.70 4.19 -32.34
C LEU G 931 -44.41 5.38 -31.68
N VAL G 932 -44.30 6.56 -32.28
CA VAL G 932 -45.03 7.73 -31.80
C VAL G 932 -46.23 8.02 -32.70
N LEU G 933 -47.44 7.86 -32.17
CA LEU G 933 -48.65 8.05 -32.97
C LEU G 933 -48.98 9.53 -33.20
N ILE G 934 -49.28 9.87 -34.46
CA ILE G 934 -49.60 11.23 -34.85
C ILE G 934 -51.04 11.30 -35.37
N PRO G 935 -51.96 11.86 -34.56
CA PRO G 935 -53.34 11.92 -35.02
C PRO G 935 -53.56 12.93 -36.15
N GLN G 936 -54.52 12.59 -37.01
CA GLN G 936 -54.94 13.41 -38.13
C GLN G 936 -56.46 13.40 -38.14
N ARG G 937 -57.07 14.56 -37.97
CA ARG G 937 -58.53 14.68 -37.92
C ARG G 937 -59.09 14.75 -39.34
N VAL G 938 -60.13 13.98 -39.60
CA VAL G 938 -60.80 14.04 -40.89
C VAL G 938 -62.27 14.48 -40.73
N THR G 939 -62.69 15.48 -41.53
CA THR G 939 -64.05 16.02 -41.43
C THR G 939 -65.05 15.06 -42.03
N ASP G 940 -66.31 15.17 -41.63
CA ASP G 940 -67.37 14.36 -42.25
C ASP G 940 -67.39 14.59 -43.75
N GLU G 941 -66.93 15.75 -44.17
CA GLU G 941 -66.80 16.10 -45.59
C GLU G 941 -65.61 15.41 -46.29
N GLY G 942 -64.69 14.81 -45.51
CA GLY G 942 -63.58 14.06 -46.08
C GLY G 942 -62.22 14.74 -46.03
N ALA G 943 -62.20 15.99 -45.58
CA ALA G 943 -60.96 16.77 -45.48
C ALA G 943 -60.06 16.31 -44.35
N VAL G 944 -58.75 16.26 -44.61
CA VAL G 944 -57.75 16.00 -43.57
C VAL G 944 -57.20 17.30 -43.00
N LEU G 945 -57.36 17.48 -41.70
CA LEU G 945 -57.00 18.73 -41.02
C LEU G 945 -55.67 18.68 -40.27
N PRO G 946 -54.87 19.75 -40.39
CA PRO G 946 -53.67 19.91 -39.56
C PRO G 946 -54.03 19.77 -38.09
N THR G 947 -53.29 18.96 -37.36
CA THR G 947 -53.70 18.53 -36.04
C THR G 947 -52.56 18.66 -35.04
N GLU G 948 -52.87 19.23 -33.87
CA GLU G 948 -51.86 19.47 -32.84
C GLU G 948 -51.31 18.20 -32.18
N THR G 949 -49.98 18.07 -32.18
CA THR G 949 -49.26 17.10 -31.34
C THR G 949 -47.99 17.78 -30.83
N GLY G 950 -47.74 17.65 -29.52
CA GLY G 950 -46.51 18.12 -28.90
C GLY G 950 -46.10 19.56 -29.13
N GLY G 951 -47.05 20.45 -29.43
CA GLY G 951 -46.76 21.86 -29.53
C GLY G 951 -46.81 22.46 -30.93
N ARG G 952 -47.16 21.65 -31.92
CA ARG G 952 -47.28 22.17 -33.27
C ARG G 952 -48.25 21.34 -34.09
N GLU G 953 -48.66 21.94 -35.20
CA GLU G 953 -49.61 21.28 -36.08
C GLU G 953 -48.91 20.37 -37.07
N TRP G 954 -49.49 19.18 -37.23
CA TRP G 954 -48.93 18.16 -38.12
C TRP G 954 -49.89 17.89 -39.27
N LEU G 955 -49.33 17.74 -40.46
CA LEU G 955 -50.15 17.47 -41.62
C LEU G 955 -49.42 16.55 -42.61
N LEU G 956 -49.92 15.33 -42.75
CA LEU G 956 -49.40 14.39 -43.72
C LEU G 956 -50.02 14.63 -45.11
N ASP G 957 -49.24 15.22 -46.01
CA ASP G 957 -49.68 15.56 -47.35
C ASP G 957 -49.38 14.42 -48.33
N PRO G 958 -50.36 14.04 -49.15
CA PRO G 958 -50.15 12.85 -49.99
C PRO G 958 -49.05 13.07 -51.03
N CYS G 959 -48.80 14.31 -51.42
CA CYS G 959 -47.68 14.61 -52.33
C CYS G 959 -46.44 15.20 -51.63
N LYS G 960 -46.63 16.07 -50.65
CA LYS G 960 -45.48 16.78 -50.06
C LYS G 960 -44.97 16.10 -48.82
N GLY G 961 -45.62 15.01 -48.42
CA GLY G 961 -45.26 14.28 -47.23
C GLY G 961 -45.63 15.02 -45.94
N LEU G 962 -44.88 14.73 -44.88
CA LEU G 962 -45.18 15.30 -43.58
C LEU G 962 -44.76 16.77 -43.51
N ILE G 963 -45.70 17.62 -43.14
CA ILE G 963 -45.42 19.04 -42.99
C ILE G 963 -45.55 19.43 -41.51
N PHE G 964 -44.64 20.28 -41.03
CA PHE G 964 -44.80 20.87 -39.69
C PHE G 964 -43.90 22.09 -39.39
FE FE I . 25.62 13.59 25.92
FE FE J . 26.28 16.86 26.89
FE FE K . 28.18 -18.17 0.88
FE FE L . 29.20 -21.50 0.06
FE FE M . -30.24 21.87 -10.70
FE FE N . -31.71 24.66 -9.07
FE FE O . -23.79 -17.92 -16.54
FE FE P . -23.81 -21.08 -18.33
#